data_3POT
#
_entry.id   3POT
#
_cell.length_a   81.886
_cell.length_b   118.165
_cell.length_c   122.388
_cell.angle_alpha   90.00
_cell.angle_beta   91.94
_cell.angle_gamma   90.00
#
_symmetry.space_group_name_H-M   'P 1 21 1'
#
loop_
_entity.id
_entity.type
_entity.pdbx_description
1 polymer 'Methyl-coenzyme M reductase I subunit alpha'
2 polymer 'Methyl-coenzyme M reductase I subunit beta'
3 polymer 'Methyl-coenzyme M reductase I subunit gamma'
4 non-polymer 'MAGNESIUM ION'
5 non-polymer 'FACTOR 430'
6 non-polymer '1-THIOETHANESULFONIC ACID'
7 non-polymer O-phosphono-N-(6-sulfanylhexanoyl)-L-threonine
8 non-polymer 'Coenzyme B'
9 non-polymer Iodomethane
10 non-polymer 'POTASSIUM ION'
11 non-polymer 1,2-ETHANEDIOL
12 water water
#
loop_
_entity_poly.entity_id
_entity_poly.type
_entity_poly.pdbx_seq_one_letter_code
_entity_poly.pdbx_strand_id
1 'polypeptide(L)'
;MADKLFINALKKKFEESPEEKKTTFYTLGGWKQSERKTEFVNAGKEVAAKRGIPQYNPDIGTPLGQRVLMPYQVSTTDTY
VEGDDLHFVNNAAMQQMWDDIRRTVIVGLNHAHAVIEKRLGKEVTPETITHYLETVNHAMPGAAVVQEHMVETHPALVAD
SYVKVFTGNDEIADEIDPAFVIDINKQFPEDQAETLKAEVGDGIWQVVRIPTIVSRTCDGATTSRWSAMQIGMSMISAYK
QAAGEAATGDFAYAAK(MHS)AEVIHMGTYLPVR(AGM)ARGENEPGGVPFGYLADICQSSRVNYEDPVRVSLDVVATGA
MLYDQIWLGSYMSGGVGFTQYATAAYTDNILDDFTYFGKEYVEDKYGLCEAPNNMDTVLDVATEVTFYGLEQYEEYPALL
EDQFGGS(MGN)RAAVVAAAAGCSTAFATGNAQTGLSGWYLSMYLHKEQHSRLGFY(GL3)YDLQDQ(SMC)GASNVFSI
RGDEGLPLELRGPNYPNYAMNVGHQGEYAGISQAPHAARGDAFVFNPLVKIAFADDNLVFDFTNVRGEFAKGALREFEPA
GERALITPAK
;
A,D
2 'polypeptide(L)'
;MAKFEDKVDLYDDRGNLVEEQVPLEALSPLRNPAIKSIVQGIKRTVAVNLEGIENALKTAKVGGPACKIMGRELDLDIVG
NAESIAAAAKEMIQVTEDDDTNVELLGGGKRALVQVPSARFDVAAEYSAAPLVTATAFVQAIINEFDVSMYDANMVKAAV
LGRYPQSVEYMGANIATMLDIPQKLEGPGYALRNIMVNHVVAATLKNTLQAAALSTILEQTAMFEMGDAVGAFERMHLLG
LAYQGMNADNLVFDLVKANGKEGTVGSVIADLVERALEDGVIKVEKELTDYKVYGTDDLAMWNAYAAAGLMAATMVNQGA
ARAAQGVSSTLLYYNDLIEFETGLPSVDFGKVEGTAVGFSFFSHSIYGGGGPGIFNGNHIVTRHSKGFAIPCVAAAMALD
AGTQMFSPEATSGLIKEVFSQVDEFREPLKYVVEAAAEIKNEI
;
B,E
3 'polypeptide(L)'
;MAQYYPGTTKVAQNRRNFCNPEYELEKLREISDEDVVKILGHRAPGEEYPSVHPPLEEMDEPEDAIREMVEPIDGAKAGD
RVRYIQFTDSMYFAPAQPYVRSRAYLCRYRGADAGTLSGRQIIETRERDLEKISKELLETEFFDPARSGVRGKSVHGHSL
RLDEDGMMFDMLRRQIYNKDTGRVEMVKNQIGDELDEPVDLGEPLDEETLMEKTTIYRVDGEAYRDDVEAVEIMQRIHVL
RSQGGFNLE
;
C,F
#
loop_
_chem_comp.id
_chem_comp.type
_chem_comp.name
_chem_comp.formula
06C non-polymer Iodomethane 'C H3 I'
COM non-polymer '1-THIOETHANESULFONIC ACID' 'C2 H6 O3 S2'
EDO non-polymer 1,2-ETHANEDIOL 'C2 H6 O2'
F43 non-polymer 'FACTOR 430' 'C42 H51 N6 Ni O13 1'
K non-polymer 'POTASSIUM ION' 'K 1'
MG non-polymer 'MAGNESIUM ION' 'Mg 2'
TP7 non-polymer 'Coenzyme B' 'C11 H22 N O7 P S'
TXZ non-polymer O-phosphono-N-(6-sulfanylhexanoyl)-L-threonine 'C10 H20 N O7 P S'
#
# COMPACT_ATOMS: atom_id res chain seq x y z
N ALA A 2 29.76 -10.23 42.36
CA ALA A 2 28.69 -11.25 42.26
C ALA A 2 28.83 -11.97 40.94
N ASP A 3 28.17 -13.12 40.81
CA ASP A 3 28.08 -13.79 39.50
C ASP A 3 27.56 -12.81 38.44
N LYS A 4 28.12 -12.94 37.26
CA LYS A 4 27.44 -12.25 36.10
C LYS A 4 26.00 -12.71 36.03
N LEU A 5 25.13 -11.87 35.44
CA LEU A 5 23.67 -12.15 35.54
C LEU A 5 23.25 -13.33 34.72
N PHE A 6 24.08 -13.73 33.75
CA PHE A 6 23.76 -14.87 32.91
C PHE A 6 24.24 -16.23 33.44
N ILE A 7 24.98 -16.20 34.56
CA ILE A 7 25.58 -17.48 35.05
C ILE A 7 24.50 -18.51 35.40
N ASN A 8 23.42 -18.11 36.08
CA ASN A 8 22.41 -19.11 36.39
C ASN A 8 21.90 -19.82 35.17
N ALA A 9 21.62 -19.03 34.10
CA ALA A 9 21.12 -19.64 32.90
C ALA A 9 22.12 -20.58 32.24
N LEU A 10 23.42 -20.17 32.18
CA LEU A 10 24.41 -21.07 31.62
C LEU A 10 24.57 -22.38 32.42
N LYS A 11 24.49 -22.27 33.72
CA LYS A 11 24.59 -23.47 34.60
C LYS A 11 23.40 -24.41 34.34
N LYS A 12 22.23 -23.85 34.02
CA LYS A 12 21.05 -24.68 33.67
C LYS A 12 21.18 -25.35 32.31
N LYS A 13 21.86 -24.70 31.36
CA LYS A 13 21.92 -25.25 30.02
C LYS A 13 22.85 -26.42 29.80
N PHE A 14 23.96 -26.35 30.53
CA PHE A 14 25.06 -27.27 30.28
C PHE A 14 25.56 -27.90 31.55
N GLU A 15 26.05 -29.12 31.41
CA GLU A 15 26.64 -29.84 32.56
C GLU A 15 27.94 -29.22 33.02
N GLU A 16 28.72 -28.72 32.08
CA GLU A 16 29.98 -28.06 32.42
C GLU A 16 29.78 -26.72 33.10
N SER A 17 30.74 -26.26 33.91
CA SER A 17 30.68 -24.89 34.38
C SER A 17 30.86 -23.92 33.18
N PRO A 18 30.37 -22.69 33.36
CA PRO A 18 30.31 -21.83 32.15
C PRO A 18 31.68 -21.44 31.56
N GLU A 19 32.72 -21.56 32.41
CA GLU A 19 34.06 -21.21 31.97
C GLU A 19 34.74 -22.31 31.20
N GLU A 20 34.20 -23.52 31.27
CA GLU A 20 34.94 -24.66 30.66
C GLU A 20 34.98 -24.56 29.16
N LYS A 21 36.12 -24.90 28.60
CA LYS A 21 36.39 -24.69 27.18
C LYS A 21 36.00 -25.83 26.26
N LYS A 22 35.83 -27.05 26.79
CA LYS A 22 35.61 -28.23 25.95
C LYS A 22 34.36 -28.96 26.41
N THR A 23 33.82 -29.71 25.44
CA THR A 23 32.67 -30.53 25.69
C THR A 23 32.73 -31.77 24.82
N THR A 24 31.67 -32.55 24.86
CA THR A 24 31.51 -33.67 23.94
C THR A 24 30.17 -33.53 23.21
N PHE A 25 30.14 -33.88 21.95
CA PHE A 25 28.93 -33.75 21.09
C PHE A 25 28.50 -35.12 20.61
N TYR A 26 27.40 -35.19 19.83
CA TYR A 26 26.99 -36.33 19.09
C TYR A 26 26.47 -37.48 19.99
N THR A 27 26.27 -37.28 21.26
CA THR A 27 25.79 -38.41 22.10
C THR A 27 24.34 -38.38 22.58
N LEU A 28 23.59 -37.40 22.14
CA LEU A 28 22.35 -37.06 22.82
C LEU A 28 21.17 -37.66 22.10
N GLY A 29 21.41 -38.36 21.03
CA GLY A 29 20.31 -38.95 20.29
C GLY A 29 19.57 -37.98 19.33
N GLY A 30 20.25 -36.88 18.93
CA GLY A 30 19.64 -35.96 17.98
C GLY A 30 18.39 -35.33 18.60
N TRP A 31 17.28 -35.38 17.82
CA TRP A 31 16.04 -34.79 18.31
C TRP A 31 15.49 -35.45 19.56
N LYS A 32 15.93 -36.71 19.82
CA LYS A 32 15.34 -37.51 20.88
C LYS A 32 15.70 -36.96 22.23
N GLN A 33 16.70 -36.06 22.31
CA GLN A 33 17.03 -35.41 23.56
C GLN A 33 15.96 -34.44 24.05
N SER A 34 15.06 -34.04 23.12
CA SER A 34 14.21 -32.89 23.39
C SER A 34 12.74 -33.28 23.60
N GLU A 35 12.15 -32.85 24.68
CA GLU A 35 10.71 -33.07 24.87
C GLU A 35 9.93 -32.44 23.73
N ARG A 36 10.29 -31.23 23.35
CA ARG A 36 9.55 -30.53 22.35
C ARG A 36 9.70 -31.14 20.96
N LYS A 37 10.92 -31.47 20.54
CA LYS A 37 11.09 -32.09 19.27
C LYS A 37 10.33 -33.44 19.24
N THR A 38 10.33 -34.14 20.37
CA THR A 38 9.61 -35.43 20.42
C THR A 38 8.09 -35.22 20.21
N GLU A 39 7.57 -34.20 20.87
CA GLU A 39 6.17 -33.81 20.67
C GLU A 39 5.92 -33.54 19.19
N PHE A 40 6.85 -32.84 18.53
CA PHE A 40 6.69 -32.47 17.13
C PHE A 40 6.74 -33.68 16.22
N VAL A 41 7.69 -34.59 16.48
CA VAL A 41 7.79 -35.78 15.63
C VAL A 41 6.48 -36.59 15.69
N ASN A 42 5.99 -36.77 16.89
CA ASN A 42 4.73 -37.50 17.08
C ASN A 42 3.56 -36.79 16.39
N ALA A 43 3.48 -35.48 16.58
CA ALA A 43 2.41 -34.72 15.93
C ALA A 43 2.52 -34.79 14.42
N GLY A 44 3.72 -34.72 13.86
CA GLY A 44 3.86 -34.77 12.44
C GLY A 44 3.31 -36.06 11.85
N LYS A 45 3.56 -37.19 12.55
CA LYS A 45 3.05 -38.50 12.09
C LYS A 45 1.55 -38.49 12.10
N GLU A 46 0.96 -37.91 13.15
N GLU A 46 0.98 -37.93 13.16
CA GLU A 46 -0.51 -37.88 13.24
CA GLU A 46 -0.46 -37.90 13.25
C GLU A 46 -1.14 -36.95 12.20
C GLU A 46 -1.03 -37.02 12.12
N VAL A 47 -0.48 -35.81 11.96
CA VAL A 47 -0.97 -34.86 10.96
C VAL A 47 -0.90 -35.48 9.61
N ALA A 48 0.22 -36.08 9.26
CA ALA A 48 0.39 -36.62 7.91
C ALA A 48 -0.64 -37.72 7.66
N ALA A 49 -0.88 -38.57 8.67
CA ALA A 49 -1.88 -39.63 8.45
C ALA A 49 -3.26 -39.05 8.28
N LYS A 50 -3.61 -38.09 9.11
CA LYS A 50 -4.95 -37.53 9.05
C LYS A 50 -5.28 -36.95 7.71
N ARG A 51 -4.33 -36.17 7.17
CA ARG A 51 -4.60 -35.43 5.93
C ARG A 51 -4.13 -36.11 4.66
N GLY A 52 -3.36 -37.22 4.78
CA GLY A 52 -2.88 -37.91 3.57
C GLY A 52 -1.75 -37.20 2.84
N ILE A 53 -0.96 -36.34 3.51
CA ILE A 53 0.22 -35.67 2.91
C ILE A 53 1.30 -35.64 3.94
N PRO A 54 2.50 -36.15 3.62
CA PRO A 54 3.63 -36.05 4.53
C PRO A 54 3.83 -34.62 5.08
N GLN A 55 4.29 -34.51 6.28
CA GLN A 55 4.46 -33.20 6.92
C GLN A 55 5.76 -33.24 7.73
N TYR A 56 5.74 -32.90 9.01
CA TYR A 56 7.00 -32.80 9.78
C TYR A 56 7.66 -34.19 9.85
N ASN A 57 8.94 -34.27 9.58
CA ASN A 57 9.63 -35.56 9.55
C ASN A 57 11.08 -35.24 9.92
N PRO A 58 11.55 -35.81 11.05
CA PRO A 58 12.92 -35.47 11.52
C PRO A 58 14.01 -36.04 10.66
N ASP A 59 13.68 -36.89 9.69
CA ASP A 59 14.68 -37.50 8.81
C ASP A 59 14.85 -36.84 7.49
N ILE A 60 14.14 -35.73 7.29
CA ILE A 60 14.31 -34.88 6.10
C ILE A 60 15.49 -33.87 6.39
N GLY A 61 16.32 -33.71 5.43
CA GLY A 61 17.39 -32.68 5.67
C GLY A 61 18.31 -33.13 6.82
N THR A 62 18.93 -32.21 7.54
CA THR A 62 20.02 -32.56 8.47
C THR A 62 19.47 -32.87 9.85
N PRO A 63 20.19 -33.64 10.66
CA PRO A 63 19.66 -34.15 11.92
C PRO A 63 19.91 -33.18 13.06
N LEU A 64 18.86 -32.48 13.44
CA LEU A 64 18.96 -31.56 14.57
C LEU A 64 19.47 -32.19 15.85
N GLY A 65 20.14 -31.43 16.69
CA GLY A 65 20.51 -31.93 18.01
C GLY A 65 21.76 -32.78 18.07
N GLN A 66 22.73 -32.50 17.21
CA GLN A 66 24.06 -33.08 17.40
C GLN A 66 24.79 -32.40 18.52
N ARG A 67 24.34 -31.22 18.96
CA ARG A 67 24.78 -30.52 20.17
C ARG A 67 23.60 -30.44 21.12
N VAL A 68 23.76 -29.91 22.30
CA VAL A 68 22.65 -29.65 23.21
C VAL A 68 21.68 -28.65 22.59
N LEU A 69 20.43 -29.08 22.51
CA LEU A 69 19.29 -28.16 22.23
C LEU A 69 18.90 -27.49 23.49
N MET A 70 19.22 -26.21 23.64
CA MET A 70 19.21 -25.56 24.92
C MET A 70 17.87 -25.12 25.44
N PRO A 71 17.68 -25.07 26.74
CA PRO A 71 16.62 -24.25 27.30
C PRO A 71 17.12 -22.78 27.35
N TYR A 72 16.15 -21.87 27.39
CA TYR A 72 16.39 -20.43 27.55
C TYR A 72 15.65 -19.94 28.76
N GLN A 73 16.32 -19.10 29.57
CA GLN A 73 15.69 -18.44 30.64
C GLN A 73 15.06 -17.16 30.09
N VAL A 74 13.76 -16.92 30.32
CA VAL A 74 13.22 -15.60 29.87
C VAL A 74 13.78 -14.59 30.88
N SER A 75 14.48 -13.55 30.41
CA SER A 75 15.13 -12.64 31.33
C SER A 75 14.15 -11.96 32.23
N THR A 76 14.57 -11.75 33.51
CA THR A 76 13.75 -11.27 34.63
C THR A 76 12.80 -12.30 35.22
N THR A 77 12.79 -13.51 34.69
CA THR A 77 11.91 -14.57 35.19
C THR A 77 12.81 -15.74 35.63
N ASP A 78 12.16 -16.72 36.27
CA ASP A 78 12.81 -18.00 36.48
C ASP A 78 12.18 -19.07 35.63
N THR A 79 11.66 -18.70 34.48
CA THR A 79 11.06 -19.65 33.56
C THR A 79 12.09 -20.07 32.52
N TYR A 80 12.32 -21.36 32.35
CA TYR A 80 13.24 -21.91 31.42
C TYR A 80 12.44 -22.76 30.40
N VAL A 81 12.58 -22.51 29.10
CA VAL A 81 11.83 -23.22 28.07
C VAL A 81 12.74 -23.49 26.90
N GLU A 82 12.49 -24.55 26.15
CA GLU A 82 13.08 -24.69 24.84
C GLU A 82 12.65 -23.54 23.92
N GLY A 83 13.53 -23.20 23.02
CA GLY A 83 13.27 -22.02 22.18
C GLY A 83 12.04 -22.14 21.33
N ASP A 84 11.58 -23.36 21.04
CA ASP A 84 10.38 -23.49 20.20
C ASP A 84 9.18 -22.89 20.94
N ASP A 85 9.19 -22.81 22.25
CA ASP A 85 8.10 -22.23 22.99
C ASP A 85 8.08 -20.70 22.96
N LEU A 86 9.14 -20.14 22.39
CA LEU A 86 9.27 -18.71 22.12
C LEU A 86 9.02 -18.38 20.67
N HIS A 87 8.75 -19.36 19.83
CA HIS A 87 8.38 -19.04 18.44
C HIS A 87 7.03 -18.39 18.48
N PHE A 88 6.78 -17.30 17.72
CA PHE A 88 5.48 -16.63 17.87
C PHE A 88 4.34 -17.55 17.50
N VAL A 89 4.53 -18.49 16.59
CA VAL A 89 3.41 -19.35 16.22
C VAL A 89 2.94 -20.19 17.43
N ASN A 90 3.90 -20.56 18.28
CA ASN A 90 3.67 -21.45 19.42
C ASN A 90 3.41 -20.72 20.69
N ASN A 91 3.24 -19.42 20.64
CA ASN A 91 3.18 -18.63 21.85
C ASN A 91 2.05 -17.65 21.74
N ALA A 92 0.95 -17.94 22.45
CA ALA A 92 -0.27 -17.15 22.33
C ALA A 92 -0.12 -15.78 22.96
N ALA A 93 0.80 -15.62 23.93
CA ALA A 93 1.07 -14.28 24.45
C ALA A 93 1.66 -13.36 23.39
N MET A 94 2.59 -13.87 22.62
CA MET A 94 3.22 -13.07 21.56
C MET A 94 2.18 -12.69 20.52
N GLN A 95 1.36 -13.63 20.09
CA GLN A 95 0.30 -13.29 19.14
C GLN A 95 -0.63 -12.23 19.72
N GLN A 96 -1.04 -12.35 20.99
CA GLN A 96 -1.94 -11.39 21.56
C GLN A 96 -1.31 -10.04 21.74
N MET A 97 -0.01 -9.98 22.05
CA MET A 97 0.64 -8.67 22.14
C MET A 97 0.43 -7.89 20.81
N TRP A 98 0.72 -8.56 19.71
CA TRP A 98 0.53 -7.91 18.44
C TRP A 98 -0.94 -7.59 18.19
N ASP A 99 -1.86 -8.52 18.43
CA ASP A 99 -3.29 -8.21 18.24
C ASP A 99 -3.71 -6.97 19.04
N ASP A 100 -3.25 -6.88 20.29
CA ASP A 100 -3.64 -5.74 21.13
C ASP A 100 -3.14 -4.41 20.57
N ILE A 101 -1.98 -4.39 19.94
CA ILE A 101 -1.53 -3.19 19.28
C ILE A 101 -2.31 -2.93 17.98
N ARG A 102 -2.41 -3.99 17.16
CA ARG A 102 -3.03 -3.85 15.85
C ARG A 102 -4.47 -3.38 15.96
N ARG A 103 -5.19 -3.83 16.96
CA ARG A 103 -6.62 -3.57 17.11
C ARG A 103 -6.90 -2.27 17.90
N THR A 104 -5.86 -1.48 18.22
CA THR A 104 -6.03 -0.21 18.94
C THR A 104 -5.88 0.98 18.05
N VAL A 105 -6.75 1.97 18.21
CA VAL A 105 -6.51 3.29 17.67
CA VAL A 105 -6.47 3.30 17.69
C VAL A 105 -6.89 4.34 18.73
N ILE A 106 -6.30 5.53 18.64
CA ILE A 106 -6.64 6.62 19.55
C ILE A 106 -7.41 7.64 18.69
N VAL A 107 -8.56 8.10 19.20
CA VAL A 107 -9.46 8.92 18.38
C VAL A 107 -9.94 10.10 19.23
N GLY A 108 -9.60 11.31 18.82
CA GLY A 108 -10.05 12.49 19.59
C GLY A 108 -11.51 12.61 19.63
N LEU A 109 -11.99 13.25 20.71
CA LEU A 109 -13.37 13.76 20.75
C LEU A 109 -13.43 15.27 20.65
N ASN A 110 -12.33 15.88 20.35
CA ASN A 110 -12.27 17.37 20.41
C ASN A 110 -12.96 18.01 19.21
N HIS A 111 -12.65 17.52 17.98
CA HIS A 111 -13.40 18.02 16.82
C HIS A 111 -14.83 17.59 16.91
N ALA A 112 -15.10 16.34 17.35
CA ALA A 112 -16.43 15.87 17.42
C ALA A 112 -17.29 16.77 18.32
N HIS A 113 -16.80 17.06 19.55
CA HIS A 113 -17.54 17.91 20.47
C HIS A 113 -17.74 19.30 19.88
N ALA A 114 -16.78 19.80 19.11
CA ALA A 114 -16.97 21.12 18.43
C ALA A 114 -18.05 21.05 17.34
N VAL A 115 -18.17 19.95 16.58
CA VAL A 115 -19.23 19.84 15.59
C VAL A 115 -20.58 19.89 16.31
N ILE A 116 -20.68 19.15 17.41
CA ILE A 116 -21.92 19.12 18.18
C ILE A 116 -22.33 20.55 18.61
N GLU A 117 -21.36 21.28 19.16
CA GLU A 117 -21.69 22.62 19.69
C GLU A 117 -21.97 23.63 18.61
N LYS A 118 -21.24 23.61 17.51
CA LYS A 118 -21.42 24.60 16.44
C LYS A 118 -22.48 24.26 15.35
N ARG A 119 -22.32 23.13 14.66
CA ARG A 119 -23.24 22.78 13.55
C ARG A 119 -24.59 22.33 14.05
N LEU A 120 -24.59 21.56 15.15
CA LEU A 120 -25.85 21.09 15.63
C LEU A 120 -26.46 22.06 16.64
N GLY A 121 -25.63 22.87 17.27
CA GLY A 121 -26.11 23.76 18.37
C GLY A 121 -26.60 23.03 19.62
N LYS A 122 -25.85 22.03 20.04
CA LYS A 122 -26.21 21.20 21.22
C LYS A 122 -25.06 21.23 22.24
N GLU A 123 -25.37 20.94 23.51
CA GLU A 123 -24.40 20.98 24.58
C GLU A 123 -23.67 19.63 24.69
N VAL A 124 -22.39 19.74 25.09
CA VAL A 124 -21.62 18.56 25.52
C VAL A 124 -21.19 18.72 26.98
N THR A 125 -21.46 17.71 27.82
CA THR A 125 -21.17 17.76 29.26
C THR A 125 -20.67 16.41 29.72
N PRO A 126 -20.11 16.25 30.93
CA PRO A 126 -19.73 14.92 31.39
C PRO A 126 -20.89 13.91 31.34
N GLU A 127 -22.11 14.38 31.47
CA GLU A 127 -23.26 13.53 31.39
C GLU A 127 -23.51 13.08 29.96
N THR A 128 -23.45 13.98 28.99
CA THR A 128 -23.68 13.55 27.59
C THR A 128 -22.50 12.63 27.18
N ILE A 129 -21.31 12.88 27.68
CA ILE A 129 -20.17 12.01 27.35
C ILE A 129 -20.42 10.62 27.92
N THR A 130 -20.85 10.51 29.18
CA THR A 130 -21.10 9.24 29.78
C THR A 130 -22.22 8.49 28.97
N HIS A 131 -23.28 9.14 28.58
CA HIS A 131 -24.27 8.48 27.79
C HIS A 131 -23.70 7.98 26.43
N TYR A 132 -22.91 8.82 25.80
CA TYR A 132 -22.18 8.44 24.59
C TYR A 132 -21.31 7.22 24.84
N LEU A 133 -20.64 7.14 25.99
CA LEU A 133 -19.76 6.00 26.27
C LEU A 133 -20.52 4.75 26.57
N GLU A 134 -21.67 4.80 27.22
CA GLU A 134 -22.54 3.62 27.37
C GLU A 134 -22.91 3.15 25.97
N THR A 135 -23.32 4.09 25.14
CA THR A 135 -23.78 3.77 23.78
C THR A 135 -22.64 3.10 22.97
N VAL A 136 -21.48 3.72 22.95
CA VAL A 136 -20.39 3.21 22.10
C VAL A 136 -19.88 1.91 22.63
N ASN A 137 -20.00 1.60 23.92
CA ASN A 137 -19.54 0.35 24.46
C ASN A 137 -20.56 -0.79 24.14
N HIS A 138 -21.78 -0.47 23.86
CA HIS A 138 -22.69 -1.45 23.21
C HIS A 138 -22.33 -1.59 21.72
N ALA A 139 -22.13 -0.49 21.03
CA ALA A 139 -21.97 -0.53 19.57
C ALA A 139 -20.62 -1.06 19.15
N MET A 140 -19.53 -0.64 19.79
CA MET A 140 -18.20 -0.97 19.28
C MET A 140 -17.92 -2.45 18.98
N PRO A 141 -18.33 -3.37 19.84
CA PRO A 141 -18.02 -4.78 19.54
C PRO A 141 -18.83 -5.34 18.36
N GLY A 142 -19.82 -4.59 17.91
CA GLY A 142 -20.63 -4.93 16.68
C GLY A 142 -22.09 -5.15 16.97
N ALA A 143 -22.71 -4.19 17.68
CA ALA A 143 -24.13 -4.23 18.00
C ALA A 143 -24.83 -2.93 17.61
N ALA A 144 -26.16 -3.02 17.41
CA ALA A 144 -26.91 -1.95 16.77
C ALA A 144 -27.55 -0.97 17.72
N VAL A 145 -27.72 0.24 17.28
CA VAL A 145 -28.37 1.31 18.08
C VAL A 145 -29.51 2.04 17.37
N VAL A 146 -29.66 1.98 16.04
CA VAL A 146 -30.69 2.75 15.33
C VAL A 146 -31.65 1.91 14.50
N GLN A 147 -31.15 1.07 13.62
CA GLN A 147 -32.03 0.44 12.63
C GLN A 147 -32.76 -0.75 13.20
N GLU A 148 -33.94 -1.04 12.61
CA GLU A 148 -34.67 -2.29 12.89
C GLU A 148 -34.08 -3.44 12.06
N HIS A 149 -34.19 -4.60 12.60
CA HIS A 149 -33.80 -5.83 11.91
C HIS A 149 -32.31 -5.92 11.63
N MET A 150 -31.52 -5.43 12.57
CA MET A 150 -30.06 -5.62 12.53
C MET A 150 -29.65 -6.92 13.14
N VAL A 151 -28.62 -7.52 12.57
CA VAL A 151 -28.02 -8.77 13.07
C VAL A 151 -26.63 -8.46 13.57
N GLU A 152 -26.19 -9.07 14.66
CA GLU A 152 -25.12 -8.51 15.48
C GLU A 152 -24.06 -9.54 15.78
N THR A 153 -22.89 -9.05 16.24
CA THR A 153 -21.86 -9.98 16.68
C THR A 153 -22.24 -10.63 18.03
N HIS A 154 -21.76 -11.83 18.24
CA HIS A 154 -22.00 -12.53 19.51
C HIS A 154 -21.16 -11.84 20.58
N PRO A 155 -21.76 -11.24 21.62
CA PRO A 155 -20.96 -10.51 22.63
C PRO A 155 -19.82 -11.28 23.18
N ALA A 156 -19.91 -12.59 23.38
CA ALA A 156 -18.83 -13.33 23.98
C ALA A 156 -17.63 -13.48 23.04
N LEU A 157 -17.87 -13.48 21.72
CA LEU A 157 -16.78 -13.55 20.74
C LEU A 157 -15.97 -12.27 20.71
N VAL A 158 -16.54 -11.18 21.16
CA VAL A 158 -16.01 -9.82 20.97
C VAL A 158 -15.86 -9.14 22.36
N ALA A 159 -15.64 -9.93 23.42
CA ALA A 159 -15.62 -9.45 24.80
C ALA A 159 -14.42 -8.58 25.07
N ASP A 160 -13.39 -8.61 24.19
CA ASP A 160 -12.15 -7.84 24.34
C ASP A 160 -12.25 -6.45 23.71
N SER A 161 -13.34 -6.14 23.02
CA SER A 161 -13.48 -4.84 22.34
C SER A 161 -14.22 -3.85 23.24
N TYR A 162 -13.74 -2.61 23.30
CA TYR A 162 -14.38 -1.56 24.13
C TYR A 162 -13.78 -0.25 23.78
N VAL A 163 -14.33 0.81 24.42
CA VAL A 163 -13.82 2.18 24.30
C VAL A 163 -13.63 2.80 25.67
N LYS A 164 -12.45 3.32 25.95
CA LYS A 164 -12.22 4.18 27.11
C LYS A 164 -11.86 5.56 26.65
N VAL A 165 -11.76 6.50 27.60
CA VAL A 165 -11.27 7.83 27.34
C VAL A 165 -10.25 8.24 28.37
N PHE A 166 -9.48 9.23 28.01
CA PHE A 166 -8.59 9.92 28.96
C PHE A 166 -8.61 11.37 28.64
N THR A 167 -8.20 12.17 29.65
CA THR A 167 -8.09 13.63 29.49
C THR A 167 -7.18 14.15 30.58
N GLY A 168 -6.50 15.23 30.28
CA GLY A 168 -5.68 15.94 31.30
C GLY A 168 -6.55 16.77 32.24
N ASN A 169 -7.84 16.90 31.98
CA ASN A 169 -8.74 17.67 32.84
C ASN A 169 -9.32 16.73 33.88
N ASP A 170 -8.78 16.87 35.09
CA ASP A 170 -9.16 15.98 36.20
C ASP A 170 -10.60 16.12 36.51
N GLU A 171 -11.18 17.30 36.32
CA GLU A 171 -12.61 17.52 36.62
C GLU A 171 -13.51 16.59 35.80
N ILE A 172 -13.23 16.46 34.51
CA ILE A 172 -14.00 15.56 33.68
C ILE A 172 -13.62 14.11 33.90
N ALA A 173 -12.33 13.83 33.98
CA ALA A 173 -11.85 12.47 34.17
C ALA A 173 -12.47 11.84 35.43
N ASP A 174 -12.56 12.64 36.49
CA ASP A 174 -13.08 12.14 37.77
C ASP A 174 -14.55 11.96 37.76
N GLU A 175 -15.28 12.69 36.94
CA GLU A 175 -16.71 12.63 36.95
C GLU A 175 -17.31 11.47 36.13
N ILE A 176 -16.65 11.08 35.03
CA ILE A 176 -17.10 9.88 34.22
C ILE A 176 -17.03 8.59 35.04
N ASP A 177 -17.94 7.60 34.77
CA ASP A 177 -17.87 6.28 35.37
C ASP A 177 -16.48 5.83 35.17
N PRO A 178 -15.79 5.38 36.20
CA PRO A 178 -14.43 5.02 36.03
C PRO A 178 -14.26 3.81 35.16
N ALA A 179 -15.36 3.07 34.91
CA ALA A 179 -15.34 1.93 33.99
C ALA A 179 -14.78 2.38 32.63
N PHE A 180 -15.04 3.61 32.24
CA PHE A 180 -14.69 4.07 30.90
C PHE A 180 -13.42 4.91 30.89
N VAL A 181 -12.70 5.10 32.00
CA VAL A 181 -11.63 6.08 32.05
C VAL A 181 -10.29 5.39 32.25
N ILE A 182 -9.30 5.79 31.45
CA ILE A 182 -7.90 5.48 31.77
C ILE A 182 -7.46 6.66 32.63
N ASP A 183 -7.30 6.37 33.91
CA ASP A 183 -7.07 7.42 34.90
C ASP A 183 -5.55 7.67 35.08
N ILE A 184 -5.11 8.79 34.55
CA ILE A 184 -3.68 9.11 34.51
C ILE A 184 -3.08 9.19 35.92
N ASN A 185 -3.88 9.73 36.85
CA ASN A 185 -3.44 9.83 38.24
C ASN A 185 -3.27 8.52 38.92
N LYS A 186 -4.07 7.54 38.52
CA LYS A 186 -3.98 6.23 39.14
C LYS A 186 -2.89 5.35 38.53
N GLN A 187 -2.63 5.54 37.21
CA GLN A 187 -1.79 4.62 36.45
CA GLN A 187 -1.76 4.60 36.49
C GLN A 187 -0.32 5.03 36.43
N PHE A 188 -0.04 6.32 36.66
CA PHE A 188 1.30 6.86 36.54
C PHE A 188 1.78 7.47 37.87
N PRO A 189 3.07 7.38 38.17
CA PRO A 189 3.54 8.05 39.39
C PRO A 189 3.38 9.53 39.20
N GLU A 190 3.40 10.28 40.33
CA GLU A 190 2.95 11.68 40.33
C GLU A 190 3.68 12.55 39.32
N ASP A 191 5.01 12.47 39.20
CA ASP A 191 5.70 13.36 38.31
C ASP A 191 5.35 13.08 36.81
N GLN A 192 5.28 11.78 36.49
CA GLN A 192 4.86 11.34 35.15
C GLN A 192 3.45 11.76 34.87
N ALA A 193 2.56 11.62 35.84
CA ALA A 193 1.18 12.01 35.65
C ALA A 193 1.09 13.50 35.35
N GLU A 194 1.86 14.33 36.06
CA GLU A 194 1.82 15.73 35.80
C GLU A 194 2.30 16.08 34.40
N THR A 195 3.37 15.45 33.96
CA THR A 195 3.85 15.65 32.58
C THR A 195 2.74 15.27 31.57
N LEU A 196 2.18 14.08 31.76
CA LEU A 196 1.19 13.58 30.79
C LEU A 196 -0.06 14.43 30.72
N LYS A 197 -0.57 14.86 31.89
CA LYS A 197 -1.76 15.68 31.92
C LYS A 197 -1.48 17.03 31.27
N ALA A 198 -0.29 17.56 31.45
CA ALA A 198 0.05 18.84 30.80
C ALA A 198 0.12 18.70 29.29
N GLU A 199 0.59 17.53 28.80
CA GLU A 199 0.59 17.31 27.34
C GLU A 199 -0.80 17.23 26.78
N VAL A 200 -1.65 16.49 27.48
CA VAL A 200 -3.03 16.28 26.98
C VAL A 200 -3.89 17.55 27.12
N GLY A 201 -3.66 18.24 28.25
CA GLY A 201 -4.51 19.41 28.60
C GLY A 201 -5.96 19.02 28.66
N ASP A 202 -6.81 19.92 28.18
CA ASP A 202 -8.24 19.73 28.20
C ASP A 202 -8.71 18.86 27.03
N GLY A 203 -7.81 18.35 26.21
CA GLY A 203 -8.20 17.38 25.16
C GLY A 203 -8.84 16.17 25.81
N ILE A 204 -9.79 15.56 25.09
CA ILE A 204 -10.37 14.29 25.50
C ILE A 204 -10.15 13.32 24.32
N TRP A 205 -9.66 12.15 24.66
CA TRP A 205 -9.26 11.17 23.61
C TRP A 205 -9.86 9.84 23.95
N GLN A 206 -10.38 9.15 22.94
CA GLN A 206 -10.83 7.78 23.05
C GLN A 206 -9.70 6.81 22.77
N VAL A 207 -9.66 5.70 23.51
CA VAL A 207 -8.80 4.56 23.18
C VAL A 207 -9.80 3.50 22.78
N VAL A 208 -9.77 3.13 21.49
CA VAL A 208 -10.72 2.16 20.92
C VAL A 208 -9.98 0.86 20.65
N ARG A 209 -10.54 -0.24 21.13
CA ARG A 209 -9.98 -1.55 20.80
C ARG A 209 -11.05 -2.30 20.10
N ILE A 210 -10.78 -2.72 18.86
CA ILE A 210 -11.74 -3.52 18.10
C ILE A 210 -11.52 -4.99 18.45
N PRO A 211 -12.43 -5.88 18.06
CA PRO A 211 -12.28 -7.28 18.51
C PRO A 211 -11.06 -7.96 17.90
N THR A 212 -10.36 -8.75 18.70
CA THR A 212 -9.26 -9.57 18.22
C THR A 212 -9.72 -10.49 17.06
N ILE A 213 -10.90 -11.10 17.18
CA ILE A 213 -11.36 -12.01 16.10
C ILE A 213 -11.45 -11.27 14.78
N VAL A 214 -11.85 -10.01 14.80
CA VAL A 214 -11.90 -9.22 13.59
C VAL A 214 -10.55 -8.87 13.05
N SER A 215 -9.64 -8.43 13.96
CA SER A 215 -8.30 -8.08 13.55
C SER A 215 -7.59 -9.26 12.89
N ARG A 216 -7.80 -10.46 13.45
CA ARG A 216 -7.23 -11.68 12.87
C ARG A 216 -7.86 -12.04 11.54
N THR A 217 -9.17 -11.93 11.39
CA THR A 217 -9.83 -12.18 10.10
C THR A 217 -9.36 -11.17 9.07
N CYS A 218 -9.12 -9.92 9.49
CA CYS A 218 -8.87 -8.82 8.55
C CYS A 218 -7.46 -8.34 8.66
N ASP A 219 -7.20 -7.04 8.91
CA ASP A 219 -5.83 -6.50 8.89
C ASP A 219 -5.82 -5.30 9.83
N GLY A 220 -4.65 -4.66 9.94
CA GLY A 220 -4.51 -3.48 10.81
C GLY A 220 -5.25 -2.29 10.28
N ALA A 221 -5.38 -2.17 8.97
CA ALA A 221 -6.02 -1.00 8.38
C ALA A 221 -7.54 -1.01 8.60
N THR A 222 -8.06 -2.14 9.09
CA THR A 222 -9.45 -2.24 9.50
C THR A 222 -9.73 -1.39 10.74
N THR A 223 -8.73 -1.30 11.64
CA THR A 223 -9.02 -0.77 12.98
C THR A 223 -9.62 0.63 12.99
N SER A 224 -9.01 1.60 12.34
CA SER A 224 -9.55 2.95 12.42
C SER A 224 -10.90 3.06 11.71
N ARG A 225 -11.13 2.25 10.70
CA ARG A 225 -12.45 2.25 10.03
C ARG A 225 -13.52 1.71 10.98
N TRP A 226 -13.27 0.55 11.59
CA TRP A 226 -14.26 -0.09 12.43
C TRP A 226 -14.58 0.88 13.58
N SER A 227 -13.54 1.40 14.20
CA SER A 227 -13.70 2.41 15.24
C SER A 227 -14.58 3.56 14.81
N ALA A 228 -14.29 4.14 13.63
CA ALA A 228 -15.07 5.28 13.19
C ALA A 228 -16.51 4.93 12.90
N MET A 229 -16.82 3.74 12.40
CA MET A 229 -18.21 3.43 12.08
C MET A 229 -19.02 3.49 13.37
N GLN A 230 -18.45 2.89 14.43
CA GLN A 230 -19.24 2.73 15.64
C GLN A 230 -19.23 3.99 16.49
N ILE A 231 -18.15 4.78 16.45
CA ILE A 231 -18.19 6.17 16.99
C ILE A 231 -19.30 6.91 16.23
N GLY A 232 -19.37 6.79 14.90
CA GLY A 232 -20.38 7.50 14.14
C GLY A 232 -21.78 7.14 14.56
N MET A 233 -22.05 5.85 14.66
CA MET A 233 -23.38 5.43 15.09
C MET A 233 -23.71 5.92 16.50
N SER A 234 -22.71 5.92 17.35
CA SER A 234 -22.94 6.27 18.76
C SER A 234 -23.13 7.79 18.88
N MET A 235 -22.47 8.58 18.09
CA MET A 235 -22.73 10.03 18.02
C MET A 235 -24.15 10.27 17.55
N ILE A 236 -24.62 9.60 16.50
CA ILE A 236 -26.00 9.75 16.04
C ILE A 236 -26.93 9.39 17.15
N SER A 237 -26.75 8.30 17.83
CA SER A 237 -27.73 7.82 18.79
C SER A 237 -27.70 8.70 20.02
N ALA A 238 -26.50 9.00 20.55
CA ALA A 238 -26.39 9.71 21.84
C ALA A 238 -26.68 11.19 21.67
N TYR A 239 -26.51 11.86 20.54
CA TYR A 239 -26.73 13.31 20.39
C TYR A 239 -27.93 13.68 19.53
N LYS A 240 -28.73 12.69 19.14
CA LYS A 240 -30.02 12.93 18.44
C LYS A 240 -29.92 13.68 17.09
N GLN A 241 -28.87 13.40 16.31
CA GLN A 241 -28.77 13.83 14.92
C GLN A 241 -29.88 13.14 14.11
N ALA A 242 -30.15 13.69 12.94
CA ALA A 242 -30.72 12.79 11.92
C ALA A 242 -29.73 11.63 11.75
N ALA A 243 -30.23 10.45 11.52
CA ALA A 243 -29.34 9.31 11.31
C ALA A 243 -28.86 9.37 9.84
N GLY A 244 -27.89 10.27 9.58
CA GLY A 244 -27.30 10.47 8.28
C GLY A 244 -27.69 11.81 7.67
N GLU A 245 -27.09 12.87 8.23
CA GLU A 245 -27.24 14.23 7.69
C GLU A 245 -25.85 14.79 7.34
N ALA A 246 -25.77 15.98 6.77
CA ALA A 246 -24.47 16.49 6.35
C ALA A 246 -23.47 16.49 7.50
N ALA A 247 -23.89 16.85 8.72
CA ALA A 247 -22.95 16.90 9.85
C ALA A 247 -22.35 15.53 10.18
N THR A 248 -23.07 14.44 9.86
CA THR A 248 -22.55 13.11 10.08
C THR A 248 -21.19 12.93 9.45
N GLY A 249 -20.98 13.53 8.28
CA GLY A 249 -19.71 13.43 7.59
C GLY A 249 -18.59 14.08 8.31
N ASP A 250 -18.84 15.13 9.11
CA ASP A 250 -17.71 15.71 9.86
C ASP A 250 -17.20 14.77 10.95
N PHE A 251 -18.14 14.04 11.59
CA PHE A 251 -17.74 13.03 12.57
C PHE A 251 -16.88 11.95 11.93
N ALA A 252 -17.28 11.54 10.71
CA ALA A 252 -16.53 10.51 9.97
C ALA A 252 -15.16 11.02 9.66
N TYR A 253 -15.03 12.21 9.07
CA TYR A 253 -13.71 12.72 8.68
C TYR A 253 -12.83 12.91 9.92
N ALA A 254 -13.42 13.38 11.01
CA ALA A 254 -12.63 13.54 12.26
C ALA A 254 -12.14 12.22 12.81
N ALA A 255 -13.02 11.23 12.87
CA ALA A 255 -12.65 9.94 13.47
C ALA A 255 -11.71 9.11 12.56
N LYS A 256 -11.77 9.31 11.23
CA LYS A 256 -10.98 8.53 10.29
C LYS A 256 -9.68 9.21 9.95
N MHS A 257 -9.64 10.54 10.03
CA MHS A 257 -8.50 11.28 9.49
C MHS A 257 -8.10 12.40 10.41
O MHS A 257 -6.88 12.46 10.77
CB MHS A 257 -8.79 11.92 8.13
CG MHS A 257 -9.15 10.83 7.14
ND1 MHS A 257 -8.31 10.01 6.55
CD2 MHS A 257 -10.39 10.44 6.68
CE1 MHS A 257 -8.89 9.03 5.69
NE2 MHS A 257 -10.27 9.40 5.80
CM MHS A 257 -6.82 9.98 6.69
N ALA A 258 -8.91 13.31 10.79
CA ALA A 258 -8.44 14.58 11.36
C ALA A 258 -8.02 14.46 12.81
N GLU A 259 -8.55 13.49 13.55
N GLU A 259 -8.54 13.51 13.56
CA GLU A 259 -8.17 13.32 14.97
CA GLU A 259 -8.09 13.37 14.97
C GLU A 259 -7.95 11.87 15.33
C GLU A 259 -7.82 11.89 15.36
N VAL A 260 -7.42 11.09 14.40
CA VAL A 260 -7.01 9.70 14.66
C VAL A 260 -5.49 9.59 14.85
N ILE A 261 -5.03 8.77 15.76
CA ILE A 261 -3.65 8.35 15.85
C ILE A 261 -3.61 6.86 15.57
N HIS A 262 -3.03 6.52 14.42
CA HIS A 262 -2.75 5.10 14.10
C HIS A 262 -1.54 4.67 14.88
N MET A 263 -1.45 3.38 15.19
CA MET A 263 -0.23 2.79 15.74
C MET A 263 0.87 2.75 14.72
N GLY A 264 0.51 2.43 13.47
CA GLY A 264 1.50 2.43 12.38
C GLY A 264 0.94 3.10 11.16
N THR A 265 1.83 3.77 10.39
CA THR A 265 1.46 4.38 9.13
C THR A 265 1.65 3.41 7.98
N TYR A 266 1.02 3.67 6.84
CA TYR A 266 1.08 2.70 5.73
C TYR A 266 2.45 2.66 5.10
N LEU A 267 2.70 1.62 4.33
CA LEU A 267 4.04 1.34 3.79
C LEU A 267 4.15 1.49 2.30
N PRO A 268 5.32 1.69 1.74
CA PRO A 268 5.56 1.71 0.29
C PRO A 268 5.21 0.37 -0.35
N VAL A 269 4.92 0.42 -1.60
CA VAL A 269 4.45 -0.71 -2.42
C VAL A 269 5.23 -1.97 -2.40
N ARG A 270 6.55 -1.90 -2.39
CA ARG A 270 7.30 -3.15 -2.37
C ARG A 270 6.94 -3.96 -1.16
N AGM A 271 6.65 -3.30 -0.07
CA AGM A 271 6.21 -3.93 1.18
CB AGM A 271 7.26 -3.75 2.27
CG AGM A 271 7.73 -2.28 2.53
CD AGM A 271 9.03 -2.26 3.30
CE2 AGM A 271 8.91 -2.69 4.73
NE1 AGM A 271 9.60 -0.88 3.21
CZ AGM A 271 10.11 -0.36 2.08
NH1 AGM A 271 10.34 -1.08 0.99
NH2 AGM A 271 10.48 0.93 2.09
C AGM A 271 4.80 -3.44 1.56
O AGM A 271 4.50 -3.16 2.73
N ALA A 272 3.95 -3.40 0.54
CA ALA A 272 2.62 -2.76 0.68
C ALA A 272 1.89 -3.32 1.85
N ARG A 273 1.40 -2.40 2.66
CA ARG A 273 0.57 -2.72 3.87
C ARG A 273 -0.15 -1.43 4.23
N GLY A 274 -1.36 -1.53 4.78
CA GLY A 274 -2.03 -0.40 5.32
C GLY A 274 -1.56 -0.04 6.70
N GLU A 275 -2.34 0.80 7.36
CA GLU A 275 -2.03 1.30 8.69
C GLU A 275 -2.11 0.16 9.71
N ASN A 276 -1.50 0.43 10.87
CA ASN A 276 -1.51 -0.53 12.01
C ASN A 276 -0.93 -1.87 11.67
N GLU A 277 0.16 -1.84 10.91
CA GLU A 277 0.99 -3.00 10.69
C GLU A 277 2.37 -2.73 11.32
N PRO A 278 3.16 -3.79 11.60
CA PRO A 278 4.33 -3.53 12.43
C PRO A 278 5.33 -2.60 11.82
N GLY A 279 5.50 -2.68 10.50
CA GLY A 279 6.54 -1.83 9.86
C GLY A 279 6.24 -0.35 9.99
N GLY A 280 4.98 0.01 10.19
CA GLY A 280 4.62 1.41 10.34
C GLY A 280 4.75 1.98 11.74
N VAL A 281 5.10 1.14 12.71
CA VAL A 281 5.15 1.58 14.12
C VAL A 281 6.54 2.19 14.37
N PRO A 282 6.65 3.52 14.61
CA PRO A 282 7.99 4.08 14.85
C PRO A 282 8.55 3.58 16.16
N PHE A 283 9.88 3.65 16.28
CA PHE A 283 10.54 3.13 17.49
C PHE A 283 10.07 3.89 18.73
N GLY A 284 9.81 5.18 18.63
CA GLY A 284 9.35 5.90 19.80
C GLY A 284 7.97 5.48 20.23
N TYR A 285 7.08 5.17 19.27
CA TYR A 285 5.78 4.61 19.66
C TYR A 285 5.94 3.28 20.36
N LEU A 286 6.78 2.41 19.85
CA LEU A 286 6.90 1.07 20.47
C LEU A 286 7.37 1.20 21.91
N ALA A 287 8.32 2.10 22.15
CA ALA A 287 8.77 2.37 23.53
C ALA A 287 7.62 2.87 24.38
N ASP A 288 6.73 3.70 23.82
CA ASP A 288 5.61 4.24 24.58
C ASP A 288 4.49 3.21 24.81
N ILE A 289 4.29 2.26 23.89
CA ILE A 289 3.34 1.17 24.04
C ILE A 289 3.77 0.32 25.25
N CYS A 290 5.03 -0.10 25.27
CA CYS A 290 5.52 -0.81 26.44
C CYS A 290 5.28 0.03 27.70
N GLN A 291 4.78 -0.58 28.77
CA GLN A 291 4.37 0.17 29.95
C GLN A 291 5.38 0.03 31.08
N SER A 292 6.54 -0.52 30.82
CA SER A 292 7.58 -0.66 31.86
C SER A 292 7.90 0.70 32.46
N SER A 293 7.91 1.76 31.68
CA SER A 293 8.27 3.08 32.15
C SER A 293 7.47 3.56 33.35
N ARG A 294 6.21 3.16 33.49
CA ARG A 294 5.38 3.67 34.59
C ARG A 294 5.41 2.80 35.84
N VAL A 295 6.06 1.65 35.73
CA VAL A 295 6.19 0.72 36.88
C VAL A 295 7.60 0.63 37.39
N ASN A 296 8.56 0.55 36.50
CA ASN A 296 9.98 0.30 36.80
C ASN A 296 10.84 1.53 36.68
N TYR A 297 10.25 2.68 36.83
CA TYR A 297 11.00 3.94 36.59
C TYR A 297 12.23 4.15 37.45
N GLU A 298 12.32 3.50 38.61
CA GLU A 298 13.57 3.68 39.41
C GLU A 298 14.72 2.91 38.79
N ASP A 299 14.47 2.09 37.76
CA ASP A 299 15.50 1.25 37.14
C ASP A 299 15.48 1.48 35.61
N PRO A 300 16.25 2.43 35.11
CA PRO A 300 16.21 2.72 33.66
C PRO A 300 16.68 1.56 32.80
N VAL A 301 17.53 0.66 33.32
CA VAL A 301 17.93 -0.50 32.56
C VAL A 301 16.72 -1.43 32.35
N ARG A 302 15.98 -1.71 33.42
CA ARG A 302 14.81 -2.56 33.30
C ARG A 302 13.80 -1.95 32.27
N VAL A 303 13.55 -0.66 32.35
CA VAL A 303 12.60 -0.05 31.41
C VAL A 303 13.11 -0.22 29.98
N SER A 304 14.37 0.11 29.71
CA SER A 304 14.91 0.06 28.38
C SER A 304 14.90 -1.35 27.80
N LEU A 305 15.24 -2.34 28.67
CA LEU A 305 15.30 -3.72 28.18
C LEU A 305 13.92 -4.38 28.05
N ASP A 306 12.94 -3.91 28.83
CA ASP A 306 11.55 -4.33 28.55
C ASP A 306 11.11 -3.82 27.17
N VAL A 307 11.52 -2.60 26.80
CA VAL A 307 11.22 -2.10 25.44
C VAL A 307 11.95 -2.94 24.42
N VAL A 308 13.25 -3.28 24.64
CA VAL A 308 13.94 -4.12 23.69
C VAL A 308 13.20 -5.46 23.50
N ALA A 309 12.75 -6.08 24.58
CA ALA A 309 12.03 -7.35 24.45
C ALA A 309 10.77 -7.18 23.58
N THR A 310 10.02 -6.13 23.87
CA THR A 310 8.78 -5.85 23.11
C THR A 310 9.08 -5.77 21.63
N GLY A 311 10.11 -4.97 21.31
CA GLY A 311 10.47 -4.73 19.91
C GLY A 311 11.18 -5.88 19.23
N ALA A 312 12.07 -6.59 19.94
CA ALA A 312 12.73 -7.69 19.30
C ALA A 312 11.72 -8.75 18.86
N MET A 313 10.79 -9.06 19.76
CA MET A 313 9.77 -10.03 19.41
C MET A 313 8.90 -9.52 18.25
N LEU A 314 8.28 -8.34 18.43
CA LEU A 314 7.38 -7.87 17.36
C LEU A 314 8.10 -7.66 16.02
N TYR A 315 9.20 -6.92 16.06
CA TYR A 315 9.87 -6.52 14.84
C TYR A 315 10.62 -7.64 14.19
N ASP A 316 11.33 -8.51 14.97
CA ASP A 316 12.09 -9.60 14.33
C ASP A 316 11.26 -10.86 14.14
N GLN A 317 10.45 -11.25 15.12
CA GLN A 317 9.79 -12.55 14.98
C GLN A 317 8.56 -12.48 14.13
N ILE A 318 7.66 -11.53 14.42
CA ILE A 318 6.38 -11.44 13.69
C ILE A 318 6.52 -10.64 12.40
N TRP A 319 7.17 -9.48 12.51
CA TRP A 319 7.31 -8.59 11.34
C TRP A 319 8.34 -9.15 10.38
N LEU A 320 9.64 -9.09 10.71
CA LEU A 320 10.61 -9.55 9.73
C LEU A 320 10.51 -11.05 9.48
N GLY A 321 10.20 -11.81 10.53
CA GLY A 321 10.21 -13.29 10.46
C GLY A 321 8.97 -13.89 9.91
N SER A 322 7.92 -13.11 9.65
CA SER A 322 6.69 -13.65 9.05
C SER A 322 6.15 -12.71 8.01
N TYR A 323 5.65 -11.53 8.41
CA TYR A 323 5.14 -10.56 7.40
C TYR A 323 6.14 -10.38 6.25
N MET A 324 7.44 -10.27 6.56
CA MET A 324 8.45 -9.95 5.55
C MET A 324 9.23 -11.19 5.12
N SER A 325 8.94 -12.39 5.63
CA SER A 325 9.69 -13.62 5.22
C SER A 325 8.79 -14.80 5.48
N GLY A 326 9.00 -15.44 6.63
CA GLY A 326 8.18 -16.60 7.00
C GLY A 326 9.01 -17.86 7.09
N GLY A 327 8.29 -18.96 7.43
CA GLY A 327 8.93 -20.27 7.62
C GLY A 327 9.27 -20.46 9.07
N VAL A 328 10.36 -21.23 9.28
CA VAL A 328 10.93 -21.33 10.62
C VAL A 328 11.15 -19.90 11.23
N GLY A 329 11.69 -19.00 10.44
CA GLY A 329 11.75 -17.60 10.90
C GLY A 329 12.88 -17.31 11.87
N PHE A 330 12.63 -16.36 12.75
CA PHE A 330 13.70 -15.62 13.42
C PHE A 330 13.60 -15.60 14.91
N THR A 331 13.16 -16.71 15.50
CA THR A 331 12.96 -16.70 16.96
C THR A 331 14.21 -16.31 17.73
N GLN A 332 15.30 -17.00 17.45
CA GLN A 332 16.54 -16.78 18.26
C GLN A 332 17.31 -15.54 17.88
N TYR A 333 17.12 -15.00 16.68
CA TYR A 333 17.66 -13.63 16.44
C TYR A 333 17.06 -12.69 17.48
N ALA A 334 15.79 -12.89 17.87
CA ALA A 334 15.11 -12.06 18.84
C ALA A 334 15.37 -12.51 20.27
N THR A 335 15.28 -13.83 20.54
CA THR A 335 15.43 -14.27 21.96
C THR A 335 16.79 -13.86 22.53
N ALA A 336 17.81 -13.67 21.68
CA ALA A 336 19.11 -13.23 22.23
C ALA A 336 18.97 -11.96 23.01
N ALA A 337 17.99 -11.12 22.70
CA ALA A 337 17.81 -9.84 23.35
C ALA A 337 16.91 -9.89 24.54
N TYR A 338 16.27 -11.03 24.88
CA TYR A 338 15.36 -11.10 26.01
C TYR A 338 15.50 -12.38 26.85
N THR A 339 16.59 -13.11 26.67
CA THR A 339 16.83 -14.36 27.45
C THR A 339 18.17 -14.37 28.11
N ASP A 340 18.19 -15.21 29.13
CA ASP A 340 19.44 -15.60 29.84
C ASP A 340 20.09 -14.43 30.57
N ASN A 341 19.39 -13.31 30.71
CA ASN A 341 19.87 -12.11 31.39
C ASN A 341 21.18 -11.60 30.80
N ILE A 342 21.43 -11.86 29.53
CA ILE A 342 22.74 -11.52 28.93
C ILE A 342 22.78 -10.00 28.61
N LEU A 343 21.81 -9.53 27.81
CA LEU A 343 21.75 -8.10 27.54
C LEU A 343 21.69 -7.34 28.85
N ASP A 344 20.96 -7.87 29.83
CA ASP A 344 20.89 -7.22 31.10
C ASP A 344 22.23 -7.09 31.79
N ASP A 345 23.04 -8.14 31.82
CA ASP A 345 24.38 -8.04 32.38
C ASP A 345 25.17 -6.92 31.74
N PHE A 346 25.17 -6.86 30.41
CA PHE A 346 26.00 -5.91 29.68
C PHE A 346 25.51 -4.49 29.91
N THR A 347 24.19 -4.31 29.98
CA THR A 347 23.62 -2.99 30.09
C THR A 347 23.71 -2.42 31.50
N TYR A 348 23.58 -3.28 32.50
CA TYR A 348 23.86 -2.85 33.88
C TYR A 348 25.33 -2.46 34.05
N PHE A 349 26.24 -3.17 33.39
CA PHE A 349 27.66 -2.77 33.44
C PHE A 349 27.80 -1.36 32.89
N GLY A 350 27.20 -1.11 31.72
CA GLY A 350 27.31 0.21 31.11
C GLY A 350 26.67 1.30 31.92
N LYS A 351 25.51 1.03 32.48
CA LYS A 351 24.87 2.02 33.30
C LYS A 351 25.76 2.38 34.51
N GLU A 352 26.38 1.39 35.13
CA GLU A 352 27.24 1.64 36.28
CA GLU A 352 27.25 1.70 36.28
C GLU A 352 28.45 2.47 35.82
N TYR A 353 29.06 2.11 34.69
CA TYR A 353 30.18 2.84 34.18
C TYR A 353 29.85 4.32 34.03
N VAL A 354 28.71 4.58 33.37
CA VAL A 354 28.26 5.95 33.14
C VAL A 354 27.90 6.64 34.42
N GLU A 355 27.15 6.01 35.29
CA GLU A 355 26.73 6.68 36.52
C GLU A 355 27.96 7.08 37.35
N ASP A 356 28.98 6.22 37.42
CA ASP A 356 30.20 6.54 38.15
C ASP A 356 31.03 7.59 37.48
N LYS A 357 31.19 7.57 36.19
CA LYS A 357 32.12 8.49 35.52
C LYS A 357 31.51 9.86 35.31
N TYR A 358 30.25 9.91 34.84
CA TYR A 358 29.59 11.16 34.45
C TYR A 358 28.43 11.51 35.36
N GLY A 359 27.68 10.53 35.83
CA GLY A 359 26.31 10.72 36.32
C GLY A 359 25.36 10.64 35.11
N LEU A 360 24.22 9.97 35.33
CA LEU A 360 23.23 9.81 34.25
C LEU A 360 22.80 11.15 33.70
N CYS A 361 22.83 11.23 32.38
CA CYS A 361 22.42 12.40 31.64
C CYS A 361 23.32 13.58 31.78
N GLU A 362 24.48 13.41 32.36
CA GLU A 362 25.41 14.54 32.62
C GLU A 362 26.62 14.55 31.75
N ALA A 363 26.78 13.54 30.88
CA ALA A 363 27.91 13.59 29.97
C ALA A 363 27.66 14.58 28.86
N PRO A 364 28.70 15.22 28.31
CA PRO A 364 28.52 16.07 27.11
C PRO A 364 27.85 15.27 26.01
N ASN A 365 26.94 15.94 25.29
CA ASN A 365 26.25 15.27 24.18
C ASN A 365 27.09 15.42 22.96
N ASN A 366 28.14 14.62 22.83
CA ASN A 366 29.06 14.77 21.74
C ASN A 366 29.81 13.45 21.40
N MET A 367 30.64 13.52 20.38
CA MET A 367 31.35 12.35 19.89
C MET A 367 32.36 11.84 20.92
N ASP A 368 32.93 12.73 21.76
CA ASP A 368 33.82 12.22 22.79
C ASP A 368 33.12 11.25 23.72
N THR A 369 31.90 11.58 24.15
CA THR A 369 31.17 10.66 25.00
C THR A 369 30.85 9.33 24.26
N VAL A 370 30.45 9.47 23.01
CA VAL A 370 30.17 8.26 22.18
C VAL A 370 31.41 7.34 22.18
N LEU A 371 32.56 7.92 21.83
CA LEU A 371 33.77 7.11 21.76
C LEU A 371 34.09 6.48 23.09
N ASP A 372 33.96 7.23 24.19
CA ASP A 372 34.30 6.66 25.47
C ASP A 372 33.38 5.50 25.84
N VAL A 373 32.08 5.82 25.93
CA VAL A 373 31.14 4.86 26.51
C VAL A 373 30.90 3.66 25.59
N ALA A 374 30.68 3.92 24.32
CA ALA A 374 30.33 2.79 23.48
C ALA A 374 31.51 1.84 23.35
N THR A 375 32.74 2.36 23.28
CA THR A 375 33.93 1.50 23.25
C THR A 375 34.04 0.67 24.50
N GLU A 376 33.95 1.30 25.66
CA GLU A 376 34.13 0.57 26.92
C GLU A 376 33.10 -0.55 27.07
N VAL A 377 31.83 -0.25 26.72
CA VAL A 377 30.77 -1.29 26.88
C VAL A 377 30.92 -2.39 25.83
N THR A 378 31.31 -2.03 24.63
CA THR A 378 31.51 -3.06 23.61
C THR A 378 32.60 -4.03 24.08
N PHE A 379 33.71 -3.49 24.60
CA PHE A 379 34.82 -4.40 25.01
C PHE A 379 34.35 -5.24 26.20
N TYR A 380 33.56 -4.72 27.11
CA TYR A 380 33.05 -5.55 28.20
C TYR A 380 32.23 -6.70 27.65
N GLY A 381 31.27 -6.40 26.75
CA GLY A 381 30.41 -7.47 26.25
C GLY A 381 31.18 -8.56 25.53
N LEU A 382 32.06 -8.15 24.64
CA LEU A 382 32.84 -9.11 23.88
C LEU A 382 33.73 -9.96 24.79
N GLU A 383 34.33 -9.33 25.81
CA GLU A 383 35.14 -10.07 26.79
CA GLU A 383 35.16 -10.10 26.71
C GLU A 383 34.33 -11.16 27.42
N GLN A 384 33.03 -10.96 27.66
CA GLN A 384 32.24 -12.03 28.31
C GLN A 384 32.13 -13.24 27.43
N TYR A 385 31.98 -13.08 26.15
CA TYR A 385 31.92 -14.24 25.27
C TYR A 385 33.29 -14.95 25.26
N GLU A 386 34.38 -14.18 25.40
CA GLU A 386 35.75 -14.78 25.39
C GLU A 386 36.02 -15.48 26.71
N GLU A 387 35.53 -14.99 27.79
CA GLU A 387 35.73 -15.59 29.14
C GLU A 387 34.81 -16.73 29.47
N TYR A 388 33.66 -16.82 28.80
CA TYR A 388 32.64 -17.81 29.13
C TYR A 388 32.33 -18.53 27.85
N PRO A 389 33.03 -19.61 27.54
CA PRO A 389 32.71 -20.39 26.36
C PRO A 389 31.24 -20.84 26.30
N ALA A 390 30.65 -21.12 27.44
CA ALA A 390 29.22 -21.48 27.37
C ALA A 390 28.34 -20.32 26.87
N LEU A 391 28.73 -19.08 27.20
CA LEU A 391 27.99 -17.91 26.70
C LEU A 391 28.09 -17.81 25.20
N LEU A 392 29.26 -18.00 24.61
CA LEU A 392 29.47 -17.92 23.18
C LEU A 392 28.69 -19.03 22.45
N GLU A 393 28.64 -20.24 23.04
CA GLU A 393 27.91 -21.37 22.42
C GLU A 393 26.38 -21.12 22.56
N ASP A 394 25.97 -20.37 23.53
CA ASP A 394 24.57 -20.00 23.72
C ASP A 394 24.13 -19.01 22.65
N GLN A 395 24.82 -17.86 22.56
CA GLN A 395 24.54 -16.86 21.53
C GLN A 395 25.46 -17.14 20.38
N PHE A 396 25.14 -18.22 19.69
CA PHE A 396 26.04 -18.83 18.73
C PHE A 396 26.12 -18.06 17.44
N GLY A 397 25.10 -17.29 17.05
CA GLY A 397 25.13 -16.56 15.78
C GLY A 397 25.76 -15.20 15.99
N GLY A 398 26.68 -14.80 15.11
CA GLY A 398 27.32 -13.49 15.26
C GLY A 398 26.28 -12.35 15.31
N SER A 399 25.18 -12.45 14.53
CA SER A 399 24.21 -11.38 14.52
C SER A 399 23.66 -11.16 15.90
N MGN A 400 23.34 -12.22 16.63
CA MGN A 400 22.76 -12.15 17.96
CB1 MGN A 400 22.68 -13.59 18.57
CB2 MGN A 400 21.37 -11.49 17.91
CG MGN A 400 21.74 -14.53 17.85
CD MGN A 400 21.79 -15.89 18.53
OE1 MGN A 400 22.87 -16.52 18.64
NE2 MGN A 400 20.66 -16.39 19.03
C MGN A 400 23.73 -11.38 18.84
O MGN A 400 23.33 -10.47 19.61
N ARG A 401 24.99 -11.75 18.79
CA ARG A 401 26.02 -11.08 19.63
C ARG A 401 26.17 -9.62 19.27
N ALA A 402 26.17 -9.33 17.96
CA ALA A 402 26.28 -7.94 17.49
C ALA A 402 25.16 -7.09 18.03
N ALA A 403 23.94 -7.60 17.98
CA ALA A 403 22.78 -6.85 18.44
C ALA A 403 22.85 -6.62 19.92
N VAL A 404 23.21 -7.65 20.70
CA VAL A 404 23.20 -7.57 22.14
C VAL A 404 24.29 -6.60 22.63
N VAL A 405 25.53 -6.80 22.12
CA VAL A 405 26.65 -5.93 22.56
C VAL A 405 26.33 -4.46 22.17
N ALA A 406 25.88 -4.26 20.93
CA ALA A 406 25.64 -2.88 20.50
C ALA A 406 24.44 -2.28 21.18
N ALA A 407 23.42 -3.07 21.56
CA ALA A 407 22.28 -2.51 22.31
C ALA A 407 22.79 -2.00 23.65
N ALA A 408 23.61 -2.78 24.33
CA ALA A 408 24.15 -2.34 25.59
C ALA A 408 24.98 -1.06 25.40
N ALA A 409 25.81 -1.04 24.36
CA ALA A 409 26.68 0.13 24.15
C ALA A 409 25.85 1.37 23.81
N GLY A 410 24.84 1.22 22.95
CA GLY A 410 23.99 2.37 22.55
C GLY A 410 23.11 2.85 23.69
N CYS A 411 22.47 1.94 24.42
CA CYS A 411 21.69 2.35 25.56
C CYS A 411 22.57 3.06 26.58
N SER A 412 23.76 2.52 26.85
CA SER A 412 24.65 3.16 27.86
C SER A 412 25.10 4.51 27.39
N THR A 413 25.39 4.68 26.11
CA THR A 413 25.77 5.99 25.61
C THR A 413 24.62 7.00 25.81
N ALA A 414 23.39 6.59 25.48
CA ALA A 414 22.23 7.44 25.72
C ALA A 414 21.96 7.70 27.21
N PHE A 415 22.26 6.73 28.10
CA PHE A 415 22.15 7.00 29.52
C PHE A 415 23.11 8.13 29.96
N ALA A 416 24.24 8.24 29.27
CA ALA A 416 25.26 9.24 29.56
C ALA A 416 24.82 10.63 29.00
N THR A 417 24.38 10.69 27.75
CA THR A 417 24.11 11.96 27.10
C THR A 417 22.71 12.46 27.29
N GLY A 418 21.77 11.58 27.66
CA GLY A 418 20.35 11.97 27.66
C GLY A 418 19.78 12.20 26.26
N ASN A 419 20.42 11.70 25.21
CA ASN A 419 20.00 12.00 23.84
C ASN A 419 20.13 10.73 23.01
N ALA A 420 19.03 10.34 22.33
CA ALA A 420 19.01 9.07 21.63
C ALA A 420 19.96 9.08 20.44
N GLN A 421 20.23 10.24 19.84
CA GLN A 421 20.99 10.28 18.60
C GLN A 421 22.47 9.86 18.86
N THR A 422 23.06 10.38 19.94
CA THR A 422 24.40 9.91 20.28
C THR A 422 24.33 8.45 20.76
N GLY A 423 23.25 8.01 21.42
CA GLY A 423 23.08 6.56 21.64
C GLY A 423 23.20 5.76 20.33
N LEU A 424 22.53 6.24 19.28
CA LEU A 424 22.55 5.52 18.01
C LEU A 424 24.00 5.51 17.42
N SER A 425 24.71 6.65 17.53
CA SER A 425 26.10 6.66 17.04
C SER A 425 26.95 5.60 17.78
N GLY A 426 26.67 5.43 19.08
CA GLY A 426 27.39 4.41 19.83
C GLY A 426 27.08 3.00 19.43
N TRP A 427 25.83 2.74 19.04
CA TRP A 427 25.45 1.47 18.40
C TRP A 427 26.29 1.18 17.20
N TYR A 428 26.43 2.11 16.25
CA TYR A 428 27.21 1.83 15.07
C TYR A 428 28.69 1.66 15.38
N LEU A 429 29.24 2.50 16.26
CA LEU A 429 30.66 2.35 16.65
C LEU A 429 30.89 0.95 17.24
N SER A 430 29.96 0.46 18.05
CA SER A 430 30.09 -0.90 18.63
C SER A 430 30.24 -1.91 17.52
N MET A 431 29.41 -1.82 16.48
CA MET A 431 29.48 -2.78 15.39
C MET A 431 30.85 -2.74 14.72
N TYR A 432 31.39 -1.53 14.48
CA TYR A 432 32.69 -1.44 13.77
C TYR A 432 33.80 -2.04 14.63
N LEU A 433 33.80 -1.75 15.91
CA LEU A 433 34.80 -2.33 16.82
C LEU A 433 34.67 -3.85 16.88
N HIS A 434 33.45 -4.36 17.04
CA HIS A 434 33.21 -5.81 17.12
C HIS A 434 33.70 -6.50 15.87
N LYS A 435 33.39 -5.94 14.71
CA LYS A 435 33.82 -6.52 13.45
C LYS A 435 35.34 -6.66 13.43
N GLU A 436 36.07 -5.62 13.84
CA GLU A 436 37.53 -5.70 13.87
C GLU A 436 38.04 -6.63 14.91
N GLN A 437 37.43 -6.68 16.08
CA GLN A 437 37.93 -7.53 17.17
C GLN A 437 37.89 -8.99 16.76
N HIS A 438 36.72 -9.47 16.27
CA HIS A 438 36.53 -10.91 16.03
C HIS A 438 36.64 -11.27 14.57
N SER A 439 36.87 -10.32 13.66
CA SER A 439 36.96 -10.59 12.25
C SER A 439 35.66 -11.25 11.70
N ARG A 440 34.55 -10.80 12.28
CA ARG A 440 33.18 -11.24 11.87
C ARG A 440 32.23 -10.32 12.60
N LEU A 441 30.99 -10.31 12.10
CA LEU A 441 29.93 -9.53 12.74
C LEU A 441 28.69 -10.41 12.68
N GLY A 442 27.81 -10.19 11.72
CA GLY A 442 26.57 -10.95 11.66
C GLY A 442 26.47 -11.78 10.39
N PHE A 443 25.20 -12.02 9.99
CA PHE A 443 24.92 -12.77 8.82
C PHE A 443 25.34 -11.99 7.56
N TYR A 444 25.17 -12.57 6.38
CA TYR A 444 25.71 -12.00 5.13
C TYR A 444 25.30 -10.54 5.01
CA GL3 A 445 23.47 -8.88 5.16
N GL3 A 445 24.06 -10.19 5.33
C GL3 A 445 23.29 -8.04 6.34
S GL3 A 445 22.27 -6.73 6.22
N TYR A 446 23.89 -8.39 7.49
CA TYR A 446 23.58 -7.80 8.77
C TYR A 446 23.89 -6.30 8.83
N ASP A 447 25.09 -5.95 8.31
CA ASP A 447 25.58 -4.57 8.48
C ASP A 447 25.34 -3.68 7.26
N LEU A 448 24.28 -3.90 6.47
CA LEU A 448 23.90 -2.86 5.51
C LEU A 448 23.68 -1.57 6.28
N GLN A 449 22.77 -1.58 7.24
CA GLN A 449 22.49 -0.36 7.96
C GLN A 449 23.71 0.04 8.78
N ASP A 450 24.45 -0.96 9.25
CA ASP A 450 25.62 -0.72 9.99
C ASP A 450 26.66 0.10 9.35
N GLN A 451 26.93 -0.16 8.09
CA GLN A 451 27.95 0.58 7.33
C GLN A 451 27.42 1.91 6.86
N SMC A 452 26.18 2.04 6.47
CA SMC A 452 25.55 3.38 6.27
CB SMC A 452 24.14 3.17 5.65
SG SMC A 452 24.26 2.52 3.95
CS SMC A 452 22.91 1.42 3.89
C SMC A 452 25.43 4.12 7.55
O SMC A 452 25.17 5.34 7.52
N GLY A 453 25.57 3.48 8.68
CA GLY A 453 25.05 3.92 9.97
C GLY A 453 25.66 5.20 10.43
N ALA A 454 27.00 5.21 10.61
CA ALA A 454 27.62 6.40 11.19
C ALA A 454 27.24 7.65 10.41
N SER A 455 27.38 7.58 9.09
CA SER A 455 27.13 8.73 8.22
C SER A 455 25.69 9.18 8.27
N ASN A 456 24.72 8.27 8.49
CA ASN A 456 23.30 8.64 8.53
C ASN A 456 22.82 8.98 9.91
N VAL A 457 23.62 8.84 10.98
CA VAL A 457 23.10 9.21 12.30
C VAL A 457 22.74 10.68 12.34
N PHE A 458 23.66 11.54 11.83
CA PHE A 458 23.49 13.00 12.00
C PHE A 458 23.20 13.65 10.66
N SER A 459 22.95 12.89 9.60
CA SER A 459 22.54 13.51 8.36
C SER A 459 21.26 14.30 8.50
N ILE A 460 21.11 15.28 7.63
CA ILE A 460 19.86 16.04 7.53
C ILE A 460 19.16 15.89 6.21
N ARG A 461 19.64 14.99 5.35
CA ARG A 461 19.06 14.90 4.01
C ARG A 461 17.71 14.19 3.97
N GLY A 462 16.96 14.40 2.91
CA GLY A 462 15.56 13.97 2.79
C GLY A 462 15.20 12.63 3.39
N ASP A 463 15.82 11.58 2.86
CA ASP A 463 15.49 10.21 3.30
C ASP A 463 16.53 9.64 4.22
N GLU A 464 17.40 10.48 4.78
CA GLU A 464 18.48 10.07 5.69
C GLU A 464 18.27 10.64 7.07
N GLY A 465 17.92 11.93 7.17
CA GLY A 465 17.95 12.60 8.45
C GLY A 465 16.64 12.44 9.21
N LEU A 466 16.74 11.97 10.46
CA LEU A 466 15.58 11.84 11.35
C LEU A 466 16.09 11.55 12.73
N PRO A 467 15.56 12.19 13.77
CA PRO A 467 15.83 11.74 15.13
C PRO A 467 15.44 10.25 15.28
N LEU A 468 16.22 9.51 16.08
CA LEU A 468 15.94 8.08 16.23
C LEU A 468 14.50 7.78 16.63
N GLU A 469 13.93 8.58 17.54
CA GLU A 469 12.57 8.31 18.02
C GLU A 469 11.55 8.24 16.86
N LEU A 470 11.79 9.04 15.81
CA LEU A 470 10.89 9.08 14.63
C LEU A 470 11.21 7.98 13.63
N ARG A 471 12.39 7.41 13.65
CA ARG A 471 12.68 6.28 12.80
C ARG A 471 11.85 5.06 13.15
N GLY A 472 11.84 4.08 12.27
CA GLY A 472 11.11 2.86 12.49
C GLY A 472 11.53 1.86 11.45
N PRO A 473 10.78 0.77 11.31
CA PRO A 473 11.08 -0.28 10.33
C PRO A 473 11.02 0.15 8.90
N ASN A 474 10.46 1.32 8.59
CA ASN A 474 10.40 1.80 7.23
C ASN A 474 11.47 2.84 6.93
N TYR A 475 12.26 3.21 7.93
CA TYR A 475 13.43 4.08 7.64
C TYR A 475 14.26 3.28 6.64
N PRO A 476 14.72 3.85 5.52
CA PRO A 476 15.18 3.04 4.40
C PRO A 476 16.23 2.00 4.78
N ASN A 477 17.29 2.44 5.46
CA ASN A 477 18.36 1.54 5.77
C ASN A 477 17.91 0.40 6.69
N TYR A 478 16.81 0.59 7.43
CA TYR A 478 16.38 -0.39 8.42
C TYR A 478 15.32 -1.34 7.88
N ALA A 479 14.95 -1.23 6.63
CA ALA A 479 13.70 -1.88 6.18
C ALA A 479 13.77 -3.37 6.03
N MET A 480 14.95 -3.96 6.04
CA MET A 480 15.12 -5.39 5.68
C MET A 480 15.57 -6.28 6.82
N ASN A 481 16.37 -5.88 7.78
CA ASN A 481 17.26 -6.83 8.48
C ASN A 481 16.95 -7.02 9.95
N VAL A 482 17.10 -8.29 10.38
CA VAL A 482 16.93 -8.67 11.77
C VAL A 482 18.03 -8.08 12.69
N GLY A 483 17.83 -8.16 13.98
CA GLY A 483 18.87 -7.81 14.91
C GLY A 483 19.15 -6.33 15.06
N HIS A 484 18.16 -5.48 14.74
CA HIS A 484 18.35 -4.03 14.89
C HIS A 484 17.14 -3.30 15.47
N GLN A 485 15.93 -3.61 14.93
CA GLN A 485 14.78 -2.70 15.14
C GLN A 485 14.35 -2.66 16.61
N GLY A 486 14.25 -3.83 17.26
CA GLY A 486 13.82 -3.79 18.64
C GLY A 486 14.88 -3.16 19.54
N GLU A 487 16.14 -3.37 19.16
CA GLU A 487 17.25 -2.74 19.89
C GLU A 487 17.17 -1.22 19.73
N TYR A 488 16.86 -0.72 18.53
CA TYR A 488 16.69 0.71 18.37
C TYR A 488 15.54 1.25 19.21
N ALA A 489 14.44 0.49 19.35
CA ALA A 489 13.39 0.94 20.28
C ALA A 489 13.94 1.09 21.69
N GLY A 490 14.77 0.17 22.12
CA GLY A 490 15.44 0.27 23.43
C GLY A 490 16.30 1.49 23.53
N ILE A 491 17.12 1.76 22.53
CA ILE A 491 17.95 2.98 22.55
C ILE A 491 17.09 4.22 22.58
N SER A 492 15.96 4.21 21.86
CA SER A 492 15.06 5.36 21.92
C SER A 492 14.53 5.54 23.36
N GLN A 493 14.23 4.45 24.04
CA GLN A 493 13.73 4.53 25.41
C GLN A 493 14.85 4.99 26.37
N ALA A 494 16.06 4.52 26.15
CA ALA A 494 17.14 4.69 27.16
C ALA A 494 17.33 6.10 27.73
N PRO A 495 17.49 7.15 26.90
CA PRO A 495 17.75 8.49 27.48
C PRO A 495 16.52 8.99 28.22
N HIS A 496 15.30 8.64 27.76
CA HIS A 496 14.09 9.11 28.42
C HIS A 496 13.93 8.41 29.74
N ALA A 497 14.28 7.12 29.82
CA ALA A 497 14.23 6.40 31.08
C ALA A 497 15.27 7.00 32.05
N ALA A 498 16.47 7.29 31.57
CA ALA A 498 17.49 7.92 32.44
C ALA A 498 17.05 9.29 32.89
N ARG A 499 16.39 10.08 32.05
CA ARG A 499 15.90 11.42 32.37
C ARG A 499 14.69 11.40 33.27
N GLY A 500 13.98 10.27 33.38
CA GLY A 500 12.70 10.20 34.07
C GLY A 500 11.52 10.73 33.28
N ASP A 501 11.64 10.86 31.97
CA ASP A 501 10.52 11.32 31.13
C ASP A 501 9.38 10.31 31.11
N ALA A 502 8.16 10.83 31.15
CA ALA A 502 6.97 9.96 31.12
C ALA A 502 6.76 9.24 29.78
N PHE A 503 7.37 9.76 28.71
CA PHE A 503 7.14 9.16 27.37
C PHE A 503 8.35 9.52 26.55
N VAL A 504 8.45 8.80 25.43
CA VAL A 504 9.55 8.94 24.46
C VAL A 504 9.20 9.75 23.26
N PHE A 505 7.99 9.60 22.71
CA PHE A 505 7.64 10.26 21.46
C PHE A 505 6.19 10.66 21.37
N ASN A 506 5.24 9.93 21.97
CA ASN A 506 3.86 10.34 21.84
C ASN A 506 3.13 10.05 23.13
N PRO A 507 2.77 11.09 23.89
CA PRO A 507 2.12 10.89 25.19
C PRO A 507 0.77 10.20 25.13
N LEU A 508 0.04 10.44 24.02
CA LEU A 508 -1.25 9.77 23.84
C LEU A 508 -1.08 8.27 23.76
N VAL A 509 -0.07 7.83 22.98
CA VAL A 509 0.23 6.40 22.88
C VAL A 509 0.64 5.83 24.25
N LYS A 510 1.47 6.56 25.02
CA LYS A 510 1.84 6.09 26.35
C LYS A 510 0.59 5.86 27.19
N ILE A 511 -0.31 6.83 27.22
CA ILE A 511 -1.49 6.68 28.09
C ILE A 511 -2.41 5.55 27.60
N ALA A 512 -2.48 5.40 26.28
CA ALA A 512 -3.43 4.49 25.65
C ALA A 512 -3.17 3.05 25.99
N PHE A 513 -2.00 2.68 26.41
CA PHE A 513 -1.73 1.29 26.83
C PHE A 513 -1.64 1.09 28.34
N ALA A 514 -1.98 2.14 29.09
CA ALA A 514 -2.01 2.05 30.57
C ALA A 514 -3.31 1.51 31.08
N ASP A 515 -3.63 0.25 30.75
CA ASP A 515 -5.01 -0.24 30.81
C ASP A 515 -5.01 -1.71 31.05
N ASP A 516 -5.47 -2.14 32.24
CA ASP A 516 -5.48 -3.56 32.60
C ASP A 516 -6.64 -4.34 31.93
N ASN A 517 -7.49 -3.64 31.17
CA ASN A 517 -8.50 -4.34 30.36
C ASN A 517 -7.92 -4.83 29.06
N LEU A 518 -6.67 -4.49 28.70
CA LEU A 518 -5.97 -5.18 27.60
C LEU A 518 -5.87 -6.66 27.93
N VAL A 519 -5.72 -7.51 26.92
CA VAL A 519 -5.54 -8.94 27.15
C VAL A 519 -4.11 -9.21 27.57
N PHE A 520 -3.13 -8.64 26.88
CA PHE A 520 -1.71 -8.76 27.23
C PHE A 520 -1.38 -7.70 28.27
N ASP A 521 -0.52 -8.05 29.24
CA ASP A 521 -0.06 -7.09 30.25
C ASP A 521 1.22 -6.35 29.85
N PHE A 522 1.05 -5.16 29.27
CA PHE A 522 2.16 -4.37 28.74
C PHE A 522 3.11 -3.84 29.79
N THR A 523 2.73 -3.97 31.08
CA THR A 523 3.70 -3.62 32.13
C THR A 523 4.75 -4.67 32.31
N ASN A 524 4.56 -5.91 31.84
CA ASN A 524 5.51 -6.98 32.13
C ASN A 524 5.64 -7.89 30.91
N VAL A 525 6.18 -7.30 29.86
CA VAL A 525 6.28 -8.00 28.57
C VAL A 525 7.02 -9.34 28.70
N ARG A 526 8.19 -9.32 29.35
CA ARG A 526 8.95 -10.56 29.45
C ARG A 526 8.22 -11.62 30.29
N GLY A 527 7.58 -11.18 31.37
CA GLY A 527 6.73 -12.12 32.15
C GLY A 527 5.62 -12.73 31.29
N GLU A 528 5.01 -11.93 30.40
CA GLU A 528 4.01 -12.45 29.51
C GLU A 528 4.53 -13.43 28.50
N PHE A 529 5.70 -13.14 27.92
CA PHE A 529 6.25 -14.06 26.98
C PHE A 529 6.48 -15.43 27.65
N ALA A 530 6.97 -15.39 28.90
CA ALA A 530 7.17 -16.66 29.68
C ALA A 530 5.86 -17.37 29.91
N LYS A 531 4.82 -16.64 30.28
CA LYS A 531 3.50 -17.27 30.47
C LYS A 531 3.01 -17.93 29.21
N GLY A 532 3.16 -17.24 28.05
CA GLY A 532 2.78 -17.87 26.78
C GLY A 532 3.61 -19.10 26.47
N ALA A 533 4.90 -19.04 26.79
CA ALA A 533 5.78 -20.16 26.50
C ALA A 533 5.34 -21.42 27.25
N LEU A 534 4.87 -21.21 28.46
CA LEU A 534 4.37 -22.28 29.35
C LEU A 534 2.96 -22.70 28.96
N ARG A 535 2.32 -22.10 27.94
CA ARG A 535 0.98 -22.47 27.52
C ARG A 535 -0.03 -22.09 28.57
N GLU A 536 0.22 -21.02 29.32
CA GLU A 536 -0.64 -20.56 30.40
C GLU A 536 -1.38 -19.27 30.11
N PHE A 537 -1.11 -18.62 28.97
CA PHE A 537 -1.73 -17.33 28.59
C PHE A 537 -3.02 -17.63 27.82
N GLU A 538 -4.05 -16.86 28.14
CA GLU A 538 -5.37 -16.99 27.52
C GLU A 538 -5.62 -15.87 26.51
N PRO A 539 -5.54 -16.13 25.22
CA PRO A 539 -5.72 -15.08 24.22
C PRO A 539 -7.20 -14.82 23.97
N ALA A 540 -7.52 -13.71 23.35
CA ALA A 540 -8.87 -13.46 22.80
C ALA A 540 -8.90 -13.96 21.38
N GLY A 541 -10.11 -13.85 20.81
CA GLY A 541 -10.25 -14.15 19.41
C GLY A 541 -10.59 -15.57 19.01
N GLU A 542 -10.66 -16.51 19.96
CA GLU A 542 -10.85 -17.91 19.52
C GLU A 542 -12.29 -18.14 19.08
N ARG A 543 -12.49 -19.20 18.29
CA ARG A 543 -13.80 -19.54 17.75
C ARG A 543 -14.46 -20.71 18.53
N ALA A 544 -13.94 -21.17 19.66
CA ALA A 544 -14.52 -22.31 20.32
C ALA A 544 -16.02 -22.25 20.57
N LEU A 545 -16.53 -21.05 20.87
CA LEU A 545 -17.95 -20.91 21.16
C LEU A 545 -18.82 -21.24 19.95
N ILE A 546 -18.30 -21.11 18.76
CA ILE A 546 -19.12 -21.29 17.58
C ILE A 546 -18.69 -22.51 16.76
N THR A 547 -17.94 -23.41 17.38
CA THR A 547 -17.52 -24.62 16.70
C THR A 547 -17.88 -25.84 17.58
N PRO A 548 -17.87 -27.04 16.95
CA PRO A 548 -18.31 -28.21 17.78
C PRO A 548 -17.40 -28.51 18.95
N ALA A 549 -17.96 -29.22 19.93
CA ALA A 549 -17.19 -29.85 20.97
C ALA A 549 -16.21 -30.90 20.44
N ALA B 2 30.13 29.92 -12.70
CA ALA B 2 30.14 28.54 -12.07
C ALA B 2 30.15 28.78 -10.56
N LYS B 3 29.45 27.92 -9.81
CA LYS B 3 29.53 27.88 -8.34
C LYS B 3 30.85 27.30 -7.86
N PHE B 4 31.45 26.42 -8.67
CA PHE B 4 32.65 25.68 -8.23
C PHE B 4 33.82 26.00 -9.16
N GLU B 5 35.03 25.78 -8.65
CA GLU B 5 36.23 26.14 -9.42
C GLU B 5 36.71 24.99 -10.30
N ASP B 6 36.22 23.76 -10.09
CA ASP B 6 36.85 22.57 -10.70
C ASP B 6 36.63 22.51 -12.15
N LYS B 7 37.68 22.00 -12.84
CA LYS B 7 37.59 21.65 -14.25
C LYS B 7 38.01 20.20 -14.42
N VAL B 8 37.51 19.57 -15.46
CA VAL B 8 37.86 18.19 -15.75
C VAL B 8 38.19 18.06 -17.22
N ASP B 9 39.04 17.09 -17.53
CA ASP B 9 39.28 16.75 -18.93
C ASP B 9 38.33 15.63 -19.35
N LEU B 10 37.73 15.75 -20.49
CA LEU B 10 36.73 14.78 -20.97
C LEU B 10 37.28 13.93 -22.09
N TYR B 11 36.97 12.63 -22.04
CA TYR B 11 37.44 11.59 -22.96
C TYR B 11 36.29 10.84 -23.60
N ASP B 12 36.55 10.10 -24.67
CA ASP B 12 35.55 9.30 -25.35
C ASP B 12 35.62 7.86 -24.79
N ASP B 13 34.74 6.97 -25.26
CA ASP B 13 34.71 5.63 -24.70
C ASP B 13 35.89 4.73 -25.14
N ARG B 14 36.82 5.31 -25.91
N ARG B 14 36.87 5.34 -25.81
CA ARG B 14 38.04 4.59 -26.25
CA ARG B 14 38.05 4.62 -26.20
C ARG B 14 39.23 5.11 -25.43
C ARG B 14 39.24 5.12 -25.43
N GLY B 15 39.00 6.05 -24.51
CA GLY B 15 40.04 6.60 -23.74
C GLY B 15 40.87 7.69 -24.40
N ASN B 16 40.32 8.27 -25.44
CA ASN B 16 41.02 9.37 -26.19
C ASN B 16 40.45 10.72 -25.76
N LEU B 17 41.31 11.74 -25.61
CA LEU B 17 40.86 13.07 -25.17
C LEU B 17 39.84 13.69 -26.15
N VAL B 18 38.76 14.28 -25.62
CA VAL B 18 37.79 15.03 -26.42
C VAL B 18 37.94 16.54 -26.15
N GLU B 19 37.97 16.94 -24.88
CA GLU B 19 38.02 18.38 -24.54
C GLU B 19 38.71 18.54 -23.22
N GLU B 20 39.71 19.42 -23.13
CA GLU B 20 40.40 19.74 -21.89
C GLU B 20 39.71 20.80 -21.05
N GLN B 21 39.87 20.62 -19.74
CA GLN B 21 39.57 21.68 -18.78
C GLN B 21 38.17 22.27 -18.94
N VAL B 22 37.17 21.39 -18.90
CA VAL B 22 35.78 21.82 -18.94
C VAL B 22 35.29 22.09 -17.52
N PRO B 23 34.58 23.20 -17.25
CA PRO B 23 34.09 23.41 -15.89
C PRO B 23 33.18 22.20 -15.45
N LEU B 24 33.32 21.80 -14.22
CA LEU B 24 32.54 20.70 -13.67
C LEU B 24 31.04 20.83 -13.93
N GLU B 25 30.47 22.01 -13.76
CA GLU B 25 29.04 22.19 -13.92
C GLU B 25 28.54 22.06 -15.32
N ALA B 26 29.46 22.00 -16.30
CA ALA B 26 29.00 21.67 -17.66
C ALA B 26 28.48 20.24 -17.79
N LEU B 27 28.81 19.43 -16.80
CA LEU B 27 28.27 18.07 -16.71
C LEU B 27 27.06 17.99 -15.80
N SER B 28 26.63 19.07 -15.19
CA SER B 28 25.51 19.01 -14.26
C SER B 28 24.24 18.68 -14.98
N PRO B 29 23.39 17.80 -14.40
CA PRO B 29 22.05 17.59 -14.95
C PRO B 29 21.27 18.90 -15.09
N LEU B 30 21.56 19.89 -14.22
CA LEU B 30 20.83 21.15 -14.27
C LEU B 30 21.24 22.03 -15.45
N ARG B 31 22.37 21.72 -16.09
CA ARG B 31 22.97 22.64 -17.10
C ARG B 31 23.22 21.95 -18.40
N ASN B 32 23.48 20.66 -18.44
CA ASN B 32 23.93 20.03 -19.67
C ASN B 32 22.77 19.68 -20.56
N PRO B 33 22.74 20.20 -21.82
CA PRO B 33 21.52 19.95 -22.60
C PRO B 33 21.33 18.51 -23.03
N ALA B 34 22.41 17.74 -23.12
CA ALA B 34 22.24 16.33 -23.49
C ALA B 34 21.63 15.53 -22.33
N ILE B 35 21.97 15.86 -21.09
CA ILE B 35 21.29 15.20 -19.97
C ILE B 35 19.85 15.57 -19.97
N LYS B 36 19.51 16.85 -20.21
CA LYS B 36 18.10 17.20 -20.33
C LYS B 36 17.41 16.36 -21.42
N SER B 37 18.01 16.24 -22.59
N SER B 37 18.09 16.25 -22.56
CA SER B 37 17.37 15.49 -23.67
CA SER B 37 17.61 15.51 -23.71
C SER B 37 17.26 13.98 -23.34
C SER B 37 17.26 14.11 -23.31
N ILE B 38 18.25 13.45 -22.67
CA ILE B 38 18.11 12.08 -22.20
C ILE B 38 16.97 11.89 -21.22
N VAL B 39 16.86 12.75 -20.21
CA VAL B 39 15.80 12.60 -19.21
C VAL B 39 14.46 12.82 -19.84
N GLN B 40 14.30 13.86 -20.65
CA GLN B 40 13.04 14.08 -21.32
C GLN B 40 12.73 12.94 -22.27
N GLY B 41 13.74 12.39 -22.92
CA GLY B 41 13.55 11.22 -23.80
C GLY B 41 13.09 10.04 -23.00
N ILE B 42 13.69 9.76 -21.85
CA ILE B 42 13.22 8.63 -21.02
C ILE B 42 11.81 8.84 -20.51
N LYS B 43 11.41 10.03 -20.19
CA LYS B 43 10.05 10.28 -19.79
C LYS B 43 9.11 9.98 -20.91
N ARG B 44 9.47 10.30 -22.17
CA ARG B 44 8.46 10.32 -23.24
C ARG B 44 8.48 9.13 -24.17
N THR B 45 9.38 8.19 -23.95
CA THR B 45 9.54 7.09 -24.90
C THR B 45 8.81 5.82 -24.44
N VAL B 46 8.14 5.15 -25.37
CA VAL B 46 7.36 3.95 -25.09
C VAL B 46 7.64 2.91 -26.20
N ALA B 47 7.84 1.67 -25.81
CA ALA B 47 7.93 0.53 -26.71
C ALA B 47 6.58 -0.10 -26.84
N VAL B 48 6.08 -0.27 -28.06
CA VAL B 48 4.76 -0.87 -28.30
C VAL B 48 4.98 -2.21 -28.97
N ASN B 49 4.47 -3.28 -28.39
CA ASN B 49 4.62 -4.61 -28.96
C ASN B 49 3.35 -4.98 -29.73
N LEU B 50 3.30 -4.55 -31.02
CA LEU B 50 2.15 -4.82 -31.87
C LEU B 50 1.89 -6.32 -32.03
N GLU B 51 2.95 -7.10 -32.20
CA GLU B 51 2.79 -8.55 -32.32
C GLU B 51 2.18 -9.10 -31.01
N GLY B 52 2.65 -8.59 -29.85
CA GLY B 52 2.09 -9.02 -28.53
C GLY B 52 0.62 -8.70 -28.45
N ILE B 53 0.23 -7.49 -28.84
CA ILE B 53 -1.16 -7.10 -28.81
C ILE B 53 -2.00 -8.03 -29.68
N GLU B 54 -1.50 -8.27 -30.92
CA GLU B 54 -2.22 -9.15 -31.83
C GLU B 54 -2.37 -10.54 -31.28
N ASN B 55 -1.32 -11.07 -30.69
CA ASN B 55 -1.40 -12.40 -30.16
C ASN B 55 -2.35 -12.52 -28.95
N ALA B 56 -2.27 -11.50 -28.09
CA ALA B 56 -3.19 -11.42 -26.93
C ALA B 56 -4.64 -11.42 -27.39
N LEU B 57 -4.94 -10.63 -28.43
CA LEU B 57 -6.31 -10.58 -28.96
C LEU B 57 -6.75 -11.90 -29.57
N LYS B 58 -5.89 -12.53 -30.39
CA LYS B 58 -6.36 -13.75 -31.06
CA LYS B 58 -6.21 -13.80 -31.06
C LYS B 58 -6.53 -14.94 -30.13
N THR B 59 -5.86 -14.93 -28.98
CA THR B 59 -5.95 -15.99 -27.98
C THR B 59 -6.83 -15.56 -26.80
N ALA B 60 -7.26 -14.31 -26.72
CA ALA B 60 -7.96 -13.75 -25.54
C ALA B 60 -7.12 -13.88 -24.28
N LYS B 61 -5.81 -13.93 -24.39
CA LYS B 61 -4.92 -13.98 -23.24
C LYS B 61 -4.54 -12.58 -22.84
N VAL B 62 -5.35 -12.02 -21.94
CA VAL B 62 -5.18 -10.65 -21.48
C VAL B 62 -5.29 -10.63 -19.96
N GLY B 63 -4.67 -9.60 -19.39
CA GLY B 63 -4.86 -9.29 -17.94
C GLY B 63 -3.89 -9.94 -17.00
N GLY B 64 -2.80 -10.55 -17.50
CA GLY B 64 -1.74 -10.98 -16.66
C GLY B 64 -1.37 -12.43 -16.88
N PRO B 65 -0.36 -12.91 -16.19
CA PRO B 65 0.17 -14.27 -16.43
C PRO B 65 -0.91 -15.35 -16.32
N ALA B 66 -0.98 -16.18 -17.36
CA ALA B 66 -1.87 -17.33 -17.49
C ALA B 66 -3.35 -16.98 -17.66
N CYS B 67 -3.70 -15.69 -17.71
CA CYS B 67 -5.10 -15.30 -17.80
C CYS B 67 -5.62 -15.47 -19.22
N LYS B 68 -6.91 -15.74 -19.32
N LYS B 68 -6.88 -15.85 -19.37
CA LYS B 68 -7.54 -15.99 -20.62
CA LYS B 68 -7.55 -15.92 -20.69
C LYS B 68 -9.04 -15.89 -20.45
C LYS B 68 -9.01 -15.83 -20.45
N ILE B 69 -9.72 -15.25 -21.40
CA ILE B 69 -11.20 -15.23 -21.37
C ILE B 69 -11.73 -16.01 -22.60
N MET B 70 -12.15 -17.23 -22.34
CA MET B 70 -12.75 -18.07 -23.43
C MET B 70 -13.93 -17.36 -24.03
N GLY B 71 -13.99 -17.38 -25.38
CA GLY B 71 -15.08 -16.77 -26.07
C GLY B 71 -14.85 -15.35 -26.51
N ARG B 72 -13.79 -14.69 -26.05
CA ARG B 72 -13.54 -13.30 -26.35
C ARG B 72 -12.51 -13.07 -27.46
N GLU B 73 -12.04 -14.15 -28.08
CA GLU B 73 -10.97 -14.02 -29.10
C GLU B 73 -11.37 -13.14 -30.26
N LEU B 74 -10.38 -12.38 -30.75
CA LEU B 74 -10.56 -11.49 -31.89
C LEU B 74 -9.36 -11.63 -32.77
N ASP B 75 -9.60 -11.97 -34.04
CA ASP B 75 -8.47 -12.20 -34.96
C ASP B 75 -8.29 -10.99 -35.86
N LEU B 76 -7.36 -10.12 -35.51
CA LEU B 76 -7.11 -8.86 -36.20
C LEU B 76 -5.68 -8.82 -36.73
N ASP B 77 -5.53 -8.42 -38.00
CA ASP B 77 -4.23 -8.41 -38.70
C ASP B 77 -3.48 -7.08 -38.44
N ILE B 78 -3.12 -6.92 -37.16
CA ILE B 78 -2.49 -5.68 -36.70
C ILE B 78 -1.10 -5.53 -37.33
N VAL B 79 -0.28 -6.58 -37.27
CA VAL B 79 1.12 -6.41 -37.75
C VAL B 79 1.08 -6.17 -39.28
N GLY B 80 0.18 -6.85 -39.99
CA GLY B 80 0.03 -6.65 -41.46
C GLY B 80 -0.42 -5.26 -41.80
N ASN B 81 -1.15 -4.60 -40.88
CA ASN B 81 -1.63 -3.24 -41.08
C ASN B 81 -0.91 -2.20 -40.20
N ALA B 82 0.32 -2.53 -39.82
CA ALA B 82 1.02 -1.71 -38.82
C ALA B 82 1.22 -0.30 -39.32
N GLU B 83 1.53 -0.11 -40.61
CA GLU B 83 1.80 1.26 -41.08
C GLU B 83 0.60 2.18 -40.88
N SER B 84 -0.58 1.75 -41.29
CA SER B 84 -1.78 2.54 -41.15
C SER B 84 -2.13 2.80 -39.66
N ILE B 85 -1.98 1.74 -38.86
CA ILE B 85 -2.28 1.84 -37.41
C ILE B 85 -1.30 2.83 -36.77
N ALA B 86 0.00 2.73 -37.07
CA ALA B 86 0.98 3.63 -36.51
C ALA B 86 0.72 5.05 -36.92
N ALA B 87 0.33 5.28 -38.20
CA ALA B 87 0.09 6.63 -38.63
C ALA B 87 -1.14 7.23 -37.94
N ALA B 88 -2.17 6.41 -37.79
CA ALA B 88 -3.37 6.89 -37.11
C ALA B 88 -3.08 7.20 -35.62
N ALA B 89 -2.29 6.36 -34.99
CA ALA B 89 -1.87 6.60 -33.58
C ALA B 89 -1.09 7.88 -33.53
N LYS B 90 -0.12 8.08 -34.47
CA LYS B 90 0.70 9.25 -34.45
C LYS B 90 -0.15 10.55 -34.51
N GLU B 91 -1.19 10.52 -35.35
CA GLU B 91 -2.04 11.70 -35.48
C GLU B 91 -2.66 12.10 -34.11
N MET B 92 -3.02 11.09 -33.31
CA MET B 92 -3.62 11.32 -31.98
C MET B 92 -2.58 11.72 -30.93
N ILE B 93 -1.39 11.17 -31.04
CA ILE B 93 -0.30 11.38 -30.07
C ILE B 93 0.29 12.77 -30.19
N GLN B 94 0.46 13.21 -31.46
CA GLN B 94 1.10 14.52 -31.69
C GLN B 94 0.26 15.66 -31.11
N VAL B 95 0.92 16.79 -30.84
CA VAL B 95 0.20 18.04 -30.55
C VAL B 95 -0.05 18.81 -31.84
N THR B 96 1.02 18.99 -32.60
CA THR B 96 0.91 19.67 -33.91
C THR B 96 1.67 18.87 -34.92
N GLU B 97 1.29 19.04 -36.20
CA GLU B 97 2.01 18.38 -37.27
C GLU B 97 3.47 18.81 -37.30
N ASP B 98 4.33 17.84 -37.55
CA ASP B 98 5.76 18.09 -37.61
C ASP B 98 6.39 18.54 -36.28
N ASP B 99 5.74 18.23 -35.14
CA ASP B 99 6.39 18.49 -33.85
C ASP B 99 7.36 17.33 -33.53
N ASP B 100 7.83 17.18 -32.28
CA ASP B 100 8.82 16.17 -31.96
C ASP B 100 8.23 14.76 -31.66
N THR B 101 7.00 14.52 -32.07
CA THR B 101 6.42 13.17 -31.95
C THR B 101 7.16 12.24 -32.91
N ASN B 102 7.56 11.07 -32.45
CA ASN B 102 8.13 10.05 -33.34
C ASN B 102 7.38 8.76 -33.18
N VAL B 103 6.94 8.13 -34.26
CA VAL B 103 6.38 6.80 -34.24
C VAL B 103 7.07 6.02 -35.35
N GLU B 104 7.83 4.99 -35.00
N GLU B 104 7.98 5.11 -34.99
CA GLU B 104 8.68 4.32 -35.99
CA GLU B 104 8.76 4.36 -35.97
C GLU B 104 8.55 2.83 -35.84
C GLU B 104 8.43 2.86 -35.82
N LEU B 105 8.10 2.16 -36.90
CA LEU B 105 8.01 0.73 -36.88
C LEU B 105 9.33 0.02 -36.87
N LEU B 106 9.44 -1.12 -36.19
CA LEU B 106 10.61 -1.95 -36.08
C LEU B 106 10.18 -3.40 -36.24
N GLY B 107 11.15 -4.24 -36.65
CA GLY B 107 10.93 -5.67 -36.73
C GLY B 107 9.79 -6.03 -37.66
N GLY B 108 9.74 -5.36 -38.82
CA GLY B 108 8.73 -5.58 -39.83
C GLY B 108 7.33 -5.32 -39.33
N GLY B 109 7.18 -4.32 -38.48
CA GLY B 109 5.85 -3.96 -37.99
C GLY B 109 5.49 -4.63 -36.67
N LYS B 110 6.35 -5.49 -36.17
CA LYS B 110 6.03 -6.19 -34.90
C LYS B 110 6.15 -5.25 -33.71
N ARG B 111 6.99 -4.25 -33.77
CA ARG B 111 7.22 -3.30 -32.66
C ARG B 111 7.10 -1.90 -33.19
N ALA B 112 6.82 -0.96 -32.29
CA ALA B 112 6.93 0.45 -32.61
C ALA B 112 7.67 1.20 -31.54
N LEU B 113 8.57 2.06 -31.94
CA LEU B 113 9.16 3.07 -31.10
CA LEU B 113 9.15 3.07 -31.08
C LEU B 113 8.21 4.25 -31.10
N VAL B 114 7.82 4.75 -29.92
CA VAL B 114 6.99 5.91 -29.80
C VAL B 114 7.65 6.90 -28.87
N GLN B 115 7.77 8.16 -29.32
CA GLN B 115 8.20 9.25 -28.46
C GLN B 115 7.13 10.30 -28.48
N VAL B 116 6.43 10.39 -27.35
CA VAL B 116 5.28 11.30 -27.16
C VAL B 116 5.85 12.73 -27.12
N PRO B 117 5.12 13.71 -27.68
CA PRO B 117 5.76 15.04 -27.82
C PRO B 117 6.06 15.67 -26.50
N SER B 118 7.22 16.33 -26.43
CA SER B 118 7.69 16.92 -25.18
C SER B 118 6.73 17.95 -24.62
N ALA B 119 5.95 18.58 -25.48
CA ALA B 119 5.01 19.56 -24.99
C ALA B 119 3.94 18.98 -24.09
N ARG B 120 3.59 17.71 -24.25
CA ARG B 120 2.61 17.11 -23.35
C ARG B 120 3.16 17.09 -21.94
N PHE B 121 4.45 16.95 -21.79
CA PHE B 121 5.11 16.84 -20.47
C PHE B 121 5.30 18.20 -19.83
N ASP B 122 5.39 19.22 -20.67
CA ASP B 122 5.55 20.57 -20.09
C ASP B 122 4.29 21.05 -19.41
N VAL B 123 3.13 20.47 -19.70
CA VAL B 123 1.91 20.79 -19.02
C VAL B 123 1.33 19.60 -18.22
N ALA B 124 2.25 18.68 -17.83
CA ALA B 124 1.89 17.52 -17.01
C ALA B 124 2.65 17.57 -15.71
N ALA B 125 2.10 16.97 -14.68
CA ALA B 125 2.82 16.87 -13.41
C ALA B 125 4.00 15.91 -13.45
N GLU B 126 3.83 14.82 -14.21
CA GLU B 126 4.79 13.73 -14.16
C GLU B 126 4.99 13.10 -15.51
N TYR B 127 5.15 11.80 -15.61
CA TYR B 127 5.60 11.16 -16.87
C TYR B 127 4.64 10.11 -17.40
N SER B 128 3.56 9.82 -16.68
CA SER B 128 2.60 8.80 -17.10
C SER B 128 1.85 9.15 -18.35
N ALA B 129 1.88 10.38 -18.84
CA ALA B 129 1.28 10.66 -20.13
C ALA B 129 1.92 9.78 -21.19
N ALA B 130 3.19 9.39 -21.06
CA ALA B 130 3.77 8.63 -22.15
C ALA B 130 3.04 7.29 -22.37
N PRO B 131 2.97 6.38 -21.35
CA PRO B 131 2.23 5.16 -21.62
C PRO B 131 0.75 5.42 -21.83
N LEU B 132 0.14 6.38 -21.13
CA LEU B 132 -1.30 6.54 -21.21
C LEU B 132 -1.77 7.10 -22.53
N VAL B 133 -1.06 8.10 -23.02
CA VAL B 133 -1.38 8.70 -24.35
C VAL B 133 -1.06 7.69 -25.46
N THR B 134 0.08 7.00 -25.36
CA THR B 134 0.41 5.99 -26.34
C THR B 134 -0.64 4.90 -26.38
N ALA B 135 -0.99 4.35 -25.17
CA ALA B 135 -1.92 3.24 -25.12
C ALA B 135 -3.23 3.62 -25.73
N THR B 136 -3.79 4.78 -25.38
CA THR B 136 -5.10 5.05 -25.89
C THR B 136 -5.08 5.36 -27.39
N ALA B 137 -4.00 6.00 -27.87
CA ALA B 137 -3.87 6.24 -29.32
C ALA B 137 -3.80 4.90 -30.06
N PHE B 138 -3.04 3.93 -29.58
CA PHE B 138 -3.04 2.64 -30.26
C PHE B 138 -4.31 1.85 -30.13
N VAL B 139 -4.99 1.91 -28.97
CA VAL B 139 -6.30 1.28 -28.81
C VAL B 139 -7.26 1.85 -29.83
N GLN B 140 -7.36 3.17 -29.87
CA GLN B 140 -8.29 3.79 -30.81
C GLN B 140 -7.89 3.51 -32.27
N ALA B 141 -6.61 3.55 -32.57
CA ALA B 141 -6.16 3.30 -33.96
C ALA B 141 -6.53 1.88 -34.33
N ILE B 142 -6.34 0.87 -33.47
CA ILE B 142 -6.71 -0.50 -33.79
C ILE B 142 -8.20 -0.61 -33.99
N ILE B 143 -9.00 -0.03 -33.08
CA ILE B 143 -10.45 -0.13 -33.21
C ILE B 143 -10.85 0.51 -34.55
N ASN B 144 -10.28 1.63 -34.86
CA ASN B 144 -10.71 2.34 -36.08
C ASN B 144 -10.20 1.59 -37.33
N GLU B 145 -9.07 0.94 -37.28
CA GLU B 145 -8.53 0.22 -38.43
C GLU B 145 -9.48 -0.90 -38.85
N PHE B 146 -10.02 -1.66 -37.89
CA PHE B 146 -10.81 -2.86 -38.18
C PHE B 146 -12.27 -2.66 -37.92
N ASP B 147 -12.67 -1.44 -37.59
CA ASP B 147 -14.06 -1.19 -37.16
C ASP B 147 -14.52 -2.17 -36.08
N VAL B 148 -13.70 -2.32 -35.04
CA VAL B 148 -14.02 -3.15 -33.90
C VAL B 148 -15.29 -2.60 -33.22
N SER B 149 -16.22 -3.50 -32.95
CA SER B 149 -17.50 -3.05 -32.41
C SER B 149 -17.40 -2.56 -30.95
N MET B 150 -18.42 -1.82 -30.55
CA MET B 150 -18.57 -1.40 -29.18
C MET B 150 -18.50 -2.61 -28.26
N TYR B 151 -19.06 -3.76 -28.64
CA TYR B 151 -19.13 -4.89 -27.78
C TYR B 151 -17.78 -5.54 -27.55
N ASP B 152 -16.85 -5.40 -28.51
CA ASP B 152 -15.58 -6.07 -28.48
C ASP B 152 -14.37 -5.20 -28.14
N ALA B 153 -14.53 -3.90 -28.23
CA ALA B 153 -13.40 -2.99 -28.18
C ALA B 153 -12.65 -3.06 -26.84
N ASN B 154 -13.37 -3.37 -25.74
CA ASN B 154 -12.77 -3.54 -24.42
C ASN B 154 -11.68 -4.61 -24.39
N MET B 155 -11.70 -5.58 -25.31
CA MET B 155 -10.63 -6.54 -25.38
C MET B 155 -9.37 -5.94 -25.96
N VAL B 156 -9.51 -4.98 -26.90
CA VAL B 156 -8.34 -4.24 -27.41
C VAL B 156 -7.63 -3.48 -26.29
N LYS B 157 -8.44 -2.81 -25.51
CA LYS B 157 -7.94 -2.08 -24.33
C LYS B 157 -7.18 -3.03 -23.38
N ALA B 158 -7.77 -4.19 -23.09
CA ALA B 158 -7.11 -5.15 -22.21
C ALA B 158 -5.80 -5.64 -22.80
N ALA B 159 -5.81 -5.88 -24.13
CA ALA B 159 -4.59 -6.38 -24.78
C ALA B 159 -3.46 -5.37 -24.76
N VAL B 160 -3.79 -4.10 -24.78
CA VAL B 160 -2.79 -3.05 -24.78
C VAL B 160 -2.24 -2.73 -23.39
N LEU B 161 -3.15 -2.46 -22.46
CA LEU B 161 -2.78 -1.91 -21.15
C LEU B 161 -2.99 -2.90 -20.01
N GLY B 162 -3.57 -4.07 -20.25
CA GLY B 162 -3.65 -5.10 -19.20
C GLY B 162 -4.80 -4.95 -18.25
N ARG B 163 -4.56 -5.32 -16.99
CA ARG B 163 -5.61 -5.34 -15.95
C ARG B 163 -5.81 -3.99 -15.29
N TYR B 164 -5.09 -2.96 -15.70
CA TYR B 164 -5.34 -1.61 -15.16
C TYR B 164 -6.73 -1.17 -15.57
N PRO B 165 -7.57 -0.62 -14.64
CA PRO B 165 -7.25 -0.10 -13.30
C PRO B 165 -7.61 -1.04 -12.15
N GLN B 166 -8.02 -2.26 -12.37
CA GLN B 166 -8.20 -3.16 -11.20
C GLN B 166 -6.86 -3.37 -10.55
N SER B 167 -5.82 -3.68 -11.32
CA SER B 167 -4.43 -3.64 -10.77
C SER B 167 -3.95 -2.18 -10.84
N VAL B 168 -3.06 -1.82 -9.92
CA VAL B 168 -2.44 -0.51 -9.90
C VAL B 168 -1.48 -0.36 -11.08
N GLU B 169 -0.76 -1.42 -11.38
CA GLU B 169 0.17 -1.43 -12.53
C GLU B 169 -0.56 -1.81 -13.81
N TYR B 170 0.15 -1.66 -14.96
CA TYR B 170 -0.40 -2.08 -16.25
C TYR B 170 -0.12 -3.58 -16.43
N MET B 171 -0.85 -4.38 -15.65
CA MET B 171 -0.52 -5.79 -15.47
C MET B 171 -0.94 -6.59 -16.71
N GLY B 172 0.07 -7.11 -17.41
CA GLY B 172 -0.21 -7.78 -18.67
C GLY B 172 -0.17 -6.84 -19.86
N ALA B 173 0.27 -5.62 -19.70
CA ALA B 173 0.31 -4.73 -20.85
C ALA B 173 1.30 -5.21 -21.90
N ASN B 174 1.03 -4.79 -23.12
CA ASN B 174 1.91 -5.02 -24.30
C ASN B 174 2.58 -3.76 -24.74
N ILE B 175 2.78 -2.82 -23.82
CA ILE B 175 3.68 -1.67 -24.01
C ILE B 175 4.68 -1.70 -22.89
N ALA B 176 5.82 -1.04 -23.04
CA ALA B 176 6.84 -1.03 -22.03
C ALA B 176 7.54 0.31 -22.01
N THR B 177 7.96 0.71 -20.81
CA THR B 177 8.79 1.92 -20.63
C THR B 177 9.97 1.55 -19.74
N MET B 178 11.02 2.41 -19.77
CA MET B 178 12.11 2.26 -18.83
C MET B 178 11.69 2.66 -17.42
N LEU B 179 10.86 3.68 -17.30
CA LEU B 179 10.28 4.13 -16.02
C LEU B 179 9.18 3.17 -15.63
N ASP B 180 8.81 3.22 -14.37
CA ASP B 180 7.72 2.44 -13.78
C ASP B 180 6.76 3.44 -13.12
N ILE B 181 5.59 2.98 -12.68
CA ILE B 181 4.52 3.88 -12.26
C ILE B 181 4.90 4.68 -11.04
N PRO B 182 4.28 5.86 -10.89
CA PRO B 182 4.71 6.74 -9.79
C PRO B 182 4.39 6.17 -8.40
N GLN B 183 3.42 5.28 -8.29
CA GLN B 183 3.08 4.72 -7.00
C GLN B 183 4.15 3.80 -6.47
N LYS B 184 5.05 3.31 -7.33
CA LYS B 184 6.07 2.38 -6.90
C LYS B 184 7.34 3.05 -6.38
N LEU B 185 7.40 4.38 -6.39
CA LEU B 185 8.57 5.08 -5.87
C LEU B 185 8.75 4.82 -4.41
N GLU B 186 10.00 4.55 -3.98
CA GLU B 186 10.24 4.37 -2.53
C GLU B 186 10.19 5.70 -1.80
N GLY B 187 10.41 6.78 -2.51
CA GLY B 187 10.29 8.09 -1.88
C GLY B 187 9.98 9.07 -3.00
N PRO B 188 9.46 10.24 -2.70
CA PRO B 188 9.32 11.27 -3.72
C PRO B 188 10.66 11.56 -4.35
N GLY B 189 10.69 11.81 -5.66
CA GLY B 189 11.94 12.11 -6.32
C GLY B 189 12.70 10.91 -6.88
N TYR B 190 12.18 9.70 -6.66
CA TYR B 190 12.89 8.44 -6.98
C TYR B 190 12.63 7.93 -8.40
N ALA B 191 11.85 8.62 -9.24
CA ALA B 191 11.42 7.91 -10.44
C ALA B 191 12.55 7.52 -11.37
N LEU B 192 13.58 8.36 -11.55
CA LEU B 192 14.66 8.03 -12.43
C LEU B 192 15.60 6.95 -11.84
N ARG B 193 15.33 6.54 -10.60
CA ARG B 193 16.04 5.44 -9.97
C ARG B 193 15.33 4.10 -10.22
N ASN B 194 14.03 4.11 -10.56
CA ASN B 194 13.31 2.85 -10.74
C ASN B 194 13.37 2.42 -12.18
N ILE B 195 14.61 2.13 -12.59
CA ILE B 195 14.97 1.72 -13.97
C ILE B 195 15.91 0.53 -13.79
N MET B 196 15.42 -0.63 -14.19
CA MET B 196 16.14 -1.87 -13.97
C MET B 196 17.55 -1.80 -14.59
N VAL B 197 18.55 -2.33 -13.87
CA VAL B 197 19.91 -2.36 -14.40
C VAL B 197 19.90 -3.05 -15.78
N ASN B 198 19.17 -4.14 -15.94
CA ASN B 198 19.17 -4.84 -17.23
C ASN B 198 18.65 -3.94 -18.35
N HIS B 199 17.72 -3.02 -18.08
CA HIS B 199 17.24 -2.11 -19.11
C HIS B 199 18.33 -1.16 -19.54
N VAL B 200 19.15 -0.67 -18.63
CA VAL B 200 20.26 0.24 -18.96
C VAL B 200 21.27 -0.52 -19.79
N VAL B 201 21.62 -1.73 -19.40
CA VAL B 201 22.59 -2.55 -20.10
C VAL B 201 22.03 -2.88 -21.49
N ALA B 202 20.75 -3.17 -21.61
CA ALA B 202 20.17 -3.48 -22.92
C ALA B 202 20.22 -2.28 -23.84
N ALA B 203 19.84 -1.13 -23.36
CA ALA B 203 19.76 0.09 -24.18
C ALA B 203 21.14 0.53 -24.69
N THR B 204 22.20 0.26 -23.94
CA THR B 204 23.57 0.64 -24.30
C THR B 204 24.29 -0.54 -24.99
N LEU B 205 23.58 -1.62 -25.34
CA LEU B 205 24.19 -2.75 -26.10
C LEU B 205 25.38 -3.32 -25.37
N LYS B 206 25.36 -3.30 -24.05
CA LYS B 206 26.43 -3.90 -23.23
C LYS B 206 27.80 -3.25 -23.42
N ASN B 207 27.85 -2.01 -23.92
CA ASN B 207 29.13 -1.31 -23.94
C ASN B 207 29.40 -0.87 -22.49
N THR B 208 30.48 -1.34 -21.87
CA THR B 208 30.67 -1.17 -20.44
C THR B 208 30.65 0.30 -20.03
N LEU B 209 31.46 1.15 -20.68
CA LEU B 209 31.49 2.56 -20.32
C LEU B 209 30.19 3.25 -20.59
N GLN B 210 29.51 2.91 -21.68
CA GLN B 210 28.24 3.58 -21.94
C GLN B 210 27.17 3.15 -20.93
N ALA B 211 27.13 1.87 -20.55
CA ALA B 211 26.20 1.44 -19.50
C ALA B 211 26.48 2.13 -18.16
N ALA B 212 27.73 2.21 -17.76
CA ALA B 212 28.08 2.97 -16.57
C ALA B 212 27.67 4.43 -16.66
N ALA B 213 27.87 5.05 -17.83
CA ALA B 213 27.49 6.46 -18.01
C ALA B 213 26.00 6.64 -17.94
N LEU B 214 25.21 5.82 -18.62
CA LEU B 214 23.77 6.01 -18.59
C LEU B 214 23.24 5.84 -17.15
N SER B 215 23.74 4.81 -16.46
CA SER B 215 23.32 4.57 -15.10
C SER B 215 23.69 5.72 -14.17
N THR B 216 24.91 6.26 -14.30
CA THR B 216 25.31 7.38 -13.49
C THR B 216 24.50 8.62 -13.79
N ILE B 217 24.22 8.89 -15.03
CA ILE B 217 23.42 10.00 -15.40
C ILE B 217 22.07 9.90 -14.71
N LEU B 218 21.41 8.75 -14.84
CA LEU B 218 20.07 8.59 -14.24
C LEU B 218 20.13 8.71 -12.69
N GLU B 219 21.09 8.03 -12.07
CA GLU B 219 21.18 8.07 -10.62
C GLU B 219 21.46 9.48 -10.11
N GLN B 220 22.47 10.15 -10.70
CA GLN B 220 22.86 11.48 -10.18
C GLN B 220 21.80 12.50 -10.56
N THR B 221 21.11 12.38 -11.68
CA THR B 221 20.00 13.27 -11.99
C THR B 221 18.89 13.10 -10.91
N ALA B 222 18.58 11.83 -10.52
CA ALA B 222 17.64 11.61 -9.40
C ALA B 222 18.10 12.30 -8.14
N MET B 223 19.40 12.32 -7.88
CA MET B 223 19.89 12.97 -6.65
C MET B 223 19.57 14.48 -6.59
N PHE B 224 19.54 15.09 -7.79
CA PHE B 224 19.03 16.48 -7.86
C PHE B 224 17.58 16.57 -7.58
N GLU B 225 16.77 15.69 -8.18
CA GLU B 225 15.32 15.71 -7.98
C GLU B 225 14.93 15.43 -6.51
N MET B 226 15.76 14.62 -5.83
CA MET B 226 15.50 14.25 -4.45
C MET B 226 15.97 15.35 -3.49
N GLY B 227 16.70 16.36 -4.01
CA GLY B 227 17.32 17.36 -3.17
C GLY B 227 18.64 16.99 -2.53
N ASP B 228 19.12 15.78 -2.76
CA ASP B 228 20.38 15.37 -2.15
C ASP B 228 21.56 16.18 -2.69
N ALA B 229 21.49 16.59 -3.94
CA ALA B 229 22.60 17.37 -4.54
C ALA B 229 22.32 18.83 -4.46
N VAL B 230 21.74 19.32 -3.41
CA VAL B 230 21.49 20.74 -3.18
C VAL B 230 22.43 21.24 -2.07
N GLY B 231 22.97 22.43 -2.23
CA GLY B 231 23.72 23.05 -1.12
C GLY B 231 25.03 22.33 -0.87
N ALA B 232 25.21 21.91 0.36
CA ALA B 232 26.53 21.39 0.78
C ALA B 232 27.03 20.20 0.00
N PHE B 233 26.14 19.36 -0.54
CA PHE B 233 26.40 18.12 -1.16
CA PHE B 233 26.68 18.09 -1.17
C PHE B 233 26.56 18.16 -2.69
N GLU B 234 26.22 19.31 -3.27
CA GLU B 234 26.11 19.40 -4.72
C GLU B 234 27.45 19.04 -5.43
N ARG B 235 28.55 19.63 -4.94
CA ARG B 235 29.83 19.37 -5.57
C ARG B 235 30.22 17.89 -5.46
N MET B 236 29.95 17.25 -4.32
CA MET B 236 30.21 15.80 -4.14
CA MET B 236 30.26 15.85 -4.15
CA MET B 236 30.29 15.85 -4.19
C MET B 236 29.52 15.00 -5.21
N HIS B 237 28.26 15.31 -5.44
CA HIS B 237 27.49 14.58 -6.44
C HIS B 237 28.01 14.84 -7.86
N LEU B 238 28.30 16.11 -8.21
CA LEU B 238 28.86 16.41 -9.52
C LEU B 238 30.21 15.72 -9.75
N LEU B 239 31.07 15.77 -8.77
CA LEU B 239 32.37 15.13 -8.94
C LEU B 239 32.20 13.63 -9.07
N GLY B 240 31.21 13.02 -8.38
CA GLY B 240 30.89 11.56 -8.56
C GLY B 240 30.43 11.28 -9.93
N LEU B 241 29.53 12.07 -10.45
CA LEU B 241 29.09 11.89 -11.78
C LEU B 241 30.26 11.91 -12.75
N ALA B 242 31.09 12.95 -12.62
CA ALA B 242 32.19 13.18 -13.58
C ALA B 242 33.20 12.03 -13.48
N TYR B 243 33.69 11.72 -12.29
CA TYR B 243 34.80 10.78 -12.16
C TYR B 243 34.37 9.31 -12.24
N GLN B 244 33.20 8.99 -11.67
CA GLN B 244 32.75 7.56 -11.65
C GLN B 244 32.01 7.23 -12.90
N GLY B 245 31.26 8.14 -13.46
CA GLY B 245 30.40 7.82 -14.57
C GLY B 245 30.75 8.38 -15.93
N MET B 246 31.52 9.46 -15.97
CA MET B 246 31.92 10.10 -17.23
C MET B 246 33.41 9.91 -17.49
N ASN B 247 34.11 9.07 -16.75
CA ASN B 247 35.55 8.85 -17.02
C ASN B 247 36.35 10.17 -17.07
N ALA B 248 36.01 11.08 -16.18
CA ALA B 248 36.76 12.34 -16.11
C ALA B 248 38.23 12.05 -15.89
N ASP B 249 39.06 12.86 -16.58
CA ASP B 249 40.53 12.79 -16.52
C ASP B 249 41.05 11.42 -16.95
N ASN B 250 40.21 10.60 -17.57
CA ASN B 250 40.58 9.25 -17.99
C ASN B 250 40.93 8.38 -16.83
N LEU B 251 40.47 8.72 -15.60
CA LEU B 251 40.96 7.99 -14.42
C LEU B 251 40.44 6.54 -14.39
N VAL B 252 39.14 6.34 -14.59
CA VAL B 252 38.64 4.96 -14.62
C VAL B 252 39.37 4.13 -15.72
N PHE B 253 39.43 4.71 -16.92
CA PHE B 253 40.03 4.01 -18.01
C PHE B 253 41.47 3.62 -17.72
N ASP B 254 42.25 4.57 -17.19
CA ASP B 254 43.68 4.30 -16.93
C ASP B 254 43.92 3.33 -15.80
N LEU B 255 43.02 3.32 -14.80
CA LEU B 255 43.13 2.30 -13.75
C LEU B 255 42.81 0.91 -14.31
N VAL B 256 41.79 0.83 -15.16
CA VAL B 256 41.49 -0.46 -15.79
C VAL B 256 42.66 -0.92 -16.68
N LYS B 257 43.20 0.00 -17.45
CA LYS B 257 44.35 -0.35 -18.33
C LYS B 257 45.49 -0.91 -17.50
N ALA B 258 45.82 -0.24 -16.40
CA ALA B 258 46.94 -0.65 -15.58
C ALA B 258 46.69 -1.97 -14.84
N ASN B 259 45.42 -2.38 -14.64
CA ASN B 259 45.10 -3.53 -13.78
C ASN B 259 44.40 -4.65 -14.50
N GLY B 260 44.15 -4.48 -15.78
CA GLY B 260 43.30 -5.44 -16.45
C GLY B 260 43.95 -6.77 -16.77
N LYS B 261 45.27 -6.77 -16.98
CA LYS B 261 45.96 -8.03 -17.36
C LYS B 261 46.07 -9.00 -16.22
N GLU B 262 46.41 -8.51 -15.03
CA GLU B 262 46.69 -9.40 -13.91
C GLU B 262 46.10 -8.92 -12.59
N GLY B 263 45.39 -7.79 -12.63
CA GLY B 263 45.01 -7.12 -11.39
C GLY B 263 43.80 -7.70 -10.68
N THR B 264 43.65 -7.20 -9.47
CA THR B 264 42.63 -7.61 -8.48
C THR B 264 42.01 -6.31 -7.95
N VAL B 265 41.00 -6.46 -7.09
CA VAL B 265 40.44 -5.30 -6.41
C VAL B 265 41.58 -4.62 -5.62
N GLY B 266 42.39 -5.41 -4.93
CA GLY B 266 43.47 -4.83 -4.12
C GLY B 266 44.49 -4.07 -4.95
N SER B 267 44.81 -4.54 -6.13
CA SER B 267 45.82 -3.81 -6.91
C SER B 267 45.26 -2.52 -7.46
N VAL B 268 43.97 -2.48 -7.79
CA VAL B 268 43.32 -1.22 -8.15
C VAL B 268 43.34 -0.23 -7.01
N ILE B 269 43.03 -0.67 -5.79
CA ILE B 269 43.08 0.21 -4.60
C ILE B 269 44.47 0.84 -4.51
N ALA B 270 45.51 0.01 -4.61
CA ALA B 270 46.88 0.55 -4.43
C ALA B 270 47.15 1.62 -5.47
N ASP B 271 46.75 1.38 -6.71
CA ASP B 271 46.96 2.37 -7.78
C ASP B 271 46.18 3.65 -7.53
N LEU B 272 44.94 3.52 -7.01
CA LEU B 272 44.13 4.72 -6.77
C LEU B 272 44.70 5.53 -5.66
N VAL B 273 45.12 4.88 -4.58
CA VAL B 273 45.71 5.65 -3.48
C VAL B 273 46.99 6.38 -3.95
N GLU B 274 47.81 5.67 -4.72
CA GLU B 274 49.02 6.30 -5.31
C GLU B 274 48.64 7.52 -6.12
N ARG B 275 47.63 7.44 -6.96
CA ARG B 275 47.22 8.52 -7.83
C ARG B 275 46.64 9.67 -7.02
N ALA B 276 45.85 9.42 -5.96
CA ALA B 276 45.31 10.44 -5.14
C ALA B 276 46.43 11.21 -4.43
N LEU B 277 47.41 10.47 -3.95
CA LEU B 277 48.58 11.14 -3.30
C LEU B 277 49.36 11.99 -4.36
N GLU B 278 49.60 11.43 -5.53
CA GLU B 278 50.35 12.13 -6.59
C GLU B 278 49.65 13.42 -6.96
N ASP B 279 48.31 13.44 -6.99
CA ASP B 279 47.56 14.60 -7.36
C ASP B 279 47.27 15.56 -6.24
N GLY B 280 47.73 15.28 -5.03
CA GLY B 280 47.52 16.19 -3.89
C GLY B 280 46.11 16.07 -3.33
N VAL B 281 45.33 15.03 -3.69
CA VAL B 281 43.98 14.85 -3.17
C VAL B 281 44.09 14.40 -1.72
N ILE B 282 45.07 13.57 -1.38
CA ILE B 282 45.30 13.15 0.01
C ILE B 282 46.76 13.41 0.32
N LYS B 283 47.05 13.35 1.59
CA LYS B 283 48.42 13.60 2.08
C LYS B 283 48.58 12.82 3.35
N VAL B 284 49.79 12.43 3.72
CA VAL B 284 50.00 11.80 5.05
C VAL B 284 49.75 12.80 6.16
N GLU B 285 48.87 12.48 7.10
CA GLU B 285 48.52 13.33 8.20
C GLU B 285 49.37 12.97 9.41
N LYS B 286 49.62 11.69 9.66
CA LYS B 286 50.53 11.33 10.75
C LYS B 286 51.01 9.92 10.59
N GLU B 287 52.06 9.55 11.33
CA GLU B 287 52.66 8.25 11.24
C GLU B 287 52.34 7.48 12.53
N LEU B 288 51.71 6.32 12.40
CA LEU B 288 51.65 5.36 13.49
C LEU B 288 52.80 4.38 13.28
N THR B 289 52.78 3.25 13.94
CA THR B 289 53.90 2.30 13.85
C THR B 289 53.82 1.58 12.49
N ASP B 290 54.76 1.83 11.59
CA ASP B 290 54.79 1.25 10.27
C ASP B 290 53.46 1.40 9.54
N TYR B 291 52.82 2.56 9.69
CA TYR B 291 51.46 2.77 9.10
C TYR B 291 51.26 4.26 8.94
N LYS B 292 50.98 4.71 7.75
CA LYS B 292 50.71 6.09 7.46
C LYS B 292 49.20 6.35 7.52
N VAL B 293 48.79 7.37 8.27
CA VAL B 293 47.38 7.80 8.32
C VAL B 293 47.18 8.94 7.33
N TYR B 294 46.38 8.77 6.30
CA TYR B 294 46.15 9.79 5.29
C TYR B 294 44.99 10.69 5.69
N GLY B 295 45.12 11.97 5.34
CA GLY B 295 44.07 12.93 5.47
C GLY B 295 43.77 13.58 4.14
N THR B 296 42.72 14.38 4.12
CA THR B 296 42.39 15.16 2.92
C THR B 296 41.83 16.52 3.34
N ASP B 297 42.14 17.54 2.53
CA ASP B 297 41.47 18.83 2.65
C ASP B 297 40.31 19.00 1.69
N ASP B 298 39.90 17.91 1.01
CA ASP B 298 38.82 18.00 0.03
C ASP B 298 38.12 16.64 -0.01
N LEU B 299 37.23 16.45 0.94
CA LEU B 299 36.52 15.17 1.04
C LEU B 299 35.73 14.83 -0.20
N ALA B 300 35.12 15.81 -0.90
CA ALA B 300 34.34 15.47 -2.07
C ALA B 300 35.24 14.93 -3.16
N MET B 301 36.47 15.49 -3.31
CA MET B 301 37.41 15.03 -4.32
C MET B 301 37.99 13.69 -3.96
N TRP B 302 38.35 13.49 -2.70
CA TRP B 302 38.74 12.14 -2.32
C TRP B 302 37.63 11.12 -2.64
N ASN B 303 36.39 11.50 -2.31
CA ASN B 303 35.27 10.61 -2.58
C ASN B 303 35.15 10.26 -4.06
N ALA B 304 35.39 11.25 -4.92
CA ALA B 304 35.29 11.05 -6.35
C ALA B 304 36.41 10.17 -6.92
N TYR B 305 37.63 10.39 -6.43
CA TYR B 305 38.74 9.54 -6.81
C TYR B 305 38.43 8.11 -6.33
N ALA B 306 38.05 7.99 -5.05
CA ALA B 306 37.73 6.64 -4.60
C ALA B 306 36.61 6.00 -5.41
N ALA B 307 35.63 6.77 -5.84
CA ALA B 307 34.53 6.23 -6.65
C ALA B 307 35.02 5.79 -8.04
N ALA B 308 35.95 6.55 -8.63
CA ALA B 308 36.56 6.11 -9.91
C ALA B 308 37.27 4.76 -9.69
N GLY B 309 38.04 4.66 -8.60
CA GLY B 309 38.71 3.40 -8.32
C GLY B 309 37.71 2.24 -8.15
N LEU B 310 36.56 2.55 -7.54
CA LEU B 310 35.53 1.54 -7.29
C LEU B 310 34.97 1.00 -8.59
N MET B 311 34.69 1.90 -9.52
CA MET B 311 34.25 1.50 -10.86
C MET B 311 35.31 0.66 -11.57
N ALA B 312 36.57 1.14 -11.53
CA ALA B 312 37.66 0.39 -12.16
C ALA B 312 37.82 -0.98 -11.50
N ALA B 313 37.66 -1.08 -10.19
CA ALA B 313 37.79 -2.37 -9.52
C ALA B 313 36.68 -3.32 -9.93
N THR B 314 35.47 -2.81 -10.16
CA THR B 314 34.41 -3.65 -10.71
C THR B 314 34.75 -4.14 -12.10
N MET B 315 35.21 -3.23 -12.94
CA MET B 315 35.55 -3.62 -14.31
C MET B 315 36.67 -4.66 -14.31
N VAL B 316 37.64 -4.53 -13.41
CA VAL B 316 38.74 -5.51 -13.33
C VAL B 316 38.28 -6.85 -12.76
N ASN B 317 37.51 -6.81 -11.68
CA ASN B 317 37.14 -8.02 -10.99
C ASN B 317 36.07 -8.80 -11.77
N GLN B 318 34.98 -8.12 -12.09
CA GLN B 318 33.89 -8.77 -12.81
C GLN B 318 34.26 -8.91 -14.29
N GLY B 319 35.10 -8.02 -14.84
CA GLY B 319 35.61 -8.22 -16.20
C GLY B 319 36.51 -9.46 -16.29
N ALA B 320 37.28 -9.76 -15.26
CA ALA B 320 38.14 -10.95 -15.28
C ALA B 320 37.29 -12.21 -15.20
N ALA B 321 36.23 -12.20 -14.35
CA ALA B 321 35.35 -13.35 -14.28
C ALA B 321 34.40 -13.47 -15.42
N ARG B 322 34.19 -12.37 -16.12
CA ARG B 322 33.07 -12.22 -17.09
C ARG B 322 31.75 -12.72 -16.52
N ALA B 323 31.56 -12.45 -15.22
CA ALA B 323 30.42 -12.95 -14.42
C ALA B 323 30.09 -11.84 -13.45
N ALA B 324 28.85 -11.37 -13.49
CA ALA B 324 28.48 -10.14 -12.75
C ALA B 324 28.33 -10.31 -11.25
N GLN B 325 28.12 -11.56 -10.79
CA GLN B 325 27.68 -11.74 -9.40
C GLN B 325 28.60 -11.07 -8.37
N GLY B 326 29.92 -11.12 -8.60
CA GLY B 326 30.83 -10.58 -7.65
C GLY B 326 30.88 -9.09 -7.53
N VAL B 327 30.09 -8.37 -8.30
CA VAL B 327 30.00 -6.92 -8.10
C VAL B 327 29.55 -6.61 -6.69
N SER B 328 28.70 -7.43 -6.08
CA SER B 328 28.28 -7.13 -4.71
C SER B 328 29.48 -7.21 -3.76
N SER B 329 30.37 -8.15 -4.00
CA SER B 329 31.60 -8.32 -3.21
C SER B 329 32.59 -7.16 -3.50
N THR B 330 32.80 -6.83 -4.76
CA THR B 330 33.66 -5.69 -5.05
C THR B 330 33.18 -4.41 -4.36
N LEU B 331 31.88 -4.14 -4.47
CA LEU B 331 31.33 -2.91 -3.85
C LEU B 331 31.56 -2.91 -2.37
N LEU B 332 31.61 -4.08 -1.74
CA LEU B 332 31.84 -4.16 -0.34
C LEU B 332 33.33 -3.99 0.01
N TYR B 333 34.14 -4.91 -0.51
CA TYR B 333 35.55 -4.97 -0.11
C TYR B 333 36.44 -3.97 -0.72
N TYR B 334 36.10 -3.38 -1.85
CA TYR B 334 36.89 -2.22 -2.27
C TYR B 334 36.84 -1.17 -1.20
N ASN B 335 35.64 -0.89 -0.65
CA ASN B 335 35.44 0.11 0.39
C ASN B 335 36.00 -0.27 1.72
N ASP B 336 35.78 -1.50 2.14
CA ASP B 336 36.29 -1.94 3.40
C ASP B 336 37.82 -1.90 3.35
N LEU B 337 38.41 -2.46 2.30
CA LEU B 337 39.91 -2.46 2.20
C LEU B 337 40.44 -1.03 2.14
N ILE B 338 39.83 -0.15 1.39
CA ILE B 338 40.47 1.17 1.22
C ILE B 338 40.45 1.95 2.50
N GLU B 339 39.47 1.76 3.38
CA GLU B 339 39.46 2.44 4.67
C GLU B 339 40.62 1.98 5.53
N PHE B 340 40.87 0.70 5.64
CA PHE B 340 41.99 0.23 6.49
C PHE B 340 43.33 0.44 5.78
N GLU B 341 43.34 0.64 4.47
CA GLU B 341 44.55 0.99 3.74
C GLU B 341 44.97 2.43 4.09
N THR B 342 44.01 3.33 4.39
CA THR B 342 44.31 4.76 4.36
C THR B 342 43.99 5.49 5.66
N GLY B 343 43.00 5.03 6.42
CA GLY B 343 42.42 5.86 7.47
C GLY B 343 41.43 6.93 6.99
N LEU B 344 41.00 6.84 5.74
CA LEU B 344 40.00 7.77 5.19
C LEU B 344 38.70 7.02 4.97
N PRO B 345 37.58 7.73 4.96
CA PRO B 345 36.27 7.07 4.73
C PRO B 345 36.14 6.63 3.29
N SER B 346 35.42 5.53 3.13
CA SER B 346 35.14 4.95 1.83
C SER B 346 34.10 5.71 1.05
N VAL B 347 33.74 5.22 -0.15
CA VAL B 347 32.90 5.97 -1.08
C VAL B 347 31.53 6.19 -0.44
N ASP B 348 31.06 7.44 -0.50
CA ASP B 348 29.74 7.77 0.08
C ASP B 348 29.72 7.54 1.55
N PHE B 349 30.90 7.68 2.19
CA PHE B 349 31.03 7.68 3.65
CA PHE B 349 31.08 7.65 3.64
C PHE B 349 30.50 6.41 4.32
N GLY B 350 30.69 5.27 3.63
CA GLY B 350 30.23 4.00 4.12
C GLY B 350 28.98 3.51 3.43
N LYS B 351 28.25 4.38 2.72
CA LYS B 351 26.96 3.96 2.17
CA LYS B 351 26.95 3.96 2.17
C LYS B 351 27.11 3.01 1.01
N VAL B 352 28.21 3.08 0.21
CA VAL B 352 28.37 2.04 -0.80
C VAL B 352 28.65 0.73 -0.09
N GLU B 353 29.53 0.70 0.88
CA GLU B 353 29.80 -0.55 1.58
C GLU B 353 28.54 -1.15 2.18
N GLY B 354 27.71 -0.32 2.81
CA GLY B 354 26.46 -0.84 3.38
C GLY B 354 25.51 -1.33 2.32
N THR B 355 25.33 -0.59 1.23
CA THR B 355 24.52 -1.09 0.12
C THR B 355 25.06 -2.44 -0.29
N ALA B 356 26.39 -2.57 -0.41
CA ALA B 356 26.99 -3.81 -0.88
C ALA B 356 26.77 -4.97 0.09
N VAL B 357 26.74 -4.73 1.38
CA VAL B 357 26.47 -5.80 2.34
C VAL B 357 25.08 -6.37 2.04
N GLY B 358 24.06 -5.48 2.00
CA GLY B 358 22.69 -5.95 1.69
C GLY B 358 22.54 -6.55 0.35
N PHE B 359 23.18 -5.93 -0.65
CA PHE B 359 23.09 -6.44 -2.00
C PHE B 359 23.74 -7.82 -2.09
N SER B 360 24.88 -8.01 -1.45
CA SER B 360 25.51 -9.35 -1.43
C SER B 360 24.52 -10.37 -0.82
N PHE B 361 23.98 -10.05 0.33
CA PHE B 361 23.00 -10.93 0.97
C PHE B 361 21.81 -11.24 0.03
N PHE B 362 21.20 -10.21 -0.54
CA PHE B 362 20.01 -10.37 -1.36
C PHE B 362 20.33 -10.75 -2.80
N SER B 363 21.58 -11.18 -3.07
CA SER B 363 21.87 -11.82 -4.32
C SER B 363 22.53 -13.20 -4.09
N HIS B 364 22.51 -13.65 -2.85
CA HIS B 364 23.06 -15.00 -2.54
C HIS B 364 22.23 -15.68 -1.45
N SER B 365 20.94 -15.33 -1.29
CA SER B 365 20.16 -15.85 -0.17
C SER B 365 18.72 -16.17 -0.61
N ILE B 366 17.96 -16.75 0.34
CA ILE B 366 16.59 -17.13 0.01
C ILE B 366 15.61 -15.97 0.10
N TYR B 367 16.00 -14.82 0.68
CA TYR B 367 14.99 -13.92 1.24
C TYR B 367 14.42 -12.95 0.26
N GLY B 368 15.06 -12.67 -0.87
CA GLY B 368 14.54 -11.66 -1.82
C GLY B 368 15.66 -11.35 -2.75
N GLY B 369 15.58 -10.21 -3.45
CA GLY B 369 16.60 -9.84 -4.42
C GLY B 369 16.53 -10.66 -5.63
N GLY B 370 17.69 -11.14 -6.07
CA GLY B 370 17.84 -11.87 -7.34
C GLY B 370 19.24 -11.63 -7.88
N GLY B 371 19.43 -11.80 -9.16
CA GLY B 371 20.70 -11.50 -9.79
C GLY B 371 20.93 -10.00 -9.93
N PRO B 372 22.18 -9.60 -10.20
CA PRO B 372 22.53 -8.16 -10.28
C PRO B 372 21.63 -7.35 -11.19
N GLY B 373 21.20 -7.92 -12.32
CA GLY B 373 20.50 -7.19 -13.32
C GLY B 373 19.09 -6.73 -12.94
N ILE B 374 18.48 -7.33 -11.90
CA ILE B 374 17.12 -6.97 -11.53
C ILE B 374 17.10 -5.86 -10.49
N PHE B 375 18.24 -5.40 -9.98
CA PHE B 375 18.27 -4.31 -9.04
C PHE B 375 18.18 -2.97 -9.78
N ASN B 376 18.01 -1.90 -8.99
CA ASN B 376 17.86 -0.52 -9.50
C ASN B 376 17.97 0.39 -8.30
N GLY B 377 18.17 1.68 -8.55
CA GLY B 377 18.30 2.63 -7.48
C GLY B 377 17.07 2.80 -6.57
N ASN B 378 15.90 2.35 -7.04
CA ASN B 378 14.68 2.38 -6.24
C ASN B 378 14.46 1.09 -5.48
N HIS B 379 15.26 0.07 -5.73
CA HIS B 379 15.02 -1.23 -5.03
C HIS B 379 15.37 -1.00 -3.56
N ILE B 380 14.59 -1.59 -2.66
CA ILE B 380 14.88 -1.40 -1.26
C ILE B 380 16.29 -1.86 -0.87
N VAL B 381 16.83 -2.86 -1.60
CA VAL B 381 18.16 -3.33 -1.25
C VAL B 381 19.27 -2.30 -1.63
N THR B 382 19.05 -1.59 -2.73
CA THR B 382 20.15 -0.82 -3.37
C THR B 382 19.83 0.63 -3.52
N ARG B 383 18.94 1.19 -2.72
CA ARG B 383 18.62 2.63 -2.76
C ARG B 383 19.56 3.45 -1.89
N HIS B 384 20.37 2.85 -1.01
CA HIS B 384 20.96 3.58 0.12
C HIS B 384 22.11 4.50 -0.25
N SER B 385 23.01 4.03 -1.10
CA SER B 385 24.05 4.93 -1.64
C SER B 385 23.39 5.89 -2.63
N LYS B 386 23.85 7.13 -2.58
CA LYS B 386 23.26 8.20 -3.35
C LYS B 386 23.93 8.34 -4.72
N GLY B 387 23.89 7.27 -5.46
CA GLY B 387 24.29 7.23 -6.86
C GLY B 387 25.58 6.51 -7.11
N PHE B 388 26.30 6.04 -6.12
CA PHE B 388 27.66 5.55 -6.29
C PHE B 388 27.79 4.03 -6.39
N ALA B 389 26.65 3.31 -6.30
CA ALA B 389 26.66 1.85 -6.36
C ALA B 389 26.11 1.26 -7.60
N ILE B 390 24.89 1.65 -7.97
CA ILE B 390 24.22 1.10 -9.12
C ILE B 390 25.00 1.17 -10.43
N PRO B 391 25.73 2.27 -10.72
CA PRO B 391 26.45 2.28 -12.00
C PRO B 391 27.49 1.19 -12.11
N CYS B 392 28.05 0.75 -10.99
CA CYS B 392 28.98 -0.36 -11.00
C CYS B 392 28.27 -1.68 -11.33
N VAL B 393 27.04 -1.82 -10.87
CA VAL B 393 26.24 -2.98 -11.22
C VAL B 393 25.94 -3.00 -12.68
N ALA B 394 25.64 -1.83 -13.27
CA ALA B 394 25.44 -1.76 -14.71
C ALA B 394 26.71 -2.19 -15.47
N ALA B 395 27.88 -1.69 -15.04
CA ALA B 395 29.13 -2.08 -15.71
C ALA B 395 29.32 -3.61 -15.57
N ALA B 396 29.06 -4.16 -14.39
CA ALA B 396 29.25 -5.60 -14.19
C ALA B 396 28.32 -6.41 -15.08
N MET B 397 27.07 -6.00 -15.20
CA MET B 397 26.12 -6.76 -16.05
C MET B 397 26.48 -6.61 -17.51
N ALA B 398 27.00 -5.47 -17.94
CA ALA B 398 27.44 -5.30 -19.34
C ALA B 398 28.59 -6.29 -19.60
N LEU B 399 29.44 -6.59 -18.60
CA LEU B 399 30.56 -7.51 -18.75
C LEU B 399 30.16 -8.97 -18.57
N ASP B 400 28.95 -9.31 -18.17
CA ASP B 400 28.59 -10.70 -17.93
C ASP B 400 28.47 -11.46 -19.27
N ALA B 401 29.16 -12.56 -19.38
CA ALA B 401 29.22 -13.28 -20.68
C ALA B 401 28.13 -14.31 -20.84
N GLY B 402 27.23 -14.47 -19.87
CA GLY B 402 26.11 -15.43 -19.96
C GLY B 402 25.94 -16.28 -18.75
N THR B 403 26.18 -15.76 -17.55
CA THR B 403 26.06 -16.57 -16.34
C THR B 403 24.71 -16.44 -15.65
N GLN B 404 23.85 -15.55 -16.15
CA GLN B 404 22.61 -15.17 -15.44
C GLN B 404 21.39 -15.78 -16.07
N MET B 405 20.43 -16.24 -15.29
CA MET B 405 19.17 -16.65 -15.84
CA MET B 405 19.12 -16.64 -15.84
C MET B 405 18.32 -15.39 -16.19
N PHE B 406 18.29 -14.44 -15.26
CA PHE B 406 17.53 -13.19 -15.46
C PHE B 406 18.46 -12.15 -16.04
N SER B 407 18.85 -12.41 -17.28
CA SER B 407 19.76 -11.60 -18.06
C SER B 407 18.97 -10.51 -18.78
N PRO B 408 19.69 -9.55 -19.40
CA PRO B 408 18.96 -8.52 -20.14
C PRO B 408 18.21 -9.12 -21.31
N GLU B 409 18.74 -10.23 -21.88
CA GLU B 409 18.02 -10.92 -22.93
C GLU B 409 16.71 -11.46 -22.42
N ALA B 410 16.65 -11.90 -21.18
CA ALA B 410 15.45 -12.45 -20.62
C ALA B 410 14.48 -11.37 -20.18
N THR B 411 14.91 -10.27 -19.57
CA THR B 411 14.05 -9.30 -18.92
C THR B 411 13.75 -8.07 -19.79
N SER B 412 14.57 -7.81 -20.78
CA SER B 412 14.60 -6.47 -21.36
C SER B 412 14.60 -6.46 -22.90
N GLY B 413 14.14 -7.52 -23.53
CA GLY B 413 14.18 -7.58 -25.00
C GLY B 413 13.36 -6.54 -25.73
N LEU B 414 12.17 -6.21 -25.22
CA LEU B 414 11.33 -5.20 -25.83
C LEU B 414 11.98 -3.84 -25.64
N ILE B 415 12.46 -3.57 -24.42
CA ILE B 415 13.17 -2.35 -24.16
C ILE B 415 14.43 -2.23 -25.05
N LYS B 416 15.20 -3.29 -25.19
CA LYS B 416 16.38 -3.28 -26.04
C LYS B 416 16.03 -2.85 -27.46
N GLU B 417 15.05 -3.51 -28.06
CA GLU B 417 14.78 -3.29 -29.48
C GLU B 417 14.39 -1.85 -29.74
N VAL B 418 13.63 -1.23 -28.85
CA VAL B 418 13.17 0.17 -29.04
C VAL B 418 14.15 1.16 -28.52
N PHE B 419 14.58 1.05 -27.28
CA PHE B 419 15.38 2.11 -26.64
C PHE B 419 16.81 2.19 -27.20
N SER B 420 17.39 1.06 -27.62
CA SER B 420 18.74 1.13 -28.21
C SER B 420 18.74 1.87 -29.53
N GLN B 421 17.58 2.09 -30.16
CA GLN B 421 17.51 2.90 -31.39
C GLN B 421 17.86 4.33 -31.14
N VAL B 422 17.69 4.84 -29.92
CA VAL B 422 17.84 6.22 -29.66
C VAL B 422 19.30 6.52 -29.36
N ASP B 423 19.96 7.30 -30.23
CA ASP B 423 21.42 7.52 -30.09
C ASP B 423 21.84 8.01 -28.73
N GLU B 424 21.08 8.95 -28.17
CA GLU B 424 21.44 9.52 -26.91
C GLU B 424 21.27 8.54 -25.71
N PHE B 425 20.36 7.57 -25.85
CA PHE B 425 20.20 6.53 -24.82
C PHE B 425 21.33 5.52 -24.92
N ARG B 426 21.73 5.21 -26.17
CA ARG B 426 22.67 4.14 -26.41
C ARG B 426 24.10 4.56 -26.16
N GLU B 427 24.43 5.80 -26.53
CA GLU B 427 25.81 6.31 -26.40
C GLU B 427 25.83 7.60 -25.63
N PRO B 428 25.29 7.62 -24.39
CA PRO B 428 25.17 8.87 -23.70
C PRO B 428 26.51 9.50 -23.41
N LEU B 429 27.57 8.72 -23.23
CA LEU B 429 28.87 9.31 -22.90
C LEU B 429 29.31 10.20 -24.06
N LYS B 430 28.99 9.82 -25.28
CA LYS B 430 29.33 10.64 -26.44
C LYS B 430 28.58 11.97 -26.39
N TYR B 431 27.27 11.92 -26.24
CA TYR B 431 26.45 13.10 -26.32
C TYR B 431 26.58 14.03 -25.13
N VAL B 432 26.76 13.51 -23.93
CA VAL B 432 26.89 14.38 -22.77
C VAL B 432 28.24 15.10 -22.79
N VAL B 433 29.29 14.40 -23.17
CA VAL B 433 30.61 15.07 -23.36
C VAL B 433 30.54 16.12 -24.45
N GLU B 434 29.95 15.82 -25.60
CA GLU B 434 29.86 16.85 -26.65
C GLU B 434 29.12 18.07 -26.17
N ALA B 435 28.01 17.88 -25.44
CA ALA B 435 27.23 18.96 -24.96
C ALA B 435 27.98 19.78 -23.92
N ALA B 436 28.74 19.10 -23.07
CA ALA B 436 29.52 19.81 -22.04
C ALA B 436 30.58 20.70 -22.73
N ALA B 437 31.21 20.19 -23.79
CA ALA B 437 32.23 20.97 -24.50
C ALA B 437 31.54 22.13 -25.15
N GLU B 438 30.35 21.95 -25.70
CA GLU B 438 29.67 23.04 -26.37
C GLU B 438 29.34 24.23 -25.43
N ILE B 439 29.01 23.93 -24.17
CA ILE B 439 28.61 24.97 -23.21
C ILE B 439 29.75 25.36 -22.29
N LYS B 440 30.94 24.92 -22.59
CA LYS B 440 32.03 25.13 -21.64
C LYS B 440 32.28 26.58 -21.26
N ASN B 441 32.02 27.51 -22.20
CA ASN B 441 32.29 28.92 -21.91
C ASN B 441 31.06 29.66 -21.54
N GLU B 442 29.96 28.95 -21.19
CA GLU B 442 28.72 29.53 -20.72
C GLU B 442 28.47 29.16 -19.24
N ILE B 443 29.40 28.45 -18.63
CA ILE B 443 29.20 27.95 -17.26
C ILE B 443 29.98 28.78 -16.26
N ALA C 2 51.57 -1.60 -0.39
CA ALA C 2 50.30 -1.33 0.40
C ALA C 2 50.52 -1.65 1.86
N GLN C 3 49.74 -1.02 2.72
CA GLN C 3 49.92 -1.26 4.15
C GLN C 3 48.88 -2.17 4.80
N TYR C 4 47.70 -2.28 4.16
CA TYR C 4 46.65 -3.25 4.52
C TYR C 4 45.92 -3.05 5.86
N TYR C 5 46.60 -2.90 6.98
CA TYR C 5 45.91 -2.95 8.25
C TYR C 5 46.80 -2.31 9.26
N PRO C 6 46.30 -1.49 10.17
CA PRO C 6 47.11 -0.88 11.25
C PRO C 6 47.24 -1.86 12.41
N GLY C 7 48.22 -1.64 13.28
CA GLY C 7 48.31 -2.36 14.53
C GLY C 7 49.68 -3.00 14.75
N THR C 8 49.97 -3.32 15.98
CA THR C 8 51.35 -3.74 16.33
C THR C 8 51.36 -5.09 17.00
N THR C 9 50.26 -5.84 16.93
CA THR C 9 50.19 -7.19 17.48
C THR C 9 50.59 -8.22 16.41
N LYS C 10 50.76 -9.46 16.89
CA LYS C 10 50.90 -10.57 15.97
C LYS C 10 49.64 -10.72 15.10
N VAL C 11 48.46 -10.54 15.75
CA VAL C 11 47.18 -10.61 15.01
C VAL C 11 47.21 -9.64 13.82
N ALA C 12 47.59 -8.36 14.12
CA ALA C 12 47.56 -7.37 13.05
C ALA C 12 48.53 -7.75 11.92
N GLN C 13 49.74 -8.18 12.29
CA GLN C 13 50.70 -8.59 11.26
C GLN C 13 50.21 -9.80 10.40
N ASN C 14 49.55 -10.75 11.11
CA ASN C 14 49.00 -11.94 10.41
C ASN C 14 47.90 -11.50 9.42
N ARG C 15 47.10 -10.49 9.85
CA ARG C 15 46.08 -9.97 8.95
C ARG C 15 46.67 -9.33 7.71
N ARG C 16 47.76 -8.58 7.93
CA ARG C 16 48.50 -7.99 6.81
C ARG C 16 49.07 -9.08 5.88
N ASN C 17 49.66 -10.10 6.52
CA ASN C 17 50.28 -11.20 5.74
C ASN C 17 49.27 -11.91 4.83
N PHE C 18 48.09 -12.21 5.39
CA PHE C 18 47.08 -12.85 4.56
C PHE C 18 46.68 -11.99 3.39
N CYS C 19 46.62 -10.67 3.57
CA CYS C 19 46.24 -9.81 2.47
C CYS C 19 47.31 -9.54 1.43
N ASN C 20 48.58 -9.61 1.83
CA ASN C 20 49.68 -9.16 0.99
C ASN C 20 50.03 -10.26 0.00
N PRO C 21 49.81 -10.04 -1.30
CA PRO C 21 50.07 -11.12 -2.25
C PRO C 21 51.55 -11.47 -2.36
N GLU C 22 52.43 -10.61 -1.83
CA GLU C 22 53.88 -10.88 -1.83
C GLU C 22 54.31 -11.68 -0.58
N TYR C 23 53.43 -11.90 0.41
CA TYR C 23 53.72 -12.76 1.54
C TYR C 23 53.46 -14.20 1.13
N GLU C 24 54.45 -15.06 1.28
CA GLU C 24 54.30 -16.46 0.92
C GLU C 24 53.58 -17.19 2.01
N LEU C 25 52.35 -17.59 1.75
CA LEU C 25 51.53 -18.34 2.69
C LEU C 25 52.28 -19.63 3.05
N GLU C 26 52.34 -19.97 4.32
CA GLU C 26 53.10 -21.19 4.67
C GLU C 26 52.29 -22.37 4.26
N LYS C 27 52.93 -23.25 3.45
CA LYS C 27 52.31 -24.50 3.11
C LYS C 27 52.50 -25.56 4.18
N LEU C 28 51.42 -26.16 4.70
CA LEU C 28 51.45 -27.03 5.82
C LEU C 28 51.19 -28.48 5.44
N ARG C 29 50.61 -28.73 4.28
CA ARG C 29 50.23 -30.09 3.91
C ARG C 29 50.17 -30.18 2.43
N GLU C 30 50.29 -31.41 1.89
CA GLU C 30 50.17 -31.64 0.47
C GLU C 30 48.86 -32.35 0.22
N ILE C 31 48.12 -31.86 -0.80
CA ILE C 31 46.83 -32.47 -1.20
C ILE C 31 46.87 -32.66 -2.69
N SER C 32 46.47 -33.86 -3.13
CA SER C 32 46.46 -34.07 -4.57
C SER C 32 45.38 -33.24 -5.29
N ASP C 33 45.59 -33.02 -6.60
CA ASP C 33 44.54 -32.37 -7.40
C ASP C 33 43.25 -33.15 -7.32
N GLU C 34 43.30 -34.48 -7.45
CA GLU C 34 42.14 -35.26 -7.34
C GLU C 34 41.37 -35.10 -6.04
N ASP C 35 42.10 -35.04 -4.93
CA ASP C 35 41.49 -34.88 -3.65
C ASP C 35 40.84 -33.48 -3.46
N VAL C 36 41.44 -32.49 -4.07
CA VAL C 36 40.81 -31.15 -4.00
C VAL C 36 39.48 -31.22 -4.75
N VAL C 37 39.44 -31.90 -5.91
CA VAL C 37 38.20 -32.03 -6.67
C VAL C 37 37.14 -32.78 -5.88
N LYS C 38 37.53 -33.85 -5.17
CA LYS C 38 36.66 -34.57 -4.33
C LYS C 38 36.09 -33.74 -3.19
N ILE C 39 36.93 -33.01 -2.49
CA ILE C 39 36.45 -32.16 -1.40
C ILE C 39 35.46 -31.11 -1.91
N LEU C 40 35.78 -30.50 -3.04
CA LEU C 40 34.89 -29.47 -3.60
C LEU C 40 33.52 -30.06 -3.92
N GLY C 41 33.47 -31.29 -4.47
CA GLY C 41 32.20 -31.96 -4.75
C GLY C 41 31.40 -31.48 -5.93
N HIS C 42 32.00 -30.74 -6.85
CA HIS C 42 31.23 -30.21 -7.99
C HIS C 42 31.28 -31.12 -9.21
N ARG C 43 32.40 -31.80 -9.38
CA ARG C 43 32.49 -32.73 -10.52
C ARG C 43 33.25 -34.00 -10.11
N ALA C 44 33.05 -35.04 -10.91
CA ALA C 44 33.61 -36.36 -10.62
C ALA C 44 34.99 -36.40 -11.22
N PRO C 45 35.91 -37.18 -10.60
CA PRO C 45 37.26 -37.20 -11.21
C PRO C 45 37.13 -37.78 -12.62
N GLY C 46 37.80 -37.16 -13.58
CA GLY C 46 37.64 -37.55 -14.99
C GLY C 46 36.51 -36.90 -15.78
N GLU C 47 35.59 -36.20 -15.09
CA GLU C 47 34.52 -35.42 -15.72
C GLU C 47 35.05 -34.09 -16.31
N GLU C 48 34.70 -33.80 -17.57
CA GLU C 48 35.09 -32.53 -18.20
C GLU C 48 34.38 -31.38 -17.50
N TYR C 49 35.02 -30.22 -17.46
CA TYR C 49 34.36 -29.03 -16.84
C TYR C 49 33.06 -28.79 -17.62
N PRO C 50 31.90 -28.73 -16.93
CA PRO C 50 30.64 -28.34 -17.58
C PRO C 50 30.67 -26.87 -17.87
N SER C 51 29.79 -26.41 -18.73
CA SER C 51 29.80 -25.00 -19.11
C SER C 51 28.48 -24.35 -18.81
N VAL C 52 28.53 -23.06 -18.48
CA VAL C 52 27.29 -22.29 -18.38
C VAL C 52 27.03 -21.48 -19.65
N HIS C 53 28.06 -21.16 -20.42
CA HIS C 53 27.87 -20.49 -21.69
C HIS C 53 29.00 -20.89 -22.61
N PRO C 54 28.89 -20.59 -23.90
CA PRO C 54 29.95 -21.01 -24.81
C PRO C 54 31.28 -20.29 -24.55
N PRO C 55 32.38 -20.85 -25.00
CA PRO C 55 33.66 -20.17 -24.83
C PRO C 55 33.60 -18.78 -25.43
N LEU C 56 34.31 -17.86 -24.79
CA LEU C 56 34.30 -16.47 -25.24
C LEU C 56 34.63 -16.29 -26.72
N GLU C 57 35.57 -17.08 -27.21
CA GLU C 57 36.03 -16.97 -28.60
C GLU C 57 34.95 -17.32 -29.60
N GLU C 58 33.98 -18.12 -29.17
CA GLU C 58 32.88 -18.54 -30.05
C GLU C 58 31.78 -17.50 -30.11
N MET C 59 31.87 -16.49 -29.25
CA MET C 59 30.94 -15.36 -29.27
C MET C 59 31.42 -14.39 -30.28
N ASP C 60 30.55 -13.51 -30.74
CA ASP C 60 31.10 -12.52 -31.65
C ASP C 60 30.93 -11.16 -31.03
N GLU C 61 31.54 -11.01 -29.85
CA GLU C 61 31.31 -9.84 -29.01
C GLU C 61 31.81 -8.60 -29.73
N PRO C 62 30.97 -7.55 -29.75
CA PRO C 62 31.28 -6.26 -30.37
C PRO C 62 32.44 -5.57 -29.63
N GLU C 63 33.03 -4.56 -30.26
CA GLU C 63 34.18 -3.83 -29.71
C GLU C 63 33.77 -3.30 -28.32
N ASP C 64 34.64 -3.45 -27.32
CA ASP C 64 34.45 -2.85 -26.01
CA ASP C 64 34.42 -2.83 -25.99
C ASP C 64 35.79 -2.52 -25.40
N ALA C 65 36.04 -1.26 -25.19
CA ALA C 65 37.38 -0.86 -24.76
C ALA C 65 37.73 -1.43 -23.42
N ILE C 66 36.75 -1.56 -22.53
CA ILE C 66 37.05 -2.10 -21.23
C ILE C 66 37.33 -3.58 -21.29
N ARG C 67 36.46 -4.36 -21.95
N ARG C 67 36.45 -4.31 -21.95
CA ARG C 67 36.68 -5.81 -22.15
CA ARG C 67 36.64 -5.73 -22.05
C ARG C 67 38.01 -6.14 -22.83
C ARG C 67 38.02 -6.01 -22.65
N GLU C 68 38.42 -5.26 -23.71
CA GLU C 68 39.68 -5.46 -24.44
C GLU C 68 40.85 -5.32 -23.52
N MET C 69 40.73 -4.53 -22.45
CA MET C 69 41.81 -4.31 -21.54
C MET C 69 41.90 -5.28 -20.38
N VAL C 70 40.82 -6.04 -20.13
CA VAL C 70 40.75 -6.90 -18.96
C VAL C 70 40.85 -8.33 -19.43
N GLU C 71 41.90 -9.00 -19.04
CA GLU C 71 42.13 -10.38 -19.40
C GLU C 71 41.19 -11.27 -18.59
N PRO C 72 40.37 -12.10 -19.27
CA PRO C 72 39.50 -13.06 -18.55
C PRO C 72 40.33 -14.14 -17.88
N ILE C 73 39.89 -14.61 -16.74
CA ILE C 73 40.48 -15.77 -16.16
C ILE C 73 40.23 -16.99 -17.06
N ASP C 74 41.05 -18.03 -16.90
CA ASP C 74 41.00 -19.15 -17.86
C ASP C 74 39.63 -19.83 -17.86
N GLY C 75 38.98 -19.96 -16.70
CA GLY C 75 37.66 -20.55 -16.66
C GLY C 75 36.57 -19.71 -17.33
N ALA C 76 36.79 -18.39 -17.33
CA ALA C 76 35.92 -17.50 -18.09
C ALA C 76 36.05 -17.68 -19.60
N LYS C 77 37.30 -17.76 -20.06
CA LYS C 77 37.56 -18.06 -21.49
C LYS C 77 36.83 -19.31 -21.95
N ALA C 78 36.82 -20.29 -21.06
CA ALA C 78 36.22 -21.59 -21.39
C ALA C 78 34.71 -21.68 -21.21
N GLY C 79 34.14 -20.73 -20.47
CA GLY C 79 32.69 -20.78 -20.17
C GLY C 79 32.30 -21.66 -19.00
N ASP C 80 33.28 -21.95 -18.11
CA ASP C 80 33.01 -22.79 -16.95
C ASP C 80 31.84 -22.25 -16.12
N ARG C 81 31.13 -23.15 -15.46
CA ARG C 81 30.25 -22.77 -14.38
C ARG C 81 30.99 -22.04 -13.26
N VAL C 82 30.24 -21.21 -12.53
CA VAL C 82 30.75 -20.60 -11.33
C VAL C 82 30.41 -21.52 -10.16
N ARG C 83 31.43 -21.94 -9.39
CA ARG C 83 31.20 -22.79 -8.25
C ARG C 83 31.91 -22.21 -7.00
N TYR C 84 31.85 -22.88 -5.87
CA TYR C 84 32.21 -22.25 -4.61
C TYR C 84 33.11 -23.14 -3.75
N ILE C 85 33.78 -22.53 -2.78
CA ILE C 85 34.30 -23.27 -1.64
C ILE C 85 34.04 -22.41 -0.41
N GLN C 86 33.64 -23.02 0.67
CA GLN C 86 33.19 -22.30 1.86
C GLN C 86 33.86 -22.86 3.10
N PHE C 87 34.33 -21.96 3.99
CA PHE C 87 35.02 -22.39 5.19
C PHE C 87 34.38 -21.80 6.44
N THR C 88 34.45 -22.50 7.55
CA THR C 88 34.08 -22.06 8.87
C THR C 88 35.32 -22.05 9.75
N ASP C 89 35.53 -21.01 10.54
CA ASP C 89 36.75 -20.85 11.35
C ASP C 89 36.40 -20.72 12.79
N SER C 90 36.98 -21.55 13.68
CA SER C 90 36.69 -21.48 15.10
C SER C 90 37.19 -20.16 15.69
N MET C 91 36.40 -19.61 16.59
CA MET C 91 36.82 -18.48 17.41
C MET C 91 37.88 -18.86 18.43
N TYR C 92 38.12 -20.16 18.61
CA TYR C 92 39.26 -20.63 19.44
C TYR C 92 40.50 -20.66 18.55
N PHE C 93 40.91 -19.48 18.05
CA PHE C 93 42.27 -19.28 17.48
C PHE C 93 42.49 -19.97 16.16
N ALA C 94 41.48 -20.15 15.32
CA ALA C 94 41.80 -20.58 13.97
C ALA C 94 42.68 -19.56 13.27
N PRO C 95 43.52 -19.98 12.34
CA PRO C 95 44.46 -19.06 11.75
C PRO C 95 43.76 -17.98 10.91
N ALA C 96 42.85 -18.37 10.00
CA ALA C 96 42.09 -17.42 9.24
C ALA C 96 40.72 -17.24 9.93
N GLN C 97 40.08 -16.10 9.61
CA GLN C 97 38.78 -15.74 10.18
C GLN C 97 38.01 -15.08 9.04
N PRO C 98 36.69 -14.84 9.23
CA PRO C 98 35.84 -14.50 8.05
C PRO C 98 36.25 -13.23 7.28
N TYR C 99 36.38 -12.08 7.96
CA TYR C 99 36.71 -10.88 7.15
C TYR C 99 38.15 -10.91 6.67
N VAL C 100 39.04 -11.56 7.48
CA VAL C 100 40.43 -11.76 7.00
C VAL C 100 40.38 -12.48 5.65
N ARG C 101 39.55 -13.52 5.49
CA ARG C 101 39.47 -14.24 4.23
C ARG C 101 39.00 -13.37 3.10
N SER C 102 37.86 -12.63 3.26
CA SER C 102 37.34 -11.90 2.14
C SER C 102 38.27 -10.80 1.69
N ARG C 103 38.82 -10.10 2.67
CA ARG C 103 39.82 -9.03 2.41
C ARG C 103 41.00 -9.62 1.65
N ALA C 104 41.52 -10.74 2.17
CA ALA C 104 42.67 -11.37 1.51
C ALA C 104 42.38 -11.86 0.12
N TYR C 105 41.18 -12.44 -0.09
CA TYR C 105 40.81 -13.02 -1.38
C TYR C 105 40.77 -11.95 -2.44
N LEU C 106 40.24 -10.77 -2.11
CA LEU C 106 40.13 -9.73 -3.12
C LEU C 106 41.45 -8.94 -3.35
N CYS C 107 42.43 -9.20 -2.50
CA CYS C 107 43.81 -8.77 -2.77
C CYS C 107 44.56 -9.77 -3.61
N ARG C 108 44.39 -11.05 -3.31
CA ARG C 108 45.20 -12.12 -3.92
C ARG C 108 44.63 -12.69 -5.20
N TYR C 109 43.30 -12.73 -5.40
CA TYR C 109 42.69 -13.60 -6.45
C TYR C 109 41.90 -12.74 -7.39
N ARG C 110 41.95 -13.06 -8.68
CA ARG C 110 41.21 -12.37 -9.71
C ARG C 110 39.81 -12.92 -9.85
N GLY C 111 38.90 -12.06 -10.30
CA GLY C 111 37.56 -12.59 -10.70
C GLY C 111 36.82 -13.27 -9.56
N ALA C 112 36.83 -12.69 -8.38
CA ALA C 112 36.42 -13.35 -7.15
C ALA C 112 35.16 -12.74 -6.57
N ASP C 113 34.21 -13.59 -6.17
CA ASP C 113 32.99 -13.13 -5.43
C ASP C 113 33.12 -13.70 -4.05
N ALA C 114 33.56 -12.91 -3.07
CA ALA C 114 33.74 -13.33 -1.70
C ALA C 114 32.64 -12.84 -0.80
N GLY C 115 32.17 -13.69 0.12
CA GLY C 115 31.14 -13.31 1.09
C GLY C 115 31.55 -13.65 2.47
N THR C 116 31.33 -12.73 3.40
CA THR C 116 31.65 -12.93 4.79
C THR C 116 30.41 -13.04 5.67
N LEU C 117 30.39 -14.02 6.56
CA LEU C 117 29.34 -14.19 7.58
C LEU C 117 30.00 -14.63 8.86
N SER C 118 29.30 -14.67 9.98
CA SER C 118 29.95 -15.06 11.21
C SER C 118 30.40 -16.50 11.17
N GLY C 119 29.57 -17.38 10.65
CA GLY C 119 29.78 -18.83 10.71
C GLY C 119 30.29 -19.45 9.47
N ARG C 120 30.55 -18.71 8.42
CA ARG C 120 30.90 -19.24 7.14
C ARG C 120 31.49 -18.10 6.28
N GLN C 121 32.34 -18.44 5.33
CA GLN C 121 32.92 -17.44 4.43
C GLN C 121 33.10 -18.17 3.11
N ILE C 122 32.75 -17.53 2.00
CA ILE C 122 32.64 -18.21 0.76
C ILE C 122 33.36 -17.49 -0.34
N ILE C 123 33.88 -18.23 -1.31
CA ILE C 123 34.30 -17.62 -2.57
C ILE C 123 33.65 -18.37 -3.72
N GLU C 124 33.14 -17.64 -4.70
CA GLU C 124 32.62 -18.16 -5.92
C GLU C 124 33.40 -17.64 -7.09
N THR C 125 33.84 -18.55 -7.98
CA THR C 125 34.54 -18.15 -9.20
C THR C 125 34.44 -19.26 -10.23
N ARG C 126 34.95 -19.03 -11.41
CA ARG C 126 34.90 -20.05 -12.46
C ARG C 126 35.58 -21.35 -12.01
N GLU C 127 34.97 -22.49 -12.34
CA GLU C 127 35.37 -23.75 -11.78
C GLU C 127 36.84 -24.11 -11.87
N ARG C 128 37.46 -24.01 -13.04
CA ARG C 128 38.85 -24.47 -13.07
C ARG C 128 39.74 -23.55 -12.23
N ASP C 129 39.42 -22.26 -12.18
CA ASP C 129 40.17 -21.33 -11.33
C ASP C 129 39.93 -21.56 -9.86
N LEU C 130 38.70 -21.93 -9.52
CA LEU C 130 38.37 -22.26 -8.16
C LEU C 130 39.21 -23.46 -7.67
N GLU C 131 39.42 -24.44 -8.56
CA GLU C 131 40.20 -25.60 -8.11
C GLU C 131 41.63 -25.19 -7.73
N LYS C 132 42.22 -24.29 -8.51
CA LYS C 132 43.57 -23.88 -8.16
C LYS C 132 43.65 -23.04 -6.89
N ILE C 133 42.67 -22.13 -6.71
CA ILE C 133 42.58 -21.36 -5.48
C ILE C 133 42.36 -22.25 -4.30
N SER C 134 41.43 -23.22 -4.43
CA SER C 134 41.09 -24.10 -3.36
C SER C 134 42.28 -24.92 -2.84
N LYS C 135 43.14 -25.29 -3.77
CA LYS C 135 44.36 -26.03 -3.38
C LYS C 135 45.14 -25.20 -2.38
N GLU C 136 45.35 -23.93 -2.71
CA GLU C 136 46.05 -23.04 -1.80
C GLU C 136 45.31 -22.81 -0.49
N LEU C 137 43.98 -22.66 -0.57
CA LEU C 137 43.24 -22.50 0.67
C LEU C 137 43.28 -23.65 1.63
N LEU C 138 43.40 -24.86 1.06
CA LEU C 138 43.43 -26.09 1.83
C LEU C 138 44.86 -26.49 2.33
N GLU C 139 45.85 -26.16 1.50
CA GLU C 139 47.24 -26.62 1.77
C GLU C 139 48.00 -25.70 2.70
N THR C 140 47.59 -24.41 2.80
CA THR C 140 48.33 -23.43 3.52
C THR C 140 47.69 -23.07 4.83
N GLU C 141 48.36 -22.15 5.52
CA GLU C 141 47.95 -21.69 6.83
C GLU C 141 46.61 -20.90 6.83
N PHE C 142 45.95 -20.78 5.69
CA PHE C 142 44.51 -20.44 5.76
C PHE C 142 43.74 -21.52 6.48
N PHE C 143 44.24 -22.77 6.54
CA PHE C 143 43.44 -23.91 7.01
C PHE C 143 44.15 -24.66 8.13
N ASP C 144 43.45 -24.98 9.18
CA ASP C 144 43.89 -25.93 10.19
C ASP C 144 42.79 -27.01 10.24
N PRO C 145 43.12 -28.33 10.26
CA PRO C 145 42.03 -29.34 10.14
C PRO C 145 41.22 -29.57 11.39
N ALA C 146 41.60 -28.99 12.51
CA ALA C 146 40.79 -29.06 13.68
C ALA C 146 39.97 -27.81 13.87
N ARG C 147 40.58 -26.65 13.71
CA ARG C 147 39.93 -25.34 13.99
C ARG C 147 39.29 -24.72 12.77
N SER C 148 39.38 -25.31 11.61
CA SER C 148 38.71 -24.82 10.38
CA SER C 148 38.73 -24.83 10.38
C SER C 148 37.96 -25.97 9.76
N GLY C 149 36.91 -25.69 8.98
CA GLY C 149 36.14 -26.76 8.30
C GLY C 149 35.75 -26.31 6.95
N VAL C 150 35.75 -27.21 5.98
CA VAL C 150 35.24 -26.92 4.65
C VAL C 150 33.76 -27.34 4.66
N ARG C 151 32.82 -26.41 4.51
CA ARG C 151 31.41 -26.67 4.79
C ARG C 151 30.53 -25.86 3.88
N GLY C 152 29.88 -26.50 2.94
CA GLY C 152 28.94 -25.84 2.01
C GLY C 152 27.55 -25.70 2.59
N LYS C 153 27.25 -26.34 3.69
CA LYS C 153 25.97 -26.19 4.38
C LYS C 153 26.17 -26.68 5.79
N SER C 154 25.21 -26.40 6.65
CA SER C 154 25.21 -26.88 8.02
C SER C 154 26.50 -26.50 8.74
N VAL C 155 26.67 -25.19 8.88
CA VAL C 155 27.96 -24.58 9.22
C VAL C 155 28.21 -24.38 10.65
N HIS C 156 27.22 -24.52 11.51
CA HIS C 156 27.31 -24.29 12.90
C HIS C 156 28.62 -24.80 13.53
N GLY C 157 29.24 -24.02 14.41
CA GLY C 157 30.45 -24.51 15.08
C GLY C 157 31.46 -23.42 15.34
N HIS C 158 31.48 -22.29 14.61
CA HIS C 158 32.53 -21.27 14.85
C HIS C 158 32.56 -20.81 16.25
N SER C 159 31.42 -20.78 16.93
CA SER C 159 31.25 -20.21 18.23
C SER C 159 31.08 -21.26 19.35
N LEU C 160 31.21 -22.56 18.98
CA LEU C 160 31.01 -23.66 19.95
C LEU C 160 32.31 -24.02 20.67
N ARG C 161 32.11 -24.57 21.86
CA ARG C 161 33.23 -25.22 22.55
C ARG C 161 33.82 -26.32 21.67
N LEU C 162 35.14 -26.49 21.78
CA LEU C 162 35.79 -27.57 21.04
C LEU C 162 35.46 -28.92 21.75
N ASP C 163 35.56 -29.97 20.95
CA ASP C 163 35.39 -31.31 21.58
C ASP C 163 36.69 -31.75 22.31
N GLU C 164 36.66 -32.94 22.91
CA GLU C 164 37.82 -33.39 23.68
C GLU C 164 39.08 -33.57 22.85
N ASP C 165 38.97 -33.73 21.55
CA ASP C 165 40.10 -33.84 20.66
C ASP C 165 40.61 -32.50 20.17
N GLY C 166 39.94 -31.40 20.56
CA GLY C 166 40.29 -30.04 20.07
C GLY C 166 39.68 -29.79 18.70
N MET C 167 38.74 -30.63 18.29
CA MET C 167 38.07 -30.44 17.01
C MET C 167 36.82 -29.55 17.17
N MET C 168 36.66 -28.68 16.17
CA MET C 168 35.40 -27.90 16.07
C MET C 168 34.20 -28.83 15.83
N PHE C 169 33.06 -28.46 16.39
CA PHE C 169 31.81 -29.13 16.13
C PHE C 169 31.49 -29.12 14.64
N ASP C 170 30.95 -30.21 14.12
CA ASP C 170 30.36 -30.26 12.81
C ASP C 170 29.15 -31.16 12.85
N MET C 171 27.99 -30.57 12.59
CA MET C 171 26.76 -31.35 12.56
C MET C 171 26.85 -32.55 11.66
N LEU C 172 27.59 -32.46 10.56
CA LEU C 172 27.72 -33.50 9.59
C LEU C 172 29.03 -34.28 9.69
N ARG C 173 29.90 -33.94 10.62
CA ARG C 173 31.17 -34.71 10.90
C ARG C 173 31.95 -34.99 9.65
N ARG C 174 32.26 -33.94 8.89
CA ARG C 174 32.99 -34.09 7.70
C ARG C 174 34.48 -34.40 7.93
N GLN C 175 35.04 -33.89 9.02
CA GLN C 175 36.49 -34.03 9.35
C GLN C 175 36.60 -34.77 10.63
N ILE C 176 37.28 -35.95 10.55
CA ILE C 176 37.37 -36.90 11.70
C ILE C 176 38.80 -37.00 12.21
N TYR C 177 38.97 -36.65 13.46
CA TYR C 177 40.22 -36.88 14.16
C TYR C 177 40.31 -38.37 14.57
N ASN C 178 41.44 -38.96 14.24
CA ASN C 178 41.68 -40.35 14.68
C ASN C 178 42.48 -40.36 15.98
N LYS C 179 41.81 -40.78 17.06
CA LYS C 179 42.41 -40.73 18.43
C LYS C 179 43.76 -41.49 18.56
N ASP C 180 43.87 -42.56 17.78
CA ASP C 180 45.06 -43.43 17.79
C ASP C 180 46.21 -42.83 16.98
N THR C 181 45.90 -41.99 16.01
CA THR C 181 46.97 -41.50 15.12
C THR C 181 47.28 -40.02 15.22
N GLY C 182 46.33 -39.23 15.76
CA GLY C 182 46.50 -37.75 15.83
C GLY C 182 46.40 -37.02 14.49
N ARG C 183 45.89 -37.71 13.49
CA ARG C 183 45.70 -37.08 12.19
C ARG C 183 44.19 -36.92 11.88
N VAL C 184 43.91 -35.89 11.07
CA VAL C 184 42.51 -35.63 10.63
C VAL C 184 42.32 -36.10 9.19
N GLU C 185 41.20 -36.75 8.96
CA GLU C 185 40.79 -37.13 7.62
C GLU C 185 39.44 -36.50 7.27
N MET C 186 39.42 -36.01 6.06
CA MET C 186 38.15 -35.60 5.47
C MET C 186 37.40 -36.80 4.92
N VAL C 187 36.24 -37.12 5.46
CA VAL C 187 35.54 -38.36 5.14
C VAL C 187 34.32 -38.10 4.26
N LYS C 188 33.94 -36.82 4.09
CA LYS C 188 32.81 -36.37 3.26
C LYS C 188 33.29 -35.16 2.47
N ASN C 189 32.63 -34.87 1.37
CA ASN C 189 32.90 -33.59 0.68
C ASN C 189 32.24 -32.40 1.47
N GLN C 190 32.48 -31.21 0.90
CA GLN C 190 32.07 -30.01 1.69
C GLN C 190 30.53 -29.93 1.84
N ILE C 191 29.74 -30.59 0.97
CA ILE C 191 28.30 -30.57 1.18
C ILE C 191 27.81 -31.73 2.05
N GLY C 192 28.70 -32.67 2.43
CA GLY C 192 28.32 -33.74 3.35
C GLY C 192 28.14 -35.11 2.74
N ASP C 193 28.43 -35.26 1.47
CA ASP C 193 28.34 -36.59 0.84
C ASP C 193 29.59 -37.41 1.09
N GLU C 194 29.42 -38.70 1.38
CA GLU C 194 30.54 -39.57 1.75
C GLU C 194 31.54 -39.68 0.62
N LEU C 195 32.84 -39.58 0.92
CA LEU C 195 33.89 -39.79 -0.08
C LEU C 195 34.20 -41.30 -0.22
N ASP C 196 34.62 -41.71 -1.42
CA ASP C 196 35.00 -43.13 -1.64
C ASP C 196 36.18 -43.53 -0.77
N GLU C 197 37.10 -42.60 -0.59
CA GLU C 197 38.33 -42.79 0.15
C GLU C 197 38.60 -41.43 0.81
N PRO C 198 38.83 -41.47 2.11
CA PRO C 198 39.10 -40.21 2.85
C PRO C 198 40.35 -39.50 2.41
N VAL C 199 40.41 -38.21 2.69
CA VAL C 199 41.57 -37.41 2.34
C VAL C 199 42.32 -37.01 3.61
N ASP C 200 43.61 -37.35 3.72
CA ASP C 200 44.36 -36.94 4.87
C ASP C 200 44.57 -35.42 4.85
N LEU C 201 44.29 -34.80 5.99
CA LEU C 201 44.47 -33.32 6.15
C LEU C 201 45.57 -32.97 7.10
N GLY C 202 46.35 -33.95 7.57
CA GLY C 202 47.49 -33.64 8.44
C GLY C 202 47.06 -33.58 9.90
N GLU C 203 48.04 -33.20 10.73
CA GLU C 203 47.83 -33.10 12.15
C GLU C 203 47.31 -31.69 12.47
N PRO C 204 46.42 -31.57 13.46
CA PRO C 204 46.07 -30.21 13.94
C PRO C 204 47.31 -29.41 14.38
N LEU C 205 47.36 -28.11 14.16
CA LEU C 205 48.40 -27.25 14.74
C LEU C 205 48.34 -27.29 16.21
N ASP C 206 49.53 -27.26 16.83
CA ASP C 206 49.57 -27.20 18.27
C ASP C 206 49.19 -25.82 18.78
N GLU C 207 48.96 -25.74 20.06
CA GLU C 207 48.49 -24.50 20.66
C GLU C 207 49.43 -23.32 20.44
N GLU C 208 50.74 -23.55 20.54
CA GLU C 208 51.70 -22.46 20.39
C GLU C 208 51.68 -21.95 18.94
N THR C 209 51.58 -22.84 17.97
CA THR C 209 51.59 -22.47 16.59
C THR C 209 50.23 -21.78 16.24
N LEU C 210 49.14 -22.25 16.83
CA LEU C 210 47.84 -21.54 16.58
C LEU C 210 47.98 -20.11 17.07
N MET C 211 48.58 -19.90 18.24
CA MET C 211 48.72 -18.52 18.75
C MET C 211 49.63 -17.71 17.89
N GLU C 212 50.63 -18.32 17.28
CA GLU C 212 51.50 -17.55 16.42
C GLU C 212 50.74 -17.04 15.23
N LYS C 213 49.80 -17.86 14.74
CA LYS C 213 49.26 -17.64 13.39
C LYS C 213 47.85 -16.98 13.40
N THR C 214 47.23 -16.90 14.55
CA THR C 214 45.81 -16.55 14.56
C THR C 214 45.58 -15.08 14.21
N THR C 215 44.41 -14.83 13.58
CA THR C 215 43.98 -13.48 13.27
C THR C 215 42.77 -13.03 14.07
N ILE C 216 42.38 -13.73 15.12
CA ILE C 216 41.34 -13.25 16.01
C ILE C 216 41.95 -12.62 17.23
N TYR C 217 41.41 -11.48 17.65
CA TYR C 217 41.81 -10.90 18.92
C TYR C 217 40.96 -11.45 20.05
N ARG C 218 41.55 -11.88 21.18
CA ARG C 218 40.80 -12.34 22.35
C ARG C 218 41.56 -11.99 23.62
N VAL C 219 40.86 -11.88 24.72
CA VAL C 219 41.47 -11.54 26.00
C VAL C 219 42.54 -12.57 26.40
N ASP C 220 42.38 -13.81 25.95
CA ASP C 220 43.31 -14.89 26.30
C ASP C 220 44.34 -15.10 25.21
N GLY C 221 44.39 -14.22 24.20
CA GLY C 221 45.43 -14.15 23.23
C GLY C 221 46.03 -12.74 23.28
N GLU C 222 45.87 -12.00 22.20
CA GLU C 222 46.13 -10.57 22.16
C GLU C 222 44.78 -9.87 22.08
N ALA C 223 44.46 -9.03 23.03
CA ALA C 223 43.15 -8.32 23.05
C ALA C 223 43.14 -7.15 22.14
N TYR C 224 42.03 -6.95 21.40
CA TYR C 224 41.91 -5.82 20.47
C TYR C 224 42.08 -4.48 21.20
N ARG C 225 41.54 -4.39 22.40
CA ARG C 225 41.56 -3.12 23.12
C ARG C 225 43.01 -2.71 23.43
N ASP C 226 43.93 -3.67 23.45
CA ASP C 226 45.37 -3.38 23.69
C ASP C 226 46.10 -3.08 22.44
N ASP C 227 45.53 -3.32 21.26
CA ASP C 227 46.16 -2.92 20.02
C ASP C 227 45.69 -1.51 19.69
N VAL C 228 46.18 -0.56 20.47
CA VAL C 228 45.62 0.77 20.47
C VAL C 228 45.70 1.47 19.17
N GLU C 229 46.70 1.18 18.32
CA GLU C 229 46.75 1.87 17.05
C GLU C 229 45.64 1.34 16.11
N ALA C 230 45.34 0.03 16.21
CA ALA C 230 44.22 -0.52 15.38
C ALA C 230 42.90 0.11 15.86
N VAL C 231 42.70 0.22 17.16
CA VAL C 231 41.47 0.83 17.69
C VAL C 231 41.36 2.28 17.22
N GLU C 232 42.49 3.02 17.27
CA GLU C 232 42.50 4.39 16.85
C GLU C 232 42.00 4.56 15.42
N ILE C 233 42.46 3.74 14.49
CA ILE C 233 42.00 3.84 13.12
C ILE C 233 40.50 3.55 12.98
N MET C 234 40.01 2.52 13.71
CA MET C 234 38.55 2.26 13.67
CA MET C 234 38.58 2.20 13.63
C MET C 234 37.77 3.41 14.15
N GLN C 235 38.19 4.00 15.26
CA GLN C 235 37.47 5.16 15.80
C GLN C 235 37.53 6.32 14.85
N ARG C 236 38.69 6.52 14.20
CA ARG C 236 38.87 7.57 13.26
C ARG C 236 37.88 7.44 12.10
N ILE C 237 37.75 6.24 11.56
CA ILE C 237 36.81 6.04 10.47
C ILE C 237 35.37 6.38 10.92
N HIS C 238 35.01 5.92 12.11
CA HIS C 238 33.67 6.22 12.64
C HIS C 238 33.45 7.73 12.64
N VAL C 239 34.40 8.48 13.18
CA VAL C 239 34.23 9.93 13.26
C VAL C 239 34.21 10.60 11.93
N LEU C 240 35.08 10.20 11.02
CA LEU C 240 35.12 10.85 9.72
C LEU C 240 33.86 10.54 8.89
N ARG C 241 33.36 9.30 9.00
CA ARG C 241 32.07 8.98 8.33
C ARG C 241 30.93 9.82 8.93
N SER C 242 30.92 9.95 10.22
CA SER C 242 29.86 10.70 10.93
C SER C 242 29.83 12.16 10.45
N GLN C 243 31.00 12.80 10.45
CA GLN C 243 31.14 14.19 10.02
CA GLN C 243 31.04 14.21 10.11
C GLN C 243 30.79 14.35 8.60
N GLY C 244 31.26 13.44 7.76
CA GLY C 244 31.04 13.55 6.35
C GLY C 244 29.55 13.44 5.96
N GLY C 245 28.83 12.58 6.66
CA GLY C 245 27.38 12.43 6.36
C GLY C 245 26.58 13.65 6.79
N PHE C 246 27.08 14.42 7.75
CA PHE C 246 26.41 15.60 8.17
C PHE C 246 26.70 16.78 7.25
N ASN C 247 27.97 17.12 7.04
CA ASN C 247 28.20 18.37 6.28
C ASN C 247 29.46 18.32 5.55
N ALA D 2 -42.93 -26.36 -9.08
CA ALA D 2 -44.20 -25.62 -9.30
C ALA D 2 -44.24 -24.29 -8.56
N ASP D 3 -44.37 -24.29 -7.21
CA ASP D 3 -44.38 -23.01 -6.46
C ASP D 3 -43.09 -22.23 -6.75
N LYS D 4 -43.20 -20.92 -6.62
CA LYS D 4 -41.98 -20.09 -6.69
C LYS D 4 -41.01 -20.60 -5.60
N LEU D 5 -39.70 -20.48 -5.91
CA LEU D 5 -38.72 -21.18 -5.10
C LEU D 5 -38.60 -20.56 -3.70
N PHE D 6 -39.07 -19.33 -3.51
CA PHE D 6 -39.01 -18.62 -2.19
C PHE D 6 -40.23 -18.85 -1.31
N ILE D 7 -41.27 -19.54 -1.83
CA ILE D 7 -42.50 -19.67 -1.05
C ILE D 7 -42.34 -20.41 0.26
N ASN D 8 -41.58 -21.51 0.25
CA ASN D 8 -41.41 -22.22 1.48
C ASN D 8 -40.76 -21.36 2.55
N ALA D 9 -39.75 -20.58 2.16
CA ALA D 9 -39.09 -19.70 3.12
C ALA D 9 -40.06 -18.65 3.66
N LEU D 10 -40.88 -18.07 2.80
CA LEU D 10 -41.83 -17.05 3.29
C LEU D 10 -42.84 -17.65 4.27
N LYS D 11 -43.26 -18.88 3.99
CA LYS D 11 -44.22 -19.54 4.90
C LYS D 11 -43.58 -19.86 6.22
N LYS D 12 -42.26 -20.16 6.27
CA LYS D 12 -41.51 -20.34 7.53
C LYS D 12 -41.39 -19.08 8.38
N LYS D 13 -41.20 -17.91 7.73
CA LYS D 13 -40.94 -16.66 8.40
C LYS D 13 -42.16 -16.06 9.07
N PHE D 14 -43.31 -16.20 8.42
CA PHE D 14 -44.48 -15.39 8.84
C PHE D 14 -45.70 -16.27 8.96
N GLU D 15 -46.55 -15.90 9.91
CA GLU D 15 -47.81 -16.65 10.11
C GLU D 15 -48.78 -16.48 8.94
N GLU D 16 -48.79 -15.30 8.36
CA GLU D 16 -49.68 -14.96 7.25
C GLU D 16 -49.26 -15.68 5.97
N SER D 17 -50.18 -15.86 5.01
CA SER D 17 -49.81 -16.36 3.75
C SER D 17 -48.95 -15.31 3.04
N PRO D 18 -48.09 -15.74 2.10
CA PRO D 18 -47.12 -14.79 1.48
C PRO D 18 -47.75 -13.63 0.74
N GLU D 19 -49.00 -13.81 0.25
CA GLU D 19 -49.71 -12.79 -0.53
CA GLU D 19 -49.69 -12.78 -0.52
C GLU D 19 -50.44 -11.74 0.34
N GLU D 20 -50.58 -12.05 1.62
CA GLU D 20 -51.38 -11.21 2.51
C GLU D 20 -50.75 -9.82 2.71
N LYS D 21 -51.52 -8.73 2.56
CA LYS D 21 -51.04 -7.38 2.63
C LYS D 21 -50.94 -6.81 4.04
N LYS D 22 -51.62 -7.40 5.04
CA LYS D 22 -51.67 -6.84 6.38
C LYS D 22 -51.11 -7.74 7.44
N THR D 23 -50.59 -7.13 8.51
CA THR D 23 -50.12 -7.87 9.60
C THR D 23 -50.35 -7.03 10.89
N THR D 24 -49.85 -7.52 12.00
CA THR D 24 -49.91 -6.72 13.23
C THR D 24 -48.49 -6.72 13.82
N PHE D 25 -48.04 -5.56 14.28
CA PHE D 25 -46.67 -5.40 14.84
C PHE D 25 -46.71 -5.18 16.33
N TYR D 26 -45.54 -5.02 16.98
CA TYR D 26 -45.42 -4.49 18.32
C TYR D 26 -45.87 -5.50 19.40
N THR D 27 -46.06 -6.76 19.06
CA THR D 27 -46.66 -7.76 19.98
C THR D 27 -45.72 -8.87 20.36
N LEU D 28 -44.41 -8.80 19.94
CA LEU D 28 -43.54 -9.95 20.04
C LEU D 28 -42.56 -9.83 21.16
N GLY D 29 -42.64 -8.78 21.95
CA GLY D 29 -41.69 -8.64 23.03
C GLY D 29 -40.32 -8.16 22.62
N GLY D 30 -40.24 -7.48 21.48
CA GLY D 30 -38.89 -6.95 21.05
C GLY D 30 -37.90 -8.08 20.84
N TRP D 31 -36.73 -7.93 21.47
CA TRP D 31 -35.67 -8.94 21.32
C TRP D 31 -36.05 -10.28 21.92
N LYS D 32 -37.04 -10.29 22.87
CA LYS D 32 -37.39 -11.51 23.57
C LYS D 32 -37.96 -12.56 22.66
N GLN D 33 -38.40 -12.18 21.47
CA GLN D 33 -38.89 -13.17 20.50
C GLN D 33 -37.79 -14.08 19.95
N SER D 34 -36.52 -13.63 20.08
CA SER D 34 -35.42 -14.25 19.35
C SER D 34 -34.53 -15.08 20.26
N GLU D 35 -34.32 -16.35 19.91
CA GLU D 35 -33.35 -17.15 20.61
C GLU D 35 -31.96 -16.54 20.62
N ARG D 36 -31.55 -16.03 19.47
CA ARG D 36 -30.23 -15.49 19.35
C ARG D 36 -30.06 -14.18 20.12
N LYS D 37 -31.00 -13.27 19.97
CA LYS D 37 -30.90 -12.02 20.76
C LYS D 37 -30.90 -12.35 22.24
N THR D 38 -31.69 -13.34 22.68
CA THR D 38 -31.71 -13.72 24.10
C THR D 38 -30.34 -14.22 24.52
N GLU D 39 -29.73 -15.07 23.69
CA GLU D 39 -28.35 -15.50 23.99
C GLU D 39 -27.43 -14.30 24.09
N PHE D 40 -27.56 -13.32 23.21
CA PHE D 40 -26.70 -12.15 23.25
C PHE D 40 -26.90 -11.29 24.48
N VAL D 41 -28.15 -11.09 24.90
CA VAL D 41 -28.42 -10.28 26.10
C VAL D 41 -27.69 -10.93 27.31
N ASN D 42 -27.85 -12.24 27.44
CA ASN D 42 -27.26 -12.93 28.58
C ASN D 42 -25.75 -12.87 28.46
N ALA D 43 -25.18 -13.07 27.26
CA ALA D 43 -23.76 -13.03 27.12
C ALA D 43 -23.21 -11.65 27.43
N GLY D 44 -23.88 -10.61 27.00
CA GLY D 44 -23.43 -9.25 27.31
C GLY D 44 -23.40 -8.97 28.82
N LYS D 45 -24.39 -9.46 29.56
CA LYS D 45 -24.39 -9.32 31.01
C LYS D 45 -23.15 -9.96 31.62
N GLU D 46 -22.83 -11.14 31.16
CA GLU D 46 -21.69 -11.83 31.69
CA GLU D 46 -21.72 -11.90 31.63
C GLU D 46 -20.41 -11.16 31.29
N VAL D 47 -20.27 -10.71 30.05
CA VAL D 47 -19.05 -10.04 29.59
C VAL D 47 -18.83 -8.81 30.42
N ALA D 48 -19.88 -8.00 30.54
CA ALA D 48 -19.73 -6.73 31.24
C ALA D 48 -19.35 -6.92 32.73
N ALA D 49 -19.98 -7.92 33.34
CA ALA D 49 -19.71 -8.21 34.76
C ALA D 49 -18.29 -8.69 34.98
N LYS D 50 -17.77 -9.50 34.07
CA LYS D 50 -16.43 -10.05 34.21
C LYS D 50 -15.34 -9.00 34.00
N ARG D 51 -15.52 -8.13 33.03
CA ARG D 51 -14.49 -7.20 32.65
C ARG D 51 -14.63 -5.82 33.32
N GLY D 52 -15.80 -5.51 33.92
CA GLY D 52 -15.98 -4.25 34.56
C GLY D 52 -16.23 -3.09 33.62
N ILE D 53 -16.72 -3.36 32.39
CA ILE D 53 -17.07 -2.30 31.44
C ILE D 53 -18.38 -2.71 30.79
N PRO D 54 -19.42 -1.90 30.81
CA PRO D 54 -20.64 -2.24 30.10
C PRO D 54 -20.39 -2.64 28.62
N GLN D 55 -21.24 -3.52 28.12
CA GLN D 55 -21.07 -4.01 26.73
C GLN D 55 -22.44 -4.15 26.09
N TYR D 56 -22.81 -5.32 25.55
CA TYR D 56 -24.09 -5.43 24.87
C TYR D 56 -25.24 -5.15 25.84
N ASN D 57 -26.16 -4.31 25.41
CA ASN D 57 -27.29 -3.89 26.24
C ASN D 57 -28.47 -3.62 25.30
N PRO D 58 -29.55 -4.42 25.40
CA PRO D 58 -30.64 -4.28 24.43
C PRO D 58 -31.47 -3.03 24.63
N ASP D 59 -31.20 -2.26 25.67
CA ASP D 59 -31.98 -1.06 25.95
C ASP D 59 -31.27 0.22 25.55
N ILE D 60 -30.03 0.13 25.03
CA ILE D 60 -29.31 1.25 24.42
C ILE D 60 -29.94 1.55 23.03
N GLY D 61 -30.17 2.81 22.75
CA GLY D 61 -30.70 3.04 21.35
C GLY D 61 -32.10 2.44 21.14
N THR D 62 -32.45 1.94 19.94
CA THR D 62 -33.85 1.62 19.65
C THR D 62 -34.12 0.14 19.82
N PRO D 63 -35.40 -0.23 20.10
CA PRO D 63 -35.69 -1.61 20.53
C PRO D 63 -35.92 -2.56 19.34
N LEU D 64 -34.92 -3.39 19.05
CA LEU D 64 -35.05 -4.34 17.94
C LEU D 64 -36.29 -5.22 18.11
N GLY D 65 -36.85 -5.64 17.00
CA GLY D 65 -37.90 -6.63 17.04
C GLY D 65 -39.28 -6.10 17.30
N GLN D 66 -39.57 -4.91 16.85
CA GLN D 66 -40.96 -4.42 16.81
C GLN D 66 -41.70 -5.14 15.72
N ARG D 67 -41.00 -5.70 14.71
CA ARG D 67 -41.52 -6.59 13.69
C ARG D 67 -40.92 -7.98 13.96
N VAL D 68 -41.29 -8.96 13.14
CA VAL D 68 -40.68 -10.26 13.20
C VAL D 68 -39.19 -10.16 12.85
N LEU D 69 -38.39 -10.73 13.73
CA LEU D 69 -36.92 -10.96 13.43
C LEU D 69 -36.86 -12.30 12.73
N MET D 70 -36.58 -12.28 11.44
CA MET D 70 -36.81 -13.44 10.59
C MET D 70 -35.75 -14.49 10.65
N PRO D 71 -36.09 -15.76 10.48
CA PRO D 71 -35.10 -16.73 10.03
C PRO D 71 -34.90 -16.57 8.54
N TYR D 72 -33.73 -17.05 8.08
CA TYR D 72 -33.37 -17.10 6.66
C TYR D 72 -33.03 -18.52 6.29
N GLN D 73 -33.57 -18.97 5.15
CA GLN D 73 -33.19 -20.24 4.55
C GLN D 73 -31.87 -20.02 3.77
N VAL D 74 -30.81 -20.79 4.04
CA VAL D 74 -29.65 -20.69 3.15
C VAL D 74 -29.99 -21.34 1.81
N SER D 75 -29.93 -20.60 0.72
CA SER D 75 -30.42 -21.12 -0.57
C SER D 75 -29.68 -22.42 -0.92
N THR D 76 -30.48 -23.32 -1.52
CA THR D 76 -30.04 -24.70 -1.88
C THR D 76 -29.93 -25.63 -0.70
N THR D 77 -30.25 -25.17 0.51
CA THR D 77 -30.23 -26.01 1.68
C THR D 77 -31.61 -26.02 2.32
N ASP D 78 -31.73 -26.85 3.33
CA ASP D 78 -32.89 -26.89 4.21
C ASP D 78 -32.62 -26.31 5.59
N THR D 79 -31.56 -25.51 5.69
CA THR D 79 -31.14 -24.89 6.93
C THR D 79 -31.74 -23.49 7.05
N TYR D 80 -32.44 -23.23 8.15
CA TYR D 80 -33.04 -21.96 8.50
C TYR D 80 -32.39 -21.43 9.76
N VAL D 81 -31.85 -20.22 9.69
CA VAL D 81 -31.13 -19.60 10.81
C VAL D 81 -31.48 -18.14 10.91
N GLU D 82 -31.40 -17.60 12.14
CA GLU D 82 -31.44 -16.14 12.27
C GLU D 82 -30.24 -15.51 11.56
N GLY D 83 -30.41 -14.29 11.08
CA GLY D 83 -29.31 -13.70 10.29
C GLY D 83 -28.05 -13.46 11.07
N ASP D 84 -28.10 -13.39 12.41
CA ASP D 84 -26.88 -13.21 13.16
C ASP D 84 -25.95 -14.39 12.94
N ASP D 85 -26.48 -15.58 12.61
CA ASP D 85 -25.63 -16.76 12.40
C ASP D 85 -24.93 -16.72 11.04
N LEU D 86 -25.29 -15.75 10.21
CA LEU D 86 -24.62 -15.48 8.93
C LEU D 86 -23.71 -14.30 9.01
N HIS D 87 -23.59 -13.63 10.16
CA HIS D 87 -22.57 -12.60 10.31
C HIS D 87 -21.19 -13.24 10.24
N PHE D 88 -20.24 -12.66 9.51
CA PHE D 88 -18.96 -13.35 9.42
C PHE D 88 -18.30 -13.57 10.74
N VAL D 89 -18.50 -12.66 11.70
CA VAL D 89 -17.85 -12.85 13.00
C VAL D 89 -18.32 -14.09 13.72
N ASN D 90 -19.60 -14.42 13.48
CA ASN D 90 -20.26 -15.53 14.16
C ASN D 90 -20.22 -16.82 13.37
N ASN D 91 -19.51 -16.84 12.24
CA ASN D 91 -19.58 -17.96 11.29
C ASN D 91 -18.18 -18.38 10.88
N ALA D 92 -17.72 -19.48 11.50
CA ALA D 92 -16.37 -19.94 11.29
C ALA D 92 -16.15 -20.41 9.87
N ALA D 93 -17.18 -20.87 9.18
CA ALA D 93 -17.01 -21.27 7.79
C ALA D 93 -16.65 -20.07 6.95
N MET D 94 -17.34 -18.95 7.14
CA MET D 94 -17.07 -17.72 6.41
C MET D 94 -15.63 -17.24 6.63
N GLN D 95 -15.21 -17.23 7.90
CA GLN D 95 -13.83 -16.85 8.22
C GLN D 95 -12.84 -17.79 7.53
N GLN D 96 -13.10 -19.11 7.59
CA GLN D 96 -12.16 -20.03 6.96
C GLN D 96 -12.15 -19.92 5.46
N MET D 97 -13.27 -19.60 4.82
CA MET D 97 -13.26 -19.42 3.39
C MET D 97 -12.26 -18.34 3.00
N TRP D 98 -12.29 -17.22 3.71
CA TRP D 98 -11.33 -16.15 3.42
C TRP D 98 -9.92 -16.58 3.79
N ASP D 99 -9.70 -17.23 4.92
CA ASP D 99 -8.35 -17.69 5.25
C ASP D 99 -7.77 -18.58 4.17
N ASP D 100 -8.61 -19.49 3.63
CA ASP D 100 -8.14 -20.45 2.61
C ASP D 100 -7.71 -19.73 1.35
N ILE D 101 -8.40 -18.63 0.98
CA ILE D 101 -7.96 -17.83 -0.17
C ILE D 101 -6.69 -17.03 0.18
N ARG D 102 -6.72 -16.32 1.31
CA ARG D 102 -5.64 -15.46 1.70
C ARG D 102 -4.34 -16.19 1.80
N ARG D 103 -4.37 -17.42 2.30
CA ARG D 103 -3.15 -18.15 2.59
C ARG D 103 -2.68 -19.01 1.41
N THR D 104 -3.28 -18.84 0.24
CA THR D 104 -2.88 -19.61 -0.97
C THR D 104 -2.14 -18.71 -1.95
N VAL D 105 -1.09 -19.27 -2.52
CA VAL D 105 -0.48 -18.69 -3.73
CA VAL D 105 -0.47 -18.69 -3.70
C VAL D 105 -0.15 -19.80 -4.70
N ILE D 106 -0.06 -19.45 -5.99
CA ILE D 106 0.34 -20.41 -7.02
C ILE D 106 1.75 -20.02 -7.43
N VAL D 107 2.66 -20.97 -7.48
CA VAL D 107 4.07 -20.64 -7.74
C VAL D 107 4.61 -21.63 -8.78
N GLY D 108 4.97 -21.15 -9.92
CA GLY D 108 5.55 -22.02 -10.95
C GLY D 108 6.78 -22.73 -10.48
N LEU D 109 7.06 -23.89 -11.13
CA LEU D 109 8.37 -24.54 -11.03
C LEU D 109 9.06 -24.44 -12.40
N ASN D 110 8.52 -23.72 -13.34
CA ASN D 110 9.11 -23.70 -14.72
C ASN D 110 10.43 -22.93 -14.73
N HIS D 111 10.48 -21.70 -14.21
CA HIS D 111 11.76 -21.00 -14.10
C HIS D 111 12.64 -21.71 -13.15
N ALA D 112 12.12 -22.20 -12.02
CA ALA D 112 12.96 -22.87 -11.10
C ALA D 112 13.69 -24.10 -11.70
N HIS D 113 12.93 -24.95 -12.41
CA HIS D 113 13.55 -26.13 -13.05
C HIS D 113 14.58 -25.68 -14.10
N ALA D 114 14.31 -24.59 -14.81
CA ALA D 114 15.30 -24.03 -15.78
C ALA D 114 16.56 -23.58 -15.04
N VAL D 115 16.46 -23.00 -13.85
CA VAL D 115 17.63 -22.60 -13.11
C VAL D 115 18.42 -23.81 -12.70
N ILE D 116 17.71 -24.86 -12.24
CA ILE D 116 18.40 -26.10 -11.85
C ILE D 116 19.20 -26.69 -13.05
N GLU D 117 18.56 -26.79 -14.18
CA GLU D 117 19.16 -27.47 -15.36
C GLU D 117 20.28 -26.60 -15.92
N LYS D 118 19.98 -25.31 -16.11
CA LYS D 118 20.79 -24.46 -17.00
C LYS D 118 21.90 -23.85 -16.20
N ARG D 119 21.65 -23.59 -14.92
CA ARG D 119 22.61 -22.96 -14.02
C ARG D 119 23.35 -23.85 -13.00
N LEU D 120 22.65 -24.75 -12.29
CA LEU D 120 23.31 -25.73 -11.39
C LEU D 120 23.91 -26.90 -12.21
N GLY D 121 23.36 -27.10 -13.40
CA GLY D 121 23.72 -28.25 -14.28
C GLY D 121 23.22 -29.59 -13.77
N LYS D 122 22.03 -29.64 -13.14
CA LYS D 122 21.43 -30.86 -12.61
C LYS D 122 20.15 -31.19 -13.38
N GLU D 123 19.83 -32.48 -13.42
CA GLU D 123 18.64 -32.96 -14.08
C GLU D 123 17.39 -32.79 -13.19
N VAL D 124 16.25 -32.52 -13.83
CA VAL D 124 14.95 -32.57 -13.14
C VAL D 124 14.13 -33.68 -13.78
N THR D 125 13.54 -34.49 -12.92
CA THR D 125 12.70 -35.62 -13.34
C THR D 125 11.57 -35.75 -12.29
N PRO D 126 10.53 -36.53 -12.61
CA PRO D 126 9.50 -36.75 -11.59
C PRO D 126 10.03 -37.21 -10.30
N GLU D 127 11.10 -38.01 -10.28
CA GLU D 127 11.67 -38.44 -9.06
C GLU D 127 12.28 -37.29 -8.23
N THR D 128 13.04 -36.41 -8.91
CA THR D 128 13.63 -35.27 -8.20
C THR D 128 12.48 -34.32 -7.71
N ILE D 129 11.45 -34.18 -8.51
CA ILE D 129 10.32 -33.33 -8.09
C ILE D 129 9.66 -33.92 -6.83
N THR D 130 9.51 -35.25 -6.79
CA THR D 130 8.90 -35.88 -5.62
C THR D 130 9.76 -35.68 -4.40
N HIS D 131 11.08 -35.82 -4.51
CA HIS D 131 11.94 -35.61 -3.39
C HIS D 131 11.85 -34.14 -2.85
N TYR D 132 11.83 -33.22 -3.81
CA TYR D 132 11.61 -31.80 -3.49
C TYR D 132 10.27 -31.61 -2.73
N LEU D 133 9.22 -32.30 -3.20
CA LEU D 133 7.91 -32.13 -2.58
C LEU D 133 7.84 -32.71 -1.20
N GLU D 134 8.52 -33.83 -0.94
CA GLU D 134 8.57 -34.35 0.38
CA GLU D 134 8.59 -34.36 0.44
C GLU D 134 9.28 -33.35 1.33
N THR D 135 10.34 -32.77 0.80
CA THR D 135 11.15 -31.83 1.57
C THR D 135 10.31 -30.56 1.89
N VAL D 136 9.70 -30.00 0.86
CA VAL D 136 8.93 -28.73 1.09
C VAL D 136 7.69 -28.99 1.92
N ASN D 137 7.15 -30.23 1.98
CA ASN D 137 6.02 -30.49 2.87
C ASN D 137 6.44 -30.65 4.30
N HIS D 138 7.70 -30.95 4.58
CA HIS D 138 8.22 -30.82 5.91
C HIS D 138 8.47 -29.31 6.23
N ALA D 139 9.09 -28.60 5.28
CA ALA D 139 9.55 -27.24 5.58
C ALA D 139 8.40 -26.20 5.61
N MET D 140 7.45 -26.32 4.70
CA MET D 140 6.47 -25.25 4.49
C MET D 140 5.73 -24.87 5.76
N PRO D 141 5.29 -25.80 6.63
CA PRO D 141 4.52 -25.40 7.81
C PRO D 141 5.38 -24.67 8.87
N GLY D 142 6.71 -24.72 8.69
CA GLY D 142 7.67 -24.00 9.55
C GLY D 142 8.66 -24.89 10.25
N ALA D 143 9.30 -25.79 9.50
CA ALA D 143 10.31 -26.72 10.07
C ALA D 143 11.58 -26.69 9.24
N ALA D 144 12.68 -27.10 9.91
CA ALA D 144 14.02 -26.87 9.39
C ALA D 144 14.59 -28.01 8.57
N VAL D 145 15.48 -27.70 7.64
CA VAL D 145 16.14 -28.72 6.85
C VAL D 145 17.65 -28.59 6.79
N VAL D 146 18.26 -27.46 7.20
CA VAL D 146 19.73 -27.30 7.07
C VAL D 146 20.42 -27.00 8.36
N GLN D 147 20.02 -25.95 9.08
CA GLN D 147 20.82 -25.46 10.19
C GLN D 147 20.67 -26.26 11.47
N GLU D 148 21.74 -26.26 12.28
CA GLU D 148 21.62 -26.78 13.60
C GLU D 148 20.94 -25.81 14.58
N HIS D 149 20.31 -26.32 15.59
CA HIS D 149 19.72 -25.55 16.64
C HIS D 149 18.57 -24.61 16.16
N MET D 150 17.80 -25.12 15.22
CA MET D 150 16.57 -24.42 14.78
C MET D 150 15.44 -24.75 15.71
N VAL D 151 14.53 -23.80 15.95
CA VAL D 151 13.30 -23.99 16.71
C VAL D 151 12.15 -23.78 15.77
N GLU D 152 11.10 -24.59 15.86
CA GLU D 152 10.16 -24.84 14.75
C GLU D 152 8.72 -24.66 15.21
N THR D 153 7.84 -24.54 14.22
CA THR D 153 6.39 -24.47 14.57
C THR D 153 5.88 -25.85 15.03
N HIS D 154 4.89 -25.82 15.89
CA HIS D 154 4.27 -27.07 16.36
C HIS D 154 3.48 -27.65 15.17
N PRO D 155 3.81 -28.87 14.68
CA PRO D 155 3.14 -29.39 13.50
C PRO D 155 1.62 -29.40 13.58
N ALA D 156 1.08 -29.62 14.77
CA ALA D 156 -0.39 -29.67 14.89
C ALA D 156 -1.03 -28.31 14.77
N LEU D 157 -0.32 -27.22 15.07
CA LEU D 157 -0.89 -25.86 14.89
C LEU D 157 -0.92 -25.49 13.44
N VAL D 158 -0.14 -26.14 12.59
CA VAL D 158 0.11 -25.75 11.17
C VAL D 158 -0.23 -26.92 10.22
N ALA D 159 -1.19 -27.75 10.67
CA ALA D 159 -1.55 -28.96 9.94
C ALA D 159 -2.18 -28.69 8.63
N ASP D 160 -2.70 -27.48 8.44
CA ASP D 160 -3.42 -27.07 7.26
C ASP D 160 -2.50 -26.54 6.13
N SER D 161 -1.21 -26.40 6.42
CA SER D 161 -0.24 -25.85 5.45
C SER D 161 0.41 -26.99 4.68
N TYR D 162 0.51 -26.86 3.36
CA TYR D 162 1.13 -27.92 2.55
C TYR D 162 1.38 -27.33 1.16
N VAL D 163 2.03 -28.16 0.31
CA VAL D 163 2.26 -27.82 -1.10
C VAL D 163 1.83 -28.99 -2.01
N LYS D 164 1.02 -28.73 -2.98
CA LYS D 164 0.74 -29.68 -4.04
C LYS D 164 1.19 -29.13 -5.37
N VAL D 165 1.21 -29.96 -6.42
CA VAL D 165 1.52 -29.51 -7.78
C VAL D 165 0.48 -29.98 -8.76
N PHE D 166 0.46 -29.38 -9.93
CA PHE D 166 -0.31 -29.89 -11.03
C PHE D 166 0.43 -29.62 -12.36
N THR D 167 0.08 -30.39 -13.38
CA THR D 167 0.63 -30.19 -14.73
C THR D 167 -0.38 -30.71 -15.72
N GLY D 168 -0.40 -30.16 -16.92
CA GLY D 168 -1.26 -30.66 -17.95
C GLY D 168 -0.73 -31.90 -18.67
N ASN D 169 0.49 -32.30 -18.37
CA ASN D 169 1.02 -33.52 -18.97
C ASN D 169 0.66 -34.70 -18.08
N ASP D 170 -0.27 -35.54 -18.53
CA ASP D 170 -0.76 -36.62 -17.72
C ASP D 170 0.33 -37.56 -17.27
N GLU D 171 1.30 -37.85 -18.17
CA GLU D 171 2.29 -38.89 -17.89
C GLU D 171 3.27 -38.37 -16.89
N ILE D 172 3.63 -37.08 -16.91
CA ILE D 172 4.44 -36.46 -15.88
C ILE D 172 3.70 -36.42 -14.52
N ALA D 173 2.44 -35.97 -14.59
CA ALA D 173 1.61 -35.91 -13.34
C ALA D 173 1.62 -37.29 -12.65
N ASP D 174 1.45 -38.35 -13.45
CA ASP D 174 1.31 -39.70 -12.88
C ASP D 174 2.57 -40.25 -12.34
N GLU D 175 3.71 -39.69 -12.72
CA GLU D 175 4.98 -40.14 -12.18
C GLU D 175 5.41 -39.46 -10.87
N ILE D 176 4.76 -38.34 -10.51
CA ILE D 176 5.10 -37.66 -9.25
C ILE D 176 4.28 -38.36 -8.18
N ASP D 177 4.74 -38.44 -6.97
CA ASP D 177 3.95 -39.16 -5.98
C ASP D 177 2.55 -38.55 -5.85
N PRO D 178 1.47 -39.32 -6.00
CA PRO D 178 0.14 -38.75 -6.05
C PRO D 178 -0.33 -38.10 -4.72
N ALA D 179 0.36 -38.30 -3.62
CA ALA D 179 0.01 -37.56 -2.40
C ALA D 179 0.12 -36.05 -2.63
N PHE D 180 0.96 -35.65 -3.57
CA PHE D 180 1.25 -34.21 -3.78
C PHE D 180 0.57 -33.70 -5.00
N VAL D 181 -0.25 -34.41 -5.76
CA VAL D 181 -0.70 -33.95 -7.06
C VAL D 181 -2.17 -33.62 -7.02
N ILE D 182 -2.55 -32.46 -7.52
CA ILE D 182 -3.94 -32.17 -7.89
C ILE D 182 -4.18 -32.83 -9.24
N ASP D 183 -5.02 -33.85 -9.22
CA ASP D 183 -5.24 -34.68 -10.42
C ASP D 183 -6.40 -34.07 -11.20
N ILE D 184 -6.07 -33.44 -12.30
CA ILE D 184 -7.03 -32.71 -13.08
C ILE D 184 -8.10 -33.65 -13.63
N ASN D 185 -7.67 -34.87 -14.03
CA ASN D 185 -8.63 -35.86 -14.54
C ASN D 185 -9.58 -36.39 -13.52
N LYS D 186 -9.16 -36.45 -12.28
CA LYS D 186 -10.05 -36.88 -11.18
C LYS D 186 -11.04 -35.78 -10.77
N GLN D 187 -10.60 -34.53 -10.83
CA GLN D 187 -11.39 -33.43 -10.24
C GLN D 187 -12.34 -32.80 -11.22
N PHE D 188 -12.08 -32.89 -12.51
CA PHE D 188 -12.85 -32.18 -13.50
C PHE D 188 -13.53 -33.14 -14.49
N PRO D 189 -14.73 -32.84 -14.96
CA PRO D 189 -15.35 -33.71 -15.99
C PRO D 189 -14.52 -33.62 -17.24
N GLU D 190 -14.70 -34.63 -18.11
CA GLU D 190 -13.79 -34.84 -19.25
C GLU D 190 -13.46 -33.64 -20.10
N ASP D 191 -14.47 -32.92 -20.55
CA ASP D 191 -14.22 -31.83 -21.46
C ASP D 191 -13.50 -30.67 -20.74
N GLN D 192 -13.92 -30.40 -19.48
CA GLN D 192 -13.23 -29.36 -18.71
C GLN D 192 -11.78 -29.76 -18.45
N ALA D 193 -11.56 -31.03 -18.14
CA ALA D 193 -10.21 -31.51 -17.89
C ALA D 193 -9.34 -31.30 -19.13
N GLU D 194 -9.90 -31.60 -20.32
CA GLU D 194 -9.11 -31.43 -21.50
C GLU D 194 -8.77 -29.97 -21.74
N THR D 195 -9.74 -29.07 -21.51
CA THR D 195 -9.46 -27.67 -21.66
C THR D 195 -8.35 -27.22 -20.70
N LEU D 196 -8.46 -27.62 -19.45
CA LEU D 196 -7.49 -27.14 -18.45
C LEU D 196 -6.10 -27.69 -18.72
N LYS D 197 -6.03 -28.98 -19.12
CA LYS D 197 -4.71 -29.56 -19.39
C LYS D 197 -4.08 -28.90 -20.60
N ALA D 198 -4.88 -28.50 -21.58
CA ALA D 198 -4.35 -27.78 -22.75
C ALA D 198 -3.81 -26.41 -22.36
N GLU D 199 -4.48 -25.73 -21.41
CA GLU D 199 -4.00 -24.43 -20.97
C GLU D 199 -2.67 -24.57 -20.26
N VAL D 200 -2.55 -25.58 -19.39
CA VAL D 200 -1.33 -25.73 -18.59
C VAL D 200 -0.17 -26.30 -19.41
N GLY D 201 -0.49 -27.26 -20.27
CA GLY D 201 0.54 -27.93 -21.09
C GLY D 201 1.54 -28.60 -20.19
N ASP D 202 2.81 -28.57 -20.61
CA ASP D 202 3.90 -29.12 -19.85
C ASP D 202 4.35 -28.24 -18.69
N GLY D 203 3.71 -27.09 -18.47
CA GLY D 203 4.01 -26.33 -17.26
C GLY D 203 3.76 -27.13 -15.99
N ILE D 204 4.53 -26.86 -14.95
N ILE D 204 4.52 -26.87 -14.96
CA ILE D 204 4.36 -27.51 -13.65
CA ILE D 204 4.20 -27.46 -13.71
C ILE D 204 4.26 -26.39 -12.59
C ILE D 204 4.14 -26.29 -12.73
N TRP D 205 3.16 -26.38 -11.84
CA TRP D 205 2.82 -25.29 -10.89
C TRP D 205 2.61 -25.84 -9.52
N GLN D 206 3.07 -25.14 -8.50
CA GLN D 206 2.78 -25.46 -7.11
C GLN D 206 1.58 -24.67 -6.63
N VAL D 207 0.79 -25.32 -5.80
CA VAL D 207 -0.25 -24.62 -4.99
C VAL D 207 0.24 -24.69 -3.58
N VAL D 208 0.57 -23.52 -3.01
CA VAL D 208 1.14 -23.42 -1.68
C VAL D 208 0.12 -22.85 -0.74
N ARG D 209 -0.14 -23.51 0.39
CA ARG D 209 -1.04 -22.95 1.39
C ARG D 209 -0.22 -22.80 2.65
N ILE D 210 -0.13 -21.57 3.16
CA ILE D 210 0.56 -21.33 4.40
C ILE D 210 -0.39 -21.53 5.59
N PRO D 211 0.10 -21.54 6.82
CA PRO D 211 -0.82 -21.86 7.94
C PRO D 211 -1.84 -20.77 8.18
N THR D 212 -3.08 -21.20 8.45
CA THR D 212 -4.14 -20.25 8.86
C THR D 212 -3.70 -19.47 10.09
N ILE D 213 -3.07 -20.08 11.07
CA ILE D 213 -2.69 -19.32 12.27
C ILE D 213 -1.78 -18.17 11.91
N VAL D 214 -0.92 -18.36 10.92
CA VAL D 214 0.00 -17.31 10.46
C VAL D 214 -0.74 -16.24 9.70
N SER D 215 -1.64 -16.64 8.80
CA SER D 215 -2.39 -15.68 8.02
C SER D 215 -3.20 -14.76 8.92
N ARG D 216 -3.78 -15.35 9.98
CA ARG D 216 -4.57 -14.59 10.95
C ARG D 216 -3.68 -13.66 11.77
N THR D 217 -2.55 -14.14 12.25
CA THR D 217 -1.58 -13.26 12.94
C THR D 217 -1.10 -12.14 12.06
N CYS D 218 -0.90 -12.41 10.79
CA CYS D 218 -0.25 -11.48 9.88
C CYS D 218 -1.22 -10.96 8.85
N ASP D 219 -0.92 -11.06 7.55
CA ASP D 219 -1.78 -10.48 6.51
C ASP D 219 -1.64 -11.30 5.25
N GLY D 220 -2.33 -10.90 4.20
CA GLY D 220 -2.28 -11.64 2.95
C GLY D 220 -0.93 -11.48 2.25
N ALA D 221 -0.23 -10.37 2.46
CA ALA D 221 1.02 -10.15 1.76
C ALA D 221 2.12 -11.01 2.33
N THR D 222 1.87 -11.65 3.45
CA THR D 222 2.77 -12.64 4.02
C THR D 222 2.85 -13.89 3.14
N THR D 223 1.77 -14.25 2.48
CA THR D 223 1.65 -15.57 1.86
C THR D 223 2.76 -15.88 0.82
N SER D 224 2.99 -15.00 -0.17
CA SER D 224 3.97 -15.34 -1.15
C SER D 224 5.39 -15.30 -0.59
N ARG D 225 5.63 -14.51 0.45
CA ARG D 225 6.93 -14.49 1.07
C ARG D 225 7.20 -15.78 1.81
N TRP D 226 6.24 -16.18 2.66
CA TRP D 226 6.39 -17.40 3.47
C TRP D 226 6.61 -18.60 2.52
N SER D 227 5.76 -18.67 1.51
CA SER D 227 5.87 -19.68 0.42
C SER D 227 7.32 -19.69 -0.10
N ALA D 228 7.83 -18.53 -0.53
CA ALA D 228 9.15 -18.47 -1.14
C ALA D 228 10.24 -18.86 -0.22
N MET D 229 10.17 -18.52 1.04
CA MET D 229 11.27 -18.83 1.95
C MET D 229 11.46 -20.36 1.99
N GLN D 230 10.32 -21.07 2.08
CA GLN D 230 10.38 -22.53 2.31
C GLN D 230 10.57 -23.26 1.00
N ILE D 231 10.08 -22.75 -0.11
CA ILE D 231 10.50 -23.24 -1.43
C ILE D 231 12.03 -23.10 -1.49
N GLY D 232 12.58 -21.93 -1.09
CA GLY D 232 14.02 -21.71 -1.18
C GLY D 232 14.80 -22.70 -0.36
N MET D 233 14.42 -22.91 0.88
CA MET D 233 15.11 -23.89 1.70
C MET D 233 15.03 -25.26 1.14
N SER D 234 13.90 -25.62 0.55
CA SER D 234 13.68 -26.96 0.02
C SER D 234 14.43 -27.15 -1.29
N MET D 235 14.63 -26.13 -2.09
CA MET D 235 15.49 -26.22 -3.27
C MET D 235 16.94 -26.41 -2.82
N ILE D 236 17.37 -25.72 -1.80
CA ILE D 236 18.71 -25.92 -1.26
C ILE D 236 18.86 -27.39 -0.88
N SER D 237 17.97 -27.89 -0.04
CA SER D 237 18.15 -29.20 0.53
C SER D 237 17.97 -30.28 -0.53
N ALA D 238 16.97 -30.19 -1.36
CA ALA D 238 16.63 -31.29 -2.27
C ALA D 238 17.57 -31.32 -3.44
N TYR D 239 18.12 -30.21 -3.92
CA TYR D 239 19.00 -30.27 -5.10
C TYR D 239 20.44 -30.00 -4.72
N LYS D 240 20.77 -30.03 -3.44
CA LYS D 240 22.17 -30.05 -3.01
C LYS D 240 22.97 -28.83 -3.38
N GLN D 241 22.37 -27.64 -3.27
CA GLN D 241 23.08 -26.37 -3.41
C GLN D 241 24.01 -26.12 -2.21
N ALA D 242 24.99 -25.21 -2.34
CA ALA D 242 25.51 -24.53 -1.16
C ALA D 242 24.30 -23.85 -0.53
N ALA D 243 24.36 -23.76 0.78
CA ALA D 243 23.21 -23.20 1.50
C ALA D 243 23.39 -21.68 1.54
N GLY D 244 23.11 -21.07 0.36
CA GLY D 244 23.25 -19.62 0.16
C GLY D 244 24.40 -19.28 -0.80
N GLU D 245 24.15 -19.51 -2.07
CA GLU D 245 25.11 -19.14 -3.14
C GLU D 245 24.39 -18.22 -4.15
N ALA D 246 25.08 -17.71 -5.18
CA ALA D 246 24.46 -16.76 -6.05
C ALA D 246 23.20 -17.35 -6.67
N ALA D 247 23.20 -18.61 -7.09
CA ALA D 247 22.03 -19.12 -7.76
C ALA D 247 20.78 -19.15 -6.83
N THR D 248 21.02 -19.19 -5.53
CA THR D 248 19.92 -19.16 -4.55
C THR D 248 19.00 -17.98 -4.80
N GLY D 249 19.56 -16.84 -5.22
CA GLY D 249 18.74 -15.67 -5.48
C GLY D 249 17.85 -15.79 -6.70
N ASP D 250 18.19 -16.66 -7.67
CA ASP D 250 17.29 -16.86 -8.79
C ASP D 250 16.00 -17.59 -8.32
N PHE D 251 16.14 -18.53 -7.38
CA PHE D 251 14.94 -19.22 -6.86
C PHE D 251 14.09 -18.24 -6.12
N ALA D 252 14.72 -17.32 -5.39
CA ALA D 252 13.96 -16.31 -4.60
C ALA D 252 13.18 -15.41 -5.54
N TYR D 253 13.85 -14.90 -6.59
CA TYR D 253 13.20 -13.97 -7.51
C TYR D 253 12.09 -14.72 -8.25
N ALA D 254 12.35 -15.95 -8.66
CA ALA D 254 11.30 -16.73 -9.36
C ALA D 254 10.07 -16.95 -8.48
N ALA D 255 10.28 -17.37 -7.24
CA ALA D 255 9.15 -17.74 -6.38
C ALA D 255 8.42 -16.49 -5.89
N LYS D 256 9.14 -15.35 -5.74
CA LYS D 256 8.52 -14.13 -5.18
C LYS D 256 7.96 -13.24 -6.22
N MHS D 257 8.40 -13.31 -7.46
CA MHS D 257 8.07 -12.33 -8.51
C MHS D 257 7.86 -13.04 -9.86
O MHS D 257 6.77 -12.80 -10.46
CB MHS D 257 9.17 -11.25 -8.68
CG MHS D 257 9.39 -10.54 -7.39
ND1 MHS D 257 8.57 -9.60 -6.88
CD2 MHS D 257 10.40 -10.70 -6.46
CE1 MHS D 257 8.96 -9.10 -5.62
NE2 MHS D 257 10.14 -9.89 -5.40
CM MHS D 257 7.33 -9.05 -7.47
N ALA D 258 8.79 -13.73 -10.42
CA ALA D 258 8.72 -14.07 -11.83
C ALA D 258 7.68 -15.12 -12.14
N GLU D 259 7.40 -16.04 -11.21
CA GLU D 259 6.37 -17.05 -11.52
C GLU D 259 5.40 -17.25 -10.36
N VAL D 260 5.14 -16.21 -9.59
CA VAL D 260 4.06 -16.21 -8.59
C VAL D 260 2.73 -15.69 -9.15
N ILE D 261 1.62 -16.27 -8.73
CA ILE D 261 0.31 -15.76 -9.02
C ILE D 261 -0.33 -15.50 -7.67
N HIS D 262 -0.53 -14.24 -7.32
CA HIS D 262 -1.25 -13.85 -6.10
C HIS D 262 -2.73 -14.04 -6.38
N MET D 263 -3.49 -14.26 -5.29
CA MET D 263 -4.97 -14.24 -5.39
C MET D 263 -5.47 -12.82 -5.59
N GLY D 264 -4.80 -11.86 -4.95
CA GLY D 264 -5.19 -10.45 -5.08
C GLY D 264 -3.94 -9.59 -5.27
N THR D 265 -4.06 -8.55 -6.08
CA THR D 265 -3.01 -7.58 -6.28
C THR D 265 -3.11 -6.47 -5.23
N TYR D 266 -2.03 -5.74 -4.99
CA TYR D 266 -2.05 -4.70 -3.94
C TYR D 266 -2.93 -3.53 -4.33
N LEU D 267 -3.28 -2.74 -3.31
CA LEU D 267 -4.18 -1.62 -3.46
C LEU D 267 -3.60 -0.28 -3.34
N PRO D 268 -4.21 0.75 -3.87
CA PRO D 268 -3.67 2.10 -3.72
C PRO D 268 -3.87 2.64 -2.31
N VAL D 269 -3.15 3.71 -2.05
CA VAL D 269 -2.88 4.15 -0.66
C VAL D 269 -4.12 4.50 0.16
N ARG D 270 -5.15 5.10 -0.47
CA ARG D 270 -6.30 5.44 0.34
C ARG D 270 -6.90 4.19 1.00
N AGM D 271 -6.81 3.07 0.32
CA AGM D 271 -7.25 1.79 0.82
CB AGM D 271 -8.48 1.24 0.07
CG AGM D 271 -8.24 1.22 -1.45
CD AGM D 271 -9.59 1.13 -2.18
CE2 AGM D 271 -10.30 -0.22 -2.06
NE1 AGM D 271 -9.40 1.42 -3.65
CZ AGM D 271 -9.16 2.63 -4.15
NH1 AGM D 271 -9.19 3.71 -3.35
NH2 AGM D 271 -8.87 2.76 -5.43
C AGM D 271 -6.05 0.83 0.89
O AGM D 271 -6.15 -0.36 0.57
N ALA D 272 -4.92 1.33 1.38
CA ALA D 272 -3.65 0.61 1.32
C ALA D 272 -3.78 -0.76 1.90
N ARG D 273 -3.31 -1.74 1.15
CA ARG D 273 -3.24 -3.15 1.51
C ARG D 273 -2.25 -3.79 0.58
N GLY D 274 -1.58 -4.83 1.07
CA GLY D 274 -0.72 -5.65 0.22
C GLY D 274 -1.50 -6.67 -0.55
N GLU D 275 -0.76 -7.56 -1.18
CA GLU D 275 -1.35 -8.64 -1.98
C GLU D 275 -2.17 -9.57 -1.15
N ASN D 276 -3.02 -10.36 -1.84
CA ASN D 276 -3.83 -11.37 -1.17
C ASN D 276 -4.76 -10.76 -0.14
N GLU D 277 -5.36 -9.63 -0.47
CA GLU D 277 -6.47 -9.08 0.32
C GLU D 277 -7.70 -9.05 -0.60
N PRO D 278 -8.90 -8.92 -0.02
CA PRO D 278 -10.06 -9.17 -0.87
C PRO D 278 -10.21 -8.19 -2.00
N GLY D 279 -9.83 -6.93 -1.79
CA GLY D 279 -10.02 -5.93 -2.79
C GLY D 279 -9.20 -6.15 -4.04
N GLY D 280 -8.11 -6.91 -3.91
CA GLY D 280 -7.28 -7.18 -5.09
C GLY D 280 -7.73 -8.39 -5.87
N VAL D 281 -8.75 -9.15 -5.45
CA VAL D 281 -9.17 -10.36 -6.14
C VAL D 281 -10.12 -10.00 -7.26
N PRO D 282 -9.72 -10.15 -8.53
CA PRO D 282 -10.63 -9.78 -9.61
C PRO D 282 -11.83 -10.71 -9.67
N PHE D 283 -12.91 -10.22 -10.26
CA PHE D 283 -14.14 -11.00 -10.30
C PHE D 283 -13.94 -12.34 -10.98
N GLY D 284 -13.15 -12.36 -12.08
CA GLY D 284 -12.96 -13.66 -12.76
C GLY D 284 -12.18 -14.65 -11.92
N TYR D 285 -11.22 -14.16 -11.06
CA TYR D 285 -10.58 -15.10 -10.13
C TYR D 285 -11.53 -15.63 -9.10
N LEU D 286 -12.43 -14.77 -8.56
CA LEU D 286 -13.37 -15.26 -7.55
C LEU D 286 -14.26 -16.34 -8.13
N ALA D 287 -14.73 -16.14 -9.37
CA ALA D 287 -15.55 -17.18 -10.03
C ALA D 287 -14.73 -18.48 -10.19
N ASP D 288 -13.43 -18.36 -10.46
CA ASP D 288 -12.57 -19.53 -10.58
C ASP D 288 -12.23 -20.24 -9.31
N ILE D 289 -12.11 -19.48 -8.21
CA ILE D 289 -11.92 -20.05 -6.90
C ILE D 289 -13.12 -20.90 -6.50
N CYS D 290 -14.31 -20.37 -6.64
CA CYS D 290 -15.47 -21.17 -6.42
C CYS D 290 -15.42 -22.42 -7.32
N GLN D 291 -15.76 -23.58 -6.75
CA GLN D 291 -15.60 -24.85 -7.49
C GLN D 291 -16.90 -25.43 -7.97
N SER D 292 -17.97 -24.64 -7.90
CA SER D 292 -19.25 -25.12 -8.37
C SER D 292 -19.17 -25.53 -9.83
N SER D 293 -18.41 -24.83 -10.63
CA SER D 293 -18.30 -25.10 -12.06
C SER D 293 -17.96 -26.56 -12.36
N ARG D 294 -17.17 -27.24 -11.55
CA ARG D 294 -16.71 -28.59 -11.90
C ARG D 294 -17.64 -29.66 -11.37
N VAL D 295 -18.61 -29.30 -10.52
N VAL D 295 -18.67 -29.28 -10.61
CA VAL D 295 -19.53 -30.28 -9.95
CA VAL D 295 -19.61 -30.24 -10.02
C VAL D 295 -20.98 -30.08 -10.38
C VAL D 295 -20.99 -30.04 -10.65
N ASN D 296 -21.43 -28.83 -10.67
CA ASN D 296 -22.80 -28.50 -11.06
C ASN D 296 -22.88 -28.04 -12.49
N TYR D 297 -21.99 -28.52 -13.33
CA TYR D 297 -21.91 -27.97 -14.70
C TYR D 297 -23.15 -28.19 -15.58
N GLU D 298 -23.98 -29.15 -15.27
CA GLU D 298 -25.25 -29.27 -16.00
C GLU D 298 -26.29 -28.20 -15.69
N ASP D 299 -26.03 -27.40 -14.64
CA ASP D 299 -26.94 -26.33 -14.18
C ASP D 299 -26.19 -25.01 -14.13
N PRO D 300 -26.19 -24.23 -15.19
CA PRO D 300 -25.46 -22.96 -15.14
C PRO D 300 -25.98 -21.93 -14.16
N VAL D 301 -27.25 -22.03 -13.80
CA VAL D 301 -27.80 -21.15 -12.76
C VAL D 301 -27.17 -21.49 -11.45
N ARG D 302 -27.11 -22.76 -11.04
CA ARG D 302 -26.49 -23.16 -9.83
C ARG D 302 -25.04 -22.70 -9.78
N VAL D 303 -24.30 -22.88 -10.86
CA VAL D 303 -22.89 -22.48 -10.87
C VAL D 303 -22.78 -20.98 -10.61
N SER D 304 -23.54 -20.21 -11.39
CA SER D 304 -23.46 -18.76 -11.30
C SER D 304 -23.84 -18.25 -9.89
N LEU D 305 -24.88 -18.83 -9.32
CA LEU D 305 -25.34 -18.33 -8.02
C LEU D 305 -24.48 -18.85 -6.86
N ASP D 306 -23.79 -19.95 -7.00
CA ASP D 306 -22.76 -20.30 -6.04
C ASP D 306 -21.64 -19.27 -6.09
N VAL D 307 -21.27 -18.81 -7.25
CA VAL D 307 -20.26 -17.74 -7.32
C VAL D 307 -20.81 -16.45 -6.68
N VAL D 308 -22.06 -16.10 -6.94
CA VAL D 308 -22.65 -14.92 -6.29
C VAL D 308 -22.55 -15.09 -4.78
N ALA D 309 -22.86 -16.24 -4.23
CA ALA D 309 -22.77 -16.42 -2.78
C ALA D 309 -21.35 -16.21 -2.27
N THR D 310 -20.40 -16.81 -2.95
CA THR D 310 -18.95 -16.70 -2.59
C THR D 310 -18.58 -15.22 -2.49
N GLY D 311 -18.94 -14.49 -3.54
CA GLY D 311 -18.55 -13.12 -3.64
C GLY D 311 -19.35 -12.16 -2.79
N ALA D 312 -20.67 -12.38 -2.63
CA ALA D 312 -21.44 -11.49 -1.78
C ALA D 312 -20.91 -11.58 -0.38
N MET D 313 -20.62 -12.77 0.11
CA MET D 313 -20.09 -12.91 1.47
C MET D 313 -18.73 -12.26 1.54
N LEU D 314 -17.77 -12.68 0.71
CA LEU D 314 -16.42 -12.15 0.85
C LEU D 314 -16.38 -10.66 0.61
N TYR D 315 -16.94 -10.20 -0.48
CA TYR D 315 -16.80 -8.81 -0.86
C TYR D 315 -17.65 -7.89 -0.02
N ASP D 316 -18.91 -8.26 0.31
CA ASP D 316 -19.72 -7.32 1.11
C ASP D 316 -19.56 -7.50 2.60
N GLN D 317 -19.47 -8.73 3.08
CA GLN D 317 -19.45 -8.93 4.55
C GLN D 317 -18.08 -8.70 5.13
N ILE D 318 -17.09 -9.38 4.57
CA ILE D 318 -15.72 -9.28 5.13
C ILE D 318 -14.99 -8.07 4.63
N TRP D 319 -15.00 -7.88 3.29
CA TRP D 319 -14.24 -6.79 2.67
C TRP D 319 -14.93 -5.47 2.93
N LEU D 320 -16.06 -5.20 2.31
CA LEU D 320 -16.67 -3.88 2.49
C LEU D 320 -17.16 -3.69 3.93
N GLY D 321 -17.67 -4.74 4.54
CA GLY D 321 -18.28 -4.65 5.85
C GLY D 321 -17.33 -4.75 7.02
N SER D 322 -16.05 -4.95 6.79
CA SER D 322 -15.08 -4.98 7.90
C SER D 322 -13.79 -4.30 7.45
N TYR D 323 -13.01 -4.88 6.52
CA TYR D 323 -11.80 -4.19 6.07
C TYR D 323 -12.04 -2.73 5.71
N MET D 324 -13.14 -2.46 5.04
CA MET D 324 -13.44 -1.11 4.57
C MET D 324 -14.44 -0.34 5.40
N SER D 325 -14.91 -0.92 6.51
CA SER D 325 -15.87 -0.20 7.37
C SER D 325 -15.83 -0.84 8.75
N GLY D 326 -16.72 -1.80 9.06
CA GLY D 326 -16.77 -2.48 10.34
C GLY D 326 -17.96 -2.15 11.16
N GLY D 327 -18.02 -2.76 12.31
CA GLY D 327 -19.20 -2.66 13.18
C GLY D 327 -20.19 -3.79 12.93
N VAL D 328 -21.46 -3.50 13.15
CA VAL D 328 -22.50 -4.43 12.78
C VAL D 328 -22.32 -4.89 11.30
N GLY D 329 -21.99 -3.96 10.43
CA GLY D 329 -21.60 -4.34 9.07
C GLY D 329 -22.77 -4.69 8.20
N PHE D 330 -22.50 -5.62 7.26
CA PHE D 330 -23.31 -5.73 6.02
C PHE D 330 -23.84 -7.14 5.78
N THR D 331 -24.19 -7.86 6.82
CA THR D 331 -24.64 -9.24 6.67
C THR D 331 -25.78 -9.36 5.66
N GLN D 332 -26.86 -8.62 5.86
CA GLN D 332 -28.08 -8.79 5.05
C GLN D 332 -27.99 -8.12 3.68
N TYR D 333 -27.14 -7.13 3.49
CA TYR D 333 -26.82 -6.72 2.13
C TYR D 333 -26.34 -7.90 1.31
N ALA D 334 -25.61 -8.81 1.93
CA ALA D 334 -25.11 -10.02 1.26
C ALA D 334 -26.06 -11.15 1.31
N THR D 335 -26.68 -11.42 2.47
CA THR D 335 -27.59 -12.57 2.53
C THR D 335 -28.70 -12.50 1.53
N ALA D 336 -29.11 -11.30 1.15
CA ALA D 336 -30.17 -11.20 0.14
C ALA D 336 -29.82 -11.99 -1.11
N ALA D 337 -28.53 -12.15 -1.40
CA ALA D 337 -28.12 -12.84 -2.63
C ALA D 337 -27.87 -14.30 -2.45
N TYR D 338 -28.02 -14.86 -1.25
CA TYR D 338 -27.81 -16.30 -1.03
C TYR D 338 -28.79 -16.96 -0.08
N THR D 339 -29.91 -16.30 0.17
CA THR D 339 -30.95 -16.86 1.05
C THR D 339 -32.33 -16.87 0.41
N ASP D 340 -33.14 -17.76 0.97
CA ASP D 340 -34.59 -17.81 0.69
C ASP D 340 -34.88 -18.24 -0.73
N ASN D 341 -33.86 -18.68 -1.48
CA ASN D 341 -34.00 -19.08 -2.91
C ASN D 341 -34.60 -18.00 -3.77
N ILE D 342 -34.42 -16.71 -3.37
CA ILE D 342 -35.05 -15.61 -4.14
C ILE D 342 -34.31 -15.32 -5.42
N LEU D 343 -33.00 -15.06 -5.33
CA LEU D 343 -32.20 -14.84 -6.52
C LEU D 343 -32.32 -16.08 -7.44
N ASP D 344 -32.38 -17.24 -6.83
CA ASP D 344 -32.53 -18.49 -7.64
C ASP D 344 -33.84 -18.46 -8.41
N ASP D 345 -34.94 -18.10 -7.76
CA ASP D 345 -36.21 -18.05 -8.49
C ASP D 345 -36.10 -17.12 -9.68
N PHE D 346 -35.56 -15.91 -9.48
CA PHE D 346 -35.56 -14.92 -10.54
C PHE D 346 -34.61 -15.37 -11.65
N THR D 347 -33.50 -16.00 -11.29
CA THR D 347 -32.48 -16.33 -12.31
C THR D 347 -32.93 -17.58 -13.13
N TYR D 348 -33.56 -18.53 -12.46
CA TYR D 348 -34.18 -19.64 -13.25
C TYR D 348 -35.22 -19.09 -14.18
N PHE D 349 -36.03 -18.11 -13.78
CA PHE D 349 -37.00 -17.53 -14.68
C PHE D 349 -36.30 -17.02 -15.86
N GLY D 350 -35.23 -16.22 -15.66
CA GLY D 350 -34.53 -15.62 -16.77
C GLY D 350 -33.84 -16.62 -17.68
N LYS D 351 -33.26 -17.66 -17.09
CA LYS D 351 -32.63 -18.72 -17.87
C LYS D 351 -33.69 -19.38 -18.80
N GLU D 352 -34.83 -19.70 -18.24
CA GLU D 352 -35.89 -20.35 -19.04
C GLU D 352 -36.41 -19.41 -20.08
N TYR D 353 -36.54 -18.11 -19.78
CA TYR D 353 -36.97 -17.15 -20.79
C TYR D 353 -36.02 -17.12 -21.93
N VAL D 354 -34.71 -17.07 -21.60
CA VAL D 354 -33.71 -17.08 -22.63
C VAL D 354 -33.72 -18.38 -23.43
N GLU D 355 -33.85 -19.51 -22.76
CA GLU D 355 -33.92 -20.79 -23.49
C GLU D 355 -35.05 -20.76 -24.50
N ASP D 356 -36.19 -20.25 -24.11
CA ASP D 356 -37.37 -20.27 -24.97
C ASP D 356 -37.19 -19.30 -26.13
N LYS D 357 -36.73 -18.07 -25.91
CA LYS D 357 -36.67 -17.08 -26.96
C LYS D 357 -35.48 -17.26 -27.87
N TYR D 358 -34.32 -17.59 -27.30
CA TYR D 358 -33.07 -17.60 -28.04
C TYR D 358 -32.39 -18.97 -28.09
N GLY D 359 -32.37 -19.66 -26.96
CA GLY D 359 -31.44 -20.74 -26.73
C GLY D 359 -30.18 -20.17 -26.05
N LEU D 360 -29.61 -20.90 -25.08
CA LEU D 360 -28.43 -20.35 -24.35
C LEU D 360 -27.34 -20.11 -25.34
N CYS D 361 -26.70 -18.96 -25.22
CA CYS D 361 -25.56 -18.49 -25.95
C CYS D 361 -25.88 -18.30 -27.44
N GLU D 362 -27.14 -18.31 -27.80
CA GLU D 362 -27.53 -18.18 -29.24
C GLU D 362 -28.00 -16.78 -29.62
N ALA D 363 -28.13 -15.87 -28.65
CA ALA D 363 -28.65 -14.54 -28.95
C ALA D 363 -27.56 -13.69 -29.53
N PRO D 364 -27.89 -12.73 -30.40
CA PRO D 364 -26.89 -11.82 -30.85
C PRO D 364 -26.23 -11.08 -29.66
N ASN D 365 -24.93 -10.86 -29.75
CA ASN D 365 -24.21 -10.17 -28.67
C ASN D 365 -24.32 -8.68 -28.92
N ASN D 366 -25.48 -8.07 -28.60
CA ASN D 366 -25.69 -6.69 -28.92
C ASN D 366 -26.70 -6.04 -27.95
N MET D 367 -26.91 -4.76 -28.20
CA MET D 367 -27.79 -3.98 -27.30
C MET D 367 -29.24 -4.45 -27.44
N ASP D 368 -29.65 -4.97 -28.62
CA ASP D 368 -31.00 -5.47 -28.72
C ASP D 368 -31.27 -6.58 -27.70
N THR D 369 -30.31 -7.50 -27.59
CA THR D 369 -30.48 -8.59 -26.65
C THR D 369 -30.49 -8.03 -25.20
N VAL D 370 -29.60 -7.07 -24.94
CA VAL D 370 -29.54 -6.47 -23.57
C VAL D 370 -30.92 -5.92 -23.22
N LEU D 371 -31.46 -5.10 -24.14
CA LEU D 371 -32.77 -4.47 -23.86
C LEU D 371 -33.86 -5.49 -23.65
N ASP D 372 -33.89 -6.54 -24.50
CA ASP D 372 -34.92 -7.53 -24.37
C ASP D 372 -34.83 -8.26 -23.02
N VAL D 373 -33.70 -8.94 -22.80
CA VAL D 373 -33.59 -9.87 -21.66
C VAL D 373 -33.59 -9.12 -20.33
N ALA D 374 -32.79 -8.07 -20.23
CA ALA D 374 -32.65 -7.47 -18.92
C ALA D 374 -33.95 -6.82 -18.51
N THR D 375 -34.70 -6.24 -19.47
CA THR D 375 -35.98 -5.61 -19.15
C THR D 375 -37.01 -6.65 -18.65
N GLU D 376 -37.11 -7.77 -19.42
CA GLU D 376 -38.09 -8.81 -19.09
C GLU D 376 -37.80 -9.37 -17.70
N VAL D 377 -36.52 -9.69 -17.41
CA VAL D 377 -36.19 -10.30 -16.14
C VAL D 377 -36.35 -9.31 -14.96
N THR D 378 -35.99 -8.07 -15.22
CA THR D 378 -36.22 -7.01 -14.19
C THR D 378 -37.68 -6.96 -13.80
N PHE D 379 -38.56 -6.90 -14.83
CA PHE D 379 -39.98 -6.84 -14.51
C PHE D 379 -40.50 -8.04 -13.79
N TYR D 380 -40.02 -9.26 -14.12
CA TYR D 380 -40.43 -10.42 -13.36
C TYR D 380 -40.08 -10.29 -11.89
N GLY D 381 -38.80 -9.90 -11.65
CA GLY D 381 -38.34 -9.85 -10.23
C GLY D 381 -39.13 -8.83 -9.40
N LEU D 382 -39.30 -7.65 -9.98
CA LEU D 382 -40.06 -6.59 -9.29
C LEU D 382 -41.53 -6.97 -9.07
N GLU D 383 -42.14 -7.70 -10.06
CA GLU D 383 -43.50 -8.21 -9.87
C GLU D 383 -43.60 -9.13 -8.72
N GLN D 384 -42.54 -9.89 -8.41
CA GLN D 384 -42.65 -10.81 -7.28
C GLN D 384 -42.76 -10.05 -5.95
N TYR D 385 -41.99 -8.98 -5.81
CA TYR D 385 -42.11 -8.14 -4.61
C TYR D 385 -43.48 -7.50 -4.50
N GLU D 386 -44.09 -7.18 -5.64
CA GLU D 386 -45.42 -6.55 -5.66
C GLU D 386 -46.53 -7.58 -5.38
N GLU D 387 -46.38 -8.83 -5.84
CA GLU D 387 -47.37 -9.86 -5.65
C GLU D 387 -47.33 -10.48 -4.29
N TYR D 388 -46.12 -10.52 -3.66
CA TYR D 388 -45.93 -11.17 -2.40
C TYR D 388 -45.44 -10.17 -1.34
N PRO D 389 -46.35 -9.53 -0.62
CA PRO D 389 -45.90 -8.59 0.45
C PRO D 389 -44.94 -9.24 1.44
N ALA D 390 -45.02 -10.51 1.74
CA ALA D 390 -44.04 -11.13 2.58
C ALA D 390 -42.64 -11.07 1.94
N LEU D 391 -42.52 -11.20 0.63
CA LEU D 391 -41.24 -11.12 -0.04
C LEU D 391 -40.62 -9.74 0.11
N LEU D 392 -41.43 -8.72 -0.05
CA LEU D 392 -40.96 -7.36 0.05
C LEU D 392 -40.55 -7.04 1.49
N GLU D 393 -41.24 -7.56 2.47
CA GLU D 393 -40.89 -7.31 3.87
C GLU D 393 -39.65 -8.12 4.26
N ASP D 394 -39.36 -9.19 3.54
CA ASP D 394 -38.17 -10.02 3.72
C ASP D 394 -36.94 -9.24 3.22
N GLN D 395 -36.93 -8.90 1.93
CA GLN D 395 -35.86 -8.08 1.33
C GLN D 395 -36.23 -6.64 1.42
N PHE D 396 -36.16 -6.16 2.69
CA PHE D 396 -36.79 -4.89 3.06
C PHE D 396 -35.97 -3.71 2.58
N GLY D 397 -34.65 -3.86 2.32
CA GLY D 397 -33.86 -2.73 1.90
C GLY D 397 -33.84 -2.62 0.39
N GLY D 398 -34.02 -1.46 -0.17
CA GLY D 398 -34.02 -1.32 -1.61
C GLY D 398 -32.73 -1.82 -2.24
N SER D 399 -31.57 -1.60 -1.57
CA SER D 399 -30.31 -2.06 -2.14
C SER D 399 -30.33 -3.57 -2.36
N MGN D 400 -30.85 -4.31 -1.42
CA MGN D 400 -30.89 -5.76 -1.49
CB1 MGN D 400 -31.69 -6.29 -0.33
CB2 MGN D 400 -29.50 -6.38 -1.56
CG MGN D 400 -31.07 -6.13 1.08
CD MGN D 400 -32.01 -6.67 2.12
OE1 MGN D 400 -33.18 -6.28 2.25
NE2 MGN D 400 -31.52 -7.64 2.91
C MGN D 400 -31.71 -6.16 -2.74
O MGN D 400 -31.28 -7.00 -3.58
N ARG D 401 -32.84 -5.54 -2.93
CA ARG D 401 -33.73 -5.83 -4.07
C ARG D 401 -33.04 -5.43 -5.35
N ALA D 402 -32.37 -4.28 -5.40
CA ALA D 402 -31.71 -3.84 -6.60
C ALA D 402 -30.64 -4.85 -7.03
N ALA D 403 -29.85 -5.34 -6.08
CA ALA D 403 -28.78 -6.28 -6.37
C ALA D 403 -29.34 -7.58 -6.86
N VAL D 404 -30.38 -8.08 -6.20
CA VAL D 404 -30.98 -9.39 -6.56
C VAL D 404 -31.60 -9.31 -7.96
N VAL D 405 -32.43 -8.31 -8.19
CA VAL D 405 -33.11 -8.18 -9.48
C VAL D 405 -32.10 -7.99 -10.58
N ALA D 406 -31.10 -7.13 -10.39
CA ALA D 406 -30.14 -6.86 -11.45
C ALA D 406 -29.21 -8.06 -11.62
N ALA D 407 -28.88 -8.82 -10.58
CA ALA D 407 -28.06 -10.00 -10.80
C ALA D 407 -28.78 -10.98 -11.69
N ALA D 408 -30.07 -11.20 -11.44
CA ALA D 408 -30.83 -12.11 -12.32
C ALA D 408 -30.87 -11.58 -13.70
N ALA D 409 -31.08 -10.28 -13.89
CA ALA D 409 -31.13 -9.70 -15.24
C ALA D 409 -29.82 -9.76 -15.94
N GLY D 410 -28.70 -9.50 -15.25
CA GLY D 410 -27.40 -9.51 -15.88
C GLY D 410 -26.93 -10.93 -16.16
N CYS D 411 -27.11 -11.84 -15.24
CA CYS D 411 -26.76 -13.25 -15.51
C CYS D 411 -27.57 -13.75 -16.70
N SER D 412 -28.87 -13.44 -16.72
CA SER D 412 -29.73 -13.93 -17.85
C SER D 412 -29.29 -13.36 -19.14
N THR D 413 -28.92 -12.08 -19.19
CA THR D 413 -28.44 -11.49 -20.41
C THR D 413 -27.18 -12.18 -20.88
N ALA D 414 -26.26 -12.48 -19.97
CA ALA D 414 -25.06 -13.20 -20.34
C ALA D 414 -25.31 -14.66 -20.72
N PHE D 415 -26.33 -15.31 -20.15
CA PHE D 415 -26.73 -16.63 -20.60
C PHE D 415 -27.16 -16.58 -22.07
N ALA D 416 -27.77 -15.49 -22.47
CA ALA D 416 -28.26 -15.33 -23.84
C ALA D 416 -27.10 -15.04 -24.79
N THR D 417 -26.21 -14.11 -24.47
CA THR D 417 -25.18 -13.68 -25.40
C THR D 417 -23.91 -14.51 -25.34
N GLY D 418 -23.68 -15.21 -24.23
CA GLY D 418 -22.38 -15.84 -24.01
C GLY D 418 -21.21 -14.88 -23.79
N ASN D 419 -21.53 -13.64 -23.38
CA ASN D 419 -20.53 -12.61 -23.21
C ASN D 419 -20.84 -11.78 -21.95
N ALA D 420 -19.83 -11.66 -21.08
CA ALA D 420 -20.03 -11.00 -19.77
C ALA D 420 -20.28 -9.51 -19.95
N GLN D 421 -19.78 -8.88 -21.00
CA GLN D 421 -19.88 -7.42 -21.10
C GLN D 421 -21.32 -7.01 -21.34
N THR D 422 -22.06 -7.73 -22.23
CA THR D 422 -23.46 -7.42 -22.39
C THR D 422 -24.25 -7.84 -21.15
N GLY D 423 -23.85 -8.90 -20.45
CA GLY D 423 -24.43 -9.19 -19.14
C GLY D 423 -24.35 -7.95 -18.22
N LEU D 424 -23.17 -7.31 -18.17
CA LEU D 424 -22.97 -6.12 -17.34
C LEU D 424 -23.87 -4.98 -17.81
N SER D 425 -24.00 -4.75 -19.13
CA SER D 425 -24.93 -3.74 -19.56
C SER D 425 -26.34 -3.99 -19.07
N GLY D 426 -26.77 -5.27 -19.08
CA GLY D 426 -28.10 -5.61 -18.60
C GLY D 426 -28.26 -5.33 -17.10
N TRP D 427 -27.22 -5.57 -16.30
CA TRP D 427 -27.23 -5.16 -14.88
C TRP D 427 -27.55 -3.68 -14.73
N TYR D 428 -26.87 -2.83 -15.46
CA TYR D 428 -27.14 -1.38 -15.31
C TYR D 428 -28.53 -1.00 -15.81
N LEU D 429 -28.98 -1.59 -16.95
CA LEU D 429 -30.31 -1.26 -17.42
C LEU D 429 -31.34 -1.65 -16.38
N SER D 430 -31.15 -2.78 -15.73
CA SER D 430 -32.07 -3.24 -14.67
C SER D 430 -32.19 -2.15 -13.61
N MET D 431 -31.05 -1.56 -13.18
CA MET D 431 -31.11 -0.55 -12.12
C MET D 431 -31.90 0.64 -12.61
N TYR D 432 -31.68 1.08 -13.82
CA TYR D 432 -32.43 2.26 -14.31
C TYR D 432 -33.94 2.02 -14.36
N LEU D 433 -34.34 0.83 -14.83
CA LEU D 433 -35.77 0.51 -14.88
C LEU D 433 -36.34 0.41 -13.50
N HIS D 434 -35.64 -0.26 -12.59
CA HIS D 434 -36.12 -0.44 -11.21
C HIS D 434 -36.33 0.93 -10.52
N LYS D 435 -35.35 1.80 -10.71
CA LYS D 435 -35.43 3.17 -10.13
C LYS D 435 -36.68 3.88 -10.62
N GLU D 436 -37.01 3.79 -11.93
CA GLU D 436 -38.22 4.45 -12.44
C GLU D 436 -39.47 3.74 -12.01
N GLN D 437 -39.47 2.43 -11.89
CA GLN D 437 -40.67 1.73 -11.53
C GLN D 437 -41.11 2.10 -10.12
N HIS D 438 -40.20 2.00 -9.15
CA HIS D 438 -40.58 2.14 -7.72
C HIS D 438 -40.22 3.54 -7.20
N SER D 439 -39.62 4.40 -8.01
CA SER D 439 -39.20 5.75 -7.50
C SER D 439 -38.26 5.60 -6.31
N ARG D 440 -37.40 4.60 -6.38
CA ARG D 440 -36.37 4.34 -5.34
C ARG D 440 -35.46 3.30 -5.92
N LEU D 441 -34.26 3.16 -5.35
CA LEU D 441 -33.36 2.09 -5.77
C LEU D 441 -32.72 1.56 -4.48
N GLY D 442 -31.50 2.06 -4.15
CA GLY D 442 -30.85 1.58 -2.95
C GLY D 442 -30.58 2.66 -1.94
N PHE D 443 -29.54 2.43 -1.13
CA PHE D 443 -29.13 3.40 -0.12
C PHE D 443 -28.62 4.65 -0.79
N TYR D 444 -28.26 5.67 0.03
CA TYR D 444 -27.91 7.00 -0.45
C TYR D 444 -26.92 6.94 -1.59
CA GL3 D 445 -24.79 6.00 -2.38
N GL3 D 445 -25.93 6.08 -1.47
C GL3 D 445 -24.77 4.79 -3.27
S GL3 D 445 -23.33 4.44 -4.03
N TYR D 446 -25.86 4.08 -3.40
CA TYR D 446 -25.88 2.77 -4.07
C TYR D 446 -25.52 2.85 -5.55
N ASP D 447 -26.09 3.81 -6.26
CA ASP D 447 -25.95 3.88 -7.71
C ASP D 447 -24.90 4.83 -8.18
N LEU D 448 -23.82 5.06 -7.43
CA LEU D 448 -22.64 5.76 -8.03
C LEU D 448 -22.20 4.97 -9.25
N GLN D 449 -21.86 3.70 -9.04
CA GLN D 449 -21.40 2.91 -10.19
C GLN D 449 -22.55 2.72 -11.16
N ASP D 450 -23.77 2.64 -10.64
CA ASP D 450 -24.91 2.51 -11.48
C ASP D 450 -25.13 3.53 -12.48
N GLN D 451 -24.89 4.78 -12.15
CA GLN D 451 -25.12 5.87 -13.11
C GLN D 451 -23.92 6.03 -13.97
N SMC D 452 -22.71 5.82 -13.53
CA SMC D 452 -21.55 5.74 -14.41
CB SMC D 452 -20.23 5.69 -13.61
SG SMC D 452 -19.93 7.25 -12.73
CS SMC D 452 -19.32 6.68 -11.21
C SMC D 452 -21.67 4.51 -15.30
O SMC D 452 -20.87 4.43 -16.25
N GLY D 453 -22.48 3.58 -14.93
CA GLY D 453 -22.38 2.17 -15.38
C GLY D 453 -22.54 2.03 -16.90
N ALA D 454 -23.67 2.46 -17.45
CA ALA D 454 -23.88 2.23 -18.90
C ALA D 454 -22.74 2.76 -19.72
N SER D 455 -22.28 3.97 -19.44
CA SER D 455 -21.22 4.59 -20.22
C SER D 455 -19.89 3.90 -20.05
N ASN D 456 -19.61 3.29 -18.90
CA ASN D 456 -18.36 2.62 -18.68
C ASN D 456 -18.33 1.18 -19.08
N VAL D 457 -19.48 0.59 -19.45
CA VAL D 457 -19.46 -0.84 -19.82
C VAL D 457 -18.51 -1.07 -20.99
N PHE D 458 -18.69 -0.25 -22.02
CA PHE D 458 -17.98 -0.42 -23.29
C PHE D 458 -16.95 0.63 -23.56
N SER D 459 -16.63 1.46 -22.56
CA SER D 459 -15.55 2.41 -22.70
C SER D 459 -14.23 1.68 -22.95
N ILE D 460 -13.30 2.38 -23.61
CA ILE D 460 -11.97 1.88 -23.74
C ILE D 460 -10.92 2.77 -23.08
N ARG D 461 -11.34 3.79 -22.33
CA ARG D 461 -10.35 4.74 -21.76
C ARG D 461 -9.57 4.15 -20.58
N GLY D 462 -8.44 4.77 -20.29
CA GLY D 462 -7.47 4.23 -19.33
C GLY D 462 -8.03 3.58 -18.08
N ASP D 463 -8.74 4.36 -17.27
CA ASP D 463 -9.26 3.83 -16.01
C ASP D 463 -10.72 3.53 -16.07
N GLU D 464 -11.28 3.37 -17.28
CA GLU D 464 -12.67 3.02 -17.50
C GLU D 464 -12.85 1.68 -18.18
N GLY D 465 -12.03 1.42 -19.21
CA GLY D 465 -12.27 0.25 -20.10
C GLY D 465 -11.59 -1.01 -19.59
N LEU D 466 -12.39 -2.05 -19.40
CA LEU D 466 -11.90 -3.36 -19.00
CA LEU D 466 -11.90 -3.33 -18.97
C LEU D 466 -13.01 -4.36 -19.17
N PRO D 467 -12.70 -5.54 -19.73
CA PRO D 467 -13.68 -6.65 -19.69
C PRO D 467 -14.08 -6.92 -18.23
N LEU D 468 -15.32 -7.31 -18.04
CA LEU D 468 -15.82 -7.51 -16.68
C LEU D 468 -14.97 -8.51 -15.91
N GLU D 469 -14.53 -9.61 -16.55
CA GLU D 469 -13.76 -10.61 -15.85
C GLU D 469 -12.48 -10.03 -15.16
N LEU D 470 -11.90 -8.99 -15.76
CA LEU D 470 -10.68 -8.36 -15.23
C LEU D 470 -11.01 -7.31 -14.19
N ARG D 471 -12.23 -6.82 -14.15
CA ARG D 471 -12.59 -5.86 -13.10
C ARG D 471 -12.63 -6.54 -11.76
N GLY D 472 -12.68 -5.75 -10.72
CA GLY D 472 -12.71 -6.25 -9.34
C GLY D 472 -13.02 -5.11 -8.42
N PRO D 473 -12.89 -5.33 -7.11
CA PRO D 473 -13.22 -4.29 -6.10
C PRO D 473 -12.37 -3.06 -6.17
N ASN D 474 -11.30 -3.04 -6.97
CA ASN D 474 -10.47 -1.85 -7.13
C ASN D 474 -10.75 -1.13 -8.43
N TYR D 475 -11.64 -1.67 -9.28
CA TYR D 475 -12.08 -0.90 -10.42
C TYR D 475 -12.71 0.40 -9.89
N PRO D 476 -12.35 1.57 -10.40
CA PRO D 476 -12.62 2.81 -9.62
C PRO D 476 -14.08 2.96 -9.20
N ASN D 477 -15.02 2.79 -10.13
CA ASN D 477 -16.40 2.97 -9.82
C ASN D 477 -16.92 1.98 -8.78
N TYR D 478 -16.22 0.86 -8.63
CA TYR D 478 -16.69 -0.23 -7.79
C TYR D 478 -16.05 -0.21 -6.41
N ALA D 479 -15.20 0.74 -6.11
CA ALA D 479 -14.29 0.58 -4.95
C ALA D 479 -14.96 0.78 -3.61
N MET D 480 -16.17 1.30 -3.59
CA MET D 480 -16.80 1.69 -2.30
C MET D 480 -18.00 0.91 -1.88
N ASN D 481 -18.86 0.37 -2.75
CA ASN D 481 -20.25 0.16 -2.36
C ASN D 481 -20.73 -1.27 -2.35
N VAL D 482 -21.57 -1.58 -1.34
CA VAL D 482 -22.18 -2.89 -1.19
C VAL D 482 -23.15 -3.21 -2.33
N GLY D 483 -23.54 -4.48 -2.40
CA GLY D 483 -24.62 -4.89 -3.31
C GLY D 483 -24.25 -4.89 -4.78
N HIS D 484 -22.96 -5.02 -5.09
CA HIS D 484 -22.51 -5.08 -6.49
C HIS D 484 -21.46 -6.13 -6.74
N GLN D 485 -20.39 -6.18 -5.93
CA GLN D 485 -19.16 -6.96 -6.31
C GLN D 485 -19.40 -8.43 -6.44
N GLY D 486 -20.08 -9.04 -5.48
CA GLY D 486 -20.32 -10.50 -5.60
C GLY D 486 -21.26 -10.80 -6.77
N GLU D 487 -22.21 -9.90 -7.03
CA GLU D 487 -23.14 -10.08 -8.12
C GLU D 487 -22.32 -9.98 -9.44
N TYR D 488 -21.37 -9.08 -9.57
CA TYR D 488 -20.52 -9.02 -10.73
C TYR D 488 -19.72 -10.29 -10.90
N ALA D 489 -19.25 -10.92 -9.84
CA ALA D 489 -18.56 -12.18 -10.00
C ALA D 489 -19.52 -13.20 -10.59
N GLY D 490 -20.76 -13.21 -10.17
CA GLY D 490 -21.78 -14.12 -10.77
C GLY D 490 -21.99 -13.82 -12.24
N ILE D 491 -22.12 -12.56 -12.64
CA ILE D 491 -22.26 -12.24 -14.04
C ILE D 491 -21.03 -12.66 -14.82
N SER D 492 -19.85 -12.50 -14.25
CA SER D 492 -18.62 -12.97 -14.89
CA SER D 492 -18.66 -12.96 -14.94
C SER D 492 -18.70 -14.50 -15.11
N GLN D 493 -19.20 -15.24 -14.16
CA GLN D 493 -19.33 -16.69 -14.30
C GLN D 493 -20.43 -17.06 -15.32
N ALA D 494 -21.51 -16.33 -15.37
CA ALA D 494 -22.74 -16.73 -16.14
C ALA D 494 -22.46 -17.16 -17.59
N PRO D 495 -21.81 -16.38 -18.40
CA PRO D 495 -21.70 -16.81 -19.81
C PRO D 495 -20.78 -18.02 -19.91
N HIS D 496 -19.77 -18.11 -19.05
CA HIS D 496 -18.87 -19.25 -19.09
C HIS D 496 -19.57 -20.50 -18.64
N ALA D 497 -20.45 -20.44 -17.63
CA ALA D 497 -21.22 -21.59 -17.22
C ALA D 497 -22.15 -22.01 -18.35
N ALA D 498 -22.79 -21.07 -19.00
CA ALA D 498 -23.73 -21.36 -20.13
C ALA D 498 -22.95 -22.00 -21.28
N ARG D 499 -21.75 -21.56 -21.57
CA ARG D 499 -20.90 -22.06 -22.65
C ARG D 499 -20.25 -23.38 -22.27
N GLY D 500 -20.24 -23.78 -21.02
CA GLY D 500 -19.52 -24.98 -20.57
C GLY D 500 -18.02 -24.79 -20.45
N ASP D 501 -17.54 -23.56 -20.35
CA ASP D 501 -16.11 -23.29 -20.19
C ASP D 501 -15.58 -23.76 -18.81
N ALA D 502 -14.41 -24.33 -18.77
CA ALA D 502 -13.86 -24.81 -17.53
C ALA D 502 -13.48 -23.71 -16.53
N PHE D 503 -13.23 -22.51 -17.04
CA PHE D 503 -12.79 -21.40 -16.19
C PHE D 503 -13.29 -20.12 -16.85
N VAL D 504 -13.22 -19.06 -16.02
CA VAL D 504 -13.65 -17.72 -16.37
C VAL D 504 -12.50 -16.80 -16.76
N PHE D 505 -11.37 -16.90 -16.04
CA PHE D 505 -10.30 -15.94 -16.28
C PHE D 505 -8.91 -16.50 -16.02
N ASN D 506 -8.73 -17.46 -15.12
CA ASN D 506 -7.40 -17.97 -14.92
C ASN D 506 -7.51 -19.46 -14.62
N PRO D 507 -7.03 -20.30 -15.57
CA PRO D 507 -7.13 -21.76 -15.38
C PRO D 507 -6.30 -22.29 -14.26
N LEU D 508 -5.19 -21.62 -13.93
CA LEU D 508 -4.38 -22.04 -12.78
C LEU D 508 -5.11 -21.84 -11.46
N VAL D 509 -5.82 -20.72 -11.36
CA VAL D 509 -6.64 -20.48 -10.15
C VAL D 509 -7.73 -21.52 -10.04
N LYS D 510 -8.39 -21.82 -11.16
CA LYS D 510 -9.43 -22.85 -11.13
C LYS D 510 -8.90 -24.16 -10.58
N ILE D 511 -7.78 -24.62 -11.12
CA ILE D 511 -7.22 -25.89 -10.65
C ILE D 511 -6.75 -25.83 -9.21
N ALA D 512 -6.21 -24.69 -8.83
CA ALA D 512 -5.65 -24.55 -7.52
C ALA D 512 -6.62 -24.72 -6.34
N PHE D 513 -7.90 -24.56 -6.59
CA PHE D 513 -8.88 -24.78 -5.54
C PHE D 513 -9.61 -26.08 -5.68
N ALA D 514 -9.21 -26.91 -6.62
CA ALA D 514 -9.86 -28.25 -6.81
C ALA D 514 -9.22 -29.26 -5.90
N ASP D 515 -9.35 -29.11 -4.60
CA ASP D 515 -8.48 -29.74 -3.66
C ASP D 515 -9.22 -29.97 -2.35
N ASP D 516 -9.50 -31.23 -2.01
CA ASP D 516 -10.22 -31.56 -0.78
C ASP D 516 -9.36 -31.44 0.48
N ASN D 517 -8.07 -31.15 0.32
CA ASN D 517 -7.24 -30.82 1.48
C ASN D 517 -7.43 -29.39 2.00
N LEU D 518 -8.16 -28.57 1.27
CA LEU D 518 -8.56 -27.24 1.81
C LEU D 518 -9.46 -27.49 3.03
N VAL D 519 -9.56 -26.51 3.89
CA VAL D 519 -10.40 -26.62 5.12
C VAL D 519 -11.86 -26.35 4.75
N PHE D 520 -12.13 -25.31 3.98
CA PHE D 520 -13.48 -24.98 3.43
C PHE D 520 -13.70 -25.79 2.15
N ASP D 521 -14.93 -26.23 1.93
CA ASP D 521 -15.27 -26.97 0.70
C ASP D 521 -15.82 -26.04 -0.35
N PHE D 522 -14.94 -25.63 -1.28
CA PHE D 522 -15.30 -24.68 -2.31
C PHE D 522 -16.28 -25.21 -3.36
N THR D 523 -16.53 -26.52 -3.33
CA THR D 523 -17.55 -27.05 -4.25
C THR D 523 -18.94 -26.73 -3.78
N ASN D 524 -19.12 -26.38 -2.50
CA ASN D 524 -20.49 -26.21 -1.97
C ASN D 524 -20.53 -25.04 -0.96
N VAL D 525 -20.26 -23.86 -1.50
CA VAL D 525 -20.11 -22.65 -0.68
C VAL D 525 -21.37 -22.41 0.20
N ARG D 526 -22.57 -22.51 -0.37
CA ARG D 526 -23.77 -22.22 0.42
C ARG D 526 -23.98 -23.29 1.46
N GLY D 527 -23.68 -24.55 1.15
CA GLY D 527 -23.75 -25.58 2.17
C GLY D 527 -22.78 -25.31 3.32
N GLU D 528 -21.58 -24.82 3.00
CA GLU D 528 -20.62 -24.49 4.09
C GLU D 528 -21.08 -23.32 4.90
N PHE D 529 -21.66 -22.29 4.28
CA PHE D 529 -22.17 -21.17 5.05
C PHE D 529 -23.21 -21.66 6.06
N ALA D 530 -24.11 -22.58 5.62
CA ALA D 530 -25.11 -23.15 6.53
C ALA D 530 -24.48 -23.94 7.66
N LYS D 531 -23.45 -24.74 7.37
CA LYS D 531 -22.77 -25.51 8.38
C LYS D 531 -22.13 -24.57 9.43
N GLY D 532 -21.48 -23.48 8.96
CA GLY D 532 -20.94 -22.51 9.91
C GLY D 532 -22.03 -21.84 10.71
N ALA D 533 -23.17 -21.56 10.09
CA ALA D 533 -24.26 -20.87 10.82
C ALA D 533 -24.75 -21.75 11.99
N LEU D 534 -24.80 -23.05 11.75
CA LEU D 534 -25.21 -24.06 12.73
C LEU D 534 -24.13 -24.33 13.75
N ARG D 535 -22.95 -23.67 13.65
CA ARG D 535 -21.83 -23.88 14.58
C ARG D 535 -21.26 -25.28 14.47
N GLU D 536 -21.32 -25.83 13.28
CA GLU D 536 -20.84 -27.19 12.98
C GLU D 536 -19.59 -27.23 12.09
N PHE D 537 -19.03 -26.08 11.75
CA PHE D 537 -17.82 -26.03 10.94
C PHE D 537 -16.58 -26.01 11.82
N GLU D 538 -15.54 -26.75 11.43
CA GLU D 538 -14.29 -26.81 12.17
C GLU D 538 -13.18 -26.05 11.45
N PRO D 539 -12.84 -24.83 11.91
CA PRO D 539 -11.81 -24.03 11.22
C PRO D 539 -10.40 -24.48 11.67
N ALA D 540 -9.40 -24.12 10.87
CA ALA D 540 -8.00 -24.21 11.27
C ALA D 540 -7.62 -22.97 12.04
N GLY D 541 -6.38 -22.99 12.56
CA GLY D 541 -5.79 -21.80 13.13
C GLY D 541 -6.02 -21.57 14.61
N GLU D 542 -6.76 -22.47 15.27
CA GLU D 542 -7.03 -22.21 16.70
C GLU D 542 -5.78 -22.41 17.55
N ARG D 543 -5.80 -21.77 18.74
CA ARG D 543 -4.66 -21.83 19.69
C ARG D 543 -4.95 -22.81 20.89
N ALA D 544 -5.95 -23.66 20.80
CA ALA D 544 -6.28 -24.50 21.93
C ALA D 544 -5.12 -25.37 22.44
N LEU D 545 -4.29 -25.88 21.54
CA LEU D 545 -3.19 -26.73 21.95
CA LEU D 545 -3.16 -26.74 21.91
C LEU D 545 -2.16 -26.01 22.80
N ILE D 546 -2.06 -24.68 22.66
CA ILE D 546 -1.03 -23.92 23.36
C ILE D 546 -1.60 -23.02 24.40
N THR D 547 -2.84 -23.26 24.85
CA THR D 547 -3.44 -22.42 25.85
C THR D 547 -4.09 -23.30 26.94
N PRO D 548 -4.44 -22.72 28.10
CA PRO D 548 -4.93 -23.61 29.19
C PRO D 548 -6.14 -24.41 28.77
N ALA D 549 -6.19 -25.60 29.37
CA ALA D 549 -7.31 -26.51 29.18
C ALA D 549 -8.47 -25.99 30.01
N ALA E 2 -7.70 24.87 -35.79
CA ALA E 2 -7.25 24.02 -36.91
C ALA E 2 -7.73 22.57 -36.92
N LYS E 3 -7.64 21.84 -35.79
CA LYS E 3 -8.19 20.47 -35.77
C LYS E 3 -9.72 20.57 -35.66
N PHE E 4 -10.18 21.61 -34.96
CA PHE E 4 -11.62 21.79 -34.72
C PHE E 4 -12.01 23.16 -35.21
N GLU E 5 -13.21 23.29 -35.74
CA GLU E 5 -13.64 24.60 -36.28
C GLU E 5 -14.28 25.51 -35.25
N ASP E 6 -14.53 25.01 -34.05
CA ASP E 6 -15.27 25.77 -33.08
C ASP E 6 -14.55 27.01 -32.63
N LYS E 7 -15.37 28.03 -32.44
CA LYS E 7 -14.93 29.26 -31.83
C LYS E 7 -15.80 29.62 -30.64
N VAL E 8 -15.23 30.33 -29.66
CA VAL E 8 -15.98 30.76 -28.49
C VAL E 8 -15.71 32.23 -28.20
N ASP E 9 -16.66 32.88 -27.57
CA ASP E 9 -16.44 34.25 -27.08
C ASP E 9 -16.04 34.18 -25.63
N LEU E 10 -15.01 34.93 -25.26
CA LEU E 10 -14.51 34.93 -23.89
C LEU E 10 -14.75 36.23 -23.16
N TYR E 11 -15.07 36.11 -21.89
CA TYR E 11 -15.56 37.19 -21.00
C TYR E 11 -14.68 37.29 -19.74
N ASP E 12 -14.78 38.40 -19.02
CA ASP E 12 -14.12 38.48 -17.69
C ASP E 12 -15.09 38.03 -16.59
N ASP E 13 -14.62 38.01 -15.34
CA ASP E 13 -15.45 37.56 -14.23
C ASP E 13 -16.57 38.56 -13.82
N ARG E 14 -16.72 39.64 -14.59
CA ARG E 14 -17.86 40.54 -14.41
C ARG E 14 -18.92 40.41 -15.51
N GLY E 15 -18.68 39.47 -16.43
CA GLY E 15 -19.60 39.22 -17.52
C GLY E 15 -19.39 40.15 -18.71
N ASN E 16 -18.26 40.84 -18.79
CA ASN E 16 -17.98 41.69 -19.95
C ASN E 16 -17.16 40.94 -20.95
N LEU E 17 -17.52 41.11 -22.21
CA LEU E 17 -16.74 40.54 -23.30
C LEU E 17 -15.28 40.99 -23.28
N VAL E 18 -14.35 40.05 -23.45
CA VAL E 18 -12.94 40.32 -23.63
C VAL E 18 -12.50 40.08 -25.08
N GLU E 19 -12.85 38.94 -25.66
CA GLU E 19 -12.39 38.59 -27.00
C GLU E 19 -13.41 37.70 -27.66
N GLU E 20 -13.81 38.05 -28.88
CA GLU E 20 -14.77 37.23 -29.57
C GLU E 20 -14.06 36.27 -30.52
N GLN E 21 -14.78 35.19 -30.85
CA GLN E 21 -14.39 34.27 -31.91
C GLN E 21 -12.95 33.72 -31.72
N VAL E 22 -12.67 33.23 -30.50
CA VAL E 22 -11.41 32.57 -30.17
C VAL E 22 -11.50 31.10 -30.56
N PRO E 23 -10.57 30.59 -31.39
CA PRO E 23 -10.56 29.14 -31.69
C PRO E 23 -10.51 28.32 -30.40
N LEU E 24 -11.25 27.23 -30.40
CA LEU E 24 -11.37 26.37 -29.21
C LEU E 24 -9.98 25.93 -28.71
N GLU E 25 -9.08 25.55 -29.60
CA GLU E 25 -7.79 25.02 -29.19
C GLU E 25 -6.90 26.07 -28.58
N ALA E 26 -7.20 27.36 -28.72
CA ALA E 26 -6.47 28.39 -27.98
C ALA E 26 -6.66 28.27 -26.47
N LEU E 27 -7.68 27.55 -26.03
CA LEU E 27 -7.87 27.25 -24.62
C LEU E 27 -7.31 25.88 -24.22
N SER E 28 -6.74 25.14 -25.14
CA SER E 28 -6.26 23.80 -24.79
C SER E 28 -5.09 23.89 -23.84
N PRO E 29 -5.07 23.03 -22.81
CA PRO E 29 -3.86 22.95 -22.03
C PRO E 29 -2.61 22.71 -22.83
N LEU E 30 -2.74 22.03 -23.98
CA LEU E 30 -1.57 21.74 -24.81
C LEU E 30 -1.00 22.94 -25.59
N ARG E 31 -1.79 24.02 -25.66
CA ARG E 31 -1.48 25.20 -26.49
C ARG E 31 -1.44 26.49 -25.72
N ASN E 32 -2.23 26.64 -24.69
CA ASN E 32 -2.41 27.93 -24.06
C ASN E 32 -1.25 28.20 -23.11
N PRO E 33 -0.47 29.28 -23.34
CA PRO E 33 0.73 29.44 -22.47
C PRO E 33 0.42 29.81 -21.02
N ALA E 34 -0.72 30.41 -20.77
CA ALA E 34 -1.09 30.66 -19.39
C ALA E 34 -1.43 29.38 -18.64
N ILE E 35 -2.11 28.41 -19.27
CA ILE E 35 -2.33 27.14 -18.59
C ILE E 35 -0.99 26.48 -18.33
N LYS E 36 -0.03 26.52 -19.26
CA LYS E 36 1.28 25.99 -18.98
C LYS E 36 1.95 26.67 -17.79
N SER E 37 1.85 28.00 -17.73
CA SER E 37 2.45 28.73 -16.62
C SER E 37 1.79 28.38 -15.31
N ILE E 38 0.46 28.25 -15.29
CA ILE E 38 -0.26 27.82 -14.07
C ILE E 38 0.20 26.45 -13.64
N VAL E 39 0.23 25.49 -14.52
CA VAL E 39 0.58 24.12 -14.17
C VAL E 39 2.04 24.04 -13.69
N GLN E 40 2.97 24.63 -14.43
CA GLN E 40 4.35 24.64 -13.95
C GLN E 40 4.50 25.41 -12.63
N GLY E 41 3.69 26.45 -12.44
CA GLY E 41 3.69 27.18 -11.20
C GLY E 41 3.22 26.31 -10.05
N ILE E 42 2.16 25.55 -10.24
CA ILE E 42 1.67 24.63 -9.20
C ILE E 42 2.67 23.51 -8.92
N LYS E 43 3.39 23.01 -9.90
CA LYS E 43 4.42 22.04 -9.63
C LYS E 43 5.53 22.64 -8.77
N ARG E 44 5.86 23.94 -8.96
CA ARG E 44 7.11 24.44 -8.41
C ARG E 44 6.95 25.28 -7.16
N THR E 45 5.73 25.53 -6.69
CA THR E 45 5.54 26.48 -5.61
C THR E 45 5.33 25.77 -4.25
N VAL E 46 5.98 26.29 -3.22
CA VAL E 46 5.94 25.74 -1.87
C VAL E 46 5.69 26.86 -0.90
N ALA E 47 4.86 26.60 0.10
CA ALA E 47 4.67 27.49 1.22
C ALA E 47 5.52 27.02 2.39
N VAL E 48 6.35 27.89 2.94
CA VAL E 48 7.21 27.51 4.07
C VAL E 48 6.73 28.24 5.30
N ASN E 49 6.42 27.52 6.37
CA ASN E 49 5.96 28.10 7.60
C ASN E 49 7.13 28.25 8.58
N LEU E 50 7.86 29.40 8.46
CA LEU E 50 9.02 29.65 9.33
C LEU E 50 8.64 29.70 10.80
N GLU E 51 7.53 30.35 11.10
CA GLU E 51 7.06 30.41 12.46
C GLU E 51 6.76 28.98 13.01
N GLY E 52 6.13 28.16 12.14
CA GLY E 52 5.83 26.80 12.54
C GLY E 52 7.10 25.99 12.78
N ILE E 53 8.09 26.15 11.93
CA ILE E 53 9.38 25.46 12.17
C ILE E 53 9.95 25.88 13.51
N GLU E 54 9.97 27.20 13.76
CA GLU E 54 10.53 27.73 14.98
C GLU E 54 9.82 27.20 16.21
N ASN E 55 8.50 27.17 16.16
CA ASN E 55 7.72 26.70 17.30
C ASN E 55 7.93 25.18 17.51
N ALA E 56 7.95 24.42 16.41
CA ALA E 56 8.17 22.96 16.54
C ALA E 56 9.53 22.73 17.22
N LEU E 57 10.54 23.49 16.79
CA LEU E 57 11.87 23.31 17.42
C LEU E 57 11.87 23.68 18.92
N LYS E 58 11.27 24.81 19.25
CA LYS E 58 11.32 25.30 20.64
C LYS E 58 10.64 24.36 21.58
N THR E 59 9.63 23.63 21.09
CA THR E 59 8.86 22.70 21.95
C THR E 59 9.27 21.24 21.72
N ALA E 60 10.10 20.96 20.74
CA ALA E 60 10.45 19.60 20.29
C ALA E 60 9.22 18.80 19.81
N LYS E 61 8.21 19.50 19.34
CA LYS E 61 6.98 18.87 18.85
C LYS E 61 7.15 18.65 17.35
N VAL E 62 7.72 17.50 17.01
CA VAL E 62 8.04 17.12 15.62
C VAL E 62 7.53 15.70 15.36
N GLY E 63 7.23 15.45 14.12
CA GLY E 63 6.92 14.09 13.65
C GLY E 63 5.47 13.70 13.64
N GLY E 64 4.56 14.62 13.84
CA GLY E 64 3.15 14.39 13.66
C GLY E 64 2.30 14.72 14.85
N PRO E 65 0.98 14.59 14.74
CA PRO E 65 0.07 15.02 15.82
C PRO E 65 0.44 14.43 17.17
N ALA E 66 0.51 15.34 18.15
CA ALA E 66 0.76 15.07 19.56
C ALA E 66 2.19 14.60 19.87
N CYS E 67 3.04 14.47 18.85
CA CYS E 67 4.37 13.91 19.07
C CYS E 67 5.28 14.96 19.68
N LYS E 68 6.18 14.54 20.53
CA LYS E 68 7.14 15.43 21.20
C LYS E 68 8.31 14.60 21.65
N ILE E 69 9.53 15.15 21.58
CA ILE E 69 10.72 14.42 22.12
C ILE E 69 11.29 15.29 23.28
N MET E 70 10.94 14.93 24.51
CA MET E 70 11.50 15.68 25.66
C MET E 70 13.03 15.66 25.63
N GLY E 71 13.62 16.84 25.93
CA GLY E 71 15.08 16.95 25.97
C GLY E 71 15.66 17.42 24.67
N ARG E 72 14.91 17.46 23.57
CA ARG E 72 15.44 17.84 22.28
C ARG E 72 15.15 19.31 21.87
N GLU E 73 14.53 20.06 22.76
CA GLU E 73 14.16 21.47 22.46
C GLU E 73 15.32 22.31 22.00
N LEU E 74 15.07 23.17 21.00
CA LEU E 74 16.08 24.10 20.46
C LEU E 74 15.38 25.39 20.21
N ASP E 75 15.93 26.45 20.78
CA ASP E 75 15.35 27.78 20.69
C ASP E 75 16.15 28.65 19.72
N LEU E 76 15.66 28.83 18.50
CA LEU E 76 16.40 29.49 17.45
C LEU E 76 15.54 30.65 16.99
N ASP E 77 16.17 31.81 16.76
CA ASP E 77 15.44 33.05 16.36
C ASP E 77 15.24 33.09 14.85
N ILE E 78 14.46 32.10 14.35
CA ILE E 78 14.28 31.95 12.91
C ILE E 78 13.52 33.12 12.27
N VAL E 79 12.38 33.46 12.86
CA VAL E 79 11.55 34.52 12.23
C VAL E 79 12.32 35.86 12.29
N GLY E 80 13.03 36.10 13.39
CA GLY E 80 13.80 37.34 13.52
C GLY E 80 14.93 37.43 12.53
N ASN E 81 15.41 36.30 12.01
CA ASN E 81 16.46 36.23 11.01
C ASN E 81 16.00 35.73 9.67
N ALA E 82 14.71 35.95 9.44
CA ALA E 82 14.13 35.40 8.23
C ALA E 82 14.76 35.86 6.96
N GLU E 83 15.09 37.17 6.90
CA GLU E 83 15.64 37.68 5.64
C GLU E 83 16.94 36.96 5.26
N SER E 84 17.83 36.78 6.22
CA SER E 84 19.06 36.11 5.97
C SER E 84 18.85 34.63 5.59
N ILE E 85 17.99 33.99 6.37
CA ILE E 85 17.70 32.54 6.11
C ILE E 85 17.12 32.34 4.72
N ALA E 86 16.16 33.19 4.34
CA ALA E 86 15.54 33.08 3.05
C ALA E 86 16.49 33.33 1.93
N ALA E 87 17.38 34.35 2.09
CA ALA E 87 18.39 34.61 1.08
C ALA E 87 19.35 33.43 0.90
N ALA E 88 19.77 32.87 2.06
CA ALA E 88 20.70 31.71 1.97
C ALA E 88 20.01 30.50 1.32
N ALA E 89 18.75 30.28 1.65
CA ALA E 89 17.98 29.22 1.00
C ALA E 89 17.86 29.44 -0.48
N LYS E 90 17.54 30.68 -0.89
CA LYS E 90 17.41 31.00 -2.29
C LYS E 90 18.69 30.69 -3.06
N GLU E 91 19.85 30.99 -2.46
CA GLU E 91 21.06 30.72 -3.19
CA GLU E 91 21.11 30.70 -3.14
C GLU E 91 21.20 29.22 -3.50
N MET E 92 20.68 28.34 -2.60
CA MET E 92 20.76 26.89 -2.86
C MET E 92 19.66 26.43 -3.80
N ILE E 93 18.51 27.06 -3.76
CA ILE E 93 17.35 26.67 -4.55
C ILE E 93 17.51 27.02 -6.01
N GLN E 94 18.10 28.21 -6.29
CA GLN E 94 18.18 28.67 -7.69
C GLN E 94 19.11 27.75 -8.46
N VAL E 95 19.07 27.80 -9.79
CA VAL E 95 20.07 27.16 -10.62
C VAL E 95 21.08 28.23 -11.00
N THR E 96 20.60 29.38 -11.49
CA THR E 96 21.48 30.53 -11.74
C THR E 96 20.85 31.76 -11.11
N GLU E 97 21.70 32.79 -10.95
CA GLU E 97 21.31 34.04 -10.28
C GLU E 97 20.20 34.86 -10.94
N ASP E 98 19.98 34.72 -12.22
CA ASP E 98 18.85 35.50 -12.76
C ASP E 98 17.71 34.65 -13.27
N ASP E 99 17.53 33.46 -12.70
CA ASP E 99 16.47 32.59 -13.17
C ASP E 99 15.14 32.90 -12.52
N ASP E 100 14.16 32.03 -12.72
CA ASP E 100 12.85 32.30 -12.22
C ASP E 100 12.60 31.80 -10.79
N THR E 101 13.66 31.59 -10.04
CA THR E 101 13.46 31.28 -8.60
C THR E 101 12.87 32.49 -7.86
N ASN E 102 11.85 32.29 -7.04
CA ASN E 102 11.30 33.39 -6.23
C ASN E 102 11.30 32.93 -4.79
N VAL E 103 11.80 33.73 -3.85
CA VAL E 103 11.69 33.44 -2.42
C VAL E 103 11.26 34.73 -1.78
N GLU E 104 10.05 34.82 -1.25
CA GLU E 104 9.48 36.07 -0.78
CA GLU E 104 9.48 36.07 -0.78
C GLU E 104 8.89 35.91 0.60
N LEU E 105 9.32 36.75 1.56
CA LEU E 105 8.79 36.63 2.90
C LEU E 105 7.42 37.27 3.00
N LEU E 106 6.59 36.70 3.85
CA LEU E 106 5.24 37.14 4.10
C LEU E 106 5.01 37.13 5.60
N GLY E 107 4.08 37.97 6.05
CA GLY E 107 3.67 37.93 7.43
C GLY E 107 4.80 38.34 8.37
N GLY E 108 5.63 39.32 7.99
CA GLY E 108 6.75 39.76 8.83
C GLY E 108 7.80 38.69 9.03
N GLY E 109 7.93 37.82 8.02
CA GLY E 109 8.91 36.72 8.08
C GLY E 109 8.40 35.42 8.65
N LYS E 110 7.15 35.37 9.05
CA LYS E 110 6.55 34.14 9.55
CA LYS E 110 6.55 34.14 9.56
C LYS E 110 6.39 33.09 8.45
N ARG E 111 6.19 33.52 7.21
CA ARG E 111 5.96 32.61 6.08
C ARG E 111 6.86 32.97 4.94
N ALA E 112 7.14 32.03 4.04
CA ALA E 112 7.81 32.37 2.78
C ALA E 112 7.07 31.70 1.65
N LEU E 113 6.89 32.43 0.56
CA LEU E 113 6.53 31.89 -0.73
CA LEU E 113 6.53 31.89 -0.72
C LEU E 113 7.82 31.46 -1.43
N VAL E 114 7.85 30.23 -1.92
CA VAL E 114 9.02 29.74 -2.67
C VAL E 114 8.55 29.24 -4.02
N GLN E 115 9.18 29.62 -5.12
CA GLN E 115 8.93 29.02 -6.40
C GLN E 115 10.26 28.53 -6.85
N VAL E 116 10.40 27.21 -6.90
CA VAL E 116 11.63 26.54 -7.31
C VAL E 116 11.83 26.71 -8.82
N PRO E 117 13.06 26.93 -9.28
CA PRO E 117 13.19 27.26 -10.69
C PRO E 117 12.67 26.18 -11.61
N SER E 118 12.02 26.63 -12.68
CA SER E 118 11.31 25.75 -13.62
C SER E 118 12.31 24.79 -14.24
N ALA E 119 13.54 25.20 -14.41
CA ALA E 119 14.56 24.36 -15.00
C ALA E 119 14.83 23.08 -14.21
N ARG E 120 14.69 23.08 -12.87
CA ARG E 120 14.85 21.81 -12.11
C ARG E 120 13.81 20.82 -12.59
N PHE E 121 12.63 21.27 -12.98
CA PHE E 121 11.56 20.35 -13.40
C PHE E 121 11.74 19.81 -14.78
N ASP E 122 12.48 20.57 -15.59
CA ASP E 122 12.68 20.14 -16.98
C ASP E 122 13.63 18.95 -17.05
N VAL E 123 14.41 18.70 -16.00
CA VAL E 123 15.29 17.54 -15.91
C VAL E 123 14.88 16.64 -14.73
N ALA E 124 13.63 16.71 -14.39
CA ALA E 124 13.04 15.84 -13.34
C ALA E 124 11.93 14.98 -13.95
N ALA E 125 11.67 13.83 -13.36
CA ALA E 125 10.58 13.00 -13.81
C ALA E 125 9.22 13.59 -13.40
N GLU E 126 9.18 14.21 -12.21
CA GLU E 126 7.89 14.64 -11.58
C GLU E 126 8.02 15.95 -10.90
N TYR E 127 7.40 16.11 -9.76
CA TYR E 127 7.24 17.44 -9.18
C TYR E 127 7.77 17.53 -7.74
N SER E 128 8.23 16.39 -7.21
CA SER E 128 8.68 16.36 -5.79
C SER E 128 9.92 17.15 -5.57
N ALA E 129 10.66 17.57 -6.58
CA ALA E 129 11.79 18.47 -6.34
C ALA E 129 11.31 19.73 -5.66
N ALA E 130 10.06 20.17 -5.85
CA ALA E 130 9.65 21.44 -5.17
C ALA E 130 9.74 21.33 -3.66
N PRO E 131 9.00 20.40 -3.02
CA PRO E 131 9.14 20.33 -1.57
C PRO E 131 10.55 19.87 -1.13
N LEU E 132 11.18 18.96 -1.89
CA LEU E 132 12.43 18.37 -1.39
C LEU E 132 13.58 19.35 -1.50
N VAL E 133 13.70 20.06 -2.62
CA VAL E 133 14.74 21.10 -2.75
C VAL E 133 14.48 22.24 -1.77
N THR E 134 13.20 22.67 -1.65
CA THR E 134 12.91 23.75 -0.70
C THR E 134 13.24 23.32 0.73
N ALA E 135 12.80 22.11 1.09
CA ALA E 135 13.04 21.65 2.46
C ALA E 135 14.52 21.62 2.81
N THR E 136 15.34 21.01 1.96
CA THR E 136 16.73 20.90 2.34
C THR E 136 17.42 22.28 2.34
N ALA E 137 17.01 23.16 1.41
CA ALA E 137 17.62 24.48 1.39
C ALA E 137 17.28 25.22 2.69
N PHE E 138 16.04 25.15 3.18
CA PHE E 138 15.74 25.81 4.43
C PHE E 138 16.34 25.11 5.65
N VAL E 139 16.39 23.76 5.66
CA VAL E 139 17.11 23.07 6.74
C VAL E 139 18.58 23.54 6.81
N GLN E 140 19.24 23.50 5.66
CA GLN E 140 20.64 23.93 5.63
C GLN E 140 20.81 25.41 5.98
N ALA E 141 19.91 26.25 5.47
CA ALA E 141 20.05 27.68 5.79
C ALA E 141 19.82 27.93 7.26
N ILE E 142 18.91 27.23 7.96
CA ILE E 142 18.71 27.42 9.37
C ILE E 142 19.95 26.92 10.13
N ILE E 143 20.45 25.72 9.80
CA ILE E 143 21.62 25.20 10.44
C ILE E 143 22.76 26.19 10.29
N ASN E 144 22.96 26.72 9.11
CA ASN E 144 24.10 27.61 8.86
C ASN E 144 23.87 28.96 9.54
N GLU E 145 22.66 29.46 9.62
CA GLU E 145 22.40 30.74 10.32
C GLU E 145 22.83 30.69 11.74
N PHE E 146 22.55 29.60 12.46
CA PHE E 146 22.77 29.53 13.89
C PHE E 146 23.93 28.64 14.28
N ASP E 147 24.67 28.15 13.33
CA ASP E 147 25.71 27.16 13.55
C ASP E 147 25.21 26.00 14.39
N VAL E 148 24.04 25.45 14.03
CA VAL E 148 23.47 24.32 14.75
C VAL E 148 24.41 23.12 14.67
N SER E 149 24.63 22.48 15.81
CA SER E 149 25.65 21.40 15.82
C SER E 149 25.17 20.14 15.07
N MET E 150 26.16 19.34 14.77
CA MET E 150 25.89 18.02 14.20
C MET E 150 24.93 17.21 15.08
N TYR E 151 24.99 17.39 16.37
CA TYR E 151 24.19 16.62 17.31
C TYR E 151 22.73 17.02 17.29
N ASP E 152 22.45 18.29 16.96
CA ASP E 152 21.12 18.84 17.02
C ASP E 152 20.43 19.01 15.68
N ALA E 153 21.21 19.01 14.61
CA ALA E 153 20.64 19.46 13.33
C ALA E 153 19.48 18.55 12.84
N ASN E 154 19.49 17.28 13.19
CA ASN E 154 18.41 16.34 12.82
C ASN E 154 17.04 16.81 13.34
N MET E 155 17.02 17.61 14.41
CA MET E 155 15.74 18.18 14.87
C MET E 155 15.23 19.23 13.89
N VAL E 156 16.13 20.02 13.28
CA VAL E 156 15.72 20.99 12.27
C VAL E 156 15.06 20.27 11.09
N LYS E 157 15.73 19.21 10.65
CA LYS E 157 15.16 18.36 9.56
C LYS E 157 13.77 17.88 9.96
N ALA E 158 13.60 17.36 11.18
CA ALA E 158 12.28 16.85 11.58
C ALA E 158 11.25 17.97 11.65
N ALA E 159 11.65 19.17 12.10
CA ALA E 159 10.70 20.28 12.14
C ALA E 159 10.24 20.75 10.76
N VAL E 160 11.10 20.64 9.78
CA VAL E 160 10.77 21.10 8.44
C VAL E 160 9.92 20.06 7.69
N LEU E 161 10.41 18.80 7.66
CA LEU E 161 9.82 17.80 6.75
C LEU E 161 9.08 16.67 7.52
N GLY E 162 9.12 16.66 8.84
CA GLY E 162 8.29 15.72 9.57
C GLY E 162 8.93 14.33 9.72
N ARG E 163 8.05 13.30 9.73
CA ARG E 163 8.46 11.92 10.00
C ARG E 163 8.96 11.20 8.77
N TYR E 164 8.98 11.86 7.59
CA TYR E 164 9.54 11.24 6.38
C TYR E 164 11.02 10.96 6.64
N PRO E 165 11.57 9.78 6.31
CA PRO E 165 10.99 8.73 5.46
C PRO E 165 10.38 7.56 6.23
N GLN E 166 10.32 7.58 7.57
CA GLN E 166 9.58 6.51 8.26
C GLN E 166 8.15 6.50 7.78
N SER E 167 7.49 7.66 7.78
CA SER E 167 6.21 7.78 7.08
C SER E 167 6.47 8.03 5.59
N VAL E 168 5.52 7.60 4.75
CA VAL E 168 5.60 7.85 3.32
C VAL E 168 5.33 9.35 3.02
N GLU E 169 4.43 9.97 3.74
CA GLU E 169 4.16 11.42 3.59
C GLU E 169 5.08 12.25 4.47
N TYR E 170 5.08 13.54 4.26
CA TYR E 170 5.89 14.48 5.07
C TYR E 170 5.09 14.79 6.31
N MET E 171 4.96 13.77 7.20
CA MET E 171 4.00 13.78 8.30
C MET E 171 4.50 14.69 9.43
N GLY E 172 3.75 15.79 9.64
CA GLY E 172 4.22 16.84 10.56
C GLY E 172 5.04 17.91 9.93
N ALA E 173 5.18 17.91 8.60
CA ALA E 173 5.99 18.95 7.96
C ALA E 173 5.44 20.35 8.22
N ASN E 174 6.36 21.30 8.15
CA ASN E 174 5.99 22.74 8.23
C ASN E 174 6.20 23.43 6.93
N ILE E 175 6.07 22.69 5.83
CA ILE E 175 5.95 23.23 4.45
C ILE E 175 4.69 22.64 3.86
N ALA E 176 4.13 23.30 2.86
CA ALA E 176 2.90 22.78 2.21
C ALA E 176 2.91 23.10 0.75
N THR E 177 2.30 22.22 -0.03
CA THR E 177 2.10 22.42 -1.45
C THR E 177 0.65 22.10 -1.80
N MET E 178 0.22 22.60 -2.96
CA MET E 178 -1.15 22.26 -3.43
C MET E 178 -1.18 20.82 -3.93
N LEU E 179 -0.10 20.35 -4.53
CA LEU E 179 0.02 18.92 -4.90
C LEU E 179 0.31 18.07 -3.67
N ASP E 180 0.16 16.77 -3.82
CA ASP E 180 0.46 15.79 -2.77
C ASP E 180 1.39 14.76 -3.38
N ILE E 181 1.95 13.87 -2.55
CA ILE E 181 3.07 13.02 -3.00
C ILE E 181 2.62 12.08 -4.10
N PRO E 182 3.55 11.64 -4.93
CA PRO E 182 3.18 10.81 -6.08
C PRO E 182 2.64 9.45 -5.66
N GLN E 183 2.99 8.97 -4.48
CA GLN E 183 2.48 7.67 -4.13
C GLN E 183 0.99 7.66 -3.83
N LYS E 184 0.39 8.83 -3.59
CA LYS E 184 -1.02 8.88 -3.26
C LYS E 184 -1.93 8.95 -4.46
N LEU E 185 -1.38 8.97 -5.66
CA LEU E 185 -2.22 8.99 -6.87
C LEU E 185 -3.07 7.74 -6.93
N GLU E 186 -4.36 7.90 -7.26
CA GLU E 186 -5.25 6.75 -7.52
C GLU E 186 -4.87 6.02 -8.79
N GLY E 187 -4.32 6.70 -9.73
CA GLY E 187 -3.84 6.10 -10.99
C GLY E 187 -2.74 6.99 -11.50
N PRO E 188 -1.93 6.41 -12.42
CA PRO E 188 -0.95 7.24 -13.10
C PRO E 188 -1.67 8.40 -13.78
N GLY E 189 -1.07 9.58 -13.80
CA GLY E 189 -1.65 10.72 -14.44
C GLY E 189 -2.59 11.57 -13.60
N TYR E 190 -2.77 11.18 -12.35
CA TYR E 190 -3.75 11.82 -11.46
C TYR E 190 -3.21 13.00 -10.62
N ALA E 191 -1.95 13.41 -10.78
CA ALA E 191 -1.39 14.31 -9.74
C ALA E 191 -2.10 15.68 -9.70
N LEU E 192 -2.48 16.22 -10.87
CA LEU E 192 -3.18 17.50 -10.86
C LEU E 192 -4.61 17.40 -10.36
N ARG E 193 -5.07 16.17 -10.10
CA ARG E 193 -6.38 15.94 -9.49
C ARG E 193 -6.30 15.89 -7.96
N ASN E 194 -5.10 15.62 -7.41
CA ASN E 194 -5.02 15.47 -5.94
C ASN E 194 -4.70 16.80 -5.31
N ILE E 195 -5.63 17.73 -5.49
CA ILE E 195 -5.52 19.13 -4.98
C ILE E 195 -6.84 19.41 -4.29
N MET E 196 -6.82 19.55 -2.97
CA MET E 196 -8.03 19.72 -2.17
CA MET E 196 -8.03 19.71 -2.19
C MET E 196 -8.88 20.86 -2.71
N VAL E 197 -10.19 20.67 -2.80
CA VAL E 197 -11.08 21.76 -3.17
C VAL E 197 -10.83 23.00 -2.32
N ASN E 198 -10.72 22.81 -1.02
CA ASN E 198 -10.46 23.97 -0.16
C ASN E 198 -9.20 24.74 -0.54
N HIS E 199 -8.15 24.06 -1.02
CA HIS E 199 -6.95 24.78 -1.46
C HIS E 199 -7.24 25.66 -2.67
N VAL E 200 -8.05 25.17 -3.62
CA VAL E 200 -8.41 26.01 -4.79
C VAL E 200 -9.21 27.20 -4.33
N VAL E 201 -10.18 27.01 -3.47
CA VAL E 201 -11.00 28.09 -2.99
C VAL E 201 -10.14 29.09 -2.20
N ALA E 202 -9.19 28.61 -1.43
CA ALA E 202 -8.32 29.53 -0.66
C ALA E 202 -7.45 30.34 -1.59
N ALA E 203 -6.88 29.71 -2.59
CA ALA E 203 -5.97 30.42 -3.51
C ALA E 203 -6.68 31.52 -4.32
N THR E 204 -7.96 31.32 -4.61
CA THR E 204 -8.72 32.24 -5.44
C THR E 204 -9.53 33.18 -4.56
N LEU E 205 -9.27 33.21 -3.25
CA LEU E 205 -9.94 34.15 -2.32
C LEU E 205 -11.47 34.06 -2.42
N LYS E 206 -12.00 32.86 -2.64
CA LYS E 206 -13.44 32.61 -2.65
C LYS E 206 -14.17 33.38 -3.79
N ASN E 207 -13.47 33.81 -4.80
CA ASN E 207 -14.18 34.39 -5.96
C ASN E 207 -14.76 33.19 -6.74
N THR E 208 -16.07 33.13 -6.88
CA THR E 208 -16.70 31.89 -7.35
C THR E 208 -16.26 31.51 -8.74
N LEU E 209 -16.28 32.46 -9.68
CA LEU E 209 -15.88 32.16 -11.01
C LEU E 209 -14.40 31.80 -11.12
N GLN E 210 -13.52 32.47 -10.37
CA GLN E 210 -12.10 32.13 -10.43
C GLN E 210 -11.85 30.73 -9.83
N ALA E 211 -12.57 30.41 -8.77
CA ALA E 211 -12.41 29.07 -8.16
C ALA E 211 -12.84 28.02 -9.19
N ALA E 212 -13.99 28.22 -9.81
CA ALA E 212 -14.45 27.26 -10.81
C ALA E 212 -13.46 27.18 -11.94
N ALA E 213 -12.88 28.32 -12.37
CA ALA E 213 -11.89 28.28 -13.46
C ALA E 213 -10.62 27.52 -13.07
N LEU E 214 -10.07 27.85 -11.92
CA LEU E 214 -8.84 27.16 -11.50
C LEU E 214 -9.07 25.64 -11.42
N SER E 215 -10.18 25.27 -10.78
CA SER E 215 -10.49 23.84 -10.66
C SER E 215 -10.66 23.16 -12.00
N THR E 216 -11.34 23.82 -12.94
CA THR E 216 -11.51 23.28 -14.28
C THR E 216 -10.24 23.16 -15.02
N ILE E 217 -9.39 24.18 -14.92
CA ILE E 217 -8.09 24.09 -15.56
C ILE E 217 -7.30 22.90 -15.06
N LEU E 218 -7.26 22.72 -13.74
CA LEU E 218 -6.51 21.59 -13.19
C LEU E 218 -7.12 20.26 -13.58
N GLU E 219 -8.44 20.15 -13.45
CA GLU E 219 -9.09 18.89 -13.80
C GLU E 219 -8.91 18.53 -15.26
N GLN E 220 -9.22 19.46 -16.19
CA GLN E 220 -9.14 19.14 -17.60
C GLN E 220 -7.72 19.00 -18.04
N THR E 221 -6.75 19.68 -17.44
CA THR E 221 -5.36 19.46 -17.75
C THR E 221 -4.99 17.98 -17.37
N ALA E 222 -5.44 17.52 -16.18
CA ALA E 222 -5.21 16.14 -15.82
C ALA E 222 -5.80 15.18 -16.86
N MET E 223 -6.94 15.53 -17.45
CA MET E 223 -7.55 14.65 -18.43
C MET E 223 -6.66 14.46 -19.66
N PHE E 224 -5.87 15.48 -20.01
CA PHE E 224 -4.85 15.29 -21.03
C PHE E 224 -3.75 14.35 -20.56
N GLU E 225 -3.22 14.56 -19.35
CA GLU E 225 -2.12 13.75 -18.82
C GLU E 225 -2.54 12.28 -18.69
N MET E 226 -3.82 12.05 -18.41
CA MET E 226 -4.40 10.70 -18.26
C MET E 226 -4.67 10.02 -19.60
N GLY E 227 -4.58 10.80 -20.71
CA GLY E 227 -4.98 10.29 -22.03
C GLY E 227 -6.44 10.34 -22.36
N ASP E 228 -7.27 10.75 -21.39
CA ASP E 228 -8.71 10.81 -21.62
C ASP E 228 -9.08 11.79 -22.72
N ALA E 229 -8.33 12.86 -22.87
CA ALA E 229 -8.62 13.90 -23.89
C ALA E 229 -7.77 13.66 -25.12
N VAL E 230 -7.46 12.42 -25.47
CA VAL E 230 -6.70 12.10 -26.70
C VAL E 230 -7.68 11.50 -27.70
N GLY E 231 -7.57 11.92 -28.96
CA GLY E 231 -8.39 11.32 -30.00
C GLY E 231 -9.86 11.66 -29.89
N ALA E 232 -10.71 10.62 -29.82
CA ALA E 232 -12.16 10.76 -29.94
C ALA E 232 -12.76 11.75 -28.97
N PHE E 233 -12.22 11.90 -27.74
CA PHE E 233 -12.74 12.61 -26.66
CA PHE E 233 -12.96 12.73 -26.74
C PHE E 233 -12.23 14.05 -26.51
N GLU E 234 -11.21 14.39 -27.32
CA GLU E 234 -10.49 15.67 -27.10
C GLU E 234 -11.42 16.88 -27.18
N ARG E 235 -12.26 16.94 -28.22
CA ARG E 235 -13.15 18.08 -28.38
C ARG E 235 -14.15 18.16 -27.22
N MET E 236 -14.68 17.02 -26.75
CA MET E 236 -15.56 16.98 -25.57
CA MET E 236 -15.59 17.07 -25.63
CA MET E 236 -15.57 17.02 -25.63
C MET E 236 -14.91 17.65 -24.38
N HIS E 237 -13.64 17.29 -24.12
CA HIS E 237 -12.93 17.84 -22.97
C HIS E 237 -12.66 19.34 -23.12
N LEU E 238 -12.26 19.73 -24.35
CA LEU E 238 -12.02 21.18 -24.57
C LEU E 238 -13.26 22.00 -24.45
N LEU E 239 -14.36 21.53 -25.03
CA LEU E 239 -15.59 22.27 -24.87
C LEU E 239 -16.07 22.32 -23.43
N GLY E 240 -15.83 21.25 -22.65
CA GLY E 240 -16.11 21.29 -21.20
C GLY E 240 -15.31 22.32 -20.49
N LEU E 241 -14.01 22.38 -20.74
CA LEU E 241 -13.20 23.38 -20.15
C LEU E 241 -13.76 24.79 -20.48
N ALA E 242 -14.01 25.02 -21.77
CA ALA E 242 -14.48 26.36 -22.22
C ALA E 242 -15.80 26.76 -21.60
N TYR E 243 -16.81 25.90 -21.69
CA TYR E 243 -18.16 26.25 -21.28
C TYR E 243 -18.46 26.09 -19.80
N GLN E 244 -17.86 25.09 -19.15
CA GLN E 244 -18.12 24.91 -17.72
C GLN E 244 -17.16 25.72 -16.87
N GLY E 245 -15.92 25.87 -17.29
CA GLY E 245 -14.93 26.50 -16.46
C GLY E 245 -14.48 27.86 -16.88
N MET E 246 -14.62 28.19 -18.16
N MET E 246 -14.71 28.28 -18.10
CA MET E 246 -14.15 29.48 -18.71
CA MET E 246 -14.26 29.60 -18.46
C MET E 246 -15.35 30.46 -18.99
C MET E 246 -15.35 30.42 -19.06
N ASN E 247 -16.58 30.05 -18.66
CA ASN E 247 -17.73 30.90 -18.97
C ASN E 247 -17.79 31.25 -20.46
N ALA E 248 -17.49 30.31 -21.33
CA ALA E 248 -17.56 30.62 -22.78
C ALA E 248 -18.95 31.09 -23.12
N ASP E 249 -18.97 32.11 -24.03
CA ASP E 249 -20.23 32.71 -24.56
C ASP E 249 -21.06 33.30 -23.44
N ASN E 250 -20.49 33.51 -22.24
CA ASN E 250 -21.20 34.05 -21.06
C ASN E 250 -22.37 33.20 -20.66
N LEU E 251 -22.34 31.89 -21.03
CA LEU E 251 -23.47 31.04 -20.79
C LEU E 251 -23.76 30.78 -19.29
N VAL E 252 -22.71 30.38 -18.56
CA VAL E 252 -22.88 30.21 -17.11
C VAL E 252 -23.39 31.53 -16.51
N PHE E 253 -22.65 32.62 -16.80
CA PHE E 253 -23.00 33.93 -16.23
C PHE E 253 -24.46 34.34 -16.46
N ASP E 254 -24.89 34.17 -17.72
CA ASP E 254 -26.25 34.58 -18.09
C ASP E 254 -27.31 33.68 -17.46
N LEU E 255 -27.03 32.36 -17.33
CA LEU E 255 -27.97 31.51 -16.65
C LEU E 255 -28.11 31.89 -15.17
N VAL E 256 -26.98 32.22 -14.52
CA VAL E 256 -27.05 32.66 -13.14
C VAL E 256 -27.81 33.98 -13.01
N LYS E 257 -27.51 34.89 -13.94
CA LYS E 257 -28.21 36.20 -13.93
C LYS E 257 -29.72 35.98 -14.01
N ALA E 258 -30.14 35.12 -14.91
CA ALA E 258 -31.56 34.90 -15.13
C ALA E 258 -32.25 34.15 -14.03
N ASN E 259 -31.49 33.41 -13.18
CA ASN E 259 -32.07 32.53 -12.17
C ASN E 259 -31.68 32.84 -10.75
N GLY E 260 -30.85 33.88 -10.61
CA GLY E 260 -30.30 34.17 -9.30
C GLY E 260 -31.28 34.73 -8.29
N LYS E 261 -32.26 35.51 -8.74
CA LYS E 261 -33.19 36.16 -7.82
C LYS E 261 -34.21 35.22 -7.16
N GLU E 262 -34.75 34.30 -7.97
CA GLU E 262 -35.81 33.41 -7.51
C GLU E 262 -35.63 31.95 -7.95
N GLY E 263 -34.57 31.68 -8.70
CA GLY E 263 -34.47 30.39 -9.41
C GLY E 263 -34.10 29.21 -8.51
N THR E 264 -34.26 28.07 -9.15
CA THR E 264 -34.00 26.73 -8.60
C THR E 264 -33.19 25.95 -9.61
N VAL E 265 -32.77 24.74 -9.21
CA VAL E 265 -32.11 23.86 -10.18
C VAL E 265 -33.02 23.61 -11.41
N GLY E 266 -34.32 23.37 -11.11
CA GLY E 266 -35.26 23.15 -12.23
C GLY E 266 -35.41 24.35 -13.15
N SER E 267 -35.38 25.56 -12.64
CA SER E 267 -35.55 26.71 -13.53
C SER E 267 -34.32 26.92 -14.38
N VAL E 268 -33.13 26.57 -13.84
CA VAL E 268 -31.93 26.66 -14.63
C VAL E 268 -31.96 25.63 -15.76
N ILE E 269 -32.39 24.40 -15.47
CA ILE E 269 -32.53 23.37 -16.48
C ILE E 269 -33.42 23.89 -17.65
N ALA E 270 -34.58 24.46 -17.28
CA ALA E 270 -35.52 24.93 -18.32
C ALA E 270 -34.86 25.97 -19.19
N ASP E 271 -34.13 26.92 -18.59
CA ASP E 271 -33.44 27.90 -19.41
C ASP E 271 -32.35 27.33 -20.27
N LEU E 272 -31.60 26.32 -19.75
CA LEU E 272 -30.52 25.75 -20.55
C LEU E 272 -31.10 24.98 -21.76
N VAL E 273 -32.16 24.22 -21.52
CA VAL E 273 -32.77 23.46 -22.64
C VAL E 273 -33.26 24.47 -23.72
N GLU E 274 -33.88 25.55 -23.27
CA GLU E 274 -34.34 26.59 -24.22
C GLU E 274 -33.18 27.14 -24.98
N ARG E 275 -32.04 27.44 -24.32
CA ARG E 275 -30.89 27.99 -24.99
C ARG E 275 -30.26 27.03 -25.99
N ALA E 276 -30.15 25.75 -25.63
CA ALA E 276 -29.61 24.73 -26.51
C ALA E 276 -30.49 24.64 -27.77
N LEU E 277 -31.79 24.78 -27.55
CA LEU E 277 -32.71 24.71 -28.72
C LEU E 277 -32.53 25.91 -29.61
N GLU E 278 -32.50 27.08 -28.98
CA GLU E 278 -32.32 28.35 -29.72
C GLU E 278 -31.03 28.34 -30.53
N ASP E 279 -29.94 27.76 -29.99
CA ASP E 279 -28.66 27.73 -30.65
C ASP E 279 -28.51 26.55 -31.61
N GLY E 280 -29.52 25.70 -31.77
CA GLY E 280 -29.39 24.59 -32.72
C GLY E 280 -28.53 23.42 -32.21
N VAL E 281 -28.24 23.40 -30.89
CA VAL E 281 -27.45 22.31 -30.31
C VAL E 281 -28.28 21.05 -30.22
N ILE E 282 -29.57 21.21 -29.90
CA ILE E 282 -30.51 20.08 -29.87
C ILE E 282 -31.71 20.43 -30.75
N LYS E 283 -32.49 19.42 -31.08
CA LYS E 283 -33.71 19.62 -31.87
C LYS E 283 -34.67 18.51 -31.51
N VAL E 284 -35.97 18.72 -31.73
CA VAL E 284 -36.93 17.66 -31.47
C VAL E 284 -36.75 16.56 -32.48
N GLU E 285 -36.54 15.33 -32.01
CA GLU E 285 -36.38 14.16 -32.86
C GLU E 285 -37.71 13.44 -33.09
N LYS E 286 -38.58 13.39 -32.08
CA LYS E 286 -39.77 12.50 -32.07
C LYS E 286 -40.77 13.17 -31.13
N GLU E 287 -42.06 13.00 -31.40
CA GLU E 287 -43.14 13.42 -30.50
C GLU E 287 -43.75 12.13 -29.96
N LEU E 288 -43.73 12.00 -28.64
CA LEU E 288 -44.51 11.01 -27.94
C LEU E 288 -45.85 11.66 -27.55
N THR E 289 -46.57 11.11 -26.57
CA THR E 289 -47.85 11.70 -26.18
C THR E 289 -47.55 12.90 -25.27
N ASP E 290 -47.80 14.12 -25.75
CA ASP E 290 -47.51 15.34 -25.02
C ASP E 290 -46.09 15.35 -24.46
N TYR E 291 -45.11 14.98 -25.27
CA TYR E 291 -43.71 14.91 -24.76
C TYR E 291 -42.81 14.93 -25.97
N LYS E 292 -41.90 15.86 -26.02
CA LYS E 292 -40.94 16.02 -27.11
C LYS E 292 -39.67 15.25 -26.77
N VAL E 293 -39.21 14.37 -27.64
CA VAL E 293 -37.93 13.65 -27.44
C VAL E 293 -36.89 14.45 -28.18
N TYR E 294 -35.87 14.99 -27.50
CA TYR E 294 -34.83 15.77 -28.15
C TYR E 294 -33.64 14.90 -28.60
N GLY E 295 -33.02 15.31 -29.71
CA GLY E 295 -31.82 14.71 -30.25
C GLY E 295 -30.75 15.75 -30.44
N THR E 296 -29.53 15.30 -30.74
CA THR E 296 -28.47 16.21 -31.10
C THR E 296 -27.59 15.57 -32.15
N ASP E 297 -27.03 16.40 -33.03
CA ASP E 297 -26.02 15.91 -33.96
C ASP E 297 -24.63 16.24 -33.45
N ASP E 298 -24.51 16.71 -32.19
CA ASP E 298 -23.21 17.11 -31.67
C ASP E 298 -23.21 16.87 -30.19
N LEU E 299 -22.93 15.63 -29.85
CA LEU E 299 -22.97 15.25 -28.43
C LEU E 299 -21.99 15.98 -27.55
N ALA E 300 -20.80 16.27 -28.05
CA ALA E 300 -19.82 17.03 -27.28
C ALA E 300 -20.34 18.41 -26.94
N MET E 301 -21.06 19.06 -27.89
CA MET E 301 -21.59 20.39 -27.65
C MET E 301 -22.80 20.35 -26.73
N TRP E 302 -23.71 19.39 -26.90
CA TRP E 302 -24.77 19.22 -25.94
C TRP E 302 -24.17 19.02 -24.53
N ASN E 303 -23.16 18.15 -24.44
CA ASN E 303 -22.54 17.90 -23.13
C ASN E 303 -22.02 19.19 -22.51
N ALA E 304 -21.40 20.05 -23.34
CA ALA E 304 -20.79 21.29 -22.85
C ALA E 304 -21.88 22.28 -22.37
N TYR E 305 -22.99 22.41 -23.13
CA TYR E 305 -24.07 23.28 -22.72
C TYR E 305 -24.66 22.76 -21.43
N ALA E 306 -24.86 21.44 -21.40
CA ALA E 306 -25.42 20.87 -20.18
C ALA E 306 -24.47 21.09 -18.97
N ALA E 307 -23.19 21.02 -19.23
CA ALA E 307 -22.19 21.28 -18.16
C ALA E 307 -22.21 22.72 -17.70
N ALA E 308 -22.42 23.68 -18.61
CA ALA E 308 -22.53 25.09 -18.22
C ALA E 308 -23.77 25.25 -17.38
N GLY E 309 -24.89 24.65 -17.77
CA GLY E 309 -26.05 24.67 -16.94
C GLY E 309 -25.86 24.07 -15.56
N LEU E 310 -25.10 22.99 -15.48
CA LEU E 310 -24.80 22.34 -14.22
C LEU E 310 -24.07 23.30 -13.24
N MET E 311 -23.07 23.99 -13.77
CA MET E 311 -22.31 24.97 -12.99
C MET E 311 -23.26 26.08 -12.52
N ALA E 312 -24.06 26.62 -13.46
CA ALA E 312 -25.03 27.65 -13.09
C ALA E 312 -26.02 27.18 -12.04
N ALA E 313 -26.47 25.93 -12.15
CA ALA E 313 -27.40 25.39 -11.18
C ALA E 313 -26.79 25.29 -9.78
N THR E 314 -25.51 24.93 -9.73
CA THR E 314 -24.80 24.90 -8.45
C THR E 314 -24.71 26.32 -7.87
N MET E 315 -24.36 27.26 -8.73
CA MET E 315 -24.22 28.63 -8.26
C MET E 315 -25.56 29.17 -7.75
N VAL E 316 -26.65 28.85 -8.45
CA VAL E 316 -27.98 29.28 -8.00
C VAL E 316 -28.43 28.55 -6.73
N ASN E 317 -28.24 27.23 -6.68
CA ASN E 317 -28.78 26.47 -5.55
C ASN E 317 -27.93 26.69 -4.29
N GLN E 318 -26.62 26.46 -4.40
CA GLN E 318 -25.74 26.67 -3.25
C GLN E 318 -25.50 28.15 -3.00
N GLY E 319 -25.57 28.98 -4.04
CA GLY E 319 -25.53 30.42 -3.79
C GLY E 319 -26.73 30.92 -3.01
N ALA E 320 -27.92 30.38 -3.26
CA ALA E 320 -29.08 30.81 -2.50
C ALA E 320 -29.00 30.36 -1.06
N ALA E 321 -28.50 29.16 -0.77
CA ALA E 321 -28.38 28.68 0.60
C ALA E 321 -27.14 29.30 1.32
N ARG E 322 -26.22 29.78 0.52
CA ARG E 322 -24.85 30.18 0.99
C ARG E 322 -24.27 29.07 1.85
N ALA E 323 -24.53 27.81 1.41
CA ALA E 323 -24.14 26.62 2.16
C ALA E 323 -23.76 25.57 1.12
N ALA E 324 -22.57 25.02 1.20
CA ALA E 324 -22.07 24.22 0.10
C ALA E 324 -22.63 22.80 0.09
N GLN E 325 -23.16 22.30 1.19
CA GLN E 325 -23.45 20.86 1.24
C GLN E 325 -24.35 20.37 0.10
N GLY E 326 -25.31 21.16 -0.34
CA GLY E 326 -26.22 20.69 -1.37
C GLY E 326 -25.62 20.60 -2.74
N VAL E 327 -24.35 20.92 -2.94
CA VAL E 327 -23.75 20.69 -4.23
C VAL E 327 -23.85 19.23 -4.63
N SER E 328 -23.75 18.30 -3.66
CA SER E 328 -23.84 16.90 -4.04
C SER E 328 -25.23 16.60 -4.64
N SER E 329 -26.27 17.20 -4.06
CA SER E 329 -27.64 17.07 -4.54
C SER E 329 -27.83 17.75 -5.88
N THR E 330 -27.28 18.94 -6.07
CA THR E 330 -27.38 19.62 -7.38
C THR E 330 -26.75 18.76 -8.47
N LEU E 331 -25.53 18.24 -8.18
CA LEU E 331 -24.82 17.46 -9.15
C LEU E 331 -25.61 16.23 -9.53
N LEU E 332 -26.39 15.68 -8.63
CA LEU E 332 -27.18 14.51 -8.92
C LEU E 332 -28.44 14.92 -9.72
N TYR E 333 -29.28 15.76 -9.13
CA TYR E 333 -30.62 16.00 -9.69
C TYR E 333 -30.61 16.95 -10.84
N TYR E 334 -29.63 17.82 -11.03
CA TYR E 334 -29.58 18.51 -12.29
C TYR E 334 -29.53 17.48 -13.43
N ASN E 335 -28.65 16.49 -13.30
CA ASN E 335 -28.47 15.49 -14.33
C ASN E 335 -29.63 14.53 -14.44
N ASP E 336 -30.19 14.08 -13.34
CA ASP E 336 -31.35 13.19 -13.38
C ASP E 336 -32.53 13.92 -14.00
N LEU E 337 -32.82 15.13 -13.57
CA LEU E 337 -33.94 15.90 -14.12
C LEU E 337 -33.72 16.17 -15.57
N ILE E 338 -32.54 16.57 -16.02
CA ILE E 338 -32.39 16.93 -17.43
C ILE E 338 -32.59 15.75 -18.35
N GLU E 339 -32.22 14.55 -17.95
CA GLU E 339 -32.45 13.40 -18.82
C GLU E 339 -33.93 13.14 -18.98
N PHE E 340 -34.72 13.20 -17.95
CA PHE E 340 -36.15 12.98 -18.11
C PHE E 340 -36.85 14.15 -18.75
N GLU E 341 -36.26 15.33 -18.71
CA GLU E 341 -36.77 16.52 -19.37
C GLU E 341 -36.60 16.38 -20.86
N THR E 342 -35.58 15.71 -21.34
CA THR E 342 -35.16 15.83 -22.74
C THR E 342 -35.10 14.52 -23.52
N GLY E 343 -34.81 13.40 -22.86
CA GLY E 343 -34.45 12.18 -23.57
C GLY E 343 -33.01 12.17 -24.05
N LEU E 344 -32.19 13.13 -23.59
CA LEU E 344 -30.77 13.14 -23.89
C LEU E 344 -29.93 12.74 -22.67
N PRO E 345 -28.74 12.21 -22.90
CA PRO E 345 -27.88 11.89 -21.73
C PRO E 345 -27.36 13.12 -21.04
N SER E 346 -27.22 12.96 -19.73
CA SER E 346 -26.73 14.02 -18.83
C SER E 346 -25.23 14.22 -19.01
N VAL E 347 -24.70 15.11 -18.14
CA VAL E 347 -23.31 15.55 -18.32
C VAL E 347 -22.35 14.35 -18.11
N ASP E 348 -21.40 14.19 -19.00
CA ASP E 348 -20.44 13.12 -18.90
C ASP E 348 -21.14 11.76 -18.98
N PHE E 349 -22.29 11.72 -19.70
CA PHE E 349 -23.02 10.50 -20.00
CA PHE E 349 -23.00 10.47 -20.02
C PHE E 349 -23.36 9.67 -18.77
N GLY E 350 -23.72 10.36 -17.69
CA GLY E 350 -24.15 9.75 -16.44
C GLY E 350 -23.05 9.81 -15.37
N LYS E 351 -21.81 10.13 -15.75
CA LYS E 351 -20.72 10.03 -14.77
CA LYS E 351 -20.72 10.03 -14.76
C LYS E 351 -20.77 11.16 -13.77
N VAL E 352 -21.30 12.33 -14.10
CA VAL E 352 -21.51 13.33 -13.03
C VAL E 352 -22.55 12.85 -12.06
N GLU E 353 -23.68 12.36 -12.58
CA GLU E 353 -24.73 11.91 -11.72
C GLU E 353 -24.23 10.80 -10.81
N GLY E 354 -23.47 9.86 -11.34
CA GLY E 354 -22.95 8.79 -10.47
C GLY E 354 -21.98 9.31 -9.44
N THR E 355 -21.07 10.17 -9.86
CA THR E 355 -20.15 10.81 -8.88
C THR E 355 -21.00 11.46 -7.80
N ALA E 356 -22.10 12.13 -8.17
CA ALA E 356 -22.92 12.82 -7.21
C ALA E 356 -23.65 11.90 -6.26
N VAL E 357 -24.06 10.73 -6.71
CA VAL E 357 -24.69 9.77 -5.81
C VAL E 357 -23.70 9.41 -4.71
N GLY E 358 -22.48 9.01 -5.07
CA GLY E 358 -21.50 8.64 -4.05
C GLY E 358 -21.07 9.81 -3.20
N PHE E 359 -20.89 10.94 -3.80
CA PHE E 359 -20.48 12.13 -3.09
C PHE E 359 -21.57 12.55 -2.10
N SER E 360 -22.84 12.47 -2.48
CA SER E 360 -23.91 12.72 -1.54
C SER E 360 -23.85 11.77 -0.34
N PHE E 361 -23.73 10.48 -0.65
CA PHE E 361 -23.61 9.45 0.42
C PHE E 361 -22.41 9.78 1.34
N PHE E 362 -21.26 10.01 0.76
CA PHE E 362 -20.02 10.25 1.50
C PHE E 362 -19.88 11.66 2.02
N SER E 363 -20.95 12.44 1.99
CA SER E 363 -20.94 13.73 2.69
C SER E 363 -22.12 13.84 3.59
N HIS E 364 -22.84 12.73 3.79
CA HIS E 364 -24.01 12.70 4.69
C HIS E 364 -24.11 11.36 5.43
N SER E 365 -23.02 10.62 5.61
CA SER E 365 -23.05 9.29 6.22
C SER E 365 -21.89 9.04 7.14
N ILE E 366 -21.91 7.88 7.77
CA ILE E 366 -20.86 7.57 8.73
C ILE E 366 -19.59 7.02 8.09
N TYR E 367 -19.62 6.69 6.78
CA TYR E 367 -18.67 5.70 6.26
C TYR E 367 -17.35 6.29 5.81
N GLY E 368 -17.27 7.60 5.54
CA GLY E 368 -16.07 8.20 5.00
C GLY E 368 -16.42 9.57 4.46
N GLY E 369 -15.57 10.08 3.62
CA GLY E 369 -15.79 11.39 2.99
C GLY E 369 -15.66 12.49 4.02
N GLY E 370 -16.61 13.41 4.03
CA GLY E 370 -16.53 14.64 4.87
C GLY E 370 -17.31 15.72 4.18
N GLY E 371 -16.99 16.96 4.50
CA GLY E 371 -17.66 18.08 3.84
C GLY E 371 -17.11 18.32 2.45
N PRO E 372 -17.80 19.11 1.63
CA PRO E 372 -17.40 19.26 0.20
C PRO E 372 -15.96 19.68 0.00
N GLY E 373 -15.43 20.51 0.92
CA GLY E 373 -14.10 21.09 0.71
C GLY E 373 -12.95 20.13 0.82
N ILE E 374 -13.18 18.94 1.39
CA ILE E 374 -12.09 17.99 1.52
C ILE E 374 -11.98 17.05 0.38
N PHE E 375 -12.90 17.12 -0.58
CA PHE E 375 -12.81 16.28 -1.78
C PHE E 375 -11.86 16.85 -2.77
N ASN E 376 -11.59 16.09 -3.84
CA ASN E 376 -10.67 16.47 -4.92
C ASN E 376 -10.84 15.43 -6.03
N GLY E 377 -10.31 15.72 -7.22
CA GLY E 377 -10.45 14.78 -8.32
C GLY E 377 -9.75 13.43 -8.14
N ASN E 378 -8.84 13.32 -7.18
CA ASN E 378 -8.17 12.06 -6.87
C ASN E 378 -8.87 11.31 -5.76
N HIS E 379 -9.85 11.90 -5.11
CA HIS E 379 -10.51 11.19 -4.03
C HIS E 379 -11.30 10.03 -4.61
N ILE E 380 -11.30 8.88 -3.95
CA ILE E 380 -12.03 7.74 -4.50
C ILE E 380 -13.48 8.08 -4.73
N VAL E 381 -14.07 8.96 -3.92
CA VAL E 381 -15.51 9.24 -4.11
C VAL E 381 -15.76 10.05 -5.36
N THR E 382 -14.83 10.97 -5.69
CA THR E 382 -15.10 12.02 -6.70
C THR E 382 -14.19 11.97 -7.88
N ARG E 383 -13.58 10.83 -8.18
CA ARG E 383 -12.65 10.72 -9.32
C ARG E 383 -13.38 10.37 -10.63
N HIS E 384 -14.64 9.96 -10.56
CA HIS E 384 -15.28 9.18 -11.67
C HIS E 384 -15.63 10.03 -12.85
N SER E 385 -16.18 11.23 -12.63
CA SER E 385 -16.39 12.15 -13.77
C SER E 385 -15.09 12.71 -14.20
N LYS E 386 -14.93 12.85 -15.52
CA LYS E 386 -13.63 13.26 -16.11
C LYS E 386 -13.58 14.78 -16.25
N GLY E 387 -13.70 15.43 -15.09
CA GLY E 387 -13.50 16.87 -14.96
C GLY E 387 -14.73 17.69 -14.78
N PHE E 388 -15.93 17.11 -14.81
CA PHE E 388 -17.17 17.88 -14.88
C PHE E 388 -17.90 18.05 -13.58
N ALA E 389 -17.33 17.48 -12.51
CA ALA E 389 -17.98 17.54 -11.18
C ALA E 389 -17.25 18.42 -10.17
N ILE E 390 -15.96 18.19 -9.99
CA ILE E 390 -15.20 18.92 -8.97
C ILE E 390 -15.24 20.45 -9.14
N PRO E 391 -15.22 20.99 -10.38
CA PRO E 391 -15.28 22.48 -10.42
C PRO E 391 -16.55 23.05 -9.81
N CYS E 392 -17.65 22.31 -9.87
CA CYS E 392 -18.87 22.76 -9.21
C CYS E 392 -18.73 22.76 -7.72
N VAL E 393 -18.01 21.78 -7.17
CA VAL E 393 -17.74 21.73 -5.74
C VAL E 393 -16.91 22.93 -5.30
N ALA E 394 -15.92 23.31 -6.13
CA ALA E 394 -15.13 24.52 -5.82
C ALA E 394 -16.01 25.76 -5.83
N ALA E 395 -16.92 25.88 -6.81
CA ALA E 395 -17.84 27.03 -6.83
C ALA E 395 -18.69 27.04 -5.59
N ALA E 396 -19.24 25.88 -5.19
CA ALA E 396 -20.07 25.82 -4.00
C ALA E 396 -19.34 26.21 -2.74
N MET E 397 -18.11 25.70 -2.54
CA MET E 397 -17.33 26.09 -1.37
C MET E 397 -16.94 27.56 -1.42
N ALA E 398 -16.70 28.12 -2.61
CA ALA E 398 -16.47 29.59 -2.67
C ALA E 398 -17.68 30.35 -2.14
N LEU E 399 -18.89 29.83 -2.33
CA LEU E 399 -20.14 30.49 -1.96
C LEU E 399 -20.56 30.15 -0.56
N ASP E 400 -19.86 29.29 0.16
CA ASP E 400 -20.27 28.91 1.50
C ASP E 400 -19.97 30.08 2.49
N ALA E 401 -20.96 30.51 3.26
CA ALA E 401 -20.80 31.69 4.14
C ALA E 401 -20.32 31.34 5.52
N GLY E 402 -20.06 30.09 5.82
CA GLY E 402 -19.58 29.68 7.14
C GLY E 402 -20.28 28.51 7.78
N THR E 403 -20.71 27.53 6.95
CA THR E 403 -21.50 26.41 7.53
C THR E 403 -20.63 25.19 7.77
N GLN E 404 -19.36 25.23 7.35
CA GLN E 404 -18.46 24.06 7.37
C GLN E 404 -17.49 24.05 8.48
N MET E 405 -17.31 22.96 9.20
CA MET E 405 -16.22 22.87 10.15
C MET E 405 -14.88 22.78 9.45
N PHE E 406 -14.78 21.90 8.46
CA PHE E 406 -13.57 21.74 7.65
C PHE E 406 -13.59 22.68 6.44
N SER E 407 -13.52 23.95 6.77
CA SER E 407 -13.60 25.08 5.84
C SER E 407 -12.19 25.35 5.28
N PRO E 408 -12.06 26.20 4.26
CA PRO E 408 -10.73 26.56 3.80
C PRO E 408 -9.92 27.29 4.86
N GLU E 409 -10.59 28.01 5.77
CA GLU E 409 -9.88 28.66 6.89
C GLU E 409 -9.27 27.59 7.80
N ALA E 410 -9.94 26.44 7.97
CA ALA E 410 -9.45 25.37 8.84
C ALA E 410 -8.38 24.57 8.16
N THR E 411 -8.52 24.26 6.86
CA THR E 411 -7.65 23.28 6.22
C THR E 411 -6.52 23.91 5.40
N SER E 412 -6.67 25.18 5.04
CA SER E 412 -5.88 25.71 3.91
C SER E 412 -5.27 27.09 4.17
N GLY E 413 -5.13 27.46 5.44
CA GLY E 413 -4.60 28.81 5.75
C GLY E 413 -3.19 29.08 5.26
N LEU E 414 -2.31 28.09 5.33
CA LEU E 414 -0.95 28.26 4.88
C LEU E 414 -0.92 28.38 3.40
N ILE E 415 -1.68 27.50 2.75
CA ILE E 415 -1.83 27.62 1.31
C ILE E 415 -2.43 28.95 0.88
N LYS E 416 -3.44 29.42 1.60
CA LYS E 416 -4.05 30.67 1.20
C LYS E 416 -3.04 31.82 1.24
N GLU E 417 -2.28 31.89 2.34
CA GLU E 417 -1.38 33.05 2.49
C GLU E 417 -0.36 33.10 1.38
N VAL E 418 0.18 31.96 0.97
CA VAL E 418 1.22 31.94 -0.01
C VAL E 418 0.72 31.88 -1.42
N PHE E 419 -0.21 30.93 -1.71
CA PHE E 419 -0.60 30.72 -3.10
C PHE E 419 -1.50 31.84 -3.62
N SER E 420 -2.26 32.49 -2.75
CA SER E 420 -3.07 33.61 -3.29
C SER E 420 -2.20 34.81 -3.68
N GLN E 421 -0.92 34.83 -3.33
CA GLN E 421 -0.03 35.91 -3.75
C GLN E 421 0.26 35.83 -5.21
N VAL E 422 0.08 34.67 -5.81
CA VAL E 422 0.47 34.45 -7.15
C VAL E 422 -0.69 34.82 -8.08
N ASP E 423 -0.53 35.86 -8.90
CA ASP E 423 -1.63 36.39 -9.69
C ASP E 423 -2.30 35.37 -10.60
N GLU E 424 -1.53 34.53 -11.26
CA GLU E 424 -2.10 33.54 -12.17
C GLU E 424 -2.84 32.41 -11.42
N PHE E 425 -2.50 32.15 -10.16
CA PHE E 425 -3.26 31.18 -9.35
C PHE E 425 -4.55 31.79 -8.82
N ARG E 426 -4.48 33.07 -8.45
CA ARG E 426 -5.59 33.75 -7.84
C ARG E 426 -6.68 34.14 -8.84
N GLU E 427 -6.25 34.54 -10.03
CA GLU E 427 -7.14 35.07 -11.07
C GLU E 427 -6.89 34.41 -12.38
N PRO E 428 -6.97 33.07 -12.45
CA PRO E 428 -6.56 32.38 -13.66
C PRO E 428 -7.40 32.71 -14.84
N LEU E 429 -8.68 33.02 -14.63
CA LEU E 429 -9.62 33.19 -15.77
C LEU E 429 -9.07 34.36 -16.62
N LYS E 430 -8.63 35.41 -15.93
CA LYS E 430 -8.07 36.54 -16.60
C LYS E 430 -6.87 36.18 -17.51
N TYR E 431 -5.89 35.47 -16.95
CA TYR E 431 -4.67 35.13 -17.66
C TYR E 431 -4.86 34.14 -18.80
N VAL E 432 -5.74 33.15 -18.57
CA VAL E 432 -5.97 32.14 -19.62
C VAL E 432 -6.72 32.74 -20.83
N VAL E 433 -7.67 33.62 -20.53
CA VAL E 433 -8.42 34.32 -21.60
C VAL E 433 -7.48 35.22 -22.37
N GLU E 434 -6.66 35.99 -21.64
CA GLU E 434 -5.64 36.81 -22.31
C GLU E 434 -4.68 36.05 -23.20
N ALA E 435 -4.15 34.91 -22.73
CA ALA E 435 -3.27 34.11 -23.53
C ALA E 435 -3.99 33.52 -24.73
N ALA E 436 -5.23 33.13 -24.54
CA ALA E 436 -5.99 32.55 -25.69
C ALA E 436 -6.17 33.61 -26.80
N ALA E 437 -6.48 34.84 -26.39
CA ALA E 437 -6.69 35.96 -27.31
C ALA E 437 -5.37 36.20 -28.02
N GLU E 438 -4.25 36.13 -27.29
CA GLU E 438 -2.92 36.31 -27.92
C GLU E 438 -2.54 35.29 -28.98
N ILE E 439 -2.91 34.03 -28.76
CA ILE E 439 -2.46 32.97 -29.65
C ILE E 439 -3.53 32.63 -30.67
N LYS E 440 -4.63 33.40 -30.69
CA LYS E 440 -5.80 33.05 -31.49
C LYS E 440 -5.46 32.82 -32.96
N ASN E 441 -4.49 33.56 -33.50
CA ASN E 441 -4.08 33.38 -34.91
C ASN E 441 -3.00 32.33 -35.21
N GLU E 442 -2.54 31.64 -34.16
CA GLU E 442 -1.54 30.56 -34.31
C GLU E 442 -2.19 29.16 -34.32
N ILE E 443 -3.50 29.12 -34.07
CA ILE E 443 -4.24 27.85 -34.06
C ILE E 443 -4.66 27.42 -35.47
N ALA F 2 -41.82 23.38 -19.06
CA ALA F 2 -40.99 22.15 -18.89
C ALA F 2 -41.92 20.96 -18.98
N GLN F 3 -41.35 19.81 -19.38
CA GLN F 3 -42.19 18.64 -19.57
C GLN F 3 -42.05 17.56 -18.47
N TYR F 4 -40.89 17.61 -17.75
CA TYR F 4 -40.61 16.82 -16.50
C TYR F 4 -40.47 15.33 -16.64
N TYR F 5 -41.43 14.64 -17.24
CA TYR F 5 -41.42 13.18 -17.15
C TYR F 5 -42.27 12.64 -18.31
N PRO F 6 -41.84 11.61 -19.02
CA PRO F 6 -42.67 10.98 -20.08
C PRO F 6 -43.68 10.05 -19.46
N GLY F 7 -44.73 9.70 -20.23
CA GLY F 7 -45.65 8.62 -19.87
C GLY F 7 -47.09 9.07 -19.90
N THR F 8 -47.97 8.08 -19.93
CA THR F 8 -49.39 8.38 -20.17
C THR F 8 -50.28 7.87 -19.06
N THR F 9 -49.70 7.35 -17.96
CA THR F 9 -50.43 6.92 -16.83
C THR F 9 -50.77 8.05 -15.87
N LYS F 10 -51.66 7.74 -14.96
CA LYS F 10 -51.88 8.64 -13.82
C LYS F 10 -50.59 8.82 -13.01
N VAL F 11 -49.84 7.72 -12.83
CA VAL F 11 -48.53 7.82 -12.13
C VAL F 11 -47.68 8.86 -12.80
N ALA F 12 -47.51 8.79 -14.13
CA ALA F 12 -46.63 9.70 -14.78
C ALA F 12 -47.11 11.14 -14.65
N GLN F 13 -48.43 11.36 -14.80
CA GLN F 13 -48.97 12.71 -14.60
C GLN F 13 -48.76 13.20 -13.16
N ASN F 14 -48.94 12.33 -12.18
CA ASN F 14 -48.69 12.75 -10.81
C ASN F 14 -47.21 13.12 -10.57
N ARG F 15 -46.28 12.39 -11.23
CA ARG F 15 -44.85 12.74 -11.14
C ARG F 15 -44.59 14.09 -11.72
N ARG F 16 -45.22 14.40 -12.85
CA ARG F 16 -45.06 15.72 -13.44
C ARG F 16 -45.66 16.82 -12.53
N ASN F 17 -46.85 16.53 -11.98
CA ASN F 17 -47.53 17.54 -11.11
C ASN F 17 -46.66 17.87 -9.89
N PHE F 18 -46.04 16.87 -9.26
CA PHE F 18 -45.19 17.15 -8.11
C PHE F 18 -44.01 17.98 -8.50
N CYS F 19 -43.44 17.79 -9.69
CA CYS F 19 -42.30 18.61 -10.10
C CYS F 19 -42.63 20.00 -10.54
N ASN F 20 -43.85 20.21 -11.06
CA ASN F 20 -44.19 21.45 -11.74
C ASN F 20 -44.59 22.52 -10.72
N PRO F 21 -43.74 23.59 -10.58
CA PRO F 21 -44.09 24.53 -9.50
C PRO F 21 -45.38 25.30 -9.79
N GLU F 22 -45.90 25.24 -11.03
CA GLU F 22 -47.19 25.86 -11.36
C GLU F 22 -48.39 24.96 -11.06
N TYR F 23 -48.16 23.71 -10.66
CA TYR F 23 -49.23 22.85 -10.19
C TYR F 23 -49.47 23.09 -8.72
N GLU F 24 -50.70 23.45 -8.39
CA GLU F 24 -51.02 23.70 -7.00
C GLU F 24 -51.23 22.41 -6.26
N LEU F 25 -50.29 22.09 -5.39
CA LEU F 25 -50.37 20.90 -4.55
C LEU F 25 -51.69 20.91 -3.78
N GLU F 26 -52.45 19.83 -3.78
CA GLU F 26 -53.70 19.83 -3.01
C GLU F 26 -53.39 19.88 -1.51
N LYS F 27 -54.01 20.84 -0.80
CA LYS F 27 -53.90 20.95 0.65
C LYS F 27 -54.93 20.05 1.29
N LEU F 28 -54.52 19.15 2.15
CA LEU F 28 -55.39 18.15 2.72
C LEU F 28 -55.68 18.34 4.20
N ARG F 29 -54.86 19.16 4.87
CA ARG F 29 -54.96 19.28 6.30
C ARG F 29 -54.32 20.61 6.69
N GLU F 30 -54.76 21.13 7.85
CA GLU F 30 -54.22 22.37 8.42
C GLU F 30 -53.37 22.03 9.62
N ILE F 31 -52.16 22.60 9.65
CA ILE F 31 -51.27 22.42 10.79
C ILE F 31 -50.74 23.80 11.20
N SER F 32 -50.72 24.03 12.50
CA SER F 32 -50.23 25.33 13.01
C SER F 32 -48.72 25.47 12.87
N ASP F 33 -48.24 26.70 12.84
CA ASP F 33 -46.80 26.95 12.80
C ASP F 33 -46.12 26.29 13.97
N GLU F 34 -46.69 26.41 15.18
CA GLU F 34 -46.06 25.84 16.36
C GLU F 34 -45.95 24.34 16.19
N ASP F 35 -46.99 23.73 15.61
CA ASP F 35 -46.95 22.29 15.48
C ASP F 35 -45.92 21.84 14.44
N VAL F 36 -45.75 22.56 13.38
CA VAL F 36 -44.62 22.23 12.44
C VAL F 36 -43.27 22.27 13.20
N VAL F 37 -43.06 23.31 14.03
CA VAL F 37 -41.85 23.42 14.79
C VAL F 37 -41.68 22.26 15.74
N LYS F 38 -42.73 21.83 16.42
CA LYS F 38 -42.64 20.71 17.33
C LYS F 38 -42.32 19.40 16.58
N ILE F 39 -42.90 19.24 15.40
CA ILE F 39 -42.67 17.97 14.66
C ILE F 39 -41.22 17.95 14.17
N LEU F 40 -40.70 19.07 13.74
CA LEU F 40 -39.30 19.13 13.31
C LEU F 40 -38.33 18.81 14.42
N GLY F 41 -38.59 19.34 15.62
CA GLY F 41 -37.80 19.00 16.79
C GLY F 41 -36.44 19.68 16.91
N HIS F 42 -36.21 20.72 16.16
CA HIS F 42 -34.92 21.39 16.19
C HIS F 42 -34.83 22.49 17.25
N ARG F 43 -35.96 23.11 17.52
CA ARG F 43 -35.96 24.19 18.52
C ARG F 43 -37.27 24.15 19.25
N ALA F 44 -37.28 24.81 20.41
CA ALA F 44 -38.45 24.83 21.30
C ALA F 44 -39.33 26.02 20.92
N PRO F 45 -40.65 25.95 21.22
CA PRO F 45 -41.49 27.12 20.91
C PRO F 45 -40.96 28.34 21.70
N GLY F 46 -40.82 29.45 21.00
CA GLY F 46 -40.28 30.70 21.58
C GLY F 46 -38.77 30.82 21.61
N GLU F 47 -38.06 29.76 21.20
CA GLU F 47 -36.60 29.76 21.08
C GLU F 47 -36.15 30.50 19.81
N GLU F 48 -35.22 31.44 19.99
CA GLU F 48 -34.68 32.14 18.86
C GLU F 48 -33.96 31.13 17.96
N TYR F 49 -33.94 31.42 16.65
CA TYR F 49 -33.15 30.59 15.69
C TYR F 49 -31.67 30.62 16.12
N PRO F 50 -31.07 29.46 16.41
CA PRO F 50 -29.64 29.44 16.65
C PRO F 50 -28.92 29.82 15.36
N SER F 51 -27.69 30.27 15.49
CA SER F 51 -26.93 30.56 14.27
C SER F 51 -25.69 29.67 14.14
N VAL F 52 -25.30 29.49 12.85
CA VAL F 52 -24.03 28.84 12.57
C VAL F 52 -22.94 29.87 12.16
N HIS F 53 -23.34 31.02 11.66
CA HIS F 53 -22.36 32.05 11.35
C HIS F 53 -23.08 33.38 11.47
N PRO F 54 -22.33 34.50 11.44
CA PRO F 54 -23.03 35.78 11.58
C PRO F 54 -23.89 36.13 10.37
N PRO F 55 -24.82 37.08 10.53
CA PRO F 55 -25.64 37.51 9.40
C PRO F 55 -24.77 37.97 8.23
N LEU F 56 -25.20 37.73 6.99
CA LEU F 56 -24.42 38.10 5.81
C LEU F 56 -24.01 39.58 5.81
N GLU F 57 -24.94 40.43 6.18
CA GLU F 57 -24.70 41.88 6.25
C GLU F 57 -23.55 42.23 7.18
N GLU F 58 -23.29 41.41 8.17
CA GLU F 58 -22.22 41.71 9.10
C GLU F 58 -20.84 41.29 8.54
N MET F 59 -20.85 40.59 7.41
CA MET F 59 -19.59 40.09 6.79
C MET F 59 -18.98 41.06 5.82
N ASP F 60 -17.67 40.96 5.63
CA ASP F 60 -16.95 41.93 4.81
C ASP F 60 -16.61 41.33 3.46
N GLU F 61 -17.62 40.75 2.79
CA GLU F 61 -17.39 39.98 1.57
C GLU F 61 -16.86 40.84 0.42
N PRO F 62 -15.80 40.38 -0.26
CA PRO F 62 -15.34 41.12 -1.43
C PRO F 62 -16.31 40.96 -2.62
N GLU F 63 -16.14 41.83 -3.63
CA GLU F 63 -16.92 41.76 -4.85
C GLU F 63 -16.87 40.35 -5.43
N ASP F 64 -18.04 39.81 -5.78
CA ASP F 64 -18.15 38.51 -6.42
C ASP F 64 -19.42 38.63 -7.24
N ALA F 65 -19.25 38.62 -8.55
CA ALA F 65 -20.43 38.79 -9.45
C ALA F 65 -21.48 37.74 -9.22
N ILE F 66 -21.07 36.51 -8.95
CA ILE F 66 -22.07 35.42 -8.73
C ILE F 66 -22.87 35.64 -7.47
N ARG F 67 -22.20 35.89 -6.35
N ARG F 67 -22.22 35.95 -6.36
CA ARG F 67 -22.86 36.23 -5.09
CA ARG F 67 -22.94 36.16 -5.13
C ARG F 67 -23.86 37.34 -5.36
C ARG F 67 -23.78 37.46 -5.16
N GLU F 68 -23.40 38.39 -6.02
CA GLU F 68 -24.22 39.58 -6.24
C GLU F 68 -25.47 39.26 -7.00
N MET F 69 -25.43 38.27 -7.89
CA MET F 69 -26.57 37.93 -8.76
C MET F 69 -27.51 36.94 -8.11
N VAL F 70 -27.04 36.20 -7.09
CA VAL F 70 -27.86 35.18 -6.50
C VAL F 70 -28.39 35.66 -5.15
N GLU F 71 -29.70 35.83 -5.05
CA GLU F 71 -30.33 36.29 -3.80
C GLU F 71 -30.30 35.17 -2.75
N PRO F 72 -29.75 35.38 -1.55
CA PRO F 72 -29.75 34.37 -0.50
C PRO F 72 -31.15 34.19 0.03
N ILE F 73 -31.48 32.97 0.40
CA ILE F 73 -32.71 32.72 1.12
C ILE F 73 -32.62 33.44 2.47
N ASP F 74 -33.80 33.65 3.04
CA ASP F 74 -33.88 34.45 4.28
C ASP F 74 -33.09 33.90 5.42
N GLY F 75 -33.07 32.56 5.57
CA GLY F 75 -32.31 31.96 6.61
C GLY F 75 -30.80 32.09 6.40
N ALA F 76 -30.39 32.15 5.14
CA ALA F 76 -28.96 32.37 4.84
C ALA F 76 -28.56 33.80 5.21
N LYS F 77 -29.42 34.77 4.85
CA LYS F 77 -29.18 36.15 5.31
C LYS F 77 -28.97 36.22 6.82
N ALA F 78 -29.78 35.50 7.60
CA ALA F 78 -29.67 35.51 9.06
C ALA F 78 -28.56 34.70 9.70
N GLY F 79 -27.96 33.74 8.97
CA GLY F 79 -27.00 32.81 9.53
C GLY F 79 -27.53 31.59 10.26
N ASP F 80 -28.77 31.18 9.89
CA ASP F 80 -29.44 30.06 10.54
C ASP F 80 -28.65 28.75 10.38
N ARG F 81 -28.73 27.88 11.35
CA ARG F 81 -28.30 26.49 11.14
C ARG F 81 -28.99 25.88 9.91
N VAL F 82 -28.33 24.89 9.30
CA VAL F 82 -28.99 24.00 8.29
C VAL F 82 -29.56 22.85 9.08
N ARG F 83 -30.90 22.65 8.95
CA ARG F 83 -31.57 21.53 9.58
C ARG F 83 -32.38 20.75 8.50
N TYR F 84 -33.10 19.74 8.92
CA TYR F 84 -33.68 18.78 7.98
C TYR F 84 -35.09 18.44 8.31
N ILE F 85 -35.76 17.86 7.31
CA ILE F 85 -36.97 17.06 7.54
C ILE F 85 -36.89 15.81 6.62
N GLN F 86 -37.28 14.70 7.15
CA GLN F 86 -37.10 13.42 6.44
C GLN F 86 -38.41 12.69 6.48
N PHE F 87 -38.75 12.08 5.31
CA PHE F 87 -39.97 11.28 5.16
C PHE F 87 -39.72 9.88 4.64
N THR F 88 -40.55 8.94 5.10
CA THR F 88 -40.59 7.57 4.59
C THR F 88 -41.95 7.38 3.92
N ASP F 89 -41.94 6.77 2.73
CA ASP F 89 -43.19 6.59 1.92
C ASP F 89 -43.45 5.13 1.72
N SER F 90 -44.62 4.65 2.08
CA SER F 90 -44.96 3.25 1.83
C SER F 90 -45.05 2.91 0.34
N MET F 91 -44.49 1.75 0.02
CA MET F 91 -44.68 1.18 -1.31
C MET F 91 -46.11 0.75 -1.57
N TYR F 92 -46.96 0.73 -0.55
CA TYR F 92 -48.41 0.50 -0.75
C TYR F 92 -49.06 1.85 -1.07
N PHE F 93 -48.64 2.44 -2.15
CA PHE F 93 -49.42 3.54 -2.79
C PHE F 93 -49.38 4.83 -2.01
N ALA F 94 -48.30 5.14 -1.24
CA ALA F 94 -48.20 6.52 -0.75
C ALA F 94 -48.19 7.48 -1.93
N PRO F 95 -48.65 8.74 -1.72
CA PRO F 95 -48.73 9.68 -2.83
C PRO F 95 -47.38 10.10 -3.35
N ALA F 96 -46.46 10.49 -2.45
CA ALA F 96 -45.10 10.80 -2.87
C ALA F 96 -44.23 9.56 -2.62
N GLN F 97 -43.08 9.57 -3.30
CA GLN F 97 -42.09 8.46 -3.23
C GLN F 97 -40.72 9.12 -3.29
N PRO F 98 -39.66 8.35 -3.03
CA PRO F 98 -38.37 9.00 -2.76
C PRO F 98 -37.80 9.83 -3.90
N TYR F 99 -37.66 9.30 -5.16
CA TYR F 99 -37.10 10.13 -6.19
C TYR F 99 -38.06 11.25 -6.63
N VAL F 100 -39.36 10.94 -6.58
CA VAL F 100 -40.36 11.96 -6.82
C VAL F 100 -40.08 13.21 -5.95
N ARG F 101 -39.85 12.96 -4.66
CA ARG F 101 -39.57 14.05 -3.74
C ARG F 101 -38.32 14.83 -4.11
N SER F 102 -37.18 14.15 -4.36
CA SER F 102 -35.97 14.92 -4.59
C SER F 102 -36.06 15.70 -5.89
N ARG F 103 -36.58 15.03 -6.92
CA ARG F 103 -36.81 15.73 -8.19
C ARG F 103 -37.73 16.97 -8.00
N ALA F 104 -38.82 16.77 -7.30
CA ALA F 104 -39.78 17.87 -7.08
C ALA F 104 -39.12 18.99 -6.27
N TYR F 105 -38.41 18.62 -5.20
CA TYR F 105 -37.82 19.66 -4.31
C TYR F 105 -36.87 20.55 -5.04
N LEU F 106 -36.09 20.03 -5.99
CA LEU F 106 -35.14 20.87 -6.66
C LEU F 106 -35.74 21.66 -7.83
N CYS F 107 -36.98 21.32 -8.17
CA CYS F 107 -37.78 22.18 -9.07
C CYS F 107 -38.49 23.26 -8.28
N ARG F 108 -39.01 22.95 -7.12
CA ARG F 108 -39.88 23.89 -6.39
C ARG F 108 -39.12 24.79 -5.44
N TYR F 109 -38.08 24.29 -4.74
CA TYR F 109 -37.50 25.02 -3.64
C TYR F 109 -36.10 25.50 -3.91
N ARG F 110 -35.77 26.68 -3.37
CA ARG F 110 -34.44 27.26 -3.50
C ARG F 110 -33.49 26.73 -2.41
N GLY F 111 -32.20 26.76 -2.74
CA GLY F 111 -31.20 26.49 -1.66
C GLY F 111 -31.39 25.17 -0.95
N ALA F 112 -31.64 24.09 -1.70
CA ALA F 112 -32.09 22.78 -1.16
C ALA F 112 -31.07 21.69 -1.36
N ASP F 113 -30.82 20.96 -0.29
CA ASP F 113 -29.95 19.73 -0.33
C ASP F 113 -30.91 18.55 -0.11
N ALA F 114 -31.27 17.85 -1.23
CA ALA F 114 -32.20 16.75 -1.20
C ALA F 114 -31.42 15.43 -1.33
N GLY F 115 -31.80 14.43 -0.57
CA GLY F 115 -31.18 13.12 -0.66
C GLY F 115 -32.26 12.03 -0.75
N THR F 116 -32.06 11.09 -1.69
CA THR F 116 -32.99 9.97 -1.90
C THR F 116 -32.38 8.63 -1.48
N LEU F 117 -33.17 7.87 -0.77
CA LEU F 117 -32.83 6.51 -0.39
C LEU F 117 -34.08 5.67 -0.49
N SER F 118 -33.96 4.36 -0.36
CA SER F 118 -35.16 3.55 -0.51
C SER F 118 -36.16 3.78 0.61
N GLY F 119 -35.65 3.92 1.82
CA GLY F 119 -36.48 3.95 3.00
C GLY F 119 -36.67 5.32 3.63
N ARG F 120 -36.10 6.32 3.04
CA ARG F 120 -36.07 7.69 3.64
C ARG F 120 -35.68 8.64 2.55
N GLN F 121 -36.18 9.88 2.66
CA GLN F 121 -35.85 10.91 1.73
C GLN F 121 -35.76 12.19 2.57
N ILE F 122 -34.77 13.01 2.30
CA ILE F 122 -34.44 14.14 3.24
C ILE F 122 -34.20 15.38 2.47
N ILE F 123 -34.60 16.53 3.08
CA ILE F 123 -34.15 17.83 2.61
C ILE F 123 -33.51 18.59 3.81
N GLU F 124 -32.37 19.21 3.45
CA GLU F 124 -31.64 20.05 4.41
C GLU F 124 -31.56 21.45 3.81
N THR F 125 -31.96 22.45 4.64
CA THR F 125 -31.83 23.85 4.26
C THR F 125 -31.83 24.73 5.54
N ARG F 126 -31.66 26.02 5.33
CA ARG F 126 -31.60 26.94 6.48
C ARG F 126 -32.90 26.90 7.27
N GLU F 127 -32.75 26.92 8.58
CA GLU F 127 -33.84 26.55 9.47
C GLU F 127 -35.18 27.30 9.22
N ARG F 128 -35.17 28.64 9.10
CA ARG F 128 -36.46 29.31 8.98
C ARG F 128 -37.08 28.93 7.66
N ASP F 129 -36.28 28.75 6.60
CA ASP F 129 -36.83 28.35 5.30
C ASP F 129 -37.36 26.93 5.35
N LEU F 130 -36.64 26.05 6.04
CA LEU F 130 -37.10 24.68 6.23
C LEU F 130 -38.49 24.68 6.87
N GLU F 131 -38.73 25.56 7.86
CA GLU F 131 -40.05 25.53 8.52
C GLU F 131 -41.17 25.88 7.51
N LYS F 132 -40.94 26.79 6.61
CA LYS F 132 -41.94 27.18 5.61
C LYS F 132 -42.16 26.04 4.63
N ILE F 133 -41.06 25.44 4.10
CA ILE F 133 -41.19 24.27 3.25
C ILE F 133 -41.87 23.13 3.97
N SER F 134 -41.52 22.82 5.20
CA SER F 134 -42.06 21.72 5.89
C SER F 134 -43.59 21.80 6.04
N LYS F 135 -44.09 23.04 6.25
CA LYS F 135 -45.55 23.19 6.37
C LYS F 135 -46.18 22.66 5.08
N GLU F 136 -45.66 23.06 3.93
CA GLU F 136 -46.22 22.58 2.67
C GLU F 136 -46.03 21.04 2.52
N LEU F 137 -44.89 20.49 2.94
CA LEU F 137 -44.71 19.04 2.84
C LEU F 137 -45.65 18.28 3.69
N LEU F 138 -46.04 18.87 4.83
CA LEU F 138 -46.91 18.22 5.77
C LEU F 138 -48.41 18.42 5.47
N GLU F 139 -48.77 19.59 4.94
CA GLU F 139 -50.20 19.89 4.76
C GLU F 139 -50.76 19.39 3.48
N THR F 140 -49.91 19.15 2.49
CA THR F 140 -50.37 18.83 1.17
C THR F 140 -50.27 17.33 0.85
N GLU F 141 -50.68 17.04 -0.39
CA GLU F 141 -50.65 15.65 -0.93
C GLU F 141 -49.25 15.05 -1.09
N PHE F 142 -48.18 15.77 -0.75
CA PHE F 142 -46.91 15.08 -0.49
C PHE F 142 -47.08 14.06 0.63
N PHE F 143 -48.02 14.25 1.55
CA PHE F 143 -48.09 13.49 2.78
C PHE F 143 -49.45 12.83 2.96
N ASP F 144 -49.46 11.58 3.38
CA ASP F 144 -50.62 10.88 3.91
C ASP F 144 -50.26 10.39 5.28
N PRO F 145 -51.09 10.55 6.32
CA PRO F 145 -50.62 10.26 7.66
C PRO F 145 -50.57 8.77 8.01
N ALA F 146 -51.14 7.92 7.14
CA ALA F 146 -51.04 6.49 7.31
C ALA F 146 -49.88 5.89 6.49
N ARG F 147 -49.76 6.31 5.24
CA ARG F 147 -48.79 5.68 4.34
C ARG F 147 -47.51 6.46 4.19
N SER F 148 -47.35 7.56 4.91
CA SER F 148 -46.11 8.34 4.92
CA SER F 148 -46.08 8.33 4.93
C SER F 148 -45.76 8.61 6.38
N GLY F 149 -44.48 8.83 6.68
CA GLY F 149 -44.07 9.09 8.06
C GLY F 149 -42.96 10.09 8.07
N VAL F 150 -42.96 10.99 9.08
CA VAL F 150 -41.89 11.94 9.30
C VAL F 150 -40.92 11.27 10.26
N ARG F 151 -39.67 10.98 9.81
CA ARG F 151 -38.78 10.13 10.60
C ARG F 151 -37.36 10.52 10.36
N GLY F 152 -36.71 11.05 11.41
CA GLY F 152 -35.31 11.42 11.32
C GLY F 152 -34.36 10.26 11.60
N LYS F 153 -34.86 9.17 12.14
CA LYS F 153 -34.07 7.94 12.39
C LYS F 153 -35.03 6.80 12.47
N SER F 154 -34.49 5.59 12.43
CA SER F 154 -35.28 4.38 12.59
C SER F 154 -36.40 4.29 11.58
N VAL F 155 -36.01 4.26 10.30
CA VAL F 155 -36.92 4.58 9.23
C VAL F 155 -37.67 3.40 8.69
N HIS F 156 -37.23 2.20 9.00
CA HIS F 156 -37.81 0.93 8.50
C HIS F 156 -39.34 1.04 8.35
N GLY F 157 -39.86 0.55 7.22
CA GLY F 157 -41.31 0.47 7.04
C GLY F 157 -41.74 0.69 5.62
N HIS F 158 -40.93 1.30 4.77
CA HIS F 158 -41.39 1.55 3.38
C HIS F 158 -41.83 0.29 2.68
N SER F 159 -41.17 -0.84 2.98
CA SER F 159 -41.38 -2.10 2.30
C SER F 159 -42.12 -3.11 3.15
N LEU F 160 -42.68 -2.66 4.28
CA LEU F 160 -43.35 -3.60 5.15
C LEU F 160 -44.85 -3.64 4.86
N ARG F 161 -45.44 -4.76 5.24
CA ARG F 161 -46.90 -4.89 5.25
C ARG F 161 -47.52 -3.80 6.12
N LEU F 162 -48.69 -3.31 5.73
CA LEU F 162 -49.44 -2.35 6.59
C LEU F 162 -50.02 -3.06 7.78
N ASP F 163 -50.27 -2.32 8.85
CA ASP F 163 -50.98 -2.94 9.97
C ASP F 163 -52.51 -2.99 9.71
N GLU F 164 -53.26 -3.47 10.71
CA GLU F 164 -54.71 -3.68 10.47
C GLU F 164 -55.46 -2.38 10.26
N ASP F 165 -54.93 -1.26 10.75
CA ASP F 165 -55.48 0.07 10.57
C ASP F 165 -55.06 0.71 9.25
N GLY F 166 -54.25 0.03 8.44
CA GLY F 166 -53.75 0.67 7.25
C GLY F 166 -52.54 1.56 7.50
N MET F 167 -51.98 1.48 8.68
CA MET F 167 -50.79 2.32 9.01
C MET F 167 -49.47 1.60 8.64
N MET F 168 -48.53 2.40 8.13
CA MET F 168 -47.16 1.87 7.95
C MET F 168 -46.53 1.56 9.30
N PHE F 169 -45.72 0.51 9.32
CA PHE F 169 -44.84 0.22 10.47
C PHE F 169 -43.97 1.40 10.84
N ASP F 170 -43.84 1.61 12.16
CA ASP F 170 -42.81 2.56 12.70
C ASP F 170 -42.28 1.97 13.96
N MET F 171 -40.99 1.60 13.97
CA MET F 171 -40.35 1.09 15.15
C MET F 171 -40.57 1.97 16.39
N LEU F 172 -40.69 3.26 16.19
CA LEU F 172 -40.81 4.23 17.27
C LEU F 172 -42.25 4.74 17.41
N ARG F 173 -43.17 4.29 16.59
CA ARG F 173 -44.61 4.64 16.73
C ARG F 173 -44.82 6.14 16.94
N ARG F 174 -44.35 6.93 16.02
CA ARG F 174 -44.51 8.37 16.04
C ARG F 174 -45.93 8.84 15.61
N GLN F 175 -46.63 8.07 14.79
CA GLN F 175 -47.93 8.45 14.30
C GLN F 175 -48.91 7.39 14.71
N ILE F 176 -49.98 7.78 15.45
CA ILE F 176 -50.94 6.81 16.02
C ILE F 176 -52.31 7.03 15.43
N TYR F 177 -52.87 6.01 14.81
CA TYR F 177 -54.24 6.04 14.30
C TYR F 177 -55.24 5.91 15.46
N ASN F 178 -56.13 6.90 15.53
CA ASN F 178 -57.20 6.94 16.56
C ASN F 178 -58.48 6.42 15.94
N LYS F 179 -58.83 5.20 16.27
CA LYS F 179 -60.13 4.59 15.89
C LYS F 179 -61.38 5.46 16.16
N ASP F 180 -61.35 6.24 17.24
CA ASP F 180 -62.50 7.03 17.69
C ASP F 180 -62.72 8.23 16.76
N THR F 181 -61.65 8.80 16.21
CA THR F 181 -61.82 9.90 15.24
C THR F 181 -61.65 9.46 13.78
N GLY F 182 -60.98 8.31 13.58
CA GLY F 182 -60.47 7.91 12.28
C GLY F 182 -59.35 8.84 11.77
N ARG F 183 -58.70 9.58 12.69
CA ARG F 183 -57.66 10.51 12.34
C ARG F 183 -56.36 9.97 12.97
N VAL F 184 -55.28 10.45 12.41
CA VAL F 184 -53.96 10.13 12.95
C VAL F 184 -53.45 11.33 13.74
N GLU F 185 -52.79 10.99 14.85
CA GLU F 185 -52.05 11.99 15.60
C GLU F 185 -50.54 11.73 15.56
N MET F 186 -49.79 12.81 15.43
CA MET F 186 -48.33 12.75 15.67
C MET F 186 -48.11 12.88 17.20
N VAL F 187 -47.57 11.87 17.83
CA VAL F 187 -47.41 11.83 19.29
C VAL F 187 -45.97 12.04 19.72
N LYS F 188 -45.05 11.97 18.74
CA LYS F 188 -43.60 12.19 18.95
C LYS F 188 -43.11 13.07 17.86
N ASN F 189 -41.99 13.78 18.06
CA ASN F 189 -41.38 14.51 16.96
C ASN F 189 -40.64 13.52 16.00
N GLN F 190 -40.06 14.09 14.96
CA GLN F 190 -39.48 13.17 13.90
C GLN F 190 -38.32 12.33 14.40
N ILE F 191 -37.65 12.72 15.48
CA ILE F 191 -36.57 11.90 16.03
C ILE F 191 -37.02 10.95 17.11
N GLY F 192 -38.32 10.99 17.45
CA GLY F 192 -38.88 10.02 18.36
C GLY F 192 -39.10 10.51 19.79
N ASP F 193 -38.94 11.80 20.06
CA ASP F 193 -39.22 12.27 21.44
C ASP F 193 -40.67 12.64 21.59
N GLU F 194 -41.22 12.28 22.75
CA GLU F 194 -42.66 12.54 23.03
C GLU F 194 -42.99 14.01 22.96
N LEU F 195 -44.12 14.32 22.33
CA LEU F 195 -44.64 15.69 22.25
C LEU F 195 -45.47 15.94 23.49
N ASP F 196 -45.45 17.19 23.98
CA ASP F 196 -46.29 17.59 25.13
C ASP F 196 -47.76 17.31 24.87
N GLU F 197 -48.16 17.64 23.64
CA GLU F 197 -49.49 17.49 23.15
C GLU F 197 -49.38 16.99 21.69
N PRO F 198 -50.24 16.04 21.34
CA PRO F 198 -50.21 15.45 19.97
C PRO F 198 -50.67 16.41 18.91
N VAL F 199 -50.25 16.22 17.66
CA VAL F 199 -50.66 17.03 16.55
C VAL F 199 -51.62 16.23 15.67
N ASP F 200 -52.81 16.78 15.44
CA ASP F 200 -53.77 16.19 14.50
C ASP F 200 -53.17 16.22 13.08
N LEU F 201 -53.13 15.06 12.42
CA LEU F 201 -52.67 15.01 11.01
C LEU F 201 -53.83 14.64 10.05
N GLY F 202 -55.05 14.60 10.57
CA GLY F 202 -56.21 14.33 9.75
C GLY F 202 -56.43 12.85 9.43
N GLU F 203 -57.38 12.61 8.56
CA GLU F 203 -57.70 11.24 8.16
C GLU F 203 -56.75 10.69 7.08
N PRO F 204 -56.44 9.38 7.18
CA PRO F 204 -55.77 8.69 6.08
C PRO F 204 -56.61 8.81 4.82
N LEU F 205 -55.99 8.98 3.66
CA LEU F 205 -56.69 8.94 2.38
C LEU F 205 -57.24 7.55 2.17
N ASP F 206 -58.47 7.49 1.58
CA ASP F 206 -59.07 6.20 1.31
C ASP F 206 -58.38 5.59 0.09
N GLU F 207 -58.66 4.32 -0.14
CA GLU F 207 -58.03 3.60 -1.23
C GLU F 207 -58.20 4.26 -2.58
N GLU F 208 -59.42 4.69 -2.89
CA GLU F 208 -59.63 5.35 -4.17
C GLU F 208 -58.74 6.59 -4.37
N THR F 209 -58.66 7.43 -3.37
CA THR F 209 -57.89 8.63 -3.45
C THR F 209 -56.37 8.30 -3.48
N LEU F 210 -55.95 7.28 -2.73
CA LEU F 210 -54.50 6.87 -2.81
C LEU F 210 -54.17 6.50 -4.24
N MET F 211 -55.10 5.76 -4.89
CA MET F 211 -54.81 5.33 -6.26
C MET F 211 -54.82 6.49 -7.23
N GLU F 212 -55.64 7.49 -7.04
CA GLU F 212 -55.64 8.67 -7.87
C GLU F 212 -54.30 9.44 -7.78
N LYS F 213 -53.74 9.45 -6.56
CA LYS F 213 -52.63 10.37 -6.25
C LYS F 213 -51.24 9.71 -6.28
N THR F 214 -51.16 8.39 -6.37
CA THR F 214 -49.83 7.75 -6.16
C THR F 214 -48.92 7.92 -7.31
N THR F 215 -47.61 7.90 -6.95
CA THR F 215 -46.55 7.97 -7.92
C THR F 215 -45.71 6.70 -8.00
N ILE F 216 -46.13 5.63 -7.37
CA ILE F 216 -45.42 4.36 -7.56
C ILE F 216 -46.16 3.55 -8.63
N TYR F 217 -45.41 2.89 -9.51
CA TYR F 217 -45.99 1.89 -10.42
C TYR F 217 -46.00 0.58 -9.78
N ARG F 218 -47.09 -0.18 -9.81
CA ARG F 218 -47.17 -1.57 -9.31
C ARG F 218 -48.13 -2.40 -10.17
N VAL F 219 -47.93 -3.70 -10.15
CA VAL F 219 -48.79 -4.60 -10.93
C VAL F 219 -50.24 -4.49 -10.52
N ASP F 220 -50.51 -4.15 -9.25
CA ASP F 220 -51.86 -4.02 -8.73
C ASP F 220 -52.32 -2.57 -8.75
N GLY F 221 -51.60 -1.69 -9.42
CA GLY F 221 -52.02 -0.34 -9.69
C GLY F 221 -51.85 -0.12 -11.19
N GLU F 222 -51.03 0.80 -11.62
CA GLU F 222 -50.60 0.92 -13.01
C GLU F 222 -49.17 0.38 -13.07
N ALA F 223 -48.92 -0.63 -13.89
CA ALA F 223 -47.57 -1.21 -14.01
C ALA F 223 -46.69 -0.39 -14.88
N TYR F 224 -45.40 -0.22 -14.47
CA TYR F 224 -44.49 0.52 -15.27
C TYR F 224 -44.31 -0.03 -16.70
N ARG F 225 -44.28 -1.36 -16.77
CA ARG F 225 -44.04 -2.03 -18.08
C ARG F 225 -45.19 -1.70 -19.04
N ASP F 226 -46.38 -1.28 -18.58
CA ASP F 226 -47.47 -0.88 -19.47
C ASP F 226 -47.42 0.59 -19.77
N ASP F 227 -46.56 1.41 -19.15
CA ASP F 227 -46.39 2.78 -19.53
C ASP F 227 -45.24 2.84 -20.54
N VAL F 228 -45.56 2.39 -21.74
CA VAL F 228 -44.54 2.04 -22.70
C VAL F 228 -43.73 3.27 -23.11
N GLU F 229 -44.32 4.46 -23.10
CA GLU F 229 -43.55 5.61 -23.46
C GLU F 229 -42.50 5.98 -22.38
N ALA F 230 -42.87 5.77 -21.12
CA ALA F 230 -41.90 6.04 -20.03
C ALA F 230 -40.76 5.01 -20.13
N VAL F 231 -41.05 3.73 -20.44
CA VAL F 231 -40.01 2.73 -20.56
C VAL F 231 -39.13 3.08 -21.74
N GLU F 232 -39.74 3.53 -22.85
CA GLU F 232 -38.96 3.87 -24.04
C GLU F 232 -37.88 4.90 -23.73
N ILE F 233 -38.26 5.95 -23.00
CA ILE F 233 -37.26 6.98 -22.63
C ILE F 233 -36.15 6.44 -21.72
N MET F 234 -36.51 5.60 -20.75
CA MET F 234 -35.45 5.00 -19.91
CA MET F 234 -35.49 5.00 -19.89
C MET F 234 -34.48 4.18 -20.77
N GLN F 235 -35.01 3.34 -21.67
CA GLN F 235 -34.18 2.53 -22.55
C GLN F 235 -33.34 3.39 -23.45
N ARG F 236 -33.91 4.49 -23.96
CA ARG F 236 -33.20 5.39 -24.78
C ARG F 236 -31.98 5.99 -24.07
N ILE F 237 -32.21 6.45 -22.86
CA ILE F 237 -31.13 6.96 -22.01
CA ILE F 237 -31.07 7.00 -22.14
C ILE F 237 -30.00 5.92 -21.87
N HIS F 238 -30.40 4.69 -21.54
CA HIS F 238 -29.39 3.63 -21.37
C HIS F 238 -28.53 3.50 -22.64
N VAL F 239 -29.20 3.41 -23.80
CA VAL F 239 -28.47 3.20 -25.04
C VAL F 239 -27.60 4.39 -25.38
N LEU F 240 -28.10 5.61 -25.22
CA LEU F 240 -27.31 6.79 -25.58
C LEU F 240 -26.10 6.95 -24.64
N ARG F 241 -26.28 6.70 -23.33
CA ARG F 241 -25.12 6.71 -22.43
C ARG F 241 -24.08 5.67 -22.85
N SER F 242 -24.56 4.47 -23.22
CA SER F 242 -23.67 3.39 -23.60
C SER F 242 -22.83 3.78 -24.79
N GLN F 243 -23.50 4.31 -25.83
CA GLN F 243 -22.80 4.68 -27.07
CA GLN F 243 -22.77 4.62 -27.04
C GLN F 243 -21.84 5.82 -26.78
N GLY F 244 -22.29 6.80 -26.00
CA GLY F 244 -21.47 7.97 -25.74
C GLY F 244 -20.18 7.64 -24.98
N GLY F 245 -20.26 6.70 -24.05
CA GLY F 245 -19.05 6.32 -23.28
C GLY F 245 -18.02 5.61 -24.13
N PHE F 246 -18.48 4.96 -25.21
CA PHE F 246 -17.57 4.25 -26.13
C PHE F 246 -16.92 5.21 -27.10
N ASN F 247 -17.71 5.95 -27.88
CA ASN F 247 -17.08 6.79 -28.94
C ASN F 247 -17.85 8.04 -29.30
MG MG G . -24.83 -0.24 33.87
MG MG H . -2.79 -11.78 32.47
MG MG I . -3.68 -8.18 34.15
MG MG J . -17.89 8.25 40.09
NI F43 K . -27.75 1.25 6.98
NA F43 K . -26.16 1.01 8.29
CHA F43 K . -25.65 -1.24 7.50
C1A F43 K . -25.55 -0.12 8.48
C2A F43 K . -24.83 -0.26 9.82
C3A F43 K . -25.46 0.94 10.59
C4A F43 K . -25.76 1.90 9.44
C5A F43 K . -23.30 -0.10 9.59
C6A F43 K . -22.51 -0.22 10.89
O7A F43 K . -22.25 -1.31 11.41
N8A F43 K . -22.09 0.89 11.47
C9A F43 K . -25.11 -1.64 10.42
CAA F43 K . -26.72 0.60 11.41
CBA F43 K . -26.42 -0.16 12.74
CCA F43 K . -27.20 0.43 13.89
ODA F43 K . -28.44 0.47 13.84
OEA F43 K . -26.52 0.84 14.88
NB F43 K . -27.73 3.29 7.45
CHB F43 K . -26.72 3.04 9.68
C1B F43 K . -26.87 3.93 8.47
C2B F43 K . -27.50 5.34 8.73
C3B F43 K . -28.96 5.14 8.24
C4B F43 K . -28.82 4.01 7.28
N5B F43 K . -25.57 4.28 7.92
C6B F43 K . -25.39 5.61 7.67
O7B F43 K . -24.36 6.17 7.30
C8B F43 K . -26.74 6.28 7.85
C9B F43 K . -27.34 5.83 10.19
CAB F43 K . -29.98 4.86 9.39
CBB F43 K . -31.38 4.53 8.88
CCB F43 K . -32.40 4.65 10.01
ODB F43 K . -32.42 5.76 10.63
OEB F43 K . -33.19 3.76 10.26
NC F43 K . -29.41 1.39 5.78
CHC F43 K . -29.89 3.72 6.34
C1C F43 K . -30.14 2.57 5.68
C2C F43 K . -31.28 2.45 4.71
C3C F43 K . -31.44 0.95 4.63
C4C F43 K . -30.13 0.40 5.18
C5C F43 K . -30.91 3.10 3.38
C6C F43 K . -32.11 3.06 2.45
O7C F43 K . -33.16 3.65 2.86
O8C F43 K . -32.05 2.45 1.35
C8C F43 K . -32.61 0.39 5.47
C9C F43 K . -33.98 0.75 4.85
CAC F43 K . -35.14 0.12 5.62
OBC F43 K . -34.97 -0.61 6.63
OCC F43 K . -36.32 0.39 5.19
ND F43 K . -27.90 -0.80 6.65
CHD F43 K . -29.77 -0.92 5.12
C5D F43 K . -28.96 -3.81 4.96
C6D F43 K . -30.30 -3.33 4.39
C7D F43 K . -30.40 -1.86 4.19
O8D F43 K . -31.14 -1.49 3.25
C9D F43 K . -27.09 -4.24 7.77
CAD F43 K . -26.94 -5.62 7.12
OBD F43 K . -27.26 -6.61 7.80
OCD F43 K . -26.55 -5.66 5.94
C1D F43 K . -28.78 -1.49 5.97
C2D F43 K . -28.64 -2.96 6.18
C3D F43 K . -27.28 -3.09 6.82
C4D F43 K . -27.11 -1.74 7.48
C1 COM L . 21.23 -15.76 7.52
C2 COM L . 21.04 -15.74 6.06
S1 COM L . 19.64 -16.19 8.23
S2 COM L . 22.53 -15.58 5.44
O1S COM L . 23.42 -14.52 5.94
O2S COM L . 23.28 -16.93 5.36
O3S COM L . 22.46 -15.32 4.04
C TXZ M . 10.33 -7.75 0.39
N TXZ M . 12.26 -8.62 1.69
O TXZ M . 9.89 -8.95 0.40
P TXZ M . 12.28 -8.43 -2.91
C1 TXZ M . 12.97 -8.46 2.81
O1 TXZ M . 13.30 -7.33 3.13
C2 TXZ M . 13.30 -9.75 3.55
C3 TXZ M . 13.29 -9.77 5.09
C4 TXZ M . 13.85 -11.08 5.68
C5 TXZ M . 15.39 -11.03 5.86
C6 TXZ M . 15.75 -10.57 7.28
S6 TXZ M . 17.50 -10.26 7.53
CA TXZ M . 11.78 -7.55 0.78
CB TXZ M . 12.63 -7.39 -0.49
CG TXZ M . 14.13 -7.22 -0.22
O1P TXZ M . 11.74 -9.80 -3.27
O2P TXZ M . 11.31 -7.32 -3.23
O3P TXZ M . 13.68 -8.16 -3.47
O4P TXZ M . 12.40 -8.55 -1.31
OXT TXZ M . 9.62 -6.77 0.08
N TP7 N . 12.22 -8.62 1.64
P TP7 N . 12.28 -8.43 -2.91
O1P TP7 N . 11.76 -9.80 -3.26
O2P TP7 N . 11.32 -7.31 -3.22
O3P TP7 N . 13.68 -8.16 -3.47
O4P TP7 N . 12.39 -8.55 -1.32
CB TP7 N . 12.62 -7.39 -0.51
C TP7 N . 10.33 -7.75 0.38
O TP7 N . 9.63 -6.75 0.07
OXT TP7 N . 9.89 -8.95 0.39
CA TP7 N . 11.77 -7.54 0.76
CG TP7 N . 14.12 -7.23 -0.20
O1 TP7 N . 13.29 -7.32 3.09
C1 TP7 N . 12.94 -8.44 2.74
C2 TP7 N . 13.26 -9.64 3.59
C3 TP7 N . 13.25 -9.10 5.02
C4 TP7 N . 13.13 -10.20 6.05
C5 TP7 N . 13.99 -11.38 5.64
C6 TP7 N . 15.48 -11.10 5.85
C7 TP7 N . 15.74 -10.58 7.26
S7 TP7 N . 17.50 -10.27 7.53
C1 06C O . 19.67 -16.48 8.38
I1 06C O . 22.48 -15.55 5.50
K K P . -4.89 -10.89 9.88
MG MG Q . 46.58 8.62 -21.41
MG MG R . 50.17 -0.65 -8.97
MG MG S . 50.83 -30.85 -5.36
MG MG T . 42.84 -3.86 30.64
MG MG U . -14.25 -32.04 2.37
NI F43 V . 20.01 -18.51 8.80
NA F43 V . 18.10 -18.98 8.12
CHA F43 V . 17.02 -18.02 10.06
C1A F43 V . 17.01 -18.87 8.86
C2A F43 V . 15.86 -19.76 8.42
C3A F43 V . 16.58 -20.74 7.45
C4A F43 V . 17.70 -19.83 6.92
C5A F43 V . 14.79 -18.88 7.68
C6A F43 V . 13.58 -19.67 7.21
O7A F43 V . 12.68 -20.03 7.99
N8A F43 V . 13.54 -20.06 5.97
C9A F43 V . 15.20 -20.40 9.63
CAA F43 V . 17.11 -22.06 8.10
CBA F43 V . 16.03 -23.12 8.40
CCA F43 V . 16.43 -24.48 7.95
ODA F43 V . 17.48 -24.98 8.42
OEA F43 V . 15.70 -25.07 7.12
NB F43 V . 20.72 -18.94 6.85
CHB F43 V . 18.89 -20.53 6.24
C1B F43 V . 19.93 -19.48 5.73
C2B F43 V . 20.96 -20.04 4.71
C3B F43 V . 22.24 -20.23 5.56
C4B F43 V . 21.97 -19.31 6.70
N5B F43 V . 19.27 -18.42 4.97
C6B F43 V . 19.83 -18.14 3.81
O7B F43 V . 19.35 -17.39 2.93
C8B F43 V . 21.14 -18.90 3.68
C9B F43 V . 20.48 -21.29 3.99
CAB F43 V . 22.47 -21.69 6.06
CBB F43 V . 23.68 -21.88 7.00
CCB F43 V . 24.10 -23.34 7.08
ODB F43 V . 24.32 -23.90 5.98
OEB F43 V . 24.18 -23.85 8.19
NC F43 V . 21.87 -18.15 9.55
CHC F43 V . 23.05 -18.87 7.60
C1C F43 V . 23.03 -18.42 8.82
C2C F43 V . 24.28 -18.06 9.57
C3C F43 V . 23.78 -17.99 11.01
C4C F43 V . 22.26 -17.88 10.83
C5C F43 V . 24.83 -16.70 9.10
C6C F43 V . 26.11 -16.38 9.81
O7C F43 V . 27.04 -17.21 9.65
O8C F43 V . 26.20 -15.37 10.54
C8C F43 V . 24.13 -19.24 11.85
C9C F43 V . 25.61 -19.31 12.25
CAC F43 V . 25.95 -20.51 13.08
OBC F43 V . 25.10 -21.34 13.43
OCC F43 V . 27.16 -20.62 13.45
ND F43 V . 19.33 -18.25 10.75
CHD F43 V . 21.42 -17.68 11.91
C5D F43 V . 19.50 -17.16 14.16
C6D F43 V . 21.01 -17.23 14.43
C7D F43 V . 21.86 -17.16 13.18
O8D F43 V . 22.98 -16.61 13.34
C9D F43 V . 16.71 -18.89 13.28
CAD F43 V . 16.23 -18.24 14.52
OBD F43 V . 15.78 -18.95 15.47
OCD F43 V . 16.35 -16.98 14.66
C1D F43 V . 19.97 -18.02 11.81
C2D F43 V . 19.16 -18.18 13.08
C3D F43 V . 17.75 -18.10 12.50
C4D F43 V . 17.97 -18.65 11.10
N TP7 W . -14.29 4.08 2.55
P TP7 W . -12.36 8.14 3.19
O1P TP7 W . -12.41 8.24 4.69
O2P TP7 W . -10.97 8.00 2.63
O3P TP7 W . -13.13 9.26 2.51
O4P TP7 W . -13.14 6.77 2.94
CB TP7 W . -13.15 6.13 1.66
C TP7 W . -11.88 4.32 2.74
O TP7 W . -10.77 4.25 2.19
OXT TP7 W . -12.04 4.14 4.00
CA TP7 W . -13.10 4.63 1.91
CG TP7 W . -14.39 6.56 0.90
O1 TP7 W . -15.17 3.24 0.64
C1 TP7 W . -15.21 3.39 1.87
C2 TP7 W . -16.34 2.81 2.67
C3 TP7 W . -16.71 1.51 1.93
C4 TP7 W . -17.46 0.58 2.86
C5 TP7 W . -18.57 1.31 3.56
C6 TP7 W . -19.67 1.80 2.63
C7 TP7 W . -20.22 0.64 1.83
S7 TP7 W . -21.59 1.18 0.80
C TXZ X . -11.89 4.31 2.76
N TXZ X . -14.31 4.08 2.54
O TXZ X . -12.04 4.15 4.01
P TXZ X . -12.34 8.14 3.20
C1 TXZ X . -15.24 3.36 1.88
O1 TXZ X . -15.19 3.21 0.64
C2 TXZ X . -16.38 2.87 2.77
C3 TXZ X . -16.97 1.46 2.53
C4 TXZ X . -18.28 1.22 3.32
C5 TXZ X . -19.59 1.74 2.68
C6 TXZ X . -20.22 0.62 1.85
S6 TXZ X . -21.59 1.18 0.80
CA TXZ X . -13.11 4.62 1.91
CB TXZ X . -13.16 6.12 1.65
CG TXZ X . -14.38 6.58 0.87
O1P TXZ X . -12.38 8.25 4.70
O2P TXZ X . -10.97 8.00 2.62
O3P TXZ X . -13.12 9.26 2.51
O4P TXZ X . -13.15 6.78 2.94
OXT TXZ X . -10.77 4.25 2.20
C1 COM Y . -26.94 2.89 4.23
C2 COM Y . -26.23 4.15 4.59
S1 COM Y . -26.22 1.55 5.12
S2 COM Y . -27.09 5.38 3.96
O1S COM Y . -27.46 5.30 2.55
O2S COM Y . -28.25 5.78 4.82
O3S COM Y . -26.22 6.62 4.06
C1 06C Z . -26.46 1.40 5.37
I1 06C Z . -27.09 5.29 3.96
C1 EDO AA . -34.30 -25.75 -9.99
O1 EDO AA . -35.49 -25.13 -10.50
C2 EDO AA . -34.12 -25.59 -8.49
O2 EDO AA . -33.35 -26.72 -8.04
MG MG BA . -47.29 19.04 -29.59
MG MG CA . 29.10 23.93 13.42
MG MG DA . -52.18 27.83 8.59
#